data_7Y44
#
_entry.id   7Y44
#
_cell.length_a   182.600
_cell.length_b   204.510
_cell.length_c   178.290
_cell.angle_alpha   90.00
_cell.angle_beta   90.00
_cell.angle_gamma   90.00
#
_symmetry.space_group_name_H-M   'P 21 21 21'
#
loop_
_entity.id
_entity.type
_entity.pdbx_description
1 polymer 'Cytochrome c oxidase subunit 1'
2 polymer 'Cytochrome c oxidase subunit 2'
3 polymer 'Cytochrome c oxidase subunit 3'
4 polymer 'Cytochrome c oxidase subunit 4 isoform 1'
5 polymer 'Cytochrome c oxidase subunit 5A'
6 polymer 'Cytochrome c oxidase subunit 5B, mitochondrial'
7 polymer 'Cytochrome c oxidase subunit 6A2'
8 polymer 'Cytochrome c oxidase subunit 6B1'
9 polymer 'Cytochrome c oxidase subunit 6C'
10 polymer 'Cytochrome c oxidase subunit 7A1'
11 polymer 'Cytochrome c oxidase subunit 7B'
12 polymer 'Cytochrome c oxidase subunit 7C, mitochondrial'
13 polymer 'Cytochrome c oxidase subunit 8B'
14 non-polymer HEME-A
15 non-polymer 'COPPER (II) ION'
16 non-polymer 'MAGNESIUM ION'
17 non-polymer 'SODIUM ION'
18 non-polymer 'PEROXIDE ION'
19 non-polymer '(1R)-2-{[{[(2S)-2,3-DIHYDROXYPROPYL]OXY}(HYDROXY)PHOSPHORYL]OXY}-1-[(PALMITOYLOXY)METHYL]ETHYL (11E)-OCTADEC-11-ENOATE'
20 non-polymer 1,2-ETHANEDIOL
21 non-polymer DECYL-BETA-D-MALTOPYRANOSIDE
22 non-polymer TRISTEAROYLGLYCEROL
23 non-polymer 'DINUCLEAR COPPER ION'
24 non-polymer '(7R,17E,20E)-4-HYDROXY-N,N,N-TRIMETHYL-9-OXO-7-[(PALMITOYLOXY)METHYL]-3,5,8-TRIOXA-4-PHOSPHAHEXACOSA-17,20-DIEN-1-AMINIUM 4-OXIDE'
25 non-polymer '(1S)-2-{[(2-AMINOETHOXY)(HYDROXY)PHOSPHORYL]OXY}-1-[(STEAROYLOXY)METHYL]ETHYL (5E,8E,11E,14E)-ICOSA-5,8,11,14-TETRAENOATE'
26 non-polymer CARDIOLIPIN
27 non-polymer 'CHOLIC ACID'
28 non-polymer 'ZINC ION'
29 non-polymer 'PHOSPHATE ION'
30 water water
#
loop_
_entity_poly.entity_id
_entity_poly.type
_entity_poly.pdbx_seq_one_letter_code
_entity_poly.pdbx_strand_id
1 'polypeptide(L)'
;(FME)FINRWLFSTNHKDIGTLYLLFGAWAGMVGTALSLLIRAELGQPGTLLGDDQIYNVVVTAHAFVMIFFMVMPIMIG
GFGNWLVPLMIGAPDMAFPRMNNMSFWLLPPSFLLLLASSMVEAGAGTGWTVYPPLAGNLAHAGASVDLTIFSLHLAGVS
SILGAINFITTIINMKPPAMSQYQTPLFVWSVMITAVLLLLSLPVLAAGITMLLTDRNLNTTFFDPAGGGDPILYQHLFW
FFGHPEVYILILPGFGMISHIVTYYSGKKEPFGYMGMVWAMMSIGFLGFIVWAHHMFTVGMDVDTRAYFTSATMIIAIPT
GVKVFSWLATLHGGNIKWSPAMMWALGFIFLFTVGGLTGIVLANSSLDIVLHDTYYVVAHFHYVLSMGAVFAIMGGFVHW
FPLFSGYTLNDTWAKIHFAIMFVGVNMTFFPQHFLGLSGMPRRYSDYPDAYTMWNTISSMGSFISLTAVMLMVFIIWEAF
ASKREVLTVDLTTTNLEWLNGCPPPYHTFEEPTYVNLK
;
A,N
2 'polypeptide(L)'
;(FME)AYPMQLGFQDATSPIMEELLHFHDHTLMIVFLISSLVLYIISLMLTTKLTHTSTMDAQEVETIWTILPAIILILI
ALPSLRILYMMDEINNPSLTVKTMGHQWYWSYEYTDYEDLSFDSYMIPTSELKPGELRLLEVDNRVVLPMEMTIRMLVSS
EDVLHSWAVPSLGLKTDAIPGRLNQTTLMSSRPGLYYGQCSEICGSNHSFMPIVLELVPLKYFEKWSASML
;
B,O
3 'polypeptide(L)'
;MTHQTHAYHMVNPSPWPLTGALSALLMTSGLTMWFHFNSMTLLMIGLTTNMLTMYQWWRDVIRESTFQGHHTPAVQKGLR
YGMILFIISEVLFFTGFFWAFYHSSLAPTPELGGCWPPTGIHPLNPLEVPLLNTSVLLASGVSITWAHHSLMEGDRKHML
QALFITITLGVYFTLLQASEYYEAPFTISDGVYGSTFFVATGFHGLHVIIGSTFLIVCFFRQLKFHFTSNHHFGFEAAAW
YWHFVDVVWLFLYVSIYWWGS
;
C,P
4 'polypeptide(L)'
;AHGSVVKSEDYALPSYVDRRDYPLPDVAHVKNLSASQKALKEKEKASWSSLSIDEKVELYRLKFKESFAEMNRSTNEWKT
VVGAAMFFIGFTALLLIWEKHYVYGPIPHTFEEEWVAKQTKRMLDMKVAPIQGFSAKWDYDKNEWKK
;
D,Q
5 'polypeptide(L)'
;SHGSHETDEEFDARWVTYFNKPDIDAWELRKGMNTLVGYDLVPEPKIIDAALRACRRLNDFASAVRILEVVKDKAGPHKE
IYPYVIQELRPTLNELGISTPEELGLDKV
;
E,R
6 'polypeptide(L)'
;ASGGGVPTDEEQATGLEREVMLAARKGQDPYNILAPKATSGTKEDPNLVPSITNKRIVGCICEEDNSTVIWFWLHKGEAQ
RCPSCGTHYKLVPHQLAH
;
F,S
7 'polypeptide(L)'
;ASAAKGDHGG(TPO)GARTWRFLTFGLALPSVALCTLNSWLHSGHRERPAFIPYHHLRIRTKPFSWGDGNHTFFHNPRVN
PLPTGYEKP
;
G,T
8 'polypeptide(L)'
;AEDIQAKIKNYQTAPFDSRFPNQNQTRNCWQNYLDFHRCEKAMTAKGGDVSVCEWYRRVYKSLCPISWVSTWDDRRAEGT
FPGKI
;
H,U
9 'polypeptide(L)' (SAC)TALAKPQMRGLLARRLRFHIVGAFMVSLGFATFYKFAVAEKRKKAYADFYRNYDSMKDFEEMRKAGIFQSAK I,V
10 'polypeptide(L)' FENRVAEKQKLFQEDNGLPVHLKGGATDNILYRVTMTLCLGGTLYSLYCLGWASFPHKK J,W
11 'polypeptide(L)' IHQKRAPDFHDKYGNAVLASGATFCVAVWVYMATQIGIEWNPSPVGRVTPKEWREQ K,X
12 'polypeptide(L)' SHYEEGPGKNIPFSVENKWRLLAMMTLFFGSGFAAPFFIVRHQLLKK L,Y
13 'polypeptide(L)' ITAKPAKTPTSPKEQAIGLSVTFLSFLLPAGWVLYHLDNYKKSSAA M,Z
#
loop_
_chem_comp.id
_chem_comp.type
_chem_comp.name
_chem_comp.formula
CDL non-polymer CARDIOLIPIN 'C81 H156 O17 P2 -2'
CHD non-polymer 'CHOLIC ACID' 'C24 H40 O5'
CU non-polymer 'COPPER (II) ION' 'Cu 2'
CUA non-polymer 'DINUCLEAR COPPER ION' Cu2
DMU D-saccharide DECYL-BETA-D-MALTOPYRANOSIDE 'C22 H42 O11'
EDO non-polymer 1,2-ETHANEDIOL 'C2 H6 O2'
HEA non-polymer HEME-A 'C49 H56 Fe N4 O6'
MG non-polymer 'MAGNESIUM ION' 'Mg 2'
NA non-polymer 'SODIUM ION' 'Na 1'
PEK non-polymer '(1S)-2-{[(2-AMINOETHOXY)(HYDROXY)PHOSPHORYL]OXY}-1-[(STEAROYLOXY)METHYL]ETHYL (5E,8E,11E,14E)-ICOSA-5,8,11,14-TETRAENOATE' 'C43 H78 N O8 P'
PER non-polymer 'PEROXIDE ION' 'O2 -2'
PGV non-polymer '(1R)-2-{[{[(2S)-2,3-DIHYDROXYPROPYL]OXY}(HYDROXY)PHOSPHORYL]OXY}-1-[(PALMITOYLOXY)METHYL]ETHYL (11E)-OCTADEC-11-ENOATE' 'C40 H77 O10 P'
PO4 non-polymer 'PHOSPHATE ION' 'O4 P -3'
PSC non-polymer '(7R,17E,20E)-4-HYDROXY-N,N,N-TRIMETHYL-9-OXO-7-[(PALMITOYLOXY)METHYL]-3,5,8-TRIOXA-4-PHOSPHAHEXACOSA-17,20-DIEN-1-AMINIUM 4-OXIDE' 'C42 H81 N O8 P 1'
TGL non-polymer TRISTEAROYLGLYCEROL 'C57 H110 O6'
ZN non-polymer 'ZINC ION' 'Zn 2'
#
# COMPACT_ATOMS: atom_id res chain seq x y z
N FME A 1 -23.47 0.93 48.35
CN FME A 1 -24.08 1.52 47.33
O1 FME A 1 -23.71 1.36 46.19
CA FME A 1 -22.30 0.08 48.19
CB FME A 1 -21.85 -0.40 49.56
CG FME A 1 -20.36 -0.16 49.81
SD FME A 1 -20.08 1.55 50.16
CE FME A 1 -19.62 2.27 48.62
C FME A 1 -22.50 -1.12 47.30
O FME A 1 -21.67 -1.45 46.49
N PHE A 2 -23.62 -1.77 47.44
CA PHE A 2 -23.88 -2.96 46.65
C PHE A 2 -23.97 -2.59 45.17
N ILE A 3 -24.73 -1.53 44.88
CA ILE A 3 -24.82 -1.03 43.51
C ILE A 3 -23.46 -0.54 43.01
N ASN A 4 -22.78 0.28 43.82
CA ASN A 4 -21.42 0.71 43.47
C ASN A 4 -20.55 -0.46 43.08
N ARG A 5 -20.63 -1.54 43.86
CA ARG A 5 -19.69 -2.63 43.68
C ARG A 5 -20.07 -3.51 42.49
N TRP A 6 -21.35 -3.78 42.30
CA TRP A 6 -21.71 -4.87 41.39
C TRP A 6 -22.36 -4.39 40.11
N LEU A 7 -22.85 -3.16 40.08
CA LEU A 7 -23.38 -2.60 38.85
C LEU A 7 -22.41 -1.61 38.24
N PHE A 8 -21.55 -0.98 39.07
CA PHE A 8 -20.63 0.06 38.62
C PHE A 8 -19.17 -0.42 38.67
N SER A 9 -18.93 -1.74 38.69
CA SER A 9 -17.58 -2.27 38.93
C SER A 9 -16.54 -1.74 37.95
N THR A 10 -15.30 -1.52 38.46
CA THR A 10 -14.12 -1.32 37.64
C THR A 10 -13.05 -2.31 38.12
N ASN A 11 -13.47 -3.48 38.60
CA ASN A 11 -12.55 -4.43 39.24
C ASN A 11 -12.56 -5.74 38.45
N HIS A 12 -11.38 -6.23 38.08
CA HIS A 12 -11.32 -7.36 37.15
C HIS A 12 -11.85 -8.66 37.79
N LYS A 13 -11.70 -8.83 39.10
CA LYS A 13 -12.19 -10.04 39.76
C LYS A 13 -13.70 -10.02 39.82
N ASP A 14 -14.28 -8.90 40.30
CA ASP A 14 -15.73 -8.85 40.42
C ASP A 14 -16.39 -9.00 39.05
N ILE A 15 -15.81 -8.36 38.03
CA ILE A 15 -16.37 -8.53 36.68
C ILE A 15 -16.22 -9.98 36.24
N GLY A 16 -15.06 -10.59 36.50
CA GLY A 16 -14.91 -12.01 36.25
C GLY A 16 -15.98 -12.85 36.95
N THR A 17 -16.29 -12.51 38.20
CA THR A 17 -17.35 -13.20 38.93
C THR A 17 -18.71 -13.01 38.25
N LEU A 18 -19.04 -11.77 37.86
CA LEU A 18 -20.27 -11.53 37.11
C LEU A 18 -20.39 -12.42 35.85
N TYR A 19 -19.28 -12.53 35.12
CA TYR A 19 -19.28 -13.37 33.91
C TYR A 19 -19.49 -14.85 34.24
N LEU A 20 -18.89 -15.34 35.33
CA LEU A 20 -19.09 -16.75 35.71
C LEU A 20 -20.54 -17.00 36.09
N LEU A 21 -21.17 -16.09 36.85
CA LEU A 21 -22.58 -16.26 37.22
C LEU A 21 -23.50 -16.23 35.98
N PHE A 22 -23.26 -15.27 35.10
CA PHE A 22 -23.99 -15.17 33.84
C PHE A 22 -23.82 -16.43 32.98
N GLY A 23 -22.58 -16.92 32.84
CA GLY A 23 -22.41 -18.12 32.02
C GLY A 23 -23.07 -19.35 32.63
N ALA A 24 -23.02 -19.45 33.97
CA ALA A 24 -23.65 -20.59 34.65
C ALA A 24 -25.16 -20.61 34.40
N TRP A 25 -25.79 -19.44 34.48
CA TRP A 25 -27.23 -19.32 34.22
C TRP A 25 -27.54 -19.68 32.76
N ALA A 26 -26.73 -19.17 31.83
CA ALA A 26 -26.92 -19.50 30.41
C ALA A 26 -26.76 -20.99 30.17
N GLY A 27 -25.81 -21.61 30.89
CA GLY A 27 -25.63 -23.06 30.77
C GLY A 27 -26.86 -23.86 31.18
N MET A 28 -27.60 -23.38 32.20
CA MET A 28 -28.88 -24.02 32.54
C MET A 28 -29.86 -23.87 31.37
N VAL A 29 -29.91 -22.68 30.78
CA VAL A 29 -30.80 -22.45 29.66
C VAL A 29 -30.42 -23.39 28.49
N GLY A 30 -29.12 -23.47 28.17
CA GLY A 30 -28.67 -24.27 27.05
C GLY A 30 -28.89 -25.75 27.29
N THR A 31 -28.78 -26.16 28.54
CA THR A 31 -29.02 -27.55 28.91
C THR A 31 -30.49 -27.95 28.68
N ALA A 32 -31.42 -27.10 29.14
CA ALA A 32 -32.86 -27.36 28.92
C ALA A 32 -33.20 -27.49 27.44
N LEU A 33 -32.66 -26.59 26.62
CA LEU A 33 -32.87 -26.64 25.16
C LEU A 33 -32.30 -27.94 24.59
N SER A 34 -31.12 -28.36 25.09
CA SER A 34 -30.53 -29.62 24.65
C SER A 34 -31.44 -30.79 25.02
N LEU A 35 -32.14 -30.71 26.19
CA LEU A 35 -33.02 -31.83 26.56
C LEU A 35 -34.29 -31.84 25.73
N LEU A 36 -34.81 -30.66 25.37
CA LEU A 36 -35.97 -30.56 24.48
C LEU A 36 -35.66 -31.13 23.10
N ILE A 37 -34.45 -30.92 22.62
CA ILE A 37 -34.04 -31.54 21.38
C ILE A 37 -34.16 -33.05 21.48
N ARG A 38 -33.56 -33.62 22.53
CA ARG A 38 -33.46 -35.05 22.65
C ARG A 38 -34.77 -35.67 23.12
N ALA A 39 -35.68 -34.89 23.74
CA ALA A 39 -37.00 -35.42 24.01
C ALA A 39 -37.78 -35.60 22.70
N GLU A 40 -37.70 -34.60 21.79
CA GLU A 40 -38.32 -34.72 20.46
C GLU A 40 -37.83 -35.96 19.71
N LEU A 41 -36.54 -36.26 19.82
CA LEU A 41 -35.92 -37.33 19.01
C LEU A 41 -35.86 -38.64 19.76
N GLY A 42 -36.36 -38.67 20.99
CA GLY A 42 -36.12 -39.86 21.81
C GLY A 42 -37.04 -41.02 21.47
N GLN A 43 -38.07 -40.77 20.69
CA GLN A 43 -38.84 -41.83 20.11
C GLN A 43 -39.38 -41.35 18.78
N PRO A 44 -39.59 -42.26 17.83
CA PRO A 44 -40.09 -41.84 16.51
C PRO A 44 -41.47 -41.21 16.63
N GLY A 45 -41.74 -40.29 15.73
CA GLY A 45 -42.98 -39.52 15.72
C GLY A 45 -42.69 -38.07 16.06
N THR A 46 -43.73 -37.34 16.38
CA THR A 46 -43.64 -35.90 16.63
C THR A 46 -44.04 -35.64 18.06
N LEU A 47 -43.19 -34.95 18.83
CA LEU A 47 -43.55 -34.62 20.21
C LEU A 47 -44.08 -33.19 20.35
N LEU A 48 -43.30 -32.19 19.90
CA LEU A 48 -43.58 -30.78 20.19
C LEU A 48 -44.39 -30.12 19.06
N GLY A 49 -44.02 -30.37 17.83
CA GLY A 49 -44.65 -29.74 16.69
C GLY A 49 -43.79 -30.08 15.49
N ASP A 50 -44.01 -29.33 14.42
CA ASP A 50 -43.33 -29.63 13.17
C ASP A 50 -41.91 -29.05 13.23
N ASP A 51 -41.21 -28.85 12.11
CA ASP A 51 -39.81 -28.48 12.27
C ASP A 51 -39.60 -27.04 12.73
N GLN A 52 -40.64 -26.20 12.73
CA GLN A 52 -40.45 -24.81 13.07
C GLN A 52 -40.14 -24.67 14.56
N ILE A 53 -41.04 -25.17 15.45
CA ILE A 53 -40.73 -25.05 16.87
C ILE A 53 -39.44 -25.81 17.19
N TYR A 54 -39.27 -26.99 16.56
CA TYR A 54 -38.09 -27.80 16.82
C TYR A 54 -36.80 -27.01 16.52
N ASN A 55 -36.75 -26.38 15.34
CA ASN A 55 -35.52 -25.68 15.00
C ASN A 55 -35.38 -24.31 15.65
N VAL A 56 -36.46 -23.68 16.11
CA VAL A 56 -36.28 -22.58 17.05
C VAL A 56 -35.48 -23.06 18.26
N VAL A 57 -35.79 -24.26 18.76
CA VAL A 57 -35.13 -24.82 19.94
C VAL A 57 -33.67 -25.16 19.63
N VAL A 58 -33.43 -25.74 18.45
CA VAL A 58 -32.06 -26.07 18.03
C VAL A 58 -31.22 -24.80 17.90
N THR A 59 -31.79 -23.78 17.25
CA THR A 59 -31.08 -22.53 17.03
C THR A 59 -30.70 -21.88 18.37
N ALA A 60 -31.68 -21.71 19.25
CA ALA A 60 -31.43 -21.12 20.56
C ALA A 60 -30.39 -21.94 21.34
N HIS A 61 -30.48 -23.28 21.28
CA HIS A 61 -29.52 -24.14 21.97
C HIS A 61 -28.10 -23.76 21.59
N ALA A 62 -27.90 -23.53 20.29
CA ALA A 62 -26.55 -23.28 19.80
C ALA A 62 -26.09 -21.90 20.23
N PHE A 63 -26.92 -20.88 19.99
CA PHE A 63 -26.56 -19.50 20.36
C PHE A 63 -26.27 -19.39 21.86
N VAL A 64 -27.15 -19.98 22.68
CA VAL A 64 -26.99 -19.85 24.13
C VAL A 64 -25.68 -20.55 24.57
N MET A 65 -25.47 -21.78 24.13
CA MET A 65 -24.28 -22.54 24.54
C MET A 65 -23.00 -21.86 24.08
N ILE A 66 -23.01 -21.29 22.85
CA ILE A 66 -21.79 -20.67 22.33
C ILE A 66 -21.58 -19.27 22.91
N PHE A 67 -22.52 -18.38 22.68
CA PHE A 67 -22.30 -16.97 22.96
C PHE A 67 -22.57 -16.57 24.42
N PHE A 68 -23.46 -17.27 25.11
CA PHE A 68 -23.78 -16.87 26.48
C PHE A 68 -23.19 -17.81 27.52
N MET A 69 -22.77 -19.03 27.14
CA MET A 69 -22.14 -19.92 28.11
C MET A 69 -20.62 -20.02 27.87
N VAL A 70 -20.16 -20.59 26.76
CA VAL A 70 -18.72 -20.87 26.67
C VAL A 70 -17.92 -19.57 26.64
N MET A 71 -18.32 -18.62 25.78
CA MET A 71 -17.43 -17.45 25.64
C MET A 71 -17.43 -16.59 26.91
N PRO A 72 -18.56 -16.31 27.52
CA PRO A 72 -18.48 -15.52 28.77
C PRO A 72 -17.71 -16.22 29.89
N ILE A 73 -17.90 -17.53 30.05
CA ILE A 73 -17.12 -18.27 31.07
C ILE A 73 -15.62 -18.26 30.76
N MET A 74 -15.21 -18.70 29.54
CA MET A 74 -13.77 -18.81 29.28
C MET A 74 -13.07 -17.46 29.27
N ILE A 75 -13.65 -16.51 28.56
CA ILE A 75 -12.96 -15.26 28.28
C ILE A 75 -13.32 -14.22 29.32
N GLY A 76 -14.61 -13.94 29.48
CA GLY A 76 -15.04 -12.97 30.46
C GLY A 76 -14.71 -13.40 31.89
N GLY A 77 -14.83 -14.70 32.16
CA GLY A 77 -14.80 -15.21 33.53
C GLY A 77 -13.38 -15.56 33.93
N PHE A 78 -12.88 -16.67 33.40
CA PHE A 78 -11.49 -17.04 33.68
C PHE A 78 -10.50 -15.99 33.19
N GLY A 79 -10.74 -15.38 32.03
CA GLY A 79 -9.78 -14.40 31.49
C GLY A 79 -9.67 -13.17 32.38
N ASN A 80 -10.80 -12.60 32.78
CA ASN A 80 -10.74 -11.44 33.71
C ASN A 80 -10.16 -11.81 35.08
N TRP A 81 -10.50 -12.99 35.63
CA TRP A 81 -9.98 -13.34 36.96
C TRP A 81 -8.48 -13.57 36.91
N LEU A 82 -8.04 -14.36 35.93
CA LEU A 82 -6.70 -14.93 35.97
C LEU A 82 -5.67 -14.09 35.23
N VAL A 83 -6.04 -13.48 34.07
CA VAL A 83 -5.01 -12.79 33.27
C VAL A 83 -4.27 -11.69 34.04
N PRO A 84 -4.94 -10.76 34.73
CA PRO A 84 -4.13 -9.78 35.46
C PRO A 84 -3.34 -10.39 36.59
N LEU A 85 -3.87 -11.42 37.27
CA LEU A 85 -3.07 -12.01 38.36
C LEU A 85 -1.85 -12.68 37.80
N MET A 86 -1.99 -13.33 36.64
CA MET A 86 -0.92 -14.14 36.10
C MET A 86 0.20 -13.28 35.59
N ILE A 87 -0.02 -11.99 35.33
CA ILE A 87 1.09 -11.10 34.96
C ILE A 87 1.37 -10.06 36.01
N GLY A 88 0.75 -10.16 37.21
CA GLY A 88 1.13 -9.20 38.25
C GLY A 88 0.62 -7.79 38.00
N ALA A 89 -0.46 -7.66 37.17
CA ALA A 89 -1.04 -6.37 36.85
C ALA A 89 -2.09 -5.95 37.89
N PRO A 90 -2.30 -4.65 38.08
CA PRO A 90 -3.27 -4.21 39.10
C PRO A 90 -4.71 -4.28 38.67
N ASP A 91 -4.95 -4.40 37.36
CA ASP A 91 -6.29 -4.59 36.78
C ASP A 91 -6.13 -4.68 35.27
N MET A 92 -7.22 -4.60 34.46
CA MET A 92 -7.20 -4.58 33.00
C MET A 92 -6.86 -3.16 32.53
N ALA A 93 -6.43 -3.02 31.27
CA ALA A 93 -6.10 -1.69 30.75
C ALA A 93 -7.32 -0.75 30.85
N PHE A 94 -8.52 -1.24 30.54
CA PHE A 94 -9.70 -0.38 30.44
C PHE A 94 -10.76 -0.94 31.39
N PRO A 95 -10.64 -0.64 32.69
CA PRO A 95 -11.44 -1.38 33.68
C PRO A 95 -12.88 -1.01 33.60
N ARG A 96 -13.17 0.22 33.15
CA ARG A 96 -14.53 0.70 33.01
C ARG A 96 -15.16 0.21 31.68
N MET A 97 -14.42 0.25 30.58
CA MET A 97 -14.91 -0.42 29.37
C MET A 97 -15.13 -1.94 29.57
N ASN A 98 -14.26 -2.58 30.35
CA ASN A 98 -14.45 -4.00 30.72
C ASN A 98 -15.84 -4.26 31.28
N ASN A 99 -16.33 -3.35 32.14
CA ASN A 99 -17.64 -3.52 32.75
C ASN A 99 -18.76 -3.41 31.70
N MET A 100 -18.59 -2.57 30.66
CA MET A 100 -19.62 -2.52 29.63
C MET A 100 -19.63 -3.80 28.78
N SER A 101 -18.46 -4.39 28.51
CA SER A 101 -18.47 -5.74 27.90
C SER A 101 -19.38 -6.72 28.64
N PHE A 102 -19.32 -6.72 29.97
CA PHE A 102 -20.23 -7.60 30.72
C PHE A 102 -21.68 -7.17 30.56
N TRP A 103 -21.98 -5.90 30.87
CA TRP A 103 -23.37 -5.45 30.90
C TRP A 103 -24.03 -5.41 29.53
N LEU A 104 -23.29 -5.58 28.44
CA LEU A 104 -23.99 -5.77 27.17
C LEU A 104 -24.57 -7.18 27.03
N LEU A 105 -24.14 -8.14 27.84
CA LEU A 105 -24.62 -9.52 27.60
C LEU A 105 -26.03 -9.81 28.12
N PRO A 106 -26.48 -9.30 29.25
CA PRO A 106 -27.89 -9.58 29.62
C PRO A 106 -28.84 -8.98 28.59
N PRO A 107 -28.61 -7.74 28.10
CA PRO A 107 -29.45 -7.25 26.98
C PRO A 107 -29.39 -8.15 25.76
N SER A 108 -28.20 -8.61 25.36
CA SER A 108 -28.11 -9.51 24.21
C SER A 108 -28.99 -10.75 24.45
N PHE A 109 -28.90 -11.34 25.67
CA PHE A 109 -29.65 -12.57 25.97
C PHE A 109 -31.17 -12.29 25.99
N LEU A 110 -31.56 -11.10 26.46
CA LEU A 110 -32.96 -10.70 26.43
C LEU A 110 -33.46 -10.59 25.00
N LEU A 111 -32.65 -10.05 24.09
CA LEU A 111 -33.11 -9.99 22.71
C LEU A 111 -33.30 -11.41 22.13
N LEU A 112 -32.46 -12.39 22.56
CA LEU A 112 -32.60 -13.74 22.02
C LEU A 112 -33.85 -14.40 22.58
N LEU A 113 -34.14 -14.13 23.85
CA LEU A 113 -35.36 -14.70 24.43
C LEU A 113 -36.57 -14.06 23.76
N ALA A 114 -36.52 -12.76 23.53
CA ALA A 114 -37.61 -12.05 22.84
C ALA A 114 -37.86 -12.65 21.46
N SER A 115 -36.79 -13.00 20.76
CA SER A 115 -36.96 -13.53 19.41
C SER A 115 -37.76 -14.83 19.42
N SER A 116 -37.59 -15.65 20.48
CA SER A 116 -38.28 -16.92 20.56
C SER A 116 -39.72 -16.77 21.06
N MET A 117 -40.05 -15.63 21.69
CA MET A 117 -41.40 -15.36 22.21
C MET A 117 -42.32 -14.70 21.17
N VAL A 118 -41.78 -13.90 20.22
CA VAL A 118 -42.62 -13.20 19.26
C VAL A 118 -42.78 -14.09 18.02
N GLU A 119 -43.93 -13.94 17.34
CA GLU A 119 -44.21 -14.60 16.08
C GLU A 119 -44.00 -16.09 16.34
N ALA A 120 -43.31 -16.80 15.46
CA ALA A 120 -43.03 -18.21 15.65
C ALA A 120 -41.55 -18.48 15.90
N GLY A 121 -40.79 -17.48 16.38
CA GLY A 121 -39.38 -17.64 16.66
C GLY A 121 -38.53 -17.69 15.40
N ALA A 122 -37.21 -17.77 15.58
CA ALA A 122 -36.25 -17.76 14.49
C ALA A 122 -35.81 -19.22 14.30
N GLY A 123 -36.45 -19.92 13.40
CA GLY A 123 -36.19 -21.35 13.22
C GLY A 123 -35.18 -21.54 12.09
N THR A 124 -33.97 -20.98 12.23
CA THR A 124 -33.10 -20.77 11.07
C THR A 124 -31.84 -21.62 11.06
N GLY A 125 -31.48 -22.27 12.18
CA GLY A 125 -30.11 -22.75 12.39
C GLY A 125 -29.30 -21.57 12.95
N TRP A 126 -28.23 -21.82 13.73
CA TRP A 126 -27.45 -20.69 14.29
C TRP A 126 -26.60 -19.97 13.21
N THR A 127 -26.61 -20.51 12.00
CA THR A 127 -25.95 -19.93 10.82
C THR A 127 -26.84 -18.86 10.17
N VAL A 128 -28.16 -18.89 10.46
CA VAL A 128 -29.14 -17.89 10.01
C VAL A 128 -29.07 -17.71 8.48
N TYR A 129 -28.97 -18.81 7.72
CA TYR A 129 -28.89 -18.64 6.24
C TYR A 129 -30.17 -18.06 5.61
N PRO A 130 -30.04 -17.08 4.74
CA PRO A 130 -31.15 -16.74 3.83
C PRO A 130 -31.20 -17.75 2.68
N PRO A 131 -32.31 -17.77 1.91
CA PRO A 131 -33.57 -17.04 2.12
C PRO A 131 -34.44 -17.53 3.30
N LEU A 132 -34.20 -18.74 3.90
CA LEU A 132 -35.08 -19.16 5.02
C LEU A 132 -35.19 -18.06 6.08
N ALA A 133 -34.07 -17.39 6.37
CA ALA A 133 -34.02 -16.32 7.34
C ALA A 133 -34.44 -14.93 6.81
N GLY A 134 -34.81 -14.78 5.51
CA GLY A 134 -35.24 -13.49 4.99
C GLY A 134 -36.71 -13.15 5.31
N ASN A 135 -37.17 -11.96 4.84
CA ASN A 135 -38.48 -11.45 5.27
C ASN A 135 -39.69 -12.12 4.62
N LEU A 136 -39.50 -13.05 3.69
CA LEU A 136 -40.64 -13.79 3.14
C LEU A 136 -40.83 -15.13 3.86
N ALA A 137 -39.76 -15.89 4.05
CA ALA A 137 -39.86 -17.15 4.71
C ALA A 137 -39.73 -17.05 6.22
N HIS A 138 -39.31 -15.87 6.74
CA HIS A 138 -39.31 -15.67 8.18
C HIS A 138 -39.78 -14.23 8.39
N ALA A 139 -41.06 -13.95 8.04
CA ALA A 139 -41.60 -12.62 8.21
C ALA A 139 -41.74 -12.30 9.70
N GLY A 140 -41.58 -11.03 10.03
CA GLY A 140 -41.78 -10.59 11.42
C GLY A 140 -40.45 -10.38 12.13
N ALA A 141 -40.54 -10.05 13.43
CA ALA A 141 -39.42 -9.51 14.19
C ALA A 141 -38.39 -10.55 14.70
N SER A 142 -38.70 -11.86 14.73
CA SER A 142 -37.81 -12.83 15.43
C SER A 142 -36.39 -12.79 14.88
N VAL A 143 -36.26 -12.87 13.54
CA VAL A 143 -34.88 -12.94 12.99
C VAL A 143 -34.14 -11.63 13.26
N ASP A 144 -34.84 -10.48 13.14
CA ASP A 144 -34.19 -9.20 13.45
C ASP A 144 -33.75 -9.10 14.92
N LEU A 145 -34.57 -9.63 15.85
CA LEU A 145 -34.16 -9.67 17.26
C LEU A 145 -32.95 -10.58 17.45
N THR A 146 -32.88 -11.69 16.70
CA THR A 146 -31.68 -12.53 16.69
C THR A 146 -30.46 -11.75 16.21
N ILE A 147 -30.60 -11.05 15.09
CA ILE A 147 -29.47 -10.28 14.52
C ILE A 147 -29.01 -9.23 15.52
N PHE A 148 -29.97 -8.54 16.17
CA PHE A 148 -29.56 -7.54 17.16
C PHE A 148 -28.92 -8.18 18.39
N SER A 149 -29.38 -9.36 18.78
CA SER A 149 -28.74 -10.07 19.85
C SER A 149 -27.25 -10.31 19.55
N LEU A 150 -26.98 -10.78 18.33
CA LEU A 150 -25.60 -10.98 17.86
C LEU A 150 -24.81 -9.70 17.81
N HIS A 151 -25.44 -8.61 17.33
CA HIS A 151 -24.70 -7.34 17.31
C HIS A 151 -24.21 -6.96 18.72
N LEU A 152 -25.08 -7.14 19.73
CA LEU A 152 -24.62 -6.76 21.07
C LEU A 152 -23.55 -7.73 21.58
N ALA A 153 -23.73 -9.03 21.37
CA ALA A 153 -22.68 -9.96 21.81
C ALA A 153 -21.39 -9.65 21.07
N GLY A 154 -21.49 -9.25 19.81
CA GLY A 154 -20.29 -8.96 19.03
C GLY A 154 -19.60 -7.71 19.52
N VAL A 155 -20.37 -6.66 19.87
CA VAL A 155 -19.72 -5.48 20.46
C VAL A 155 -19.04 -5.82 21.78
N SER A 156 -19.70 -6.61 22.61
CA SER A 156 -19.17 -7.03 23.91
C SER A 156 -17.82 -7.70 23.75
N SER A 157 -17.73 -8.66 22.78
CA SER A 157 -16.49 -9.37 22.61
C SER A 157 -15.41 -8.54 21.93
N ILE A 158 -15.77 -7.69 20.98
CA ILE A 158 -14.76 -6.82 20.32
C ILE A 158 -14.13 -5.89 21.35
N LEU A 159 -14.94 -5.26 22.20
CA LEU A 159 -14.34 -4.38 23.19
C LEU A 159 -13.51 -5.19 24.20
N GLY A 160 -14.00 -6.37 24.54
CA GLY A 160 -13.22 -7.26 25.40
C GLY A 160 -11.88 -7.63 24.80
N ALA A 161 -11.88 -7.97 23.51
CA ALA A 161 -10.63 -8.33 22.83
C ALA A 161 -9.62 -7.19 22.91
N ILE A 162 -10.08 -5.96 22.62
CA ILE A 162 -9.21 -4.78 22.68
C ILE A 162 -8.62 -4.66 24.08
N ASN A 163 -9.46 -4.84 25.09
CA ASN A 163 -9.02 -4.78 26.48
C ASN A 163 -8.00 -5.88 26.79
N PHE A 164 -8.28 -7.11 26.38
CA PHE A 164 -7.31 -8.16 26.67
C PHE A 164 -6.01 -7.98 25.92
N ILE A 165 -6.06 -7.63 24.62
CA ILE A 165 -4.79 -7.48 23.91
C ILE A 165 -3.95 -6.38 24.56
N THR A 166 -4.59 -5.25 24.84
CA THR A 166 -3.84 -4.13 25.39
C THR A 166 -3.25 -4.49 26.75
N THR A 167 -4.04 -5.15 27.59
CA THR A 167 -3.56 -5.49 28.93
C THR A 167 -2.32 -6.40 28.87
N ILE A 168 -2.39 -7.43 28.00
CA ILE A 168 -1.35 -8.47 27.95
C ILE A 168 -0.09 -7.90 27.29
N ILE A 169 -0.23 -7.02 26.30
CA ILE A 169 0.94 -6.39 25.70
C ILE A 169 1.56 -5.35 26.63
N ASN A 170 0.72 -4.51 27.26
CA ASN A 170 1.23 -3.27 27.88
C ASN A 170 1.46 -3.37 29.39
N MET A 171 0.90 -4.37 30.12
CA MET A 171 0.86 -4.31 31.59
C MET A 171 1.59 -5.46 32.28
N LYS A 172 2.53 -6.12 31.58
CA LYS A 172 3.43 -7.08 32.24
C LYS A 172 4.52 -6.32 32.99
N PRO A 173 5.19 -6.97 33.94
CA PRO A 173 6.36 -6.35 34.55
C PRO A 173 7.37 -6.00 33.47
N PRO A 174 8.14 -4.92 33.66
CA PRO A 174 9.01 -4.47 32.54
C PRO A 174 10.08 -5.49 32.19
N ALA A 175 10.46 -6.35 33.13
CA ALA A 175 11.43 -7.36 32.75
C ALA A 175 10.84 -8.58 32.05
N MET A 176 9.52 -8.79 32.12
CA MET A 176 8.89 -9.97 31.56
C MET A 176 8.66 -9.78 30.07
N SER A 177 9.28 -10.63 29.24
CA SER A 177 8.96 -10.60 27.82
C SER A 177 7.67 -11.42 27.54
N GLN A 178 7.17 -11.31 26.32
CA GLN A 178 6.01 -12.14 25.97
C GLN A 178 6.36 -13.62 26.13
N TYR A 179 7.64 -13.98 26.05
CA TYR A 179 8.00 -15.38 26.16
C TYR A 179 8.26 -15.78 27.60
N GLN A 180 7.85 -14.95 28.57
CA GLN A 180 7.81 -15.36 29.97
C GLN A 180 6.40 -15.22 30.55
N THR A 181 5.41 -15.15 29.69
CA THR A 181 4.02 -15.19 30.18
C THR A 181 3.43 -16.59 30.08
N PRO A 182 2.61 -16.97 31.03
CA PRO A 182 2.04 -18.32 31.05
C PRO A 182 1.20 -18.59 29.80
N LEU A 183 1.03 -19.89 29.52
CA LEU A 183 0.26 -20.34 28.36
C LEU A 183 -1.21 -19.91 28.39
N PHE A 184 -1.84 -19.84 29.56
CA PHE A 184 -3.22 -19.38 29.54
C PHE A 184 -3.31 -17.95 29.01
N VAL A 185 -2.38 -17.09 29.49
CA VAL A 185 -2.28 -15.68 29.00
C VAL A 185 -2.09 -15.65 27.49
N TRP A 186 -1.16 -16.44 26.97
CA TRP A 186 -1.04 -16.55 25.49
C TRP A 186 -2.36 -16.96 24.86
N SER A 187 -3.05 -17.95 25.45
CA SER A 187 -4.27 -18.43 24.75
C SER A 187 -5.34 -17.35 24.70
N VAL A 188 -5.43 -16.50 25.75
CA VAL A 188 -6.40 -15.42 25.75
C VAL A 188 -6.01 -14.37 24.73
N MET A 189 -4.73 -14.03 24.65
CA MET A 189 -4.36 -13.00 23.72
C MET A 189 -4.65 -13.47 22.28
N ILE A 190 -4.29 -14.72 21.96
CA ILE A 190 -4.54 -15.19 20.59
C ILE A 190 -6.03 -15.23 20.32
N THR A 191 -6.83 -15.71 21.31
CA THR A 191 -8.29 -15.71 21.19
C THR A 191 -8.78 -14.29 20.90
N ALA A 192 -8.24 -13.31 21.63
CA ALA A 192 -8.69 -11.91 21.44
C ALA A 192 -8.36 -11.39 20.03
N VAL A 193 -7.18 -11.73 19.49
CA VAL A 193 -6.91 -11.32 18.09
C VAL A 193 -7.97 -11.93 17.14
N LEU A 194 -8.27 -13.22 17.31
CA LEU A 194 -9.26 -13.87 16.46
C LEU A 194 -10.59 -13.15 16.55
N LEU A 195 -11.03 -12.80 17.79
CA LEU A 195 -12.30 -12.07 17.97
C LEU A 195 -12.29 -10.76 17.23
N LEU A 196 -11.17 -10.04 17.36
CA LEU A 196 -11.05 -8.71 16.77
C LEU A 196 -11.21 -8.73 15.24
N LEU A 197 -10.58 -9.69 14.58
CA LEU A 197 -10.55 -9.76 13.13
C LEU A 197 -11.82 -10.40 12.58
N SER A 198 -12.40 -11.37 13.30
CA SER A 198 -13.55 -12.15 12.78
C SER A 198 -14.90 -11.50 13.07
N LEU A 199 -15.18 -11.05 14.30
CA LEU A 199 -16.54 -10.52 14.56
C LEU A 199 -16.95 -9.34 13.66
N PRO A 200 -16.07 -8.42 13.26
CA PRO A 200 -16.58 -7.33 12.41
C PRO A 200 -17.09 -7.86 11.09
N VAL A 201 -16.54 -8.99 10.63
CA VAL A 201 -17.03 -9.55 9.37
C VAL A 201 -18.40 -10.19 9.58
N LEU A 202 -18.58 -10.93 10.68
CA LEU A 202 -19.94 -11.36 11.03
C LEU A 202 -20.89 -10.17 11.09
N ALA A 203 -20.50 -9.10 11.79
CA ALA A 203 -21.37 -7.95 11.92
C ALA A 203 -21.73 -7.38 10.56
N ALA A 204 -20.79 -7.34 9.61
CA ALA A 204 -21.14 -6.84 8.27
C ALA A 204 -22.17 -7.75 7.59
N GLY A 205 -21.96 -9.07 7.69
CA GLY A 205 -22.90 -10.00 7.07
C GLY A 205 -24.29 -9.98 7.68
N ILE A 206 -24.41 -9.92 9.01
CA ILE A 206 -25.76 -9.93 9.56
C ILE A 206 -26.44 -8.59 9.35
N THR A 207 -25.64 -7.52 9.22
CA THR A 207 -26.19 -6.21 8.88
C THR A 207 -26.78 -6.19 7.48
N MET A 208 -26.09 -6.83 6.53
CA MET A 208 -26.62 -6.97 5.20
C MET A 208 -27.89 -7.80 5.21
N LEU A 209 -27.97 -8.80 6.11
CA LEU A 209 -29.22 -9.56 6.22
C LEU A 209 -30.35 -8.68 6.76
N LEU A 210 -30.03 -7.85 7.77
CA LEU A 210 -30.98 -6.88 8.31
C LEU A 210 -31.51 -5.93 7.23
N THR A 211 -30.61 -5.39 6.40
CA THR A 211 -31.09 -4.48 5.38
C THR A 211 -31.85 -5.23 4.28
N ASP A 212 -31.47 -6.49 3.92
CA ASP A 212 -32.32 -7.23 2.94
C ASP A 212 -33.70 -7.42 3.52
N ARG A 213 -33.79 -7.56 4.85
CA ARG A 213 -35.07 -7.81 5.49
C ARG A 213 -35.90 -6.53 5.63
N ASN A 214 -35.26 -5.35 5.75
CA ASN A 214 -36.01 -4.16 6.21
C ASN A 214 -35.81 -2.92 5.37
N LEU A 215 -34.77 -2.84 4.56
CA LEU A 215 -34.50 -1.68 3.73
C LEU A 215 -34.55 -2.01 2.23
N ASN A 216 -35.02 -3.18 1.84
CA ASN A 216 -35.14 -3.55 0.44
C ASN A 216 -33.80 -3.58 -0.28
N THR A 217 -32.71 -3.83 0.44
CA THR A 217 -31.49 -4.26 -0.26
C THR A 217 -31.62 -5.70 -0.74
N THR A 218 -30.68 -6.11 -1.59
CA THR A 218 -30.74 -7.46 -2.17
C THR A 218 -29.34 -8.09 -2.22
N PHE A 219 -28.57 -7.89 -1.15
CA PHE A 219 -27.26 -8.54 -1.10
C PHE A 219 -27.36 -10.04 -1.36
N PHE A 220 -28.40 -10.68 -0.86
CA PHE A 220 -28.45 -12.13 -0.85
C PHE A 220 -29.63 -12.62 -1.67
N ASP A 221 -30.24 -11.73 -2.43
CA ASP A 221 -31.49 -12.05 -3.11
C ASP A 221 -31.22 -12.02 -4.61
N PRO A 222 -31.31 -13.16 -5.30
CA PRO A 222 -30.97 -13.17 -6.74
C PRO A 222 -31.85 -12.25 -7.55
N ALA A 223 -33.07 -11.92 -7.11
CA ALA A 223 -33.90 -11.04 -7.96
C ALA A 223 -33.24 -9.67 -8.12
N GLY A 224 -32.48 -9.23 -7.13
CA GLY A 224 -31.69 -8.01 -7.29
C GLY A 224 -30.26 -8.20 -7.79
N GLY A 225 -29.87 -9.42 -8.23
CA GLY A 225 -28.47 -9.67 -8.57
C GLY A 225 -27.63 -10.15 -7.38
N GLY A 226 -28.25 -10.41 -6.21
CA GLY A 226 -27.53 -10.86 -5.02
C GLY A 226 -27.34 -12.38 -5.02
N ASP A 227 -26.80 -12.90 -3.92
CA ASP A 227 -26.32 -14.29 -3.91
C ASP A 227 -26.44 -14.89 -2.51
N PRO A 228 -27.30 -15.90 -2.30
CA PRO A 228 -27.38 -16.53 -0.97
C PRO A 228 -26.04 -17.05 -0.47
N ILE A 229 -25.17 -17.47 -1.39
CA ILE A 229 -23.89 -18.07 -1.02
C ILE A 229 -22.93 -17.02 -0.50
N LEU A 230 -23.06 -15.75 -0.98
CA LEU A 230 -22.30 -14.67 -0.37
C LEU A 230 -22.49 -14.62 1.14
N TYR A 231 -23.75 -14.71 1.64
CA TYR A 231 -23.92 -14.72 3.10
C TYR A 231 -23.13 -15.84 3.76
N GLN A 232 -23.15 -17.04 3.17
CA GLN A 232 -22.45 -18.18 3.77
C GLN A 232 -20.94 -17.91 3.88
N HIS A 233 -20.34 -17.29 2.84
CA HIS A 233 -18.91 -16.90 2.92
C HIS A 233 -18.67 -15.96 4.09
N LEU A 234 -19.48 -14.92 4.22
CA LEU A 234 -19.22 -13.93 5.25
C LEU A 234 -19.39 -14.54 6.62
N PHE A 235 -20.42 -15.35 6.75
CA PHE A 235 -20.65 -15.99 8.07
C PHE A 235 -19.52 -16.95 8.44
N TRP A 236 -19.13 -17.84 7.51
CA TRP A 236 -18.09 -18.81 7.89
C TRP A 236 -16.70 -18.16 7.99
N PHE A 237 -16.51 -17.04 7.31
CA PHE A 237 -15.24 -16.31 7.51
C PHE A 237 -15.09 -15.97 8.99
N PHE A 238 -16.22 -15.67 9.65
CA PHE A 238 -16.26 -15.57 11.13
C PHE A 238 -16.35 -16.94 11.79
N GLY A 239 -17.19 -17.80 11.25
CA GLY A 239 -17.59 -19.01 11.96
C GLY A 239 -16.48 -20.04 12.15
N HIS A 240 -15.55 -20.18 11.19
CA HIS A 240 -14.44 -21.06 11.54
C HIS A 240 -13.53 -20.45 12.62
N PRO A 241 -12.99 -19.24 12.46
CA PRO A 241 -12.24 -18.69 13.63
C PRO A 241 -13.03 -18.81 14.93
N GLU A 242 -14.35 -18.64 14.89
CA GLU A 242 -15.12 -18.75 16.15
C GLU A 242 -14.93 -20.11 16.83
N VAL A 243 -14.77 -21.21 16.08
CA VAL A 243 -14.61 -22.43 16.85
C VAL A 243 -13.21 -22.52 17.45
N TYR A 244 -12.23 -21.83 16.84
CA TYR A 244 -10.92 -21.79 17.49
C TYR A 244 -10.94 -20.84 18.68
N ILE A 245 -11.74 -19.77 18.60
CA ILE A 245 -12.03 -18.93 19.78
C ILE A 245 -12.63 -19.76 20.91
N LEU A 246 -13.50 -20.73 20.55
CA LEU A 246 -14.16 -21.53 21.57
C LEU A 246 -13.21 -22.51 22.27
N ILE A 247 -12.12 -22.94 21.60
CA ILE A 247 -11.25 -23.96 22.17
C ILE A 247 -9.92 -23.40 22.71
N LEU A 248 -9.36 -22.34 22.09
CA LEU A 248 -8.03 -21.85 22.53
C LEU A 248 -7.92 -21.56 24.04
N PRO A 249 -8.81 -20.80 24.67
CA PRO A 249 -8.71 -20.65 26.14
C PRO A 249 -8.82 -21.94 26.90
N GLY A 250 -9.57 -22.90 26.35
CA GLY A 250 -9.59 -24.24 26.88
C GLY A 250 -8.23 -24.88 26.83
N PHE A 251 -7.56 -24.83 25.66
CA PHE A 251 -6.17 -25.32 25.55
C PHE A 251 -5.29 -24.67 26.62
N GLY A 252 -5.42 -23.36 26.83
CA GLY A 252 -4.56 -22.75 27.83
C GLY A 252 -4.83 -23.26 29.25
N MET A 253 -6.11 -23.39 29.62
CA MET A 253 -6.43 -23.91 30.96
C MET A 253 -5.93 -25.35 31.12
N ILE A 254 -6.07 -26.15 30.05
CA ILE A 254 -5.58 -27.54 30.07
C ILE A 254 -4.09 -27.60 30.31
N SER A 255 -3.32 -26.75 29.58
CA SER A 255 -1.89 -26.70 29.86
C SER A 255 -1.61 -26.45 31.34
N HIS A 256 -2.31 -25.50 31.96
CA HIS A 256 -2.03 -25.18 33.36
C HIS A 256 -2.46 -26.31 34.29
N ILE A 257 -3.61 -26.92 34.04
CA ILE A 257 -4.10 -28.01 34.90
C ILE A 257 -3.18 -29.21 34.85
N VAL A 258 -2.84 -29.64 33.64
CA VAL A 258 -1.98 -30.80 33.45
C VAL A 258 -0.61 -30.56 34.09
N THR A 259 -0.04 -29.37 33.88
CA THR A 259 1.22 -29.02 34.57
C THR A 259 1.08 -29.07 36.10
N TYR A 260 0.04 -28.43 36.62
CA TYR A 260 -0.18 -28.40 38.06
C TYR A 260 -0.30 -29.79 38.66
N TYR A 261 -1.26 -30.60 38.13
CA TYR A 261 -1.53 -31.91 38.76
C TYR A 261 -0.54 -32.99 38.34
N SER A 262 0.40 -32.68 37.46
CA SER A 262 1.58 -33.54 37.32
C SER A 262 2.68 -33.17 38.32
N GLY A 263 2.48 -32.13 39.11
CA GLY A 263 3.55 -31.64 39.99
C GLY A 263 4.73 -31.09 39.26
N LYS A 264 4.52 -30.45 38.11
CA LYS A 264 5.61 -29.91 37.33
C LYS A 264 5.63 -28.41 37.55
N LYS A 265 6.81 -27.85 37.38
CA LYS A 265 6.95 -26.40 37.44
C LYS A 265 6.62 -25.73 36.09
N GLU A 266 6.53 -26.50 34.99
CA GLU A 266 6.32 -25.88 33.69
C GLU A 266 5.76 -26.92 32.72
N PRO A 267 5.00 -26.51 31.72
CA PRO A 267 4.53 -27.45 30.68
C PRO A 267 5.72 -27.89 29.83
N PHE A 268 5.66 -29.09 29.29
CA PHE A 268 6.64 -29.50 28.28
C PHE A 268 6.58 -28.62 27.01
N GLY A 269 7.75 -28.19 26.55
CA GLY A 269 7.88 -27.54 25.26
C GLY A 269 7.10 -26.22 25.14
N TYR A 270 7.37 -25.29 26.05
CA TYR A 270 6.64 -24.03 26.11
C TYR A 270 6.59 -23.31 24.76
N MET A 271 7.75 -23.12 24.08
CA MET A 271 7.72 -22.34 22.84
C MET A 271 6.95 -23.09 21.75
N GLY A 272 7.02 -24.44 21.76
CA GLY A 272 6.21 -25.21 20.84
C GLY A 272 4.73 -24.98 21.05
N MET A 273 4.31 -24.81 22.32
CA MET A 273 2.89 -24.57 22.62
C MET A 273 2.43 -23.22 22.11
N VAL A 274 3.29 -22.19 22.29
CA VAL A 274 3.06 -20.85 21.75
C VAL A 274 2.98 -20.89 20.24
N TRP A 275 3.97 -21.54 19.61
CA TRP A 275 3.96 -21.74 18.15
C TRP A 275 2.66 -22.42 17.69
N ALA A 276 2.24 -23.46 18.42
CA ALA A 276 1.07 -24.23 18.00
C ALA A 276 -0.20 -23.39 18.08
N MET A 277 -0.37 -22.64 19.17
CA MET A 277 -1.57 -21.79 19.31
C MET A 277 -1.59 -20.68 18.26
N MET A 278 -0.44 -20.05 18.00
CA MET A 278 -0.45 -19.05 16.92
C MET A 278 -0.73 -19.67 15.55
N SER A 279 -0.12 -20.83 15.26
CA SER A 279 -0.33 -21.52 13.98
C SER A 279 -1.79 -21.89 13.79
N ILE A 280 -2.42 -22.46 14.82
CA ILE A 280 -3.85 -22.75 14.80
C ILE A 280 -4.66 -21.47 14.56
N GLY A 281 -4.32 -20.38 15.26
CA GLY A 281 -5.06 -19.14 15.08
C GLY A 281 -4.95 -18.60 13.65
N PHE A 282 -3.76 -18.69 13.06
CA PHE A 282 -3.56 -18.23 11.69
C PHE A 282 -4.28 -19.17 10.67
N LEU A 283 -4.04 -20.47 10.75
CA LEU A 283 -4.67 -21.40 9.81
C LEU A 283 -6.19 -21.38 9.93
N GLY A 284 -6.68 -21.02 11.12
CA GLY A 284 -8.11 -20.92 11.36
C GLY A 284 -8.81 -19.88 10.49
N PHE A 285 -8.05 -18.95 9.88
CA PHE A 285 -8.64 -17.90 9.02
C PHE A 285 -8.66 -18.24 7.54
N ILE A 286 -8.10 -19.37 7.12
CA ILE A 286 -7.97 -19.58 5.66
C ILE A 286 -8.66 -20.85 5.21
N VAL A 287 -9.68 -21.29 5.96
CA VAL A 287 -10.23 -22.62 5.73
C VAL A 287 -11.75 -22.63 5.73
N TRP A 288 -12.37 -21.44 5.70
CA TRP A 288 -13.80 -21.34 6.05
C TRP A 288 -14.67 -22.10 5.06
N ALA A 289 -14.24 -22.26 3.80
CA ALA A 289 -15.19 -22.86 2.88
C ALA A 289 -15.30 -24.37 3.08
N HIS A 290 -14.58 -24.98 4.05
CA HIS A 290 -14.92 -26.38 4.30
C HIS A 290 -16.31 -26.53 4.92
N HIS A 291 -17.02 -25.41 5.24
CA HIS A 291 -18.44 -25.45 5.58
C HIS A 291 -19.31 -25.33 4.34
N MET A 292 -18.69 -25.43 3.14
CA MET A 292 -19.49 -25.15 1.96
C MET A 292 -19.17 -26.14 0.84
N PHE A 293 -18.76 -27.36 1.19
CA PHE A 293 -18.34 -28.30 0.16
C PHE A 293 -19.49 -28.77 -0.76
N THR A 294 -20.75 -28.64 -0.39
CA THR A 294 -21.82 -29.07 -1.27
C THR A 294 -22.55 -27.91 -1.94
N VAL A 295 -22.02 -26.68 -1.89
CA VAL A 295 -22.78 -25.53 -2.40
C VAL A 295 -22.58 -25.37 -3.90
N GLY A 296 -21.63 -26.09 -4.48
CA GLY A 296 -21.37 -25.92 -5.88
C GLY A 296 -20.10 -25.17 -6.22
N MET A 297 -18.98 -25.39 -5.49
CA MET A 297 -17.75 -24.67 -5.72
C MET A 297 -16.85 -25.46 -6.69
N ASP A 298 -15.99 -24.74 -7.42
CA ASP A 298 -15.07 -25.39 -8.35
C ASP A 298 -14.20 -26.40 -7.61
N VAL A 299 -13.73 -27.40 -8.35
CA VAL A 299 -13.03 -28.52 -7.73
C VAL A 299 -11.67 -28.09 -7.17
N ASP A 300 -10.93 -27.21 -7.86
CA ASP A 300 -9.65 -26.76 -7.33
C ASP A 300 -9.84 -26.04 -6.01
N THR A 301 -10.90 -25.26 -5.92
CA THR A 301 -11.19 -24.62 -4.65
C THR A 301 -11.45 -25.65 -3.56
N ARG A 302 -12.21 -26.69 -3.88
CA ARG A 302 -12.45 -27.74 -2.90
C ARG A 302 -11.15 -28.44 -2.51
N ALA A 303 -10.30 -28.71 -3.50
CA ALA A 303 -8.99 -29.31 -3.19
C ALA A 303 -8.15 -28.43 -2.22
N TYR A 304 -8.12 -27.10 -2.46
CA TYR A 304 -7.41 -26.17 -1.55
C TYR A 304 -7.99 -26.22 -0.14
N PHE A 305 -9.32 -26.14 -0.02
CA PHE A 305 -9.90 -26.08 1.32
C PHE A 305 -9.77 -27.40 2.03
N THR A 306 -9.80 -28.50 1.29
CA THR A 306 -9.44 -29.78 1.90
C THR A 306 -8.05 -29.75 2.54
N SER A 307 -7.03 -29.37 1.76
CA SER A 307 -5.64 -29.49 2.21
C SER A 307 -5.30 -28.48 3.28
N ALA A 308 -5.76 -27.24 3.13
CA ALA A 308 -5.45 -26.28 4.18
C ALA A 308 -6.15 -26.63 5.49
N THR A 309 -7.36 -27.17 5.44
CA THR A 309 -8.00 -27.61 6.69
C THR A 309 -7.20 -28.72 7.41
N MET A 310 -6.68 -29.69 6.64
CA MET A 310 -5.98 -30.84 7.23
C MET A 310 -4.67 -30.47 7.93
N ILE A 311 -3.94 -29.48 7.40
CA ILE A 311 -2.66 -29.08 7.98
C ILE A 311 -2.78 -28.63 9.45
N ILE A 312 -3.94 -28.10 9.86
CA ILE A 312 -4.13 -27.71 11.25
C ILE A 312 -3.91 -28.88 12.23
N ALA A 313 -4.02 -30.13 11.76
CA ALA A 313 -3.69 -31.26 12.63
C ALA A 313 -2.25 -31.20 13.11
N ILE A 314 -1.34 -30.61 12.34
CA ILE A 314 0.07 -30.68 12.77
C ILE A 314 0.31 -29.86 14.04
N PRO A 315 0.04 -28.53 14.07
CA PRO A 315 0.25 -27.82 15.35
C PRO A 315 -0.62 -28.38 16.45
N THR A 316 -1.84 -28.83 16.11
CA THR A 316 -2.71 -29.35 17.15
C THR A 316 -2.09 -30.61 17.75
N GLY A 317 -1.48 -31.47 16.92
CA GLY A 317 -0.85 -32.66 17.45
C GLY A 317 0.32 -32.38 18.40
N VAL A 318 1.12 -31.35 18.10
CA VAL A 318 2.19 -30.93 19.00
C VAL A 318 1.62 -30.58 20.35
N LYS A 319 0.45 -29.93 20.38
CA LYS A 319 -0.10 -29.64 21.72
C LYS A 319 -0.50 -30.92 22.45
N VAL A 320 -1.16 -31.86 21.74
CA VAL A 320 -1.59 -33.09 22.43
C VAL A 320 -0.38 -33.87 22.94
N PHE A 321 0.63 -34.05 22.09
CA PHE A 321 1.80 -34.78 22.56
C PHE A 321 2.54 -34.05 23.68
N SER A 322 2.52 -32.70 23.66
CA SER A 322 3.21 -31.95 24.72
C SER A 322 2.47 -32.08 26.04
N TRP A 323 1.13 -32.12 26.02
CA TRP A 323 0.41 -32.47 27.24
C TRP A 323 0.80 -33.86 27.77
N LEU A 324 0.89 -34.84 26.86
CA LEU A 324 1.29 -36.20 27.27
C LEU A 324 2.69 -36.16 27.88
N ALA A 325 3.61 -35.38 27.25
CA ALA A 325 4.98 -35.23 27.75
C ALA A 325 5.04 -34.44 29.05
N THR A 326 4.02 -33.63 29.36
CA THR A 326 3.98 -32.97 30.66
C THR A 326 3.60 -33.98 31.75
N LEU A 327 2.67 -34.88 31.44
CA LEU A 327 2.34 -35.98 32.36
C LEU A 327 3.57 -36.87 32.63
N HIS A 328 4.37 -37.08 31.59
CA HIS A 328 5.49 -38.03 31.68
C HIS A 328 6.37 -37.71 32.89
N GLY A 329 6.54 -38.69 33.79
CA GLY A 329 7.38 -38.50 34.97
C GLY A 329 6.77 -37.66 36.07
N GLY A 330 5.52 -37.26 35.93
CA GLY A 330 4.90 -36.44 36.97
C GLY A 330 4.60 -37.23 38.23
N ASN A 331 4.51 -36.51 39.32
CA ASN A 331 3.93 -36.99 40.55
C ASN A 331 2.43 -36.76 40.41
N ILE A 332 1.72 -37.75 39.86
CA ILE A 332 0.35 -37.51 39.37
C ILE A 332 -0.58 -37.34 40.55
N LYS A 333 -1.29 -36.22 40.59
CA LYS A 333 -2.35 -36.06 41.59
C LYS A 333 -3.71 -36.26 40.93
N TRP A 334 -4.43 -37.28 41.36
CA TRP A 334 -5.70 -37.67 40.72
C TRP A 334 -6.87 -36.82 41.19
N SER A 335 -6.72 -35.51 41.05
CA SER A 335 -7.72 -34.56 41.52
C SER A 335 -8.89 -34.58 40.53
N PRO A 336 -10.07 -34.09 40.93
CA PRO A 336 -11.15 -33.96 39.95
C PRO A 336 -10.76 -33.12 38.74
N ALA A 337 -10.01 -32.03 38.94
CA ALA A 337 -9.66 -31.20 37.79
C ALA A 337 -8.77 -31.98 36.81
N MET A 338 -7.86 -32.81 37.32
CA MET A 338 -7.02 -33.62 36.46
C MET A 338 -7.86 -34.62 35.65
N MET A 339 -8.91 -35.17 36.26
CA MET A 339 -9.78 -36.07 35.48
C MET A 339 -10.43 -35.33 34.31
N TRP A 340 -10.93 -34.11 34.53
CA TRP A 340 -11.50 -33.34 33.41
C TRP A 340 -10.45 -33.13 32.30
N ALA A 341 -9.23 -32.88 32.69
CA ALA A 341 -8.20 -32.53 31.70
C ALA A 341 -7.78 -33.77 30.91
N LEU A 342 -7.71 -34.93 31.59
CA LEU A 342 -7.40 -36.20 30.92
C LEU A 342 -8.52 -36.60 29.96
N GLY A 343 -9.77 -36.50 30.44
CA GLY A 343 -10.89 -36.70 29.53
C GLY A 343 -10.81 -35.80 28.31
N PHE A 344 -10.50 -34.52 28.54
CA PHE A 344 -10.31 -33.55 27.46
C PHE A 344 -9.31 -34.08 26.43
N ILE A 345 -8.10 -34.43 26.90
CA ILE A 345 -7.06 -34.77 25.93
C ILE A 345 -7.55 -35.90 25.01
N PHE A 346 -8.19 -36.91 25.58
CA PHE A 346 -8.54 -38.06 24.74
C PHE A 346 -9.72 -37.73 23.86
N LEU A 347 -10.75 -37.11 24.44
CA LEU A 347 -12.02 -36.92 23.72
C LEU A 347 -11.95 -35.73 22.75
N PHE A 348 -11.17 -34.68 23.06
CA PHE A 348 -10.87 -33.67 22.04
C PHE A 348 -10.13 -34.28 20.85
N THR A 349 -9.18 -35.18 21.13
CA THR A 349 -8.46 -35.86 20.04
C THR A 349 -9.42 -36.66 19.14
N VAL A 350 -10.36 -37.40 19.72
CA VAL A 350 -11.36 -38.11 18.88
C VAL A 350 -12.11 -37.11 17.99
N GLY A 351 -12.64 -36.04 18.57
CA GLY A 351 -13.42 -35.12 17.78
C GLY A 351 -12.59 -34.33 16.78
N GLY A 352 -11.32 -34.08 17.11
CA GLY A 352 -10.44 -33.47 16.12
C GLY A 352 -10.23 -34.43 14.95
N LEU A 353 -10.06 -35.71 15.23
CA LEU A 353 -9.87 -36.70 14.15
C LEU A 353 -11.13 -36.82 13.25
N THR A 354 -12.35 -36.81 13.84
CA THR A 354 -13.52 -36.79 12.94
C THR A 354 -13.64 -35.46 12.19
N GLY A 355 -13.03 -34.38 12.72
CA GLY A 355 -12.92 -33.14 11.93
C GLY A 355 -12.06 -33.35 10.70
N ILE A 356 -11.03 -34.16 10.85
CA ILE A 356 -10.14 -34.43 9.74
C ILE A 356 -10.82 -35.31 8.71
N VAL A 357 -11.64 -36.25 9.17
CA VAL A 357 -12.46 -36.99 8.19
C VAL A 357 -13.30 -36.01 7.38
N LEU A 358 -13.93 -35.05 8.05
CA LEU A 358 -14.83 -34.09 7.39
C LEU A 358 -14.10 -33.11 6.48
N ALA A 359 -12.79 -32.91 6.68
CA ALA A 359 -12.03 -32.00 5.83
C ALA A 359 -11.92 -32.53 4.41
N ASN A 360 -12.12 -33.84 4.20
CA ASN A 360 -12.02 -34.36 2.83
C ASN A 360 -13.30 -34.06 2.06
N SER A 361 -13.23 -33.12 1.12
CA SER A 361 -14.49 -32.68 0.48
C SER A 361 -15.20 -33.86 -0.17
N SER A 362 -14.44 -34.78 -0.73
CA SER A 362 -15.09 -35.90 -1.42
C SER A 362 -16.00 -36.64 -0.46
N LEU A 363 -15.46 -37.07 0.70
CA LEU A 363 -16.26 -37.76 1.72
C LEU A 363 -17.30 -36.85 2.35
N ASP A 364 -16.99 -35.58 2.49
CA ASP A 364 -17.93 -34.65 3.10
C ASP A 364 -19.21 -34.47 2.28
N ILE A 365 -19.19 -34.73 0.96
CA ILE A 365 -20.44 -34.76 0.18
C ILE A 365 -21.47 -35.57 0.92
N VAL A 366 -21.07 -36.76 1.36
CA VAL A 366 -22.02 -37.69 1.93
C VAL A 366 -22.24 -37.38 3.42
N LEU A 367 -21.25 -36.81 4.10
CA LEU A 367 -21.35 -36.60 5.56
C LEU A 367 -21.95 -35.23 5.90
N HIS A 368 -21.92 -34.29 4.95
CA HIS A 368 -22.31 -32.92 5.24
C HIS A 368 -23.82 -32.87 5.53
N ASP A 369 -24.25 -32.01 6.47
CA ASP A 369 -25.66 -31.90 6.88
C ASP A 369 -26.23 -33.26 7.35
N THR A 370 -25.39 -34.07 7.98
CA THR A 370 -25.79 -35.29 8.66
C THR A 370 -25.29 -35.22 10.10
N TYR A 371 -25.78 -36.13 10.90
CA TYR A 371 -25.32 -36.19 12.29
C TYR A 371 -23.85 -36.53 12.46
N TYR A 372 -23.12 -36.93 11.41
CA TYR A 372 -21.68 -37.15 11.63
C TYR A 372 -21.03 -35.86 11.99
N VAL A 373 -21.58 -34.74 11.46
CA VAL A 373 -21.04 -33.43 11.78
C VAL A 373 -21.37 -33.09 13.22
N VAL A 374 -22.63 -33.41 13.63
CA VAL A 374 -23.12 -33.15 14.99
C VAL A 374 -22.28 -33.91 15.99
N ALA A 375 -21.91 -35.14 15.65
CA ALA A 375 -21.02 -35.90 16.53
C ALA A 375 -19.64 -35.25 16.63
N HIS A 376 -19.01 -34.93 15.49
CA HIS A 376 -17.74 -34.24 15.52
C HIS A 376 -17.79 -33.07 16.48
N PHE A 377 -18.75 -32.15 16.26
CA PHE A 377 -18.58 -30.91 16.98
C PHE A 377 -19.03 -31.04 18.44
N HIS A 378 -19.79 -32.08 18.82
CA HIS A 378 -20.02 -32.20 20.25
C HIS A 378 -18.88 -32.92 20.96
N TYR A 379 -18.08 -33.72 20.26
CA TYR A 379 -16.88 -34.23 20.90
C TYR A 379 -15.97 -33.08 21.25
N VAL A 380 -15.79 -32.12 20.33
CA VAL A 380 -14.90 -31.00 20.70
C VAL A 380 -15.58 -29.91 21.55
N LEU A 381 -16.91 -29.83 21.58
CA LEU A 381 -17.57 -28.81 22.43
C LEU A 381 -18.10 -29.39 23.74
N SER A 382 -18.92 -30.46 23.69
CA SER A 382 -19.35 -31.04 24.97
C SER A 382 -18.24 -31.80 25.68
N MET A 383 -17.27 -32.35 24.96
CA MET A 383 -16.21 -33.10 25.64
C MET A 383 -14.85 -32.40 25.55
N GLY A 384 -14.85 -31.14 25.14
CA GLY A 384 -13.65 -30.39 24.80
C GLY A 384 -13.80 -29.08 25.54
N ALA A 385 -14.43 -28.08 24.92
CA ALA A 385 -14.59 -26.79 25.59
C ALA A 385 -15.22 -26.97 26.99
N VAL A 386 -16.25 -27.80 27.11
CA VAL A 386 -16.94 -27.98 28.37
C VAL A 386 -16.03 -28.70 29.39
N PHE A 387 -15.27 -29.69 28.95
CA PHE A 387 -14.37 -30.35 29.90
C PHE A 387 -13.31 -29.39 30.41
N ALA A 388 -12.75 -28.57 29.52
CA ALA A 388 -11.78 -27.55 30.00
C ALA A 388 -12.43 -26.56 30.97
N ILE A 389 -13.68 -26.14 30.68
CA ILE A 389 -14.43 -25.30 31.65
C ILE A 389 -14.60 -26.01 33.01
N MET A 390 -15.05 -27.25 33.00
CA MET A 390 -15.30 -27.92 34.27
C MET A 390 -13.97 -28.12 35.00
N GLY A 391 -12.93 -28.57 34.29
CA GLY A 391 -11.60 -28.70 34.91
C GLY A 391 -11.11 -27.39 35.51
N GLY A 392 -11.19 -26.30 34.74
CA GLY A 392 -10.82 -24.97 35.24
C GLY A 392 -11.67 -24.52 36.42
N PHE A 393 -12.96 -24.81 36.37
CA PHE A 393 -13.83 -24.35 37.45
C PHE A 393 -13.49 -25.05 38.76
N VAL A 394 -13.33 -26.38 38.72
CA VAL A 394 -13.00 -27.10 39.94
C VAL A 394 -11.61 -26.68 40.43
N HIS A 395 -10.66 -26.50 39.53
CA HIS A 395 -9.30 -26.17 40.00
C HIS A 395 -9.25 -24.80 40.70
N TRP A 396 -9.87 -23.77 40.07
CA TRP A 396 -9.74 -22.38 40.57
C TRP A 396 -10.90 -21.96 41.49
N PHE A 397 -11.97 -22.74 41.60
CA PHE A 397 -13.03 -22.42 42.57
C PHE A 397 -12.48 -22.02 43.95
N PRO A 398 -11.45 -22.69 44.51
CA PRO A 398 -10.92 -22.25 45.82
C PRO A 398 -10.20 -20.91 45.79
N LEU A 399 -9.51 -20.59 44.70
CA LEU A 399 -8.96 -19.25 44.54
C LEU A 399 -10.05 -18.18 44.50
N PHE A 400 -11.10 -18.41 43.73
CA PHE A 400 -12.07 -17.33 43.52
C PHE A 400 -12.90 -17.11 44.81
N SER A 401 -13.16 -18.19 45.55
CA SER A 401 -14.15 -18.16 46.65
C SER A 401 -13.52 -18.22 48.04
N GLY A 402 -12.33 -18.80 48.17
CA GLY A 402 -11.76 -19.07 49.47
C GLY A 402 -12.19 -20.39 50.11
N TYR A 403 -13.09 -21.18 49.46
CA TYR A 403 -13.69 -22.42 49.98
C TYR A 403 -13.33 -23.60 49.10
N THR A 404 -13.33 -24.80 49.70
CA THR A 404 -13.03 -26.01 48.93
C THR A 404 -14.33 -26.72 48.56
N LEU A 405 -14.30 -27.32 47.39
CA LEU A 405 -15.34 -28.26 47.02
C LEU A 405 -15.10 -29.55 47.79
N ASN A 406 -16.12 -30.41 47.87
CA ASN A 406 -15.90 -31.79 48.27
C ASN A 406 -15.35 -32.56 47.06
N ASP A 407 -14.13 -33.07 47.16
CA ASP A 407 -13.49 -33.73 46.02
C ASP A 407 -14.21 -35.00 45.61
N THR A 408 -14.77 -35.73 46.58
CA THR A 408 -15.46 -36.99 46.23
C THR A 408 -16.71 -36.71 45.41
N TRP A 409 -17.50 -35.71 45.79
CA TRP A 409 -18.66 -35.34 44.97
C TRP A 409 -18.22 -34.89 43.57
N ALA A 410 -17.10 -34.18 43.49
CA ALA A 410 -16.67 -33.66 42.18
C ALA A 410 -16.20 -34.82 41.28
N LYS A 411 -15.60 -35.87 41.87
CA LYS A 411 -15.26 -37.05 41.07
C LYS A 411 -16.51 -37.80 40.62
N ILE A 412 -17.51 -37.89 41.50
CA ILE A 412 -18.81 -38.48 41.13
C ILE A 412 -19.42 -37.71 39.96
N HIS A 413 -19.40 -36.39 40.07
CA HIS A 413 -19.89 -35.52 39.01
C HIS A 413 -19.19 -35.79 37.68
N PHE A 414 -17.85 -35.82 37.69
CA PHE A 414 -17.12 -36.15 36.47
C PHE A 414 -17.59 -37.49 35.87
N ALA A 415 -17.67 -38.54 36.69
CA ALA A 415 -17.97 -39.87 36.16
C ALA A 415 -19.33 -39.88 35.51
N ILE A 416 -20.33 -39.24 36.14
CA ILE A 416 -21.68 -39.22 35.55
C ILE A 416 -21.66 -38.51 34.22
N MET A 417 -21.03 -37.32 34.19
CA MET A 417 -21.04 -36.54 32.96
C MET A 417 -20.32 -37.29 31.84
N PHE A 418 -19.21 -37.94 32.19
CA PHE A 418 -18.40 -38.67 31.21
C PHE A 418 -19.24 -39.79 30.58
N VAL A 419 -20.01 -40.51 31.40
CA VAL A 419 -20.89 -41.53 30.84
C VAL A 419 -21.98 -40.88 29.97
N GLY A 420 -22.57 -39.80 30.47
CA GLY A 420 -23.68 -39.21 29.73
C GLY A 420 -23.25 -38.64 28.38
N VAL A 421 -22.15 -37.88 28.33
CA VAL A 421 -21.83 -37.25 27.03
C VAL A 421 -21.42 -38.31 26.01
N ASN A 422 -20.68 -39.33 26.43
CA ASN A 422 -20.30 -40.34 25.43
C ASN A 422 -21.54 -41.15 24.95
N MET A 423 -22.44 -41.47 25.85
CA MET A 423 -23.65 -42.17 25.46
C MET A 423 -24.47 -41.32 24.53
N THR A 424 -24.48 -40.01 24.78
CA THR A 424 -25.24 -39.11 23.92
C THR A 424 -24.70 -39.12 22.49
N PHE A 425 -23.37 -38.94 22.35
CA PHE A 425 -22.86 -38.52 21.04
C PHE A 425 -22.20 -39.63 20.27
N PHE A 426 -21.67 -40.67 20.95
CA PHE A 426 -20.95 -41.68 20.19
C PHE A 426 -21.85 -42.31 19.14
N PRO A 427 -23.10 -42.68 19.46
CA PRO A 427 -23.96 -43.31 18.43
C PRO A 427 -24.31 -42.38 17.29
N GLN A 428 -24.17 -41.08 17.47
CA GLN A 428 -24.50 -40.17 16.36
C GLN A 428 -23.55 -40.32 15.18
N HIS A 429 -22.34 -40.88 15.39
CA HIS A 429 -21.48 -41.22 14.24
C HIS A 429 -22.22 -42.20 13.29
N PHE A 430 -22.86 -43.21 13.86
CA PHE A 430 -23.55 -44.24 13.07
C PHE A 430 -24.74 -43.64 12.34
N LEU A 431 -25.53 -42.80 13.07
CA LEU A 431 -26.64 -42.07 12.46
C LEU A 431 -26.15 -41.22 11.31
N GLY A 432 -24.98 -40.57 11.48
CA GLY A 432 -24.36 -39.77 10.42
C GLY A 432 -24.01 -40.63 9.20
N LEU A 433 -23.17 -41.66 9.42
CA LEU A 433 -22.70 -42.46 8.28
C LEU A 433 -23.88 -43.08 7.50
N SER A 434 -24.90 -43.54 8.21
CA SER A 434 -26.08 -44.14 7.61
C SER A 434 -27.07 -43.10 7.08
N GLY A 435 -26.81 -41.78 7.18
CA GLY A 435 -27.58 -40.82 6.39
C GLY A 435 -28.61 -39.93 7.11
N MET A 436 -28.66 -39.94 8.43
CA MET A 436 -29.71 -39.13 9.10
C MET A 436 -29.36 -37.65 8.98
N PRO A 437 -30.23 -36.81 8.43
CA PRO A 437 -29.89 -35.41 8.22
C PRO A 437 -29.92 -34.61 9.52
N ARG A 438 -29.27 -33.43 9.45
CA ARG A 438 -29.34 -32.41 10.49
C ARG A 438 -30.68 -31.69 10.48
N ARG A 439 -31.12 -31.31 11.69
CA ARG A 439 -32.17 -30.35 11.87
C ARG A 439 -33.54 -30.95 11.55
N TYR A 440 -33.65 -32.25 11.83
CA TYR A 440 -34.85 -33.05 11.68
C TYR A 440 -35.57 -33.27 13.00
N SER A 441 -36.88 -33.00 13.00
CA SER A 441 -37.65 -33.27 14.22
C SER A 441 -38.09 -34.73 14.30
N ASP A 442 -37.85 -35.52 13.23
CA ASP A 442 -38.28 -36.91 13.15
C ASP A 442 -37.48 -37.58 12.03
N TYR A 443 -37.39 -38.90 12.11
CA TYR A 443 -36.48 -39.65 11.28
C TYR A 443 -37.13 -40.94 10.82
N PRO A 444 -36.74 -41.43 9.65
CA PRO A 444 -37.18 -42.78 9.23
C PRO A 444 -36.92 -43.81 10.31
N ASP A 445 -37.76 -44.86 10.30
CA ASP A 445 -37.83 -45.78 11.41
C ASP A 445 -36.48 -46.41 11.70
N ALA A 446 -35.69 -46.71 10.66
CA ALA A 446 -34.45 -47.42 10.83
C ALA A 446 -33.50 -46.73 11.81
N TYR A 447 -33.61 -45.41 11.95
CA TYR A 447 -32.71 -44.68 12.83
C TYR A 447 -33.13 -44.72 14.30
N THR A 448 -34.11 -45.54 14.66
CA THR A 448 -34.69 -45.45 16.00
C THR A 448 -33.71 -45.85 17.08
N MET A 449 -32.98 -46.97 16.92
CA MET A 449 -32.20 -47.45 18.08
C MET A 449 -31.14 -46.42 18.50
N TRP A 450 -30.34 -45.88 17.55
CA TRP A 450 -29.31 -44.92 18.00
C TRP A 450 -29.90 -43.61 18.50
N ASN A 451 -31.04 -43.18 17.97
CA ASN A 451 -31.65 -41.96 18.56
C ASN A 451 -32.13 -42.19 20.00
N THR A 452 -32.70 -43.37 20.26
CA THR A 452 -33.15 -43.72 21.60
C THR A 452 -31.99 -43.73 22.61
N ILE A 453 -30.89 -44.41 22.27
CA ILE A 453 -29.73 -44.41 23.17
C ILE A 453 -29.20 -42.99 23.38
N SER A 454 -29.16 -42.18 22.28
CA SER A 454 -28.58 -40.84 22.35
C SER A 454 -29.38 -39.97 23.30
N SER A 455 -30.71 -40.06 23.21
CA SER A 455 -31.55 -39.31 24.17
C SER A 455 -31.40 -39.81 25.62
N MET A 456 -31.29 -41.13 25.83
CA MET A 456 -31.02 -41.59 27.21
C MET A 456 -29.71 -40.99 27.75
N GLY A 457 -28.69 -40.87 26.88
CA GLY A 457 -27.43 -40.25 27.28
C GLY A 457 -27.63 -38.80 27.71
N SER A 458 -28.45 -38.06 26.96
CA SER A 458 -28.68 -36.66 27.30
C SER A 458 -29.35 -36.53 28.68
N PHE A 459 -30.17 -37.51 29.08
CA PHE A 459 -30.74 -37.46 30.42
C PHE A 459 -29.70 -37.74 31.50
N ILE A 460 -28.70 -38.57 31.21
CA ILE A 460 -27.63 -38.78 32.19
C ILE A 460 -26.83 -37.48 32.38
N SER A 461 -26.56 -36.76 31.28
CA SER A 461 -25.88 -35.45 31.39
C SER A 461 -26.73 -34.48 32.20
N LEU A 462 -28.05 -34.51 32.01
CA LEU A 462 -28.93 -33.70 32.85
C LEU A 462 -28.68 -33.99 34.34
N THR A 463 -28.70 -35.26 34.75
CA THR A 463 -28.44 -35.57 36.15
C THR A 463 -27.09 -34.99 36.63
N ALA A 464 -26.03 -35.04 35.79
CA ALA A 464 -24.75 -34.43 36.18
C ALA A 464 -24.86 -32.93 36.37
N VAL A 465 -25.58 -32.26 35.47
CA VAL A 465 -25.75 -30.81 35.59
C VAL A 465 -26.48 -30.48 36.90
N MET A 466 -27.54 -31.22 37.23
CA MET A 466 -28.23 -30.93 38.50
C MET A 466 -27.29 -31.17 39.69
N LEU A 467 -26.58 -32.25 39.67
CA LEU A 467 -25.66 -32.56 40.75
C LEU A 467 -24.61 -31.44 40.91
N MET A 468 -24.20 -30.83 39.80
CA MET A 468 -23.21 -29.76 39.85
C MET A 468 -23.69 -28.59 40.69
N VAL A 469 -24.95 -28.22 40.51
CA VAL A 469 -25.52 -27.13 41.29
C VAL A 469 -25.47 -27.48 42.78
N PHE A 470 -25.83 -28.72 43.13
CA PHE A 470 -25.77 -29.13 44.53
C PHE A 470 -24.35 -29.04 45.07
N ILE A 471 -23.37 -29.40 44.25
CA ILE A 471 -21.99 -29.46 44.73
C ILE A 471 -21.47 -28.06 45.05
N ILE A 472 -21.87 -27.07 44.26
CA ILE A 472 -21.50 -25.70 44.51
C ILE A 472 -22.19 -25.22 45.75
N TRP A 473 -23.46 -25.60 45.91
CA TRP A 473 -24.17 -25.22 47.13
C TRP A 473 -23.51 -25.84 48.36
N GLU A 474 -23.11 -27.13 48.29
CA GLU A 474 -22.49 -27.75 49.46
C GLU A 474 -21.20 -27.05 49.86
N ALA A 475 -20.45 -26.58 48.88
CA ALA A 475 -19.21 -25.88 49.19
C ALA A 475 -19.49 -24.60 49.97
N PHE A 476 -20.42 -23.78 49.45
CA PHE A 476 -20.70 -22.52 50.12
C PHE A 476 -21.42 -22.76 51.44
N ALA A 477 -22.16 -23.86 51.53
CA ALA A 477 -22.89 -24.17 52.77
C ALA A 477 -21.96 -24.65 53.88
N SER A 478 -20.88 -25.38 53.58
CA SER A 478 -20.01 -25.91 54.63
C SER A 478 -18.86 -24.95 55.02
N LYS A 479 -18.39 -24.10 54.09
CA LYS A 479 -17.41 -23.07 54.40
C LYS A 479 -16.10 -23.66 54.97
N ARG A 480 -15.51 -24.57 54.22
CA ARG A 480 -14.14 -25.08 54.43
C ARG A 480 -13.12 -24.11 53.83
N GLU A 481 -12.46 -23.34 54.69
CA GLU A 481 -11.65 -22.23 54.17
C GLU A 481 -10.25 -22.72 53.79
N VAL A 482 -9.78 -22.30 52.62
CA VAL A 482 -8.49 -22.75 52.12
C VAL A 482 -7.38 -22.38 53.08
N LEU A 483 -6.35 -23.23 53.20
CA LEU A 483 -5.18 -22.87 54.01
C LEU A 483 -3.94 -22.75 53.12
N THR A 484 -3.41 -23.86 52.61
CA THR A 484 -2.16 -23.85 51.83
C THR A 484 -2.40 -24.43 50.43
N VAL A 485 -1.77 -23.82 49.44
CA VAL A 485 -1.79 -24.32 48.07
C VAL A 485 -0.38 -24.67 47.66
N ASP A 486 -0.18 -25.81 47.00
CA ASP A 486 1.15 -26.18 46.54
C ASP A 486 1.53 -25.43 45.25
N LEU A 487 2.83 -25.39 44.97
CA LEU A 487 3.39 -24.95 43.69
C LEU A 487 3.09 -23.48 43.42
N THR A 488 2.98 -22.64 44.48
CA THR A 488 2.74 -21.23 44.18
C THR A 488 3.92 -20.61 43.42
N THR A 489 5.14 -21.13 43.58
CA THR A 489 6.25 -20.52 42.83
C THR A 489 6.05 -20.53 41.32
N THR A 490 5.19 -21.38 40.78
CA THR A 490 4.97 -21.40 39.33
C THR A 490 3.52 -21.20 39.00
N ASN A 491 2.77 -20.60 39.93
CA ASN A 491 1.31 -20.37 39.69
C ASN A 491 0.96 -19.10 40.48
N LEU A 492 1.48 -17.97 39.97
CA LEU A 492 1.36 -16.65 40.62
C LEU A 492 -0.06 -16.27 41.04
N GLU A 493 -1.09 -16.76 40.32
CA GLU A 493 -2.46 -16.32 40.63
C GLU A 493 -2.88 -16.77 42.04
N TRP A 494 -2.21 -17.78 42.62
CA TRP A 494 -2.53 -18.20 43.97
C TRP A 494 -1.76 -17.41 45.03
N LEU A 495 -0.83 -16.54 44.64
CA LEU A 495 0.15 -16.09 45.63
C LEU A 495 -0.37 -14.99 46.53
N ASN A 496 -1.51 -14.40 46.21
CA ASN A 496 -2.13 -13.41 47.08
C ASN A 496 -3.21 -13.99 47.99
N GLY A 497 -3.24 -15.31 48.16
CA GLY A 497 -4.22 -15.94 49.05
C GLY A 497 -5.56 -16.19 48.35
N CYS A 498 -6.49 -16.79 49.12
CA CYS A 498 -7.80 -17.25 48.63
C CYS A 498 -8.94 -16.72 49.48
N PRO A 499 -9.82 -15.85 48.95
CA PRO A 499 -9.69 -15.16 47.66
C PRO A 499 -8.66 -14.05 47.82
N PRO A 500 -8.07 -13.57 46.72
CA PRO A 500 -7.10 -12.43 46.82
C PRO A 500 -7.83 -11.18 47.26
N PRO A 501 -7.13 -10.21 47.83
CA PRO A 501 -7.78 -8.95 48.16
C PRO A 501 -8.40 -8.30 46.93
N TYR A 502 -9.37 -7.42 47.17
CA TYR A 502 -10.01 -6.63 46.12
C TYR A 502 -8.97 -5.98 45.22
N HIS A 503 -7.99 -5.34 45.84
CA HIS A 503 -6.85 -4.76 45.12
C HIS A 503 -5.65 -5.69 45.25
N THR A 504 -5.13 -6.15 44.14
CA THR A 504 -3.87 -6.86 44.24
C THR A 504 -2.82 -6.14 43.42
N PHE A 505 -1.57 -6.47 43.71
CA PHE A 505 -0.40 -5.87 43.03
C PHE A 505 -0.48 -4.35 43.04
N GLU A 506 -1.00 -3.79 44.13
CA GLU A 506 -0.87 -2.34 44.31
C GLU A 506 0.60 -1.92 44.32
N GLU A 507 1.43 -2.71 44.97
CA GLU A 507 2.85 -2.66 44.76
C GLU A 507 3.20 -3.75 43.75
N PRO A 508 3.82 -3.42 42.63
CA PRO A 508 4.04 -4.42 41.59
C PRO A 508 5.12 -5.39 42.03
N THR A 509 5.10 -6.57 41.40
CA THR A 509 6.16 -7.55 41.62
C THR A 509 7.51 -6.94 41.25
N TYR A 510 8.56 -7.48 41.86
CA TYR A 510 9.94 -7.15 41.53
C TYR A 510 10.50 -8.24 40.64
N VAL A 511 11.02 -7.88 39.45
CA VAL A 511 11.61 -8.87 38.54
C VAL A 511 12.79 -8.21 37.84
N ASN A 512 14.00 -8.73 38.01
CA ASN A 512 15.11 -7.98 37.43
C ASN A 512 15.55 -8.62 36.13
N LEU A 513 16.39 -7.88 35.42
CA LEU A 513 16.75 -8.26 34.06
C LEU A 513 18.04 -9.05 33.94
N LYS A 514 18.98 -8.86 34.86
CA LYS A 514 20.14 -9.75 34.93
C LYS A 514 21.11 -9.58 33.78
N FME B 1 -31.59 -47.61 1.21
CN FME B 1 -31.73 -47.22 -0.07
O1 FME B 1 -32.01 -46.08 -0.36
CA FME B 1 -32.08 -46.90 2.37
CB FME B 1 -33.57 -47.15 2.62
CG FME B 1 -33.79 -48.70 2.42
SD FME B 1 -35.34 -49.03 3.10
CE FME B 1 -35.36 -47.97 4.51
C FME B 1 -31.28 -47.44 3.51
O FME B 1 -30.64 -48.48 3.31
N ALA B 2 -31.33 -46.77 4.66
CA ALA B 2 -30.67 -47.24 5.90
C ALA B 2 -31.52 -48.34 6.55
N TYR B 3 -30.89 -49.27 7.26
CA TYR B 3 -31.59 -50.38 7.89
C TYR B 3 -31.34 -50.32 9.39
N PRO B 4 -32.17 -50.98 10.21
CA PRO B 4 -32.04 -50.78 11.67
C PRO B 4 -30.68 -51.19 12.20
N MET B 5 -30.21 -50.43 13.20
CA MET B 5 -28.93 -50.65 13.87
C MET B 5 -27.75 -50.54 12.93
N GLN B 6 -27.90 -49.77 11.87
CA GLN B 6 -26.80 -49.66 10.91
C GLN B 6 -25.69 -48.83 11.52
N LEU B 7 -24.45 -49.29 11.33
CA LEU B 7 -23.22 -48.65 11.83
C LEU B 7 -22.54 -47.77 10.80
N GLY B 8 -22.52 -48.21 9.54
CA GLY B 8 -21.71 -47.58 8.55
C GLY B 8 -22.52 -46.97 7.42
N PHE B 9 -21.84 -46.73 6.32
CA PHE B 9 -22.48 -46.22 5.10
C PHE B 9 -23.49 -47.23 4.50
N GLN B 10 -24.51 -46.68 3.86
CA GLN B 10 -25.37 -47.50 3.01
C GLN B 10 -24.54 -48.15 1.91
N ASP B 11 -24.90 -49.38 1.52
CA ASP B 11 -24.14 -50.03 0.45
C ASP B 11 -24.08 -49.14 -0.78
N ALA B 12 -22.92 -49.15 -1.44
CA ALA B 12 -22.68 -48.36 -2.60
C ALA B 12 -23.50 -48.84 -3.81
N THR B 13 -24.13 -47.89 -4.49
CA THR B 13 -24.88 -48.20 -5.70
C THR B 13 -24.18 -47.70 -6.96
N SER B 14 -23.18 -46.83 -6.81
CA SER B 14 -22.38 -46.26 -7.91
C SER B 14 -20.90 -46.49 -7.66
N PRO B 15 -20.09 -46.55 -8.73
CA PRO B 15 -18.63 -46.69 -8.56
C PRO B 15 -18.01 -45.61 -7.69
N ILE B 16 -18.50 -44.38 -7.82
CA ILE B 16 -17.95 -43.32 -6.99
C ILE B 16 -18.25 -43.57 -5.52
N MET B 17 -19.48 -44.03 -5.20
CA MET B 17 -19.74 -44.31 -3.79
C MET B 17 -18.89 -45.49 -3.32
N GLU B 18 -18.64 -46.43 -4.21
CA GLU B 18 -17.73 -47.51 -3.83
C GLU B 18 -16.33 -46.97 -3.52
N GLU B 19 -15.78 -46.08 -4.36
CA GLU B 19 -14.50 -45.43 -4.02
C GLU B 19 -14.52 -44.77 -2.64
N LEU B 20 -15.59 -44.06 -2.30
CA LEU B 20 -15.66 -43.36 -0.99
C LEU B 20 -15.63 -44.35 0.17
N LEU B 21 -16.30 -45.49 0.02
CA LEU B 21 -16.26 -46.54 1.03
C LEU B 21 -14.81 -46.95 1.31
N HIS B 22 -14.02 -47.20 0.26
CA HIS B 22 -12.67 -47.72 0.50
C HIS B 22 -11.79 -46.63 1.08
N PHE B 23 -12.02 -45.40 0.64
CA PHE B 23 -11.27 -44.28 1.20
C PHE B 23 -11.67 -44.03 2.66
N HIS B 24 -12.96 -44.16 3.00
CA HIS B 24 -13.34 -44.06 4.41
C HIS B 24 -12.74 -45.18 5.26
N ASP B 25 -12.73 -46.43 4.75
CA ASP B 25 -12.06 -47.50 5.49
C ASP B 25 -10.60 -47.14 5.76
N HIS B 26 -9.95 -46.58 4.75
CA HIS B 26 -8.54 -46.21 4.90
C HIS B 26 -8.38 -45.11 5.93
N THR B 27 -9.26 -44.11 5.91
CA THR B 27 -9.14 -43.01 6.86
C THR B 27 -9.55 -43.45 8.26
N LEU B 28 -10.61 -44.29 8.37
CA LEU B 28 -11.02 -44.74 9.70
C LEU B 28 -9.94 -45.57 10.37
N MET B 29 -9.19 -46.36 9.61
CA MET B 29 -8.12 -47.11 10.28
C MET B 29 -7.12 -46.16 10.92
N ILE B 30 -6.81 -45.08 10.24
CA ILE B 30 -5.88 -44.08 10.79
C ILE B 30 -6.49 -43.39 12.00
N VAL B 31 -7.80 -43.09 11.95
CA VAL B 31 -8.46 -42.49 13.11
C VAL B 31 -8.41 -43.41 14.31
N PHE B 32 -8.69 -44.71 14.11
CA PHE B 32 -8.63 -45.68 15.21
C PHE B 32 -7.23 -45.75 15.80
N LEU B 33 -6.24 -45.84 14.93
CA LEU B 33 -4.86 -46.06 15.36
C LEU B 33 -4.37 -44.87 16.17
N ILE B 34 -4.62 -43.65 15.70
CA ILE B 34 -4.14 -42.46 16.41
C ILE B 34 -4.88 -42.32 17.73
N SER B 35 -6.21 -42.54 17.73
CA SER B 35 -7.03 -42.44 18.95
C SER B 35 -6.56 -43.45 19.99
N SER B 36 -6.35 -44.69 19.54
CA SER B 36 -5.89 -45.76 20.41
C SER B 36 -4.53 -45.44 21.01
N LEU B 37 -3.59 -45.03 20.16
CA LEU B 37 -2.25 -44.62 20.58
C LEU B 37 -2.30 -43.51 21.65
N VAL B 38 -3.16 -42.51 21.46
CA VAL B 38 -3.29 -41.47 22.47
C VAL B 38 -3.83 -42.02 23.76
N LEU B 39 -4.84 -42.87 23.67
CA LEU B 39 -5.41 -43.47 24.87
C LEU B 39 -4.38 -44.32 25.59
N TYR B 40 -3.63 -45.12 24.82
CA TYR B 40 -2.63 -45.99 25.43
C TYR B 40 -1.55 -45.16 26.11
N ILE B 41 -0.98 -44.18 25.40
CA ILE B 41 0.10 -43.36 25.98
C ILE B 41 -0.38 -42.62 27.21
N ILE B 42 -1.58 -42.06 27.17
CA ILE B 42 -2.15 -41.51 28.39
C ILE B 42 -2.07 -42.53 29.52
N SER B 43 -2.55 -43.77 29.27
CA SER B 43 -2.57 -44.73 30.38
C SER B 43 -1.14 -45.06 30.82
N LEU B 44 -0.20 -45.13 29.88
CA LEU B 44 1.18 -45.35 30.22
C LEU B 44 1.73 -44.25 31.14
N MET B 45 1.46 -42.99 30.78
CA MET B 45 1.99 -41.87 31.57
C MET B 45 1.45 -41.92 32.98
N LEU B 46 0.30 -42.58 33.21
CA LEU B 46 -0.41 -42.48 34.49
C LEU B 46 -0.24 -43.70 35.37
N THR B 47 0.60 -44.64 34.97
CA THR B 47 0.62 -45.92 35.69
C THR B 47 1.99 -46.20 36.29
N THR B 48 2.77 -45.17 36.63
CA THR B 48 4.05 -45.46 37.30
C THR B 48 4.30 -44.50 38.46
N LYS B 49 4.89 -45.04 39.52
CA LYS B 49 5.31 -44.19 40.63
C LYS B 49 6.66 -43.55 40.40
N LEU B 50 7.33 -43.94 39.32
CA LEU B 50 8.61 -43.33 38.98
C LEU B 50 8.37 -41.89 38.54
N THR B 51 9.29 -41.00 38.92
CA THR B 51 9.10 -39.59 38.62
C THR B 51 10.34 -39.02 37.98
N HIS B 52 10.11 -37.91 37.30
CA HIS B 52 11.16 -37.16 36.61
C HIS B 52 10.54 -35.80 36.30
N THR B 53 10.79 -34.82 37.16
CA THR B 53 10.08 -33.54 37.16
C THR B 53 10.99 -32.36 36.85
N SER B 54 12.28 -32.59 36.63
CA SER B 54 13.16 -31.53 36.20
C SER B 54 12.85 -31.17 34.74
N THR B 55 13.45 -30.08 34.28
CA THR B 55 13.18 -29.54 32.94
C THR B 55 13.52 -30.53 31.83
N MET B 56 12.64 -30.68 30.84
CA MET B 56 12.82 -31.66 29.76
C MET B 56 13.10 -30.95 28.44
N ASP B 57 14.15 -31.39 27.73
CA ASP B 57 14.44 -30.88 26.41
C ASP B 57 13.43 -31.38 25.37
N ALA B 58 12.91 -30.47 24.54
CA ALA B 58 11.78 -30.77 23.64
C ALA B 58 12.13 -30.92 22.16
N GLN B 59 13.16 -30.24 21.64
CA GLN B 59 13.24 -30.04 20.19
C GLN B 59 13.48 -31.33 19.43
N GLU B 60 14.17 -32.29 20.06
CA GLU B 60 14.36 -33.60 19.47
C GLU B 60 13.03 -34.27 19.13
N VAL B 61 12.19 -34.48 20.16
CA VAL B 61 10.95 -35.22 19.96
C VAL B 61 9.94 -34.44 19.12
N GLU B 62 10.01 -33.10 19.13
CA GLU B 62 9.07 -32.34 18.31
C GLU B 62 9.27 -32.54 16.81
N THR B 63 10.48 -32.93 16.38
CA THR B 63 10.66 -33.33 14.98
C THR B 63 9.77 -34.52 14.65
N ILE B 64 9.81 -35.56 15.49
CA ILE B 64 9.01 -36.75 15.30
C ILE B 64 7.54 -36.37 15.17
N TRP B 65 7.07 -35.59 16.12
CA TRP B 65 5.62 -35.49 16.21
C TRP B 65 5.06 -34.34 15.36
N THR B 66 5.87 -33.78 14.48
CA THR B 66 5.50 -32.92 13.34
C THR B 66 5.64 -33.65 12.02
N ILE B 67 6.76 -34.37 11.84
CA ILE B 67 7.01 -35.14 10.61
C ILE B 67 6.01 -36.31 10.46
N LEU B 68 5.87 -37.17 11.49
CA LEU B 68 4.96 -38.29 11.29
C LEU B 68 3.52 -37.86 11.01
N PRO B 69 2.96 -36.87 11.72
CA PRO B 69 1.63 -36.38 11.31
C PRO B 69 1.57 -35.83 9.92
N ALA B 70 2.61 -35.11 9.46
CA ALA B 70 2.61 -34.61 8.09
C ALA B 70 2.53 -35.73 7.05
N ILE B 71 3.35 -36.77 7.23
CA ILE B 71 3.28 -37.95 6.37
C ILE B 71 1.87 -38.57 6.39
N ILE B 72 1.35 -38.83 7.58
CA ILE B 72 -0.02 -39.37 7.69
C ILE B 72 -1.02 -38.49 6.94
N LEU B 73 -0.91 -37.16 7.09
CA LEU B 73 -1.84 -36.29 6.33
C LEU B 73 -1.68 -36.47 4.80
N ILE B 74 -0.46 -36.64 4.32
CA ILE B 74 -0.26 -36.83 2.89
C ILE B 74 -0.88 -38.18 2.45
N LEU B 75 -0.78 -39.20 3.29
CA LEU B 75 -1.36 -40.50 2.97
C LEU B 75 -2.88 -40.46 2.97
N ILE B 76 -3.50 -39.47 3.63
CA ILE B 76 -4.93 -39.28 3.48
C ILE B 76 -5.21 -38.42 2.25
N ALA B 77 -4.46 -37.33 2.08
CA ALA B 77 -4.84 -36.34 1.06
C ALA B 77 -4.74 -36.94 -0.36
N LEU B 78 -3.72 -37.77 -0.60
CA LEU B 78 -3.52 -38.40 -1.91
C LEU B 78 -4.77 -39.14 -2.41
N PRO B 79 -5.33 -40.15 -1.71
CA PRO B 79 -6.57 -40.80 -2.24
C PRO B 79 -7.76 -39.90 -2.17
N SER B 80 -7.78 -38.98 -1.20
CA SER B 80 -8.87 -38.00 -1.09
C SER B 80 -9.00 -37.16 -2.36
N LEU B 81 -7.88 -36.57 -2.77
CA LEU B 81 -7.87 -35.70 -3.93
C LEU B 81 -8.01 -36.49 -5.24
N ARG B 82 -7.49 -37.71 -5.31
CA ARG B 82 -7.74 -38.55 -6.50
C ARG B 82 -9.24 -38.75 -6.73
N ILE B 83 -9.98 -39.03 -5.65
CA ILE B 83 -11.43 -39.20 -5.78
C ILE B 83 -12.10 -37.90 -6.14
N LEU B 84 -11.68 -36.82 -5.50
CA LEU B 84 -12.19 -35.48 -5.83
C LEU B 84 -12.13 -35.19 -7.34
N TYR B 85 -10.96 -35.38 -7.95
CA TYR B 85 -10.86 -35.03 -9.36
C TYR B 85 -11.50 -36.10 -10.24
N MET B 86 -11.51 -37.35 -9.76
CA MET B 86 -12.20 -38.42 -10.47
C MET B 86 -13.68 -38.09 -10.55
N MET B 87 -14.25 -37.61 -9.44
CA MET B 87 -15.63 -37.14 -9.43
C MET B 87 -15.83 -35.97 -10.39
N ASP B 88 -14.80 -35.18 -10.65
CA ASP B 88 -14.99 -33.98 -11.46
C ASP B 88 -14.90 -34.25 -12.95
N GLU B 89 -14.33 -35.41 -13.33
CA GLU B 89 -14.02 -35.74 -14.72
C GLU B 89 -15.22 -35.57 -15.65
N ILE B 90 -14.92 -35.28 -16.92
CA ILE B 90 -15.94 -35.24 -17.96
C ILE B 90 -16.46 -36.66 -18.21
N ASN B 91 -17.74 -36.77 -18.58
CA ASN B 91 -18.33 -38.09 -18.71
C ASN B 91 -19.29 -38.25 -19.89
N ASN B 92 -19.77 -37.18 -20.54
CA ASN B 92 -20.77 -37.27 -21.60
C ASN B 92 -22.05 -37.95 -21.10
N PRO B 93 -22.93 -37.21 -20.46
CA PRO B 93 -24.22 -37.79 -20.08
C PRO B 93 -25.08 -38.13 -21.29
N SER B 94 -25.94 -39.13 -21.09
CA SER B 94 -26.94 -39.48 -22.08
C SER B 94 -28.22 -38.69 -21.89
N LEU B 95 -28.45 -38.11 -20.72
CA LEU B 95 -29.75 -37.60 -20.31
C LEU B 95 -29.49 -36.48 -19.32
N THR B 96 -30.28 -35.40 -19.40
CA THR B 96 -30.30 -34.38 -18.36
C THR B 96 -31.67 -34.34 -17.69
N VAL B 97 -31.65 -34.26 -16.36
CA VAL B 97 -32.86 -34.18 -15.54
C VAL B 97 -32.62 -33.01 -14.58
N LYS B 98 -33.62 -32.15 -14.41
CA LYS B 98 -33.56 -31.05 -13.45
C LYS B 98 -34.45 -31.36 -12.24
N THR B 99 -34.04 -30.91 -11.06
CA THR B 99 -34.95 -30.96 -9.92
C THR B 99 -34.97 -29.59 -9.28
N MET B 100 -36.17 -29.13 -8.94
CA MET B 100 -36.34 -27.86 -8.26
C MET B 100 -36.86 -28.19 -6.87
N GLY B 101 -36.23 -27.60 -5.85
CA GLY B 101 -36.70 -27.74 -4.49
C GLY B 101 -37.74 -26.71 -4.15
N HIS B 102 -38.69 -27.10 -3.30
CA HIS B 102 -39.82 -26.25 -2.90
C HIS B 102 -40.13 -26.52 -1.43
N GLN B 103 -40.83 -25.58 -0.79
CA GLN B 103 -41.43 -25.88 0.52
C GLN B 103 -42.80 -26.55 0.31
N TRP B 104 -42.95 -27.84 0.62
CA TRP B 104 -41.93 -28.79 0.95
C TRP B 104 -42.11 -30.07 0.09
N TYR B 105 -41.47 -30.07 -1.09
CA TYR B 105 -41.55 -31.20 -2.02
C TYR B 105 -40.56 -30.88 -3.11
N TRP B 106 -40.31 -31.86 -3.97
CA TRP B 106 -39.41 -31.67 -5.08
C TRP B 106 -40.22 -31.75 -6.38
N SER B 107 -39.88 -30.90 -7.35
CA SER B 107 -40.36 -31.12 -8.71
C SER B 107 -39.20 -31.55 -9.59
N TYR B 108 -39.53 -32.25 -10.68
CA TYR B 108 -38.58 -32.81 -11.62
C TYR B 108 -39.02 -32.46 -13.03
N GLU B 109 -38.04 -32.23 -13.90
CA GLU B 109 -38.22 -31.74 -15.27
C GLU B 109 -37.27 -32.55 -16.14
N TYR B 110 -37.83 -33.26 -17.09
CA TYR B 110 -37.04 -34.02 -18.07
C TYR B 110 -37.38 -33.38 -19.42
N THR B 111 -36.56 -32.47 -19.89
CA THR B 111 -36.94 -31.63 -21.02
C THR B 111 -35.92 -31.73 -22.14
N ASP B 112 -35.17 -32.84 -22.19
CA ASP B 112 -34.29 -33.06 -23.34
C ASP B 112 -35.08 -33.11 -24.66
N TYR B 113 -36.31 -33.64 -24.64
CA TYR B 113 -37.10 -33.91 -25.86
C TYR B 113 -38.56 -33.45 -25.78
N GLU B 114 -39.29 -33.88 -24.75
CA GLU B 114 -40.66 -33.43 -24.48
C GLU B 114 -40.70 -32.61 -23.19
N ASP B 115 -41.83 -31.92 -22.97
CA ASP B 115 -41.96 -31.15 -21.74
C ASP B 115 -42.63 -32.03 -20.68
N LEU B 116 -41.79 -32.80 -20.01
CA LEU B 116 -42.24 -33.68 -18.97
C LEU B 116 -41.83 -33.08 -17.63
N SER B 117 -42.81 -32.78 -16.77
CA SER B 117 -42.46 -32.37 -15.41
C SER B 117 -43.59 -32.71 -14.45
N PHE B 118 -43.26 -32.87 -13.17
CA PHE B 118 -44.20 -33.33 -12.16
C PHE B 118 -43.64 -33.02 -10.77
N ASP B 119 -44.54 -33.11 -9.79
CA ASP B 119 -44.25 -32.86 -8.38
C ASP B 119 -44.08 -34.18 -7.67
N SER B 120 -43.20 -34.19 -6.65
CA SER B 120 -42.93 -35.41 -5.89
C SER B 120 -43.04 -35.08 -4.41
N TYR B 121 -44.06 -35.67 -3.75
CA TYR B 121 -44.44 -35.39 -2.38
C TYR B 121 -44.33 -36.64 -1.52
N MET B 122 -43.89 -36.44 -0.27
CA MET B 122 -43.91 -37.51 0.71
C MET B 122 -45.30 -38.17 0.79
N ILE B 123 -45.31 -39.49 0.88
CA ILE B 123 -46.53 -40.22 1.23
C ILE B 123 -46.81 -40.01 2.72
N PRO B 124 -47.97 -39.47 3.10
CA PRO B 124 -48.27 -39.25 4.51
C PRO B 124 -48.38 -40.57 5.24
N THR B 125 -48.00 -40.56 6.53
CA THR B 125 -47.96 -41.80 7.28
C THR B 125 -49.34 -42.51 7.30
N SER B 126 -50.43 -41.76 7.33
CA SER B 126 -51.76 -42.37 7.34
C SER B 126 -52.12 -43.06 6.03
N GLU B 127 -51.37 -42.84 4.96
CA GLU B 127 -51.72 -43.38 3.64
C GLU B 127 -50.69 -44.35 3.12
N LEU B 128 -49.69 -44.71 3.92
CA LEU B 128 -48.71 -45.72 3.51
C LEU B 128 -49.44 -47.03 3.25
N LYS B 129 -49.06 -47.69 2.22
CA LYS B 129 -49.53 -49.05 1.95
C LYS B 129 -48.64 -50.03 2.70
N PRO B 130 -49.19 -51.14 3.18
CA PRO B 130 -48.41 -52.03 4.05
C PRO B 130 -47.10 -52.41 3.38
N GLY B 131 -46.01 -52.40 4.17
CA GLY B 131 -44.67 -52.56 3.62
C GLY B 131 -43.96 -51.27 3.27
N GLU B 132 -44.67 -50.17 3.17
CA GLU B 132 -44.03 -48.96 2.70
C GLU B 132 -43.35 -48.28 3.90
N LEU B 133 -42.38 -47.44 3.60
CA LEU B 133 -41.45 -46.86 4.58
C LEU B 133 -41.91 -45.46 5.03
N ARG B 134 -42.06 -45.30 6.33
CA ARG B 134 -42.49 -44.03 6.89
C ARG B 134 -41.46 -42.93 6.64
N LEU B 135 -41.97 -41.74 6.28
CA LEU B 135 -41.27 -40.49 5.90
C LEU B 135 -40.44 -40.57 4.62
N LEU B 136 -40.40 -41.71 3.93
CA LEU B 136 -39.45 -41.89 2.83
C LEU B 136 -40.09 -42.07 1.45
N GLU B 137 -41.27 -42.67 1.38
CA GLU B 137 -41.91 -42.91 0.10
C GLU B 137 -42.48 -41.59 -0.46
N VAL B 138 -42.55 -41.52 -1.79
CA VAL B 138 -43.20 -40.41 -2.49
C VAL B 138 -44.33 -40.91 -3.39
N ASP B 139 -45.15 -39.97 -3.83
CA ASP B 139 -46.22 -40.35 -4.78
C ASP B 139 -45.67 -40.62 -6.20
N ASN B 140 -44.77 -39.77 -6.69
CA ASN B 140 -44.22 -39.85 -8.04
C ASN B 140 -42.71 -39.96 -7.91
N ARG B 141 -42.20 -41.13 -8.22
CA ARG B 141 -40.77 -41.38 -8.12
C ARG B 141 -40.03 -40.82 -9.31
N VAL B 142 -38.72 -40.71 -9.15
CA VAL B 142 -37.83 -40.15 -10.15
C VAL B 142 -37.34 -41.36 -10.92
N VAL B 143 -38.08 -41.74 -11.96
CA VAL B 143 -37.70 -42.89 -12.75
C VAL B 143 -36.51 -42.53 -13.64
N LEU B 144 -35.51 -43.40 -13.72
CA LEU B 144 -34.27 -43.12 -14.42
C LEU B 144 -33.75 -44.40 -15.02
N PRO B 145 -33.01 -44.33 -16.14
CA PRO B 145 -32.42 -45.54 -16.70
C PRO B 145 -31.14 -45.89 -15.95
N MET B 146 -31.02 -47.17 -15.63
CA MET B 146 -29.85 -47.77 -15.00
C MET B 146 -28.68 -47.88 -16.00
N GLU B 147 -27.47 -48.03 -15.43
CA GLU B 147 -26.24 -48.25 -16.18
C GLU B 147 -25.96 -47.14 -17.20
N MET B 148 -26.44 -45.94 -16.95
CA MET B 148 -26.25 -44.83 -17.89
C MET B 148 -25.83 -43.60 -17.11
N THR B 149 -25.07 -42.72 -17.78
CA THR B 149 -24.60 -41.49 -17.14
C THR B 149 -25.63 -40.38 -17.31
N ILE B 150 -26.07 -39.83 -16.17
CA ILE B 150 -27.16 -38.89 -16.11
C ILE B 150 -26.63 -37.59 -15.53
N ARG B 151 -26.94 -36.49 -16.16
CA ARG B 151 -26.67 -35.20 -15.56
C ARG B 151 -27.88 -34.79 -14.73
N MET B 152 -27.69 -34.62 -13.43
CA MET B 152 -28.68 -33.98 -12.57
C MET B 152 -28.34 -32.50 -12.38
N LEU B 153 -29.34 -31.64 -12.59
CA LEU B 153 -29.23 -30.19 -12.38
C LEU B 153 -30.21 -29.83 -11.26
N VAL B 154 -29.73 -29.06 -10.28
CA VAL B 154 -30.43 -28.85 -9.02
C VAL B 154 -30.56 -27.36 -8.76
N SER B 155 -31.78 -26.90 -8.46
CA SER B 155 -31.99 -25.53 -8.03
C SER B 155 -33.18 -25.50 -7.07
N SER B 156 -33.66 -24.30 -6.76
CA SER B 156 -34.81 -24.15 -5.85
C SER B 156 -35.63 -22.94 -6.31
N GLU B 157 -36.92 -22.97 -6.02
CA GLU B 157 -37.75 -21.80 -6.29
C GLU B 157 -38.15 -21.04 -5.03
N ASP B 158 -37.64 -21.42 -3.88
CA ASP B 158 -37.94 -20.62 -2.66
C ASP B 158 -36.69 -20.58 -1.77
N VAL B 159 -36.62 -21.33 -0.66
CA VAL B 159 -35.47 -21.19 0.24
C VAL B 159 -34.42 -22.21 -0.17
N LEU B 160 -33.29 -22.32 0.59
CA LEU B 160 -32.36 -23.40 0.32
C LEU B 160 -32.97 -24.79 0.61
N HIS B 161 -32.61 -25.76 -0.23
CA HIS B 161 -32.82 -27.18 0.04
C HIS B 161 -31.50 -27.85 -0.29
N SER B 162 -31.44 -29.18 -0.16
CA SER B 162 -30.28 -29.87 -0.66
C SER B 162 -30.73 -31.25 -1.06
N TRP B 163 -30.31 -31.68 -2.25
CA TRP B 163 -30.85 -32.88 -2.88
C TRP B 163 -29.85 -34.02 -2.69
N ALA B 164 -30.21 -35.05 -1.91
CA ALA B 164 -29.19 -36.02 -1.53
C ALA B 164 -29.68 -37.43 -1.77
N VAL B 165 -28.77 -38.31 -2.14
CA VAL B 165 -29.05 -39.73 -2.25
C VAL B 165 -27.80 -40.43 -1.72
N PRO B 166 -27.81 -40.81 -0.45
CA PRO B 166 -26.61 -41.41 0.15
C PRO B 166 -26.02 -42.63 -0.59
N SER B 167 -26.81 -43.58 -1.09
CA SER B 167 -26.15 -44.76 -1.64
C SER B 167 -25.54 -44.52 -3.01
N LEU B 168 -25.86 -43.42 -3.66
CA LEU B 168 -25.10 -42.98 -4.83
C LEU B 168 -23.99 -41.99 -4.50
N GLY B 169 -23.77 -41.63 -3.23
CA GLY B 169 -22.79 -40.61 -2.85
C GLY B 169 -23.14 -39.18 -3.29
N LEU B 170 -24.41 -38.85 -3.36
CA LEU B 170 -24.85 -37.58 -3.97
C LEU B 170 -25.38 -36.64 -2.91
N LYS B 171 -24.91 -35.40 -2.93
CA LYS B 171 -25.55 -34.33 -2.15
C LYS B 171 -25.20 -33.00 -2.83
N THR B 172 -26.20 -32.30 -3.35
CA THR B 172 -25.98 -31.07 -4.12
C THR B 172 -26.98 -30.05 -3.61
N ASP B 173 -26.49 -28.90 -3.20
CA ASP B 173 -27.42 -27.93 -2.64
C ASP B 173 -28.30 -27.33 -3.74
N ALA B 174 -29.53 -26.94 -3.32
CA ALA B 174 -30.62 -26.40 -4.13
C ALA B 174 -30.76 -24.92 -3.77
N ILE B 175 -30.22 -24.06 -4.62
CA ILE B 175 -30.06 -22.65 -4.31
C ILE B 175 -30.84 -21.87 -5.38
N PRO B 176 -31.75 -20.97 -4.99
CA PRO B 176 -32.53 -20.20 -5.98
C PRO B 176 -31.66 -19.25 -6.78
N GLY B 177 -31.95 -19.14 -8.09
CA GLY B 177 -31.05 -18.34 -8.92
C GLY B 177 -29.75 -19.03 -9.30
N ARG B 178 -29.59 -20.32 -8.98
CA ARG B 178 -28.33 -21.00 -9.28
C ARG B 178 -28.66 -22.37 -9.80
N LEU B 179 -27.89 -22.86 -10.77
CA LEU B 179 -28.19 -24.18 -11.35
C LEU B 179 -26.99 -25.07 -11.06
N ASN B 180 -27.04 -25.90 -9.99
CA ASN B 180 -25.91 -26.77 -9.67
C ASN B 180 -26.00 -28.11 -10.40
N GLN B 181 -24.83 -28.62 -10.78
CA GLN B 181 -24.73 -29.82 -11.60
C GLN B 181 -24.10 -30.99 -10.85
N THR B 182 -24.65 -32.19 -11.00
CA THR B 182 -23.94 -33.37 -10.51
C THR B 182 -24.20 -34.50 -11.50
N THR B 183 -23.43 -35.57 -11.39
CA THR B 183 -23.58 -36.71 -12.28
C THR B 183 -23.98 -37.94 -11.48
N LEU B 184 -24.76 -38.82 -12.10
CA LEU B 184 -25.35 -39.93 -11.36
C LEU B 184 -25.28 -41.13 -12.30
N MET B 185 -24.81 -42.28 -11.81
CA MET B 185 -24.76 -43.50 -12.62
C MET B 185 -24.99 -44.69 -11.70
N SER B 186 -26.14 -45.34 -11.81
CA SER B 186 -26.43 -46.50 -10.96
C SER B 186 -26.04 -47.82 -11.62
N SER B 187 -25.32 -48.65 -10.89
CA SER B 187 -24.86 -49.93 -11.36
C SER B 187 -25.97 -50.95 -11.36
N ARG B 188 -27.07 -50.66 -10.66
CA ARG B 188 -28.14 -51.63 -10.42
C ARG B 188 -29.50 -51.00 -10.60
N PRO B 189 -30.51 -51.79 -11.00
CA PRO B 189 -31.89 -51.33 -10.89
C PRO B 189 -32.22 -51.23 -9.41
N GLY B 190 -33.43 -50.72 -9.09
CA GLY B 190 -33.91 -50.75 -7.70
C GLY B 190 -34.45 -49.40 -7.24
N LEU B 191 -34.64 -49.23 -5.94
CA LEU B 191 -35.22 -48.02 -5.40
C LEU B 191 -34.18 -47.40 -4.48
N TYR B 192 -33.92 -46.11 -4.65
CA TYR B 192 -32.85 -45.48 -3.86
C TYR B 192 -33.32 -44.16 -3.27
N TYR B 193 -33.14 -44.02 -1.96
CA TYR B 193 -33.86 -43.00 -1.20
C TYR B 193 -32.88 -41.94 -0.71
N GLY B 194 -33.37 -40.70 -0.57
CA GLY B 194 -32.65 -39.64 0.11
C GLY B 194 -33.63 -38.67 0.73
N GLN B 195 -33.09 -37.64 1.39
CA GLN B 195 -33.91 -36.70 2.12
C GLN B 195 -33.36 -35.29 1.99
N CYS B 196 -34.27 -34.30 2.06
CA CYS B 196 -33.82 -32.91 2.03
C CYS B 196 -32.75 -32.62 3.08
N SER B 197 -31.65 -32.07 2.60
CA SER B 197 -30.42 -31.92 3.43
C SER B 197 -29.97 -30.47 3.56
N GLU B 198 -30.95 -29.55 3.57
CA GLU B 198 -30.65 -28.23 4.14
C GLU B 198 -31.91 -27.75 4.85
N ILE B 199 -31.76 -27.24 6.10
CA ILE B 199 -32.92 -26.73 6.83
C ILE B 199 -33.74 -25.77 5.95
N CYS B 200 -35.06 -26.00 5.91
CA CYS B 200 -35.90 -25.23 4.99
C CYS B 200 -37.30 -24.94 5.52
N GLY B 201 -37.50 -24.97 6.84
CA GLY B 201 -38.77 -24.62 7.45
C GLY B 201 -39.55 -25.82 7.97
N SER B 202 -40.86 -25.60 8.10
CA SER B 202 -41.78 -26.42 8.88
C SER B 202 -41.76 -27.88 8.48
N ASN B 203 -41.54 -28.19 7.19
CA ASN B 203 -41.59 -29.58 6.76
C ASN B 203 -40.28 -30.04 6.10
N HIS B 204 -39.16 -29.47 6.56
CA HIS B 204 -37.83 -29.92 6.21
C HIS B 204 -37.66 -31.44 6.34
N SER B 205 -38.18 -32.03 7.42
CA SER B 205 -38.00 -33.46 7.65
C SER B 205 -38.80 -34.34 6.70
N PHE B 206 -39.65 -33.74 5.86
CA PHE B 206 -40.76 -34.48 5.22
C PHE B 206 -40.82 -34.19 3.72
N MET B 207 -39.68 -34.10 3.04
CA MET B 207 -39.64 -33.89 1.58
C MET B 207 -38.55 -34.79 0.99
N PRO B 208 -38.82 -36.10 0.96
CA PRO B 208 -37.81 -37.08 0.57
C PRO B 208 -37.68 -37.18 -0.95
N ILE B 209 -36.72 -38.03 -1.35
CA ILE B 209 -36.33 -38.29 -2.74
C ILE B 209 -36.33 -39.80 -2.92
N VAL B 210 -36.93 -40.27 -4.01
CA VAL B 210 -36.87 -41.70 -4.33
C VAL B 210 -36.52 -41.81 -5.81
N LEU B 211 -35.40 -42.45 -6.11
CA LEU B 211 -35.03 -42.79 -7.49
C LEU B 211 -35.48 -44.23 -7.79
N GLU B 212 -36.02 -44.42 -8.99
CA GLU B 212 -36.47 -45.75 -9.44
C GLU B 212 -35.62 -46.06 -10.67
N LEU B 213 -34.70 -47.01 -10.54
CA LEU B 213 -33.71 -47.28 -11.58
C LEU B 213 -34.17 -48.51 -12.35
N VAL B 214 -34.33 -48.35 -13.66
CA VAL B 214 -34.88 -49.44 -14.48
C VAL B 214 -34.19 -49.46 -15.84
N PRO B 215 -34.41 -50.48 -16.67
CA PRO B 215 -33.77 -50.48 -17.99
C PRO B 215 -34.32 -49.36 -18.85
N LEU B 216 -33.45 -48.88 -19.73
CA LEU B 216 -33.75 -47.78 -20.65
C LEU B 216 -35.12 -47.93 -21.35
N LYS B 217 -35.52 -49.14 -21.83
CA LYS B 217 -36.80 -49.21 -22.56
C LYS B 217 -37.99 -48.93 -21.67
N TYR B 218 -37.93 -49.38 -20.42
CA TYR B 218 -38.98 -49.07 -19.47
C TYR B 218 -39.04 -47.58 -19.17
N PHE B 219 -37.84 -46.96 -19.01
CA PHE B 219 -37.76 -45.53 -18.78
C PHE B 219 -38.37 -44.76 -19.93
N GLU B 220 -38.06 -45.15 -21.18
CA GLU B 220 -38.65 -44.45 -22.31
C GLU B 220 -40.18 -44.55 -22.32
N LYS B 221 -40.72 -45.74 -22.01
CA LYS B 221 -42.18 -45.84 -22.10
C LYS B 221 -42.84 -45.09 -20.94
N TRP B 222 -42.19 -45.14 -19.78
CA TRP B 222 -42.70 -44.40 -18.62
C TRP B 222 -42.76 -42.91 -18.94
N SER B 223 -41.67 -42.41 -19.54
CA SER B 223 -41.57 -41.00 -19.89
C SER B 223 -42.69 -40.61 -20.83
N ALA B 224 -42.95 -41.44 -21.86
CA ALA B 224 -44.02 -41.12 -22.81
C ALA B 224 -45.36 -41.05 -22.09
N SER B 225 -45.58 -41.98 -21.16
CA SER B 225 -46.81 -42.09 -20.38
C SER B 225 -47.00 -40.92 -19.40
N MET B 226 -45.93 -40.19 -19.08
CA MET B 226 -46.00 -39.06 -18.13
C MET B 226 -46.21 -37.71 -18.82
N LEU B 227 -46.38 -37.69 -20.13
CA LEU B 227 -46.66 -36.45 -20.85
C LEU B 227 -48.06 -35.88 -20.59
N HIS C 3 -1.41 2.93 49.06
CA HIS C 3 -0.92 3.75 47.95
C HIS C 3 -0.26 2.86 46.90
N GLN C 4 -0.58 3.11 45.64
CA GLN C 4 0.01 2.30 44.58
C GLN C 4 1.42 2.77 44.30
N THR C 5 2.25 1.86 43.84
CA THR C 5 3.55 2.23 43.31
C THR C 5 3.76 1.64 41.92
N HIS C 6 2.67 1.44 41.16
CA HIS C 6 2.75 1.24 39.71
C HIS C 6 2.16 2.50 39.04
N ALA C 7 2.27 2.60 37.71
CA ALA C 7 1.84 3.84 37.04
C ALA C 7 0.44 3.78 36.42
N TYR C 8 -0.30 2.67 36.61
CA TYR C 8 -1.59 2.45 35.93
C TYR C 8 -2.78 3.05 36.67
N HIS C 9 -3.90 3.19 35.93
CA HIS C 9 -5.03 4.00 36.41
C HIS C 9 -6.08 3.06 37.01
N MET C 10 -6.33 3.19 38.30
CA MET C 10 -7.47 2.52 38.93
C MET C 10 -8.69 3.45 38.79
N VAL C 11 -9.70 3.05 37.97
CA VAL C 11 -10.78 3.98 37.63
C VAL C 11 -11.85 3.97 38.73
N ASN C 12 -12.40 5.12 39.07
CA ASN C 12 -13.47 5.14 40.07
C ASN C 12 -14.65 4.32 39.54
N PRO C 13 -15.37 3.62 40.41
CA PRO C 13 -16.57 2.90 39.97
C PRO C 13 -17.51 3.84 39.21
N SER C 14 -17.99 3.39 38.06
CA SER C 14 -18.72 4.29 37.16
C SER C 14 -20.07 3.70 36.73
N PRO C 15 -21.10 4.54 36.59
CA PRO C 15 -22.37 4.06 36.02
C PRO C 15 -22.41 3.97 34.49
N TRP C 16 -21.48 4.57 33.76
CA TRP C 16 -21.70 4.69 32.32
C TRP C 16 -21.60 3.35 31.56
N PRO C 17 -20.83 2.36 32.00
CA PRO C 17 -20.95 1.06 31.29
C PRO C 17 -22.38 0.52 31.28
N LEU C 18 -23.05 0.65 32.43
CA LEU C 18 -24.42 0.18 32.51
C LEU C 18 -25.32 1.03 31.60
N THR C 19 -25.18 2.34 31.66
CA THR C 19 -26.10 3.14 30.87
C THR C 19 -25.79 2.98 29.39
N GLY C 20 -24.51 2.76 29.03
CA GLY C 20 -24.23 2.51 27.62
C GLY C 20 -24.80 1.19 27.16
N ALA C 21 -24.69 0.14 28.01
CA ALA C 21 -25.26 -1.15 27.65
C ALA C 21 -26.79 -1.09 27.55
N LEU C 22 -27.44 -0.40 28.49
CA LEU C 22 -28.90 -0.26 28.34
C LEU C 22 -29.22 0.59 27.12
N SER C 23 -28.39 1.57 26.81
CA SER C 23 -28.70 2.34 25.62
C SER C 23 -28.63 1.46 24.36
N ALA C 24 -27.73 0.48 24.35
CA ALA C 24 -27.67 -0.47 23.23
C ALA C 24 -28.94 -1.31 23.16
N LEU C 25 -29.47 -1.71 24.32
CA LEU C 25 -30.75 -2.45 24.32
C LEU C 25 -31.86 -1.60 23.75
N LEU C 26 -31.91 -0.32 24.18
CA LEU C 26 -32.99 0.57 23.76
C LEU C 26 -32.90 0.89 22.27
N MET C 27 -31.68 1.09 21.72
CA MET C 27 -31.57 1.35 20.29
C MET C 27 -31.95 0.14 19.45
N THR C 28 -31.57 -1.08 19.88
CA THR C 28 -31.85 -2.26 19.04
C THR C 28 -33.30 -2.70 19.15
N SER C 29 -33.86 -2.76 20.37
CA SER C 29 -35.29 -2.97 20.47
C SER C 29 -36.05 -1.80 19.85
N GLY C 30 -35.50 -0.58 19.88
CA GLY C 30 -36.15 0.55 19.18
C GLY C 30 -36.20 0.35 17.66
N LEU C 31 -35.11 -0.09 17.07
CA LEU C 31 -35.13 -0.38 15.64
C LEU C 31 -36.13 -1.46 15.32
N THR C 32 -36.21 -2.50 16.14
CA THR C 32 -37.22 -3.56 15.94
C THR C 32 -38.63 -2.97 15.94
N MET C 33 -38.95 -2.15 16.94
CA MET C 33 -40.27 -1.50 17.02
C MET C 33 -40.54 -0.62 15.81
N TRP C 34 -39.52 0.11 15.34
CA TRP C 34 -39.67 0.95 14.16
C TRP C 34 -39.94 0.09 12.91
N PHE C 35 -39.17 -0.99 12.75
CA PHE C 35 -39.32 -1.83 11.56
C PHE C 35 -40.63 -2.59 11.55
N HIS C 36 -41.12 -3.01 12.72
CA HIS C 36 -42.20 -3.96 12.77
C HIS C 36 -43.46 -3.49 13.51
N PHE C 37 -43.41 -2.35 14.21
CA PHE C 37 -44.57 -1.93 14.98
C PHE C 37 -44.77 -0.43 14.85
N ASN C 38 -44.28 0.12 13.73
CA ASN C 38 -44.54 1.45 13.27
C ASN C 38 -44.37 2.50 14.35
N SER C 39 -43.27 2.42 15.11
CA SER C 39 -43.12 3.34 16.24
C SER C 39 -41.66 3.66 16.50
N MET C 40 -41.40 4.92 16.83
CA MET C 40 -40.04 5.44 16.96
C MET C 40 -39.63 5.73 18.39
N THR C 41 -40.50 5.43 19.36
CA THR C 41 -40.31 5.95 20.70
C THR C 41 -39.12 5.30 21.39
N LEU C 42 -39.09 3.96 21.42
CA LEU C 42 -37.98 3.30 22.06
C LEU C 42 -36.68 3.77 21.42
N LEU C 43 -36.68 3.86 20.09
CA LEU C 43 -35.48 4.23 19.35
C LEU C 43 -34.97 5.61 19.79
N MET C 44 -35.84 6.63 19.85
CA MET C 44 -35.40 7.95 20.26
C MET C 44 -34.92 7.96 21.70
N ILE C 45 -35.54 7.16 22.56
CA ILE C 45 -35.04 7.09 23.94
C ILE C 45 -33.61 6.52 23.94
N GLY C 46 -33.38 5.44 23.19
CA GLY C 46 -32.06 4.83 23.15
C GLY C 46 -31.01 5.76 22.58
N LEU C 47 -31.36 6.48 21.51
CA LEU C 47 -30.38 7.40 20.94
C LEU C 47 -30.05 8.52 21.92
N THR C 48 -31.04 9.01 22.68
CA THR C 48 -30.80 10.03 23.71
C THR C 48 -29.88 9.53 24.82
N THR C 49 -30.17 8.34 25.39
CA THR C 49 -29.32 7.81 26.45
C THR C 49 -27.95 7.45 25.92
N ASN C 50 -27.87 7.06 24.64
CA ASN C 50 -26.56 6.74 24.08
C ASN C 50 -25.69 7.99 24.02
N MET C 51 -26.25 9.12 23.55
CA MET C 51 -25.46 10.35 23.49
C MET C 51 -25.08 10.84 24.88
N LEU C 52 -26.06 10.80 25.81
CA LEU C 52 -25.76 11.13 27.22
C LEU C 52 -24.62 10.29 27.77
N THR C 53 -24.64 8.98 27.48
CA THR C 53 -23.59 8.10 28.00
C THR C 53 -22.22 8.50 27.46
N MET C 54 -22.10 8.60 26.13
CA MET C 54 -20.86 9.03 25.48
C MET C 54 -20.38 10.33 26.06
N TYR C 55 -21.30 11.28 26.21
CA TYR C 55 -20.91 12.60 26.69
C TYR C 55 -20.28 12.50 28.08
N GLN C 56 -20.94 11.79 29.00
CA GLN C 56 -20.45 11.76 30.38
C GLN C 56 -19.21 10.89 30.51
N TRP C 57 -19.18 9.79 29.76
CA TRP C 57 -18.02 8.92 29.83
C TRP C 57 -16.74 9.65 29.38
N TRP C 58 -16.77 10.26 28.18
CA TRP C 58 -15.55 10.94 27.68
C TRP C 58 -15.24 12.22 28.45
N ARG C 59 -16.27 12.90 28.95
CA ARG C 59 -16.05 13.97 29.93
C ARG C 59 -15.15 13.50 31.08
N ASP C 60 -15.50 12.36 31.67
CA ASP C 60 -14.76 11.79 32.79
C ASP C 60 -13.33 11.44 32.40
N VAL C 61 -13.13 10.93 31.17
CA VAL C 61 -11.75 10.64 30.72
C VAL C 61 -10.91 11.92 30.70
N ILE C 62 -11.50 13.03 30.22
CA ILE C 62 -10.86 14.35 30.27
C ILE C 62 -10.58 14.77 31.72
N ARG C 63 -11.57 14.63 32.61
CA ARG C 63 -11.35 14.97 34.03
C ARG C 63 -10.19 14.19 34.60
N GLU C 64 -10.09 12.89 34.23
CA GLU C 64 -9.11 11.98 34.79
C GLU C 64 -7.72 12.30 34.32
N SER C 65 -7.60 12.92 33.12
CA SER C 65 -6.31 13.08 32.45
C SER C 65 -5.84 14.52 32.58
N THR C 66 -6.52 15.41 31.88
CA THR C 66 -6.19 16.82 31.95
C THR C 66 -6.31 17.37 33.39
N PHE C 67 -7.37 17.00 34.11
CA PHE C 67 -7.58 17.65 35.42
C PHE C 67 -7.00 16.88 36.59
N GLN C 68 -6.99 15.53 36.53
CA GLN C 68 -6.48 14.72 37.65
C GLN C 68 -5.11 14.14 37.45
N GLY C 69 -4.60 14.10 36.21
CA GLY C 69 -3.22 13.68 35.99
C GLY C 69 -2.98 12.17 35.99
N HIS C 70 -4.01 11.37 35.75
CA HIS C 70 -3.79 9.91 35.79
C HIS C 70 -3.15 9.34 34.52
N HIS C 71 -3.00 10.11 33.47
CA HIS C 71 -2.48 9.52 32.25
C HIS C 71 -0.95 9.67 32.23
N THR C 72 -0.29 8.78 32.98
CA THR C 72 1.14 8.55 32.92
C THR C 72 1.51 8.03 31.52
N PRO C 73 2.79 7.89 31.23
CA PRO C 73 3.16 7.37 29.90
C PRO C 73 2.66 5.96 29.67
N ALA C 74 2.65 5.12 30.71
CA ALA C 74 2.19 3.75 30.53
C ALA C 74 0.72 3.71 30.17
N VAL C 75 -0.07 4.54 30.83
CA VAL C 75 -1.51 4.65 30.49
C VAL C 75 -1.69 5.15 29.05
N GLN C 76 -0.89 6.13 28.64
CA GLN C 76 -1.01 6.62 27.26
C GLN C 76 -0.69 5.54 26.26
N LYS C 77 0.41 4.82 26.48
CA LYS C 77 0.74 3.71 25.60
C LYS C 77 -0.42 2.73 25.45
N GLY C 78 -1.08 2.41 26.56
CA GLY C 78 -2.26 1.54 26.49
C GLY C 78 -3.36 2.15 25.64
N LEU C 79 -3.62 3.44 25.79
CA LEU C 79 -4.68 4.04 24.94
C LEU C 79 -4.28 4.01 23.47
N ARG C 80 -2.98 4.11 23.19
CA ARG C 80 -2.50 4.02 21.82
C ARG C 80 -2.85 2.67 21.23
N TYR C 81 -2.47 1.58 21.91
CA TYR C 81 -2.85 0.23 21.46
C TYR C 81 -4.36 0.07 21.28
N GLY C 82 -5.11 0.56 22.27
CA GLY C 82 -6.55 0.43 22.20
C GLY C 82 -7.10 1.06 20.94
N MET C 83 -6.62 2.26 20.61
CA MET C 83 -7.17 2.96 19.44
C MET C 83 -6.76 2.27 18.15
N ILE C 84 -5.52 1.81 18.10
CA ILE C 84 -5.05 1.07 16.91
C ILE C 84 -5.91 -0.18 16.71
N LEU C 85 -6.11 -0.93 17.78
CA LEU C 85 -6.93 -2.15 17.67
C LEU C 85 -8.37 -1.82 17.27
N PHE C 86 -8.93 -0.73 17.83
CA PHE C 86 -10.27 -0.32 17.46
C PHE C 86 -10.37 -0.05 15.95
N ILE C 87 -9.39 0.69 15.41
CA ILE C 87 -9.36 0.97 13.98
C ILE C 87 -9.21 -0.31 13.14
N ILE C 88 -8.36 -1.23 13.58
CA ILE C 88 -8.27 -2.54 12.90
C ILE C 88 -9.63 -3.20 12.78
N SER C 89 -10.39 -3.23 13.89
CA SER C 89 -11.76 -3.82 13.85
C SER C 89 -12.68 -3.07 12.86
N GLU C 90 -12.57 -1.74 12.78
CA GLU C 90 -13.38 -1.01 11.80
C GLU C 90 -12.97 -1.34 10.36
N VAL C 91 -11.68 -1.55 10.10
CA VAL C 91 -11.21 -1.98 8.77
C VAL C 91 -11.84 -3.29 8.36
N LEU C 92 -11.83 -4.28 9.27
CA LEU C 92 -12.45 -5.56 8.96
C LEU C 92 -13.96 -5.45 8.76
N PHE C 93 -14.64 -4.57 9.49
CA PHE C 93 -16.06 -4.30 9.19
C PHE C 93 -16.26 -3.82 7.74
N PHE C 94 -15.54 -2.79 7.32
CA PHE C 94 -15.66 -2.35 5.92
C PHE C 94 -15.25 -3.46 4.96
N THR C 95 -14.25 -4.26 5.33
CA THR C 95 -13.81 -5.35 4.44
C THR C 95 -14.99 -6.26 4.02
N GLY C 96 -15.92 -6.56 4.93
CA GLY C 96 -17.08 -7.36 4.56
C GLY C 96 -17.95 -6.69 3.52
N PHE C 97 -18.07 -5.38 3.56
CA PHE C 97 -18.84 -4.70 2.52
C PHE C 97 -18.10 -4.64 1.18
N PHE C 98 -16.77 -4.53 1.19
CA PHE C 98 -16.05 -4.62 -0.08
C PHE C 98 -16.11 -6.01 -0.65
N TRP C 99 -16.11 -7.04 0.22
CA TRP C 99 -16.22 -8.39 -0.29
C TRP C 99 -17.57 -8.55 -1.00
N ALA C 100 -18.66 -8.10 -0.36
CA ALA C 100 -20.00 -8.11 -1.00
C ALA C 100 -19.99 -7.42 -2.38
N PHE C 101 -19.42 -6.22 -2.42
CA PHE C 101 -19.35 -5.46 -3.67
C PHE C 101 -18.60 -6.25 -4.75
N TYR C 102 -17.39 -6.74 -4.45
CA TYR C 102 -16.65 -7.49 -5.49
C TYR C 102 -17.36 -8.79 -5.88
N HIS C 103 -17.94 -9.46 -4.91
CA HIS C 103 -18.62 -10.72 -5.21
C HIS C 103 -19.73 -10.51 -6.19
N SER C 104 -20.47 -9.42 -6.06
CA SER C 104 -21.63 -9.22 -6.91
C SER C 104 -21.24 -8.62 -8.26
N SER C 105 -20.25 -7.72 -8.25
CA SER C 105 -19.89 -7.04 -9.51
C SER C 105 -18.96 -7.89 -10.38
N LEU C 106 -18.17 -8.78 -9.79
CA LEU C 106 -17.31 -9.60 -10.63
C LEU C 106 -18.04 -10.76 -11.25
N ALA C 107 -19.24 -11.10 -10.80
CA ALA C 107 -19.97 -12.25 -11.35
C ALA C 107 -21.44 -11.85 -11.52
N PRO C 108 -21.71 -10.85 -12.34
CA PRO C 108 -23.08 -10.31 -12.37
C PRO C 108 -24.04 -11.38 -12.88
N THR C 109 -25.16 -11.52 -12.18
CA THR C 109 -26.07 -12.62 -12.44
C THR C 109 -27.03 -12.28 -13.58
N PRO C 110 -27.73 -13.29 -14.10
CA PRO C 110 -28.65 -13.03 -15.24
C PRO C 110 -29.72 -11.98 -14.93
N GLU C 111 -30.14 -11.84 -13.67
CA GLU C 111 -31.19 -10.87 -13.35
C GLU C 111 -30.71 -9.46 -13.62
N LEU C 112 -29.38 -9.25 -13.60
CA LEU C 112 -28.78 -7.93 -13.84
C LEU C 112 -28.60 -7.66 -15.32
N GLY C 113 -28.90 -8.61 -16.17
CA GLY C 113 -28.45 -8.55 -17.56
C GLY C 113 -27.13 -9.25 -17.77
N GLY C 114 -26.59 -9.88 -16.71
CA GLY C 114 -25.30 -10.53 -16.84
C GLY C 114 -24.12 -9.61 -16.99
N CYS C 115 -24.25 -8.36 -16.58
CA CYS C 115 -23.24 -7.35 -16.83
C CYS C 115 -23.19 -6.42 -15.62
N TRP C 116 -22.08 -5.72 -15.51
CA TRP C 116 -21.94 -4.71 -14.48
C TRP C 116 -21.42 -3.46 -15.16
N PRO C 117 -21.95 -2.28 -14.83
CA PRO C 117 -23.12 -1.95 -14.00
C PRO C 117 -24.37 -2.65 -14.57
N PRO C 118 -25.35 -2.99 -13.72
CA PRO C 118 -26.54 -3.70 -14.22
C PRO C 118 -27.26 -2.90 -15.30
N THR C 119 -28.01 -3.62 -16.14
CA THR C 119 -28.94 -2.97 -17.04
C THR C 119 -29.85 -2.04 -16.24
N GLY C 120 -30.01 -0.82 -16.76
CA GLY C 120 -30.89 0.16 -16.13
C GLY C 120 -30.24 1.01 -15.05
N ILE C 121 -28.98 0.76 -14.69
CA ILE C 121 -28.28 1.58 -13.72
C ILE C 121 -27.44 2.61 -14.46
N HIS C 122 -27.50 3.86 -14.03
CA HIS C 122 -26.68 4.90 -14.67
C HIS C 122 -25.76 5.50 -13.63
N PRO C 123 -24.54 5.01 -13.53
CA PRO C 123 -23.68 5.41 -12.41
C PRO C 123 -23.36 6.88 -12.50
N LEU C 124 -23.00 7.44 -11.34
CA LEU C 124 -22.48 8.79 -11.27
C LEU C 124 -21.18 8.85 -12.07
N ASN C 125 -20.88 10.03 -12.57
CA ASN C 125 -19.60 10.23 -13.24
C ASN C 125 -18.50 10.37 -12.17
N PRO C 126 -17.50 9.49 -12.13
CA PRO C 126 -16.49 9.59 -11.05
C PRO C 126 -15.60 10.83 -11.14
N LEU C 127 -15.66 11.56 -12.27
CA LEU C 127 -14.86 12.77 -12.42
C LEU C 127 -15.57 14.01 -11.91
N GLU C 128 -16.83 13.90 -11.50
CA GLU C 128 -17.53 15.09 -11.02
C GLU C 128 -17.46 15.16 -9.50
N VAL C 129 -18.60 15.11 -8.80
CA VAL C 129 -18.57 15.26 -7.34
C VAL C 129 -17.71 14.19 -6.67
N PRO C 130 -17.69 12.93 -7.12
CA PRO C 130 -16.82 11.95 -6.42
C PRO C 130 -15.36 12.34 -6.44
N LEU C 131 -14.89 12.91 -7.55
CA LEU C 131 -13.50 13.38 -7.59
C LEU C 131 -13.33 14.57 -6.64
N LEU C 132 -14.30 15.49 -6.64
CA LEU C 132 -14.25 16.60 -5.68
C LEU C 132 -14.17 16.07 -4.24
N ASN C 133 -15.09 15.19 -3.85
CA ASN C 133 -15.00 14.56 -2.51
C ASN C 133 -13.58 14.02 -2.24
N THR C 134 -12.98 13.42 -3.25
CA THR C 134 -11.66 12.85 -3.03
C THR C 134 -10.63 13.93 -2.72
N SER C 135 -10.67 15.04 -3.47
CA SER C 135 -9.71 16.11 -3.23
C SER C 135 -9.93 16.71 -1.84
N VAL C 136 -11.18 16.79 -1.43
CA VAL C 136 -11.54 17.35 -0.13
C VAL C 136 -10.95 16.54 1.02
N LEU C 137 -11.20 15.21 1.02
CA LEU C 137 -10.70 14.41 2.14
C LEU C 137 -9.18 14.33 2.10
N LEU C 138 -8.58 14.17 0.89
CA LEU C 138 -7.13 14.23 0.81
C LEU C 138 -6.61 15.56 1.38
N ALA C 139 -7.23 16.67 1.00
CA ALA C 139 -6.75 17.95 1.50
C ALA C 139 -6.84 18.01 3.03
N SER C 140 -7.91 17.42 3.61
CA SER C 140 -8.09 17.47 5.06
C SER C 140 -7.02 16.62 5.78
N GLY C 141 -6.52 15.58 5.10
CA GLY C 141 -5.39 14.84 5.59
C GLY C 141 -4.15 15.70 5.67
N VAL C 142 -3.98 16.64 4.72
CA VAL C 142 -2.83 17.54 4.77
C VAL C 142 -3.02 18.59 5.90
N SER C 143 -4.22 19.18 5.99
CA SER C 143 -4.44 20.21 7.03
C SER C 143 -4.37 19.62 8.42
N ILE C 144 -4.81 18.37 8.62
CA ILE C 144 -4.76 17.86 10.00
C ILE C 144 -3.30 17.58 10.39
N THR C 145 -2.44 17.27 9.42
CA THR C 145 -1.03 17.08 9.69
C THR C 145 -0.36 18.41 10.03
N TRP C 146 -0.75 19.50 9.33
CA TRP C 146 -0.27 20.82 9.72
C TRP C 146 -0.71 21.11 11.16
N ALA C 147 -1.96 20.80 11.50
CA ALA C 147 -2.45 21.01 12.88
C ALA C 147 -1.57 20.26 13.87
N HIS C 148 -1.31 19.01 13.56
CA HIS C 148 -0.49 18.21 14.48
C HIS C 148 0.86 18.88 14.72
N HIS C 149 1.56 19.28 13.63
CA HIS C 149 2.89 19.84 13.82
C HIS C 149 2.83 21.16 14.55
N SER C 150 1.78 21.95 14.31
CA SER C 150 1.67 23.21 15.04
C SER C 150 1.54 22.97 16.55
N LEU C 151 0.72 21.98 16.92
CA LEU C 151 0.55 21.64 18.34
C LEU C 151 1.86 21.20 18.98
N MET C 152 2.64 20.36 18.29
CA MET C 152 3.93 19.90 18.84
C MET C 152 4.94 21.03 18.96
N GLU C 153 4.83 22.04 18.11
CA GLU C 153 5.73 23.17 18.14
C GLU C 153 5.20 24.28 19.06
N GLY C 154 4.07 24.04 19.70
CA GLY C 154 3.58 24.98 20.71
C GLY C 154 2.85 26.18 20.16
N ASP C 155 2.27 26.06 18.95
CA ASP C 155 1.71 27.20 18.23
C ASP C 155 0.18 27.13 18.29
N ARG C 156 -0.42 27.87 19.23
CA ARG C 156 -1.84 27.70 19.49
C ARG C 156 -2.70 28.18 18.31
N LYS C 157 -2.40 29.36 17.76
CA LYS C 157 -3.24 29.93 16.70
C LYS C 157 -3.25 29.06 15.43
N HIS C 158 -2.08 28.59 14.99
CA HIS C 158 -2.00 27.81 13.76
C HIS C 158 -2.55 26.41 13.96
N MET C 159 -2.44 25.85 15.17
CA MET C 159 -3.17 24.63 15.46
C MET C 159 -4.66 24.84 15.20
N LEU C 160 -5.23 25.87 15.81
CA LEU C 160 -6.68 26.11 15.72
C LEU C 160 -7.10 26.36 14.27
N GLN C 161 -6.33 27.17 13.57
CA GLN C 161 -6.60 27.45 12.17
C GLN C 161 -6.59 26.16 11.32
N ALA C 162 -5.56 25.33 11.46
CA ALA C 162 -5.47 24.11 10.63
C ALA C 162 -6.57 23.13 11.00
N LEU C 163 -6.82 23.00 12.31
CA LEU C 163 -7.86 22.07 12.74
C LEU C 163 -9.23 22.57 12.28
N PHE C 164 -9.45 23.88 12.31
CA PHE C 164 -10.70 24.42 11.77
C PHE C 164 -10.85 24.15 10.27
N ILE C 165 -9.76 24.26 9.51
CA ILE C 165 -9.80 23.97 8.07
C ILE C 165 -10.14 22.50 7.86
N THR C 166 -9.52 21.62 8.65
CA THR C 166 -9.80 20.18 8.56
C THR C 166 -11.28 19.91 8.76
N ILE C 167 -11.86 20.47 9.85
CA ILE C 167 -13.27 20.26 10.15
C ILE C 167 -14.16 20.82 9.05
N THR C 168 -13.84 22.02 8.54
CA THR C 168 -14.64 22.59 7.45
C THR C 168 -14.65 21.64 6.25
N LEU C 169 -13.49 21.08 5.91
CA LEU C 169 -13.46 20.11 4.82
C LEU C 169 -14.32 18.87 5.11
N GLY C 170 -14.22 18.31 6.33
CA GLY C 170 -15.09 17.19 6.67
C GLY C 170 -16.57 17.52 6.47
N VAL C 171 -16.97 18.72 6.88
CA VAL C 171 -18.35 19.17 6.69
C VAL C 171 -18.68 19.28 5.23
N TYR C 172 -17.77 19.86 4.46
CA TYR C 172 -17.97 19.98 3.01
C TYR C 172 -18.24 18.61 2.37
N PHE C 173 -17.38 17.64 2.67
CA PHE C 173 -17.57 16.27 2.17
C PHE C 173 -19.00 15.81 2.45
N THR C 174 -19.41 15.95 3.73
CA THR C 174 -20.73 15.46 4.17
C THR C 174 -21.86 16.16 3.41
N LEU C 175 -21.76 17.47 3.19
CA LEU C 175 -22.80 18.18 2.46
C LEU C 175 -22.82 17.77 1.00
N LEU C 176 -21.63 17.59 0.39
CA LEU C 176 -21.54 17.12 -1.00
C LEU C 176 -22.14 15.73 -1.14
N GLN C 177 -21.84 14.86 -0.16
CA GLN C 177 -22.36 13.50 -0.23
C GLN C 177 -23.87 13.50 -0.06
N ALA C 178 -24.39 14.33 0.86
CA ALA C 178 -25.84 14.41 1.04
C ALA C 178 -26.53 14.91 -0.24
N SER C 179 -25.95 15.91 -0.88
CA SER C 179 -26.48 16.34 -2.18
C SER C 179 -26.43 15.20 -3.23
N GLU C 180 -25.29 14.51 -3.37
CA GLU C 180 -25.22 13.39 -4.32
C GLU C 180 -26.27 12.31 -4.05
N TYR C 181 -26.51 12.01 -2.77
CA TYR C 181 -27.54 11.04 -2.42
C TYR C 181 -28.89 11.47 -2.97
N TYR C 182 -29.29 12.70 -2.65
CA TYR C 182 -30.56 13.24 -3.18
C TYR C 182 -30.60 13.26 -4.70
N GLU C 183 -29.51 13.67 -5.36
CA GLU C 183 -29.51 13.77 -6.82
C GLU C 183 -29.37 12.41 -7.53
N ALA C 184 -28.95 11.38 -6.82
CA ALA C 184 -28.65 10.10 -7.49
C ALA C 184 -29.92 9.53 -8.13
N PRO C 185 -29.87 9.08 -9.40
CA PRO C 185 -31.07 8.51 -10.03
C PRO C 185 -31.32 7.09 -9.64
N PHE C 186 -30.33 6.40 -9.01
CA PHE C 186 -30.56 5.08 -8.43
C PHE C 186 -30.72 5.19 -6.91
N THR C 187 -31.32 4.16 -6.32
CA THR C 187 -31.64 4.14 -4.89
C THR C 187 -31.10 2.86 -4.23
N ILE C 188 -31.28 2.77 -2.92
CA ILE C 188 -30.84 1.57 -2.20
C ILE C 188 -31.65 0.36 -2.64
N SER C 189 -32.90 0.54 -3.09
CA SER C 189 -33.71 -0.57 -3.54
C SER C 189 -33.41 -0.97 -4.99
N ASP C 190 -32.43 -0.34 -5.66
CA ASP C 190 -32.12 -0.68 -7.05
C ASP C 190 -31.12 -1.84 -7.14
N GLY C 191 -31.55 -3.01 -6.66
CA GLY C 191 -30.81 -4.25 -6.74
C GLY C 191 -29.52 -4.15 -5.94
N VAL C 192 -28.60 -5.06 -6.29
CA VAL C 192 -27.36 -5.13 -5.54
C VAL C 192 -26.43 -3.94 -5.83
N TYR C 193 -26.62 -3.26 -6.97
CA TYR C 193 -25.88 -2.03 -7.23
C TYR C 193 -26.21 -0.98 -6.19
N GLY C 194 -27.51 -0.67 -6.05
CA GLY C 194 -27.86 0.34 -5.05
C GLY C 194 -27.55 -0.13 -3.66
N SER C 195 -27.69 -1.45 -3.39
CA SER C 195 -27.45 -1.99 -2.04
C SER C 195 -25.99 -1.76 -1.61
N THR C 196 -25.05 -2.22 -2.43
CA THR C 196 -23.64 -2.07 -2.10
C THR C 196 -23.24 -0.62 -2.10
N PHE C 197 -23.71 0.16 -3.09
CA PHE C 197 -23.38 1.58 -3.15
C PHE C 197 -23.81 2.32 -1.88
N PHE C 198 -25.07 2.26 -1.54
CA PHE C 198 -25.48 3.14 -0.45
C PHE C 198 -25.09 2.56 0.93
N VAL C 199 -25.03 1.25 1.10
CA VAL C 199 -24.67 0.77 2.44
C VAL C 199 -23.19 1.04 2.71
N ALA C 200 -22.32 0.79 1.73
CA ALA C 200 -20.88 1.00 1.92
C ALA C 200 -20.53 2.48 2.03
N THR C 201 -21.05 3.33 1.11
CA THR C 201 -20.75 4.75 1.26
C THR C 201 -21.52 5.34 2.43
N GLY C 202 -22.67 4.74 2.79
CA GLY C 202 -23.43 5.24 3.93
C GLY C 202 -22.73 5.01 5.27
N PHE C 203 -22.21 3.79 5.49
CA PHE C 203 -21.39 3.60 6.69
C PHE C 203 -20.14 4.49 6.64
N HIS C 204 -19.53 4.67 5.45
CA HIS C 204 -18.37 5.58 5.36
C HIS C 204 -18.79 7.00 5.77
N GLY C 205 -19.94 7.47 5.30
CA GLY C 205 -20.37 8.80 5.64
C GLY C 205 -20.70 8.97 7.11
N LEU C 206 -21.29 7.94 7.72
CA LEU C 206 -21.43 7.90 9.17
C LEU C 206 -20.07 8.05 9.86
N HIS C 207 -19.03 7.36 9.36
CA HIS C 207 -17.72 7.48 9.99
C HIS C 207 -17.11 8.85 9.80
N VAL C 208 -17.40 9.51 8.65
CA VAL C 208 -17.01 10.90 8.46
C VAL C 208 -17.65 11.80 9.50
N ILE C 209 -18.92 11.55 9.81
CA ILE C 209 -19.61 12.38 10.78
C ILE C 209 -19.04 12.15 12.20
N ILE C 210 -18.81 10.88 12.56
CA ILE C 210 -18.15 10.55 13.82
C ILE C 210 -16.76 11.17 13.90
N GLY C 211 -15.97 11.05 12.83
CA GLY C 211 -14.63 11.64 12.87
C GLY C 211 -14.67 13.15 12.95
N SER C 212 -15.66 13.77 12.30
CA SER C 212 -15.73 15.22 12.33
C SER C 212 -16.11 15.70 13.72
N THR C 213 -17.04 14.98 14.35
CA THR C 213 -17.43 15.24 15.73
C THR C 213 -16.21 15.10 16.65
N PHE C 214 -15.41 14.06 16.43
CA PHE C 214 -14.21 13.88 17.27
C PHE C 214 -13.25 15.05 17.07
N LEU C 215 -13.10 15.50 15.82
CA LEU C 215 -12.24 16.65 15.59
C LEU C 215 -12.81 17.89 16.25
N ILE C 216 -14.14 18.03 16.27
CA ILE C 216 -14.70 19.23 16.87
C ILE C 216 -14.46 19.23 18.37
N VAL C 217 -14.55 18.04 19.01
CA VAL C 217 -14.23 17.91 20.43
C VAL C 217 -12.80 18.39 20.69
N CYS C 218 -11.85 17.94 19.87
CA CYS C 218 -10.46 18.38 20.04
C CYS C 218 -10.35 19.87 19.84
N PHE C 219 -11.15 20.43 18.90
CA PHE C 219 -11.07 21.87 18.69
C PHE C 219 -11.47 22.65 19.95
N PHE C 220 -12.60 22.30 20.57
CA PHE C 220 -12.97 23.01 21.81
C PHE C 220 -12.03 22.71 22.97
N ARG C 221 -11.54 21.47 23.07
CA ARG C 221 -10.54 21.19 24.11
C ARG C 221 -9.26 22.01 23.89
N GLN C 222 -8.87 22.20 22.64
CA GLN C 222 -7.73 23.07 22.35
C GLN C 222 -8.01 24.50 22.77
N LEU C 223 -9.18 25.02 22.42
CA LEU C 223 -9.57 26.38 22.81
C LEU C 223 -9.46 26.59 24.32
N LYS C 224 -9.75 25.55 25.09
CA LYS C 224 -9.65 25.57 26.55
C LYS C 224 -8.28 25.16 27.09
N PHE C 225 -7.25 25.11 26.22
CA PHE C 225 -5.85 24.82 26.58
C PHE C 225 -5.63 23.43 27.18
N HIS C 226 -6.47 22.44 26.86
CA HIS C 226 -6.27 21.12 27.48
C HIS C 226 -4.96 20.46 27.01
N PHE C 227 -4.59 20.65 25.74
CA PHE C 227 -3.46 19.89 25.19
C PHE C 227 -2.13 20.57 25.53
N THR C 228 -1.11 19.78 25.83
CA THR C 228 0.20 20.37 25.90
C THR C 228 0.94 20.05 24.61
N SER C 229 2.09 20.68 24.44
CA SER C 229 2.84 20.43 23.21
C SER C 229 3.32 18.98 23.11
N ASN C 230 3.30 18.23 24.21
CA ASN C 230 3.79 16.85 24.24
C ASN C 230 2.74 15.81 24.58
N HIS C 231 1.63 16.19 25.17
CA HIS C 231 0.62 15.27 25.66
C HIS C 231 -0.71 15.70 25.07
N HIS C 232 -1.17 14.94 24.07
CA HIS C 232 -2.43 15.29 23.41
C HIS C 232 -2.95 14.06 22.71
N PHE C 233 -3.16 12.97 23.45
CA PHE C 233 -3.50 11.71 22.74
C PHE C 233 -4.88 11.79 22.10
N GLY C 234 -5.84 12.46 22.74
CA GLY C 234 -7.13 12.60 22.07
C GLY C 234 -7.01 13.19 20.66
N PHE C 235 -6.14 14.16 20.48
CA PHE C 235 -5.92 14.71 19.12
C PHE C 235 -5.25 13.66 18.21
N GLU C 236 -4.19 12.99 18.69
CA GLU C 236 -3.59 11.90 17.89
C GLU C 236 -4.63 10.82 17.48
N ALA C 237 -5.44 10.35 18.43
CA ALA C 237 -6.47 9.36 18.09
C ALA C 237 -7.44 9.90 17.03
N ALA C 238 -7.90 11.14 17.19
CA ALA C 238 -8.84 11.72 16.21
C ALA C 238 -8.17 11.81 14.83
N ALA C 239 -6.86 12.13 14.81
CA ALA C 239 -6.12 12.19 13.55
C ALA C 239 -5.96 10.81 12.90
N TRP C 240 -5.65 9.77 13.71
CA TRP C 240 -5.56 8.41 13.18
C TRP C 240 -6.90 7.96 12.60
N TYR C 241 -7.96 8.24 13.33
CA TYR C 241 -9.30 7.89 12.88
C TYR C 241 -9.65 8.65 11.60
N TRP C 242 -9.21 9.90 11.51
CA TRP C 242 -9.43 10.70 10.32
C TRP C 242 -8.67 10.15 9.11
N HIS C 243 -7.43 9.67 9.30
CA HIS C 243 -6.71 9.08 8.18
C HIS C 243 -7.36 7.76 7.75
N PHE C 244 -7.91 7.03 8.72
CA PHE C 244 -8.65 5.81 8.38
C PHE C 244 -9.88 6.14 7.52
N VAL C 245 -10.63 7.17 7.90
CA VAL C 245 -11.80 7.58 7.11
C VAL C 245 -11.37 8.00 5.70
N ASP C 246 -10.22 8.68 5.59
CA ASP C 246 -9.67 9.05 4.30
C ASP C 246 -9.33 7.83 3.46
N VAL C 247 -8.56 6.89 4.03
CA VAL C 247 -8.14 5.70 3.26
C VAL C 247 -9.36 4.85 2.84
N VAL C 248 -10.32 4.68 3.73
CA VAL C 248 -11.56 3.99 3.29
C VAL C 248 -12.22 4.70 2.10
N TRP C 249 -12.36 6.04 2.17
CA TRP C 249 -12.86 6.75 0.98
C TRP C 249 -12.07 6.35 -0.29
N LEU C 250 -10.74 6.34 -0.22
CA LEU C 250 -9.97 6.12 -1.46
C LEU C 250 -10.29 4.76 -2.03
N PHE C 251 -10.43 3.76 -1.15
CA PHE C 251 -10.83 2.40 -1.59
C PHE C 251 -12.24 2.40 -2.18
N LEU C 252 -13.19 3.11 -1.55
CA LEU C 252 -14.53 3.25 -2.13
C LEU C 252 -14.49 3.89 -3.51
N TYR C 253 -13.74 4.97 -3.62
CA TYR C 253 -13.63 5.70 -4.85
C TYR C 253 -13.12 4.80 -5.97
N VAL C 254 -12.00 4.13 -5.74
CA VAL C 254 -11.42 3.28 -6.78
C VAL C 254 -12.31 2.08 -7.07
N SER C 255 -12.90 1.47 -6.03
CA SER C 255 -13.64 0.22 -6.25
C SER C 255 -15.03 0.49 -6.79
N ILE C 256 -15.82 1.28 -6.09
CA ILE C 256 -17.23 1.36 -6.43
C ILE C 256 -17.50 2.45 -7.45
N TYR C 257 -16.90 3.64 -7.30
CA TYR C 257 -17.25 4.77 -8.19
C TYR C 257 -16.56 4.67 -9.54
N TRP C 258 -15.31 4.22 -9.55
CA TRP C 258 -14.47 4.26 -10.74
C TRP C 258 -14.43 2.91 -11.42
N TRP C 259 -13.88 1.91 -10.73
CA TRP C 259 -13.82 0.59 -11.34
C TRP C 259 -15.22 0.00 -11.52
N GLY C 260 -16.14 0.20 -10.56
CA GLY C 260 -17.50 -0.31 -10.74
C GLY C 260 -18.43 0.51 -11.62
N SER C 261 -17.90 1.47 -12.39
CA SER C 261 -18.78 2.29 -13.21
C SER C 261 -18.84 1.77 -14.65
N SER D 4 1.72 -26.57 64.41
CA SER D 4 0.38 -27.11 64.65
C SER D 4 -0.73 -26.36 63.84
N VAL D 5 -1.13 -25.15 64.26
CA VAL D 5 -2.35 -24.48 63.76
C VAL D 5 -1.98 -23.49 62.65
N VAL D 6 -2.53 -23.70 61.47
CA VAL D 6 -2.24 -22.86 60.30
C VAL D 6 -3.34 -21.84 60.10
N LYS D 7 -2.95 -20.59 59.85
CA LYS D 7 -3.92 -19.50 59.72
C LYS D 7 -4.00 -18.99 58.29
N SER D 8 -5.22 -18.59 57.89
CA SER D 8 -5.46 -17.85 56.65
C SER D 8 -4.53 -16.64 56.50
N GLU D 9 -4.40 -15.82 57.57
CA GLU D 9 -3.57 -14.62 57.51
C GLU D 9 -2.10 -14.95 57.33
N ASP D 10 -1.69 -16.21 57.14
CA ASP D 10 -0.29 -16.58 56.99
C ASP D 10 0.09 -16.93 55.56
N TYR D 11 -0.74 -16.58 54.57
CA TYR D 11 -0.51 -17.13 53.23
C TYR D 11 0.80 -16.67 52.59
N ALA D 12 1.35 -15.52 52.98
CA ALA D 12 2.59 -15.09 52.35
C ALA D 12 3.84 -15.67 53.02
N LEU D 13 3.66 -16.49 54.10
CA LEU D 13 4.83 -17.02 54.78
C LEU D 13 5.20 -18.41 54.27
N PRO D 14 6.47 -18.80 54.32
CA PRO D 14 6.83 -20.18 53.95
C PRO D 14 5.97 -21.15 54.75
N SER D 15 5.54 -22.23 54.12
CA SER D 15 4.56 -23.11 54.79
C SER D 15 5.01 -24.56 54.69
N TYR D 16 4.39 -25.42 55.50
CA TYR D 16 4.68 -26.88 55.49
C TYR D 16 3.86 -27.60 54.43
N VAL D 17 4.45 -28.62 53.80
CA VAL D 17 3.69 -29.50 52.91
C VAL D 17 4.29 -30.88 53.02
N ASP D 18 3.42 -31.91 52.96
CA ASP D 18 3.86 -33.29 52.77
C ASP D 18 3.68 -33.65 51.30
N ARG D 19 4.76 -33.72 50.56
CA ARG D 19 4.75 -34.10 49.14
C ARG D 19 5.94 -35.01 48.91
N ARG D 20 5.73 -36.17 48.29
CA ARG D 20 6.87 -37.11 48.17
C ARG D 20 7.96 -36.59 47.23
N ASP D 21 7.62 -35.68 46.32
CA ASP D 21 8.59 -35.00 45.46
C ASP D 21 9.15 -33.72 46.08
N TYR D 22 8.84 -33.42 47.34
CA TYR D 22 9.42 -32.24 48.02
C TYR D 22 9.74 -32.70 49.44
N PRO D 23 10.69 -33.63 49.59
CA PRO D 23 10.84 -34.34 50.88
C PRO D 23 11.17 -33.45 52.07
N LEU D 24 11.90 -32.35 51.88
CA LEU D 24 12.30 -31.49 53.00
C LEU D 24 11.63 -30.12 52.87
N PRO D 25 10.47 -29.91 53.49
CA PRO D 25 9.69 -28.67 53.29
C PRO D 25 10.39 -27.50 53.92
N ASP D 26 9.81 -26.31 53.70
CA ASP D 26 10.53 -25.06 54.01
C ASP D 26 10.54 -24.73 55.50
N VAL D 27 9.68 -25.39 56.27
CA VAL D 27 9.62 -25.15 57.71
C VAL D 27 9.39 -26.47 58.39
N ALA D 28 9.72 -26.50 59.68
CA ALA D 28 9.37 -27.61 60.54
C ALA D 28 7.86 -27.67 60.74
N HIS D 29 7.34 -28.89 60.85
CA HIS D 29 5.94 -29.08 61.18
C HIS D 29 5.58 -28.44 62.54
N VAL D 30 6.41 -28.65 63.54
CA VAL D 30 6.22 -28.05 64.88
C VAL D 30 7.37 -27.09 65.13
N LYS D 31 7.08 -25.80 65.31
CA LYS D 31 8.16 -24.88 65.69
C LYS D 31 8.21 -24.59 67.20
N ASN D 32 7.08 -24.55 67.90
CA ASN D 32 7.14 -24.28 69.35
C ASN D 32 7.46 -25.57 70.11
N LEU D 33 8.36 -25.48 71.07
CA LEU D 33 8.83 -26.66 71.81
C LEU D 33 8.58 -26.55 73.32
N SER D 34 8.09 -27.64 73.90
CA SER D 34 7.95 -27.72 75.36
C SER D 34 9.32 -27.76 76.03
N ALA D 35 9.34 -27.68 77.37
CA ALA D 35 10.59 -27.93 78.07
C ALA D 35 11.22 -29.26 77.66
N SER D 36 10.44 -30.34 77.64
CA SER D 36 11.16 -31.58 77.34
C SER D 36 11.54 -31.67 75.85
N GLN D 37 10.74 -31.06 74.96
CA GLN D 37 11.15 -31.07 73.55
C GLN D 37 12.40 -30.22 73.33
N LYS D 38 12.54 -29.12 74.06
CA LYS D 38 13.80 -28.39 74.01
C LYS D 38 14.96 -29.27 74.47
N ALA D 39 14.78 -30.01 75.59
CA ALA D 39 15.88 -30.85 76.06
C ALA D 39 16.22 -31.91 75.00
N LEU D 40 15.19 -32.41 74.30
CA LEU D 40 15.39 -33.40 73.24
C LEU D 40 16.21 -32.81 72.09
N LYS D 41 15.95 -31.55 71.71
CA LYS D 41 16.74 -30.90 70.68
C LYS D 41 18.20 -30.69 71.09
N GLU D 42 18.47 -30.42 72.39
CA GLU D 42 19.85 -30.37 72.87
C GLU D 42 20.52 -31.75 72.80
N LYS D 43 19.79 -32.79 73.19
CA LYS D 43 20.39 -34.12 73.17
C LYS D 43 20.66 -34.59 71.74
N GLU D 44 19.84 -34.13 70.79
CA GLU D 44 20.11 -34.40 69.37
C GLU D 44 21.45 -33.81 68.95
N LYS D 45 22.04 -32.89 69.72
CA LYS D 45 23.35 -32.41 69.25
C LYS D 45 24.51 -33.34 69.60
N ALA D 46 24.28 -34.34 70.46
CA ALA D 46 25.28 -35.37 70.79
C ALA D 46 24.98 -36.60 69.94
N SER D 47 25.66 -37.73 70.20
CA SER D 47 25.51 -38.94 69.36
C SER D 47 24.07 -39.46 69.29
N TRP D 48 23.61 -39.73 68.05
CA TRP D 48 22.25 -40.19 67.88
C TRP D 48 22.08 -41.62 68.36
N SER D 49 23.19 -42.35 68.50
CA SER D 49 23.18 -43.66 69.18
C SER D 49 22.71 -43.57 70.63
N SER D 50 22.87 -42.41 71.29
CA SER D 50 22.30 -42.30 72.63
C SER D 50 20.83 -41.90 72.67
N LEU D 51 20.20 -41.59 71.54
CA LEU D 51 18.75 -41.37 71.51
C LEU D 51 18.00 -42.69 71.56
N SER D 52 16.94 -42.73 72.35
CA SER D 52 16.04 -43.88 72.31
C SER D 52 15.22 -43.87 71.02
N ILE D 53 14.65 -45.04 70.71
CA ILE D 53 13.69 -45.15 69.62
C ILE D 53 12.57 -44.10 69.78
N ASP D 54 11.98 -44.02 70.99
CA ASP D 54 10.89 -43.04 71.18
C ASP D 54 11.38 -41.63 70.95
N GLU D 55 12.60 -41.31 71.39
CA GLU D 55 13.12 -39.97 71.16
C GLU D 55 13.30 -39.71 69.67
N LYS D 56 13.74 -40.72 68.91
CA LYS D 56 13.91 -40.57 67.46
C LYS D 56 12.56 -40.35 66.76
N VAL D 57 11.55 -41.14 67.09
CA VAL D 57 10.20 -40.91 66.55
C VAL D 57 9.71 -39.51 66.89
N GLU D 58 9.93 -39.06 68.13
CA GLU D 58 9.49 -37.71 68.49
C GLU D 58 10.23 -36.62 67.69
N LEU D 59 11.55 -36.77 67.52
CA LEU D 59 12.26 -35.80 66.67
C LEU D 59 11.70 -35.78 65.23
N TYR D 60 11.35 -36.96 64.71
CA TYR D 60 10.77 -37.04 63.36
C TYR D 60 9.44 -36.31 63.33
N ARG D 61 8.60 -36.54 64.34
CA ARG D 61 7.25 -35.95 64.38
C ARG D 61 7.28 -34.45 64.68
N LEU D 62 8.38 -33.93 65.23
CA LEU D 62 8.53 -32.47 65.34
C LEU D 62 8.80 -31.84 63.98
N LYS D 63 9.65 -32.50 63.18
CA LYS D 63 10.04 -31.99 61.87
C LYS D 63 8.94 -32.16 60.83
N PHE D 64 8.31 -33.34 60.84
CA PHE D 64 7.39 -33.73 59.79
C PHE D 64 6.04 -34.09 60.40
N LYS D 65 4.99 -33.87 59.61
CA LYS D 65 3.65 -34.27 60.04
C LYS D 65 3.41 -35.75 59.72
N GLU D 66 3.29 -36.08 58.44
CA GLU D 66 3.12 -37.48 58.05
C GLU D 66 4.40 -38.01 57.41
N SER D 67 4.64 -39.28 57.66
CA SER D 67 5.66 -40.07 56.98
C SER D 67 5.27 -40.36 55.52
N PHE D 68 6.25 -40.84 54.76
CA PHE D 68 5.97 -41.22 53.38
C PHE D 68 4.90 -42.31 53.30
N ALA D 69 5.02 -43.37 54.10
CA ALA D 69 3.95 -44.38 54.03
C ALA D 69 2.58 -43.78 54.32
N GLU D 70 2.47 -42.87 55.30
CA GLU D 70 1.16 -42.28 55.62
C GLU D 70 0.66 -41.41 54.48
N MET D 71 1.51 -40.53 53.94
CA MET D 71 1.00 -39.58 52.95
C MET D 71 0.70 -40.26 51.63
N ASN D 72 1.30 -41.42 51.34
CA ASN D 72 1.07 -42.15 50.08
C ASN D 72 -0.01 -43.19 50.21
N ARG D 73 -0.70 -43.27 51.34
CA ARG D 73 -1.58 -44.40 51.52
C ARG D 73 -2.74 -44.36 50.52
N SER D 74 -3.19 -45.53 50.11
CA SER D 74 -4.39 -45.61 49.28
C SER D 74 -5.64 -45.55 50.16
N THR D 75 -6.81 -45.31 49.53
CA THR D 75 -8.08 -45.17 50.24
C THR D 75 -9.17 -46.01 49.58
N ASN D 76 -10.30 -46.11 50.25
CA ASN D 76 -11.50 -46.75 49.72
C ASN D 76 -12.38 -45.77 48.95
N GLU D 77 -11.89 -44.56 48.68
CA GLU D 77 -12.73 -43.55 48.03
C GLU D 77 -13.35 -44.06 46.70
N TRP D 78 -12.64 -44.90 45.94
CA TRP D 78 -13.16 -45.37 44.65
C TRP D 78 -14.49 -46.06 44.80
N LYS D 79 -14.69 -46.79 45.90
CA LYS D 79 -15.96 -47.46 46.12
C LYS D 79 -17.11 -46.46 46.20
N THR D 80 -16.91 -45.41 47.00
CA THR D 80 -17.92 -44.36 47.13
C THR D 80 -18.18 -43.72 45.77
N VAL D 81 -17.10 -43.37 45.06
CA VAL D 81 -17.26 -42.68 43.77
C VAL D 81 -18.05 -43.56 42.78
N VAL D 82 -17.62 -44.80 42.61
CA VAL D 82 -18.22 -45.63 41.57
C VAL D 82 -19.63 -45.99 41.97
N GLY D 83 -19.83 -46.33 43.25
CA GLY D 83 -21.17 -46.64 43.70
C GLY D 83 -22.14 -45.47 43.59
N ALA D 84 -21.70 -44.28 44.01
CA ALA D 84 -22.58 -43.11 43.89
C ALA D 84 -22.85 -42.76 42.43
N ALA D 85 -21.83 -42.87 41.57
CA ALA D 85 -22.09 -42.59 40.15
C ALA D 85 -23.17 -43.53 39.62
N MET D 86 -23.09 -44.80 39.99
CA MET D 86 -24.06 -45.77 39.48
C MET D 86 -25.44 -45.47 40.06
N PHE D 87 -25.49 -44.96 41.30
CA PHE D 87 -26.77 -44.54 41.86
C PHE D 87 -27.41 -43.44 41.02
N PHE D 88 -26.64 -42.42 40.65
CA PHE D 88 -27.27 -41.31 39.93
C PHE D 88 -27.58 -41.71 38.48
N ILE D 89 -26.79 -42.61 37.91
CA ILE D 89 -27.15 -43.17 36.61
C ILE D 89 -28.44 -43.98 36.75
N GLY D 90 -28.56 -44.74 37.82
CA GLY D 90 -29.81 -45.44 38.06
C GLY D 90 -30.97 -44.48 38.28
N PHE D 91 -30.74 -43.40 39.04
CA PHE D 91 -31.77 -42.36 39.18
C PHE D 91 -32.26 -41.85 37.81
N THR D 92 -31.34 -41.65 36.87
CA THR D 92 -31.68 -41.13 35.55
C THR D 92 -32.72 -42.01 34.84
N ALA D 93 -32.59 -43.33 34.97
CA ALA D 93 -33.63 -44.26 34.41
C ALA D 93 -35.02 -43.97 34.98
N LEU D 94 -35.11 -43.51 36.24
CA LEU D 94 -36.43 -43.14 36.78
C LEU D 94 -37.01 -41.98 35.98
N LEU D 95 -36.15 -40.98 35.62
CA LEU D 95 -36.63 -39.88 34.78
C LEU D 95 -37.12 -40.41 33.44
N LEU D 96 -36.40 -41.39 32.90
CA LEU D 96 -36.74 -41.95 31.60
C LEU D 96 -38.01 -42.78 31.68
N ILE D 97 -38.21 -43.47 32.81
CA ILE D 97 -39.49 -44.17 33.05
C ILE D 97 -40.63 -43.16 33.08
N TRP D 98 -40.45 -42.09 33.83
CA TRP D 98 -41.50 -41.08 33.94
C TRP D 98 -41.82 -40.50 32.57
N GLU D 99 -40.78 -40.19 31.80
CA GLU D 99 -41.01 -39.58 30.49
C GLU D 99 -41.83 -40.51 29.59
N LYS D 100 -41.48 -41.80 29.57
CA LYS D 100 -42.20 -42.74 28.70
C LYS D 100 -43.64 -42.90 29.17
N HIS D 101 -43.87 -42.82 30.49
CA HIS D 101 -45.23 -43.00 30.98
C HIS D 101 -46.11 -41.76 30.77
N TYR D 102 -45.59 -40.56 31.05
CA TYR D 102 -46.44 -39.38 31.07
C TYR D 102 -46.28 -38.45 29.88
N VAL D 103 -45.24 -38.60 29.07
CA VAL D 103 -44.96 -37.64 28.01
C VAL D 103 -45.11 -38.25 26.62
N TYR D 104 -44.46 -39.39 26.38
CA TYR D 104 -44.51 -40.01 25.06
C TYR D 104 -45.88 -40.67 24.83
N GLY D 105 -46.48 -40.42 23.64
CA GLY D 105 -47.66 -41.12 23.21
C GLY D 105 -47.27 -42.37 22.44
N PRO D 106 -48.21 -42.98 21.74
CA PRO D 106 -47.89 -44.15 20.92
C PRO D 106 -46.92 -43.80 19.81
N ILE D 107 -46.09 -44.77 19.45
CA ILE D 107 -45.18 -44.60 18.30
C ILE D 107 -45.93 -44.99 17.02
N PRO D 108 -45.45 -44.63 15.83
CA PRO D 108 -46.26 -44.82 14.63
C PRO D 108 -46.60 -46.29 14.38
N HIS D 109 -47.69 -46.51 13.62
CA HIS D 109 -48.18 -47.87 13.38
C HIS D 109 -47.21 -48.69 12.56
N THR D 110 -46.20 -48.07 11.93
CA THR D 110 -45.21 -48.78 11.14
C THR D 110 -44.28 -49.65 11.97
N PHE D 111 -44.37 -49.58 13.29
CA PHE D 111 -43.59 -50.48 14.14
C PHE D 111 -44.40 -51.70 14.62
N GLU D 112 -45.68 -51.83 14.26
CA GLU D 112 -46.45 -53.03 14.57
C GLU D 112 -45.79 -54.25 13.93
N GLU D 113 -45.84 -55.39 14.61
CA GLU D 113 -45.15 -56.59 14.14
C GLU D 113 -45.50 -56.96 12.68
N GLU D 114 -46.78 -56.87 12.29
CA GLU D 114 -47.12 -57.29 10.92
C GLU D 114 -46.59 -56.27 9.88
N TRP D 115 -46.68 -54.96 10.17
CA TRP D 115 -46.07 -53.97 9.28
C TRP D 115 -44.60 -54.27 9.05
N VAL D 116 -43.85 -54.51 10.13
CA VAL D 116 -42.41 -54.73 10.04
C VAL D 116 -42.09 -55.96 9.22
N ALA D 117 -42.87 -57.03 9.40
CA ALA D 117 -42.64 -58.26 8.60
C ALA D 117 -42.87 -57.99 7.12
N LYS D 118 -43.86 -57.19 6.80
CA LYS D 118 -44.08 -56.93 5.38
C LYS D 118 -43.06 -55.96 4.81
N GLN D 119 -42.64 -54.98 5.64
CA GLN D 119 -41.64 -54.04 5.19
C GLN D 119 -40.32 -54.75 4.97
N THR D 120 -40.01 -55.70 5.86
CA THR D 120 -38.81 -56.52 5.70
C THR D 120 -38.86 -57.30 4.39
N LYS D 121 -40.00 -57.92 4.06
CA LYS D 121 -40.08 -58.61 2.77
C LYS D 121 -39.88 -57.60 1.63
N ARG D 122 -40.54 -56.46 1.71
CA ARG D 122 -40.40 -55.46 0.65
C ARG D 122 -38.95 -54.96 0.53
N MET D 123 -38.28 -54.70 1.67
CA MET D 123 -36.87 -54.32 1.60
C MET D 123 -36.04 -55.41 0.92
N LEU D 124 -36.33 -56.69 1.21
CA LEU D 124 -35.64 -57.80 0.56
C LEU D 124 -35.97 -57.93 -0.91
N ASP D 125 -37.23 -57.62 -1.29
CA ASP D 125 -37.63 -57.64 -2.70
C ASP D 125 -36.92 -56.57 -3.49
N MET D 126 -36.64 -55.41 -2.89
CA MET D 126 -35.89 -54.38 -3.61
C MET D 126 -34.40 -54.51 -3.36
N LYS D 127 -33.99 -55.55 -2.64
CA LYS D 127 -32.59 -55.90 -2.46
C LYS D 127 -31.82 -54.77 -1.76
N VAL D 128 -32.45 -54.14 -0.77
CA VAL D 128 -31.74 -53.18 0.10
C VAL D 128 -30.40 -53.74 0.53
N ALA D 129 -29.34 -52.94 0.33
CA ALA D 129 -27.97 -53.30 0.76
C ALA D 129 -27.62 -54.76 0.41
N PRO D 130 -27.59 -55.12 -0.87
CA PRO D 130 -27.44 -56.54 -1.28
C PRO D 130 -26.01 -57.02 -1.23
N ILE D 131 -25.04 -56.10 -1.07
CA ILE D 131 -23.62 -56.48 -1.08
C ILE D 131 -23.13 -56.84 0.32
N GLN D 132 -23.55 -56.10 1.35
CA GLN D 132 -23.11 -56.43 2.69
C GLN D 132 -24.17 -56.20 3.75
N GLY D 133 -24.94 -55.10 3.66
CA GLY D 133 -25.62 -54.60 4.85
C GLY D 133 -26.96 -55.23 5.25
N PHE D 134 -27.76 -55.71 4.30
CA PHE D 134 -29.09 -56.18 4.67
C PHE D 134 -29.49 -57.43 3.88
N SER D 135 -29.87 -57.24 2.60
CA SER D 135 -30.26 -58.38 1.75
C SER D 135 -29.12 -59.38 1.58
N ALA D 136 -27.86 -58.91 1.67
CA ALA D 136 -26.74 -59.84 1.65
C ALA D 136 -26.86 -60.88 2.76
N LYS D 137 -27.62 -60.61 3.82
CA LYS D 137 -27.71 -61.57 4.92
C LYS D 137 -28.88 -62.50 4.76
N TRP D 138 -29.63 -62.37 3.67
CA TRP D 138 -30.77 -63.24 3.35
C TRP D 138 -30.38 -64.21 2.24
N ASP D 139 -30.84 -65.46 2.38
CA ASP D 139 -30.55 -66.51 1.42
C ASP D 139 -31.76 -66.66 0.49
N TYR D 140 -31.62 -66.11 -0.73
CA TYR D 140 -32.73 -66.09 -1.65
C TYR D 140 -33.03 -67.48 -2.16
N ASP D 141 -32.07 -68.40 -2.04
CA ASP D 141 -32.32 -69.76 -2.49
C ASP D 141 -33.07 -70.57 -1.43
N LYS D 142 -32.61 -70.55 -0.18
CA LYS D 142 -33.28 -71.31 0.86
C LYS D 142 -34.44 -70.55 1.49
N ASN D 143 -34.67 -69.30 1.09
CA ASN D 143 -35.78 -68.49 1.57
C ASN D 143 -35.72 -68.30 3.09
N GLU D 144 -34.52 -68.02 3.60
CA GLU D 144 -34.34 -67.84 5.04
C GLU D 144 -33.12 -66.97 5.29
N TRP D 145 -32.97 -66.49 6.54
CA TRP D 145 -31.79 -65.72 6.90
C TRP D 145 -30.58 -66.65 6.89
N LYS D 146 -29.47 -66.16 6.33
CA LYS D 146 -28.23 -66.93 6.35
C LYS D 146 -27.78 -67.25 7.77
N LYS D 147 -27.24 -68.44 7.93
CA LYS D 147 -26.49 -68.78 9.13
C LYS D 147 -25.11 -68.18 9.05
N HIS E 5 25.67 -35.23 29.06
CA HIS E 5 26.67 -34.17 29.09
C HIS E 5 27.90 -34.66 29.83
N GLU E 6 27.75 -34.84 31.13
CA GLU E 6 28.78 -35.49 31.94
C GLU E 6 28.42 -36.96 32.12
N THR E 7 29.46 -37.76 32.39
CA THR E 7 29.32 -39.15 32.79
C THR E 7 28.48 -39.29 34.06
N ASP E 8 27.96 -40.49 34.27
CA ASP E 8 27.34 -40.82 35.54
C ASP E 8 28.30 -40.57 36.70
N GLU E 9 29.59 -40.78 36.48
CA GLU E 9 30.54 -40.67 37.60
C GLU E 9 30.77 -39.22 37.95
N GLU E 10 30.83 -38.36 36.93
CA GLU E 10 30.97 -36.93 37.19
C GLU E 10 29.74 -36.35 37.86
N PHE E 11 28.54 -36.81 37.46
CA PHE E 11 27.32 -36.40 38.15
C PHE E 11 27.39 -36.72 39.64
N ASP E 12 27.65 -37.98 39.97
CA ASP E 12 27.64 -38.39 41.37
C ASP E 12 28.66 -37.62 42.18
N ALA E 13 29.82 -37.34 41.57
CA ALA E 13 30.89 -36.64 42.28
C ALA E 13 30.52 -35.20 42.59
N ARG E 14 29.86 -34.52 41.63
CA ARG E 14 29.34 -33.18 41.88
C ARG E 14 28.39 -33.18 43.07
N TRP E 15 27.54 -34.22 43.17
CA TRP E 15 26.57 -34.33 44.26
C TRP E 15 27.24 -34.73 45.57
N VAL E 16 28.20 -35.67 45.55
CA VAL E 16 28.94 -35.97 46.78
C VAL E 16 29.67 -34.72 47.28
N THR E 17 30.30 -33.98 46.38
CA THR E 17 30.98 -32.75 46.78
C THR E 17 30.01 -31.75 47.39
N TYR E 18 28.85 -31.54 46.74
CA TYR E 18 27.82 -30.64 47.25
C TYR E 18 27.49 -30.93 48.72
N PHE E 19 27.17 -32.18 49.03
CA PHE E 19 26.76 -32.42 50.41
C PHE E 19 27.94 -32.46 51.39
N ASN E 20 29.16 -32.76 50.92
CA ASN E 20 30.29 -32.82 51.83
C ASN E 20 30.79 -31.45 52.28
N LYS E 21 30.28 -30.36 51.72
CA LYS E 21 30.83 -29.07 52.09
C LYS E 21 30.69 -28.89 53.57
N PRO E 22 31.78 -28.66 54.31
CA PRO E 22 31.71 -28.77 55.77
C PRO E 22 30.65 -27.88 56.39
N ASP E 23 30.52 -26.65 55.91
CA ASP E 23 29.63 -25.64 56.47
C ASP E 23 28.37 -25.43 55.61
N ILE E 24 27.98 -26.45 54.85
CA ILE E 24 26.68 -26.47 54.22
C ILE E 24 25.59 -26.03 55.22
N ASP E 25 24.67 -25.18 54.80
CA ASP E 25 23.66 -24.77 55.77
C ASP E 25 22.36 -25.51 55.54
N ALA E 26 21.35 -25.24 56.38
CA ALA E 26 20.12 -26.05 56.32
C ALA E 26 19.41 -25.84 55.00
N TRP E 27 19.40 -24.59 54.52
CA TRP E 27 18.75 -24.29 53.22
C TRP E 27 19.39 -25.09 52.07
N GLU E 28 20.72 -25.19 52.07
CA GLU E 28 21.45 -25.88 51.01
C GLU E 28 21.21 -27.38 51.06
N LEU E 29 21.07 -27.92 52.28
CA LEU E 29 20.72 -29.32 52.41
C LEU E 29 19.34 -29.59 51.79
N ARG E 30 18.34 -28.80 52.16
CA ARG E 30 16.99 -29.00 51.62
C ARG E 30 16.95 -28.79 50.09
N LYS E 31 17.60 -27.72 49.62
CA LYS E 31 17.67 -27.45 48.20
C LYS E 31 18.33 -28.59 47.42
N GLY E 32 19.37 -29.17 47.99
CA GLY E 32 20.04 -30.26 47.30
C GLY E 32 19.16 -31.50 47.19
N MET E 33 18.57 -31.92 48.31
CA MET E 33 17.72 -33.10 48.28
C MET E 33 16.48 -32.89 47.42
N ASN E 34 15.82 -31.74 47.58
CA ASN E 34 14.61 -31.44 46.80
C ASN E 34 14.93 -31.32 45.31
N THR E 35 16.15 -30.92 44.92
CA THR E 35 16.46 -30.85 43.49
C THR E 35 16.79 -32.24 42.96
N LEU E 36 17.59 -32.93 43.74
CA LEU E 36 18.05 -34.27 43.39
C LEU E 36 16.92 -35.22 43.09
N VAL E 37 15.82 -35.16 43.86
CA VAL E 37 14.80 -36.15 43.64
C VAL E 37 13.97 -35.85 42.40
N GLY E 38 14.21 -34.72 41.74
CA GLY E 38 13.56 -34.50 40.46
C GLY E 38 14.14 -35.33 39.30
N TYR E 39 15.28 -35.97 39.49
CA TYR E 39 15.97 -36.63 38.39
C TYR E 39 15.45 -38.04 38.21
N ASP E 40 15.67 -38.57 37.01
CA ASP E 40 15.22 -39.93 36.69
C ASP E 40 16.32 -40.87 37.15
N LEU E 41 16.45 -40.98 38.47
CA LEU E 41 17.41 -41.88 39.11
C LEU E 41 17.14 -41.95 40.60
N VAL E 42 17.55 -43.06 41.21
CA VAL E 42 17.68 -43.23 42.65
C VAL E 42 19.12 -42.89 43.00
N PRO E 43 19.39 -41.99 43.93
CA PRO E 43 20.78 -41.53 44.14
C PRO E 43 21.68 -42.66 44.63
N GLU E 44 22.90 -42.70 44.09
CA GLU E 44 23.91 -43.68 44.51
C GLU E 44 24.12 -43.62 46.02
N PRO E 45 24.36 -44.76 46.68
CA PRO E 45 24.74 -44.75 48.11
C PRO E 45 25.77 -43.71 48.50
N LYS E 46 26.75 -43.46 47.64
CA LYS E 46 27.77 -42.51 48.07
C LYS E 46 27.20 -41.10 48.14
N ILE E 47 26.16 -40.78 47.36
CA ILE E 47 25.52 -39.48 47.49
C ILE E 47 24.73 -39.39 48.81
N ILE E 48 23.89 -40.40 49.07
CA ILE E 48 23.09 -40.46 50.28
C ILE E 48 24.00 -40.41 51.51
N ASP E 49 25.10 -41.15 51.45
CA ASP E 49 26.09 -41.10 52.54
C ASP E 49 26.53 -39.67 52.83
N ALA E 50 26.87 -38.92 51.77
CA ALA E 50 27.29 -37.54 52.02
C ALA E 50 26.15 -36.68 52.58
N ALA E 51 24.91 -36.88 52.06
CA ALA E 51 23.77 -36.09 52.56
C ALA E 51 23.48 -36.42 54.03
N LEU E 52 23.57 -37.69 54.40
CA LEU E 52 23.35 -38.09 55.80
C LEU E 52 24.38 -37.44 56.73
N ARG E 53 25.65 -37.39 56.31
CA ARG E 53 26.68 -36.76 57.13
C ARG E 53 26.49 -35.25 57.17
N ALA E 54 25.94 -34.64 56.11
CA ALA E 54 25.54 -33.23 56.23
C ALA E 54 24.45 -33.09 57.30
N CYS E 55 23.47 -34.01 57.33
CA CYS E 55 22.45 -33.97 58.38
C CYS E 55 23.10 -33.96 59.73
N ARG E 56 24.15 -34.78 59.88
CA ARG E 56 24.83 -34.89 61.17
C ARG E 56 25.48 -33.57 61.54
N ARG E 57 26.13 -32.93 60.57
CA ARG E 57 26.77 -31.65 60.88
C ARG E 57 25.75 -30.59 61.22
N LEU E 58 24.52 -30.73 60.71
CA LEU E 58 23.43 -29.78 60.96
C LEU E 58 22.58 -30.16 62.16
N ASN E 59 22.97 -31.22 62.90
CA ASN E 59 22.22 -31.71 64.06
C ASN E 59 20.76 -31.97 63.73
N ASP E 60 20.54 -32.63 62.61
CA ASP E 60 19.17 -32.85 62.09
C ASP E 60 18.94 -34.34 61.86
N PHE E 61 18.59 -35.05 62.93
CA PHE E 61 18.29 -36.47 62.83
C PHE E 61 17.09 -36.73 61.92
N ALA E 62 16.06 -35.90 62.03
CA ALA E 62 14.81 -36.23 61.36
C ALA E 62 14.97 -36.20 59.85
N SER E 63 15.77 -35.25 59.35
CA SER E 63 15.93 -35.15 57.90
C SER E 63 16.73 -36.33 57.36
N ALA E 64 17.65 -36.88 58.17
CA ALA E 64 18.34 -38.12 57.81
C ALA E 64 17.34 -39.25 57.56
N VAL E 65 16.37 -39.42 58.44
CA VAL E 65 15.38 -40.48 58.23
C VAL E 65 14.57 -40.19 56.96
N ARG E 66 14.24 -38.91 56.73
CA ARG E 66 13.39 -38.53 55.58
C ARG E 66 14.12 -38.82 54.28
N ILE E 67 15.43 -38.62 54.29
CA ILE E 67 16.25 -38.87 53.11
C ILE E 67 16.19 -40.37 52.77
N LEU E 68 16.23 -41.25 53.79
CA LEU E 68 16.09 -42.68 53.54
C LEU E 68 14.71 -43.00 52.92
N GLU E 69 13.66 -42.40 53.45
CA GLU E 69 12.31 -42.61 52.89
C GLU E 69 12.25 -42.21 51.41
N VAL E 70 12.90 -41.10 51.06
CA VAL E 70 12.78 -40.65 49.69
C VAL E 70 13.60 -41.54 48.75
N VAL E 71 14.65 -42.20 49.25
CA VAL E 71 15.35 -43.20 48.42
C VAL E 71 14.38 -44.32 48.02
N LYS E 72 13.70 -44.89 49.02
CA LYS E 72 12.65 -45.87 48.79
C LYS E 72 11.59 -45.35 47.80
N ASP E 73 11.14 -44.12 47.99
CA ASP E 73 10.06 -43.63 47.15
C ASP E 73 10.52 -43.50 45.69
N LYS E 74 11.77 -43.06 45.48
CA LYS E 74 12.24 -42.82 44.12
C LYS E 74 12.39 -44.11 43.33
N ALA E 75 12.48 -45.26 44.01
CA ALA E 75 12.62 -46.55 43.35
C ALA E 75 11.32 -47.06 42.76
N GLY E 76 10.18 -46.51 43.21
CA GLY E 76 8.90 -46.89 42.63
C GLY E 76 8.61 -48.38 42.84
N PRO E 77 8.22 -49.11 41.81
CA PRO E 77 7.92 -50.54 41.98
C PRO E 77 9.17 -51.42 42.08
N HIS E 78 10.36 -50.88 41.89
CA HIS E 78 11.57 -51.72 41.93
C HIS E 78 11.96 -51.93 43.38
N LYS E 79 11.35 -52.94 43.97
CA LYS E 79 11.46 -53.19 45.39
C LYS E 79 12.85 -53.66 45.82
N GLU E 80 13.76 -53.92 44.87
CA GLU E 80 15.08 -54.39 45.21
C GLU E 80 16.06 -53.25 45.47
N ILE E 81 15.77 -52.03 45.02
CA ILE E 81 16.77 -50.97 45.14
C ILE E 81 16.96 -50.53 46.59
N TYR E 82 15.87 -50.33 47.33
CA TYR E 82 16.01 -49.71 48.65
C TYR E 82 16.76 -50.61 49.61
N PRO E 83 16.45 -51.90 49.74
CA PRO E 83 17.25 -52.75 50.62
C PRO E 83 18.68 -52.83 50.19
N TYR E 84 18.98 -52.69 48.89
CA TYR E 84 20.38 -52.62 48.49
C TYR E 84 21.03 -51.36 49.03
N VAL E 85 20.34 -50.20 48.94
CA VAL E 85 20.96 -48.95 49.37
C VAL E 85 21.23 -48.96 50.87
N ILE E 86 20.25 -49.45 51.65
CA ILE E 86 20.36 -49.59 53.09
C ILE E 86 21.51 -50.52 53.44
N GLN E 87 21.58 -51.69 52.78
CA GLN E 87 22.73 -52.58 52.92
C GLN E 87 24.05 -51.84 52.80
N GLU E 88 24.19 -51.03 51.73
CA GLU E 88 25.42 -50.30 51.51
C GLU E 88 25.65 -49.20 52.53
N LEU E 89 24.57 -48.61 53.10
CA LEU E 89 24.75 -47.53 54.07
C LEU E 89 24.93 -48.03 55.50
N ARG E 90 24.82 -49.34 55.75
CA ARG E 90 24.76 -49.83 57.13
C ARG E 90 25.94 -49.36 57.97
N PRO E 91 27.20 -49.34 57.48
CA PRO E 91 28.27 -48.85 58.35
C PRO E 91 28.08 -47.39 58.72
N THR E 92 27.62 -46.56 57.78
CA THR E 92 27.32 -45.17 58.11
C THR E 92 26.16 -45.08 59.11
N LEU E 93 25.09 -45.82 58.87
CA LEU E 93 23.95 -45.82 59.77
C LEU E 93 24.38 -46.19 61.20
N ASN E 94 25.25 -47.19 61.31
CA ASN E 94 25.80 -47.59 62.60
C ASN E 94 26.71 -46.52 63.19
N GLU E 95 27.61 -45.98 62.37
CA GLU E 95 28.53 -44.98 62.90
C GLU E 95 27.78 -43.73 63.39
N LEU E 96 26.66 -43.38 62.78
CA LEU E 96 25.98 -42.14 63.07
C LEU E 96 24.78 -42.30 63.99
N GLY E 97 24.41 -43.54 64.33
CA GLY E 97 23.21 -43.81 65.09
C GLY E 97 21.91 -43.52 64.34
N ILE E 98 21.87 -43.67 63.00
CA ILE E 98 20.66 -43.32 62.24
C ILE E 98 19.82 -44.58 62.14
N SER E 99 18.64 -44.58 62.76
CA SER E 99 17.67 -45.66 62.60
C SER E 99 16.92 -45.53 61.27
N THR E 100 16.61 -46.65 60.63
CA THR E 100 15.86 -46.61 59.39
C THR E 100 14.40 -46.27 59.69
N PRO E 101 13.65 -45.88 58.66
CA PRO E 101 12.20 -45.68 58.86
C PRO E 101 11.53 -46.94 59.33
N GLU E 102 11.95 -48.10 58.82
CA GLU E 102 11.38 -49.37 59.27
C GLU E 102 11.72 -49.63 60.74
N GLU E 103 12.97 -49.38 61.15
CA GLU E 103 13.30 -49.53 62.57
C GLU E 103 12.50 -48.57 63.46
N LEU E 104 11.97 -47.46 62.90
CA LEU E 104 11.19 -46.49 63.68
C LEU E 104 9.68 -46.71 63.55
N GLY E 105 9.27 -47.75 62.87
CA GLY E 105 7.86 -47.97 62.58
C GLY E 105 7.21 -46.96 61.65
N LEU E 106 7.99 -46.15 60.91
CA LEU E 106 7.43 -45.08 60.04
C LEU E 106 7.09 -45.55 58.63
N ASP E 107 7.18 -46.87 58.37
CA ASP E 107 6.70 -47.49 57.14
C ASP E 107 5.27 -48.00 57.28
N LYS E 108 4.66 -47.81 58.45
CA LYS E 108 3.31 -48.26 58.71
C LYS E 108 2.33 -47.19 58.27
N VAL E 109 1.34 -47.57 57.47
CA VAL E 109 0.37 -46.60 56.94
C VAL E 109 -0.44 -45.95 58.06
N ALA F 1 3.70 33.14 11.08
CA ALA F 1 4.53 31.96 11.24
C ALA F 1 5.10 31.81 12.66
N SER F 2 4.28 31.22 13.54
CA SER F 2 4.64 30.64 14.83
C SER F 2 4.74 31.65 15.98
N GLY F 3 3.66 31.73 16.75
CA GLY F 3 3.71 32.18 18.12
C GLY F 3 3.60 31.00 19.07
N GLY F 4 3.21 31.28 20.31
CA GLY F 4 3.08 30.26 21.36
C GLY F 4 1.63 30.04 21.76
N GLY F 5 1.38 29.98 23.08
CA GLY F 5 0.06 29.79 23.61
C GLY F 5 -0.34 28.35 23.94
N VAL F 6 0.55 27.37 23.75
CA VAL F 6 0.29 25.98 24.12
C VAL F 6 1.07 25.65 25.38
N PRO F 7 0.42 25.23 26.46
CA PRO F 7 1.17 24.89 27.69
C PRO F 7 2.09 23.69 27.49
N THR F 8 3.16 23.66 28.30
CA THR F 8 4.02 22.48 28.35
C THR F 8 3.61 21.55 29.52
N ASP F 9 4.13 20.33 29.50
CA ASP F 9 3.96 19.41 30.63
C ASP F 9 4.53 20.00 31.92
N GLU F 10 5.73 20.58 31.82
CA GLU F 10 6.35 21.23 32.98
C GLU F 10 5.42 22.28 33.60
N GLU F 11 4.71 23.03 32.76
CA GLU F 11 3.75 23.99 33.32
C GLU F 11 2.46 23.33 33.79
N GLN F 12 2.00 22.27 33.14
CA GLN F 12 0.59 21.94 33.35
C GLN F 12 0.34 20.49 33.71
N ALA F 13 1.31 19.57 33.53
CA ALA F 13 1.11 18.20 34.03
C ALA F 13 0.80 18.23 35.51
N THR F 14 -0.06 17.30 35.94
CA THR F 14 -0.45 17.28 37.34
C THR F 14 -0.48 15.85 37.86
N GLY F 15 -0.82 15.68 39.14
CA GLY F 15 -1.06 14.35 39.72
C GLY F 15 0.09 13.35 39.53
N LEU F 16 -0.26 12.09 39.30
CA LEU F 16 0.75 11.05 39.11
C LEU F 16 1.59 11.29 37.86
N GLU F 17 0.97 11.76 36.78
CA GLU F 17 1.76 12.08 35.59
C GLU F 17 2.93 12.99 35.97
N ARG F 18 2.66 14.01 36.76
CA ARG F 18 3.73 14.96 37.11
C ARG F 18 4.76 14.32 38.03
N GLU F 19 4.29 13.47 38.97
CA GLU F 19 5.21 12.78 39.88
C GLU F 19 6.16 11.90 39.08
N VAL F 20 5.64 11.19 38.08
CA VAL F 20 6.51 10.36 37.25
C VAL F 20 7.49 11.23 36.48
N MET F 21 7.01 12.34 35.93
CA MET F 21 7.88 13.25 35.17
C MET F 21 9.00 13.76 36.06
N LEU F 22 8.64 14.26 37.21
CA LEU F 22 9.65 14.91 38.03
C LEU F 22 10.62 13.87 38.58
N ALA F 23 10.13 12.68 38.92
CA ALA F 23 11.08 11.70 39.45
C ALA F 23 12.04 11.23 38.35
N ALA F 24 11.55 11.06 37.12
CA ALA F 24 12.43 10.64 36.03
C ALA F 24 13.56 11.64 35.82
N ARG F 25 13.26 12.94 35.95
CA ARG F 25 14.31 13.95 35.85
C ARG F 25 15.40 13.76 36.89
N LYS F 26 15.04 13.29 38.08
CA LYS F 26 16.01 12.99 39.13
C LYS F 26 16.67 11.63 38.95
N GLY F 27 16.40 10.94 37.84
CA GLY F 27 16.89 9.58 37.73
C GLY F 27 16.18 8.58 38.61
N GLN F 28 14.98 8.88 39.11
CA GLN F 28 14.32 7.97 40.03
C GLN F 28 13.11 7.31 39.41
N ASP F 29 12.79 6.13 39.93
CA ASP F 29 11.70 5.30 39.43
C ASP F 29 10.82 4.85 40.57
N PRO F 30 10.17 5.79 41.28
CA PRO F 30 9.27 5.40 42.36
C PRO F 30 8.04 4.62 41.89
N TYR F 31 7.66 4.67 40.63
CA TYR F 31 6.45 3.95 40.20
C TYR F 31 6.78 2.75 39.31
N ASN F 32 8.04 2.26 39.39
CA ASN F 32 8.38 0.92 38.85
C ASN F 32 8.17 0.83 37.35
N ILE F 33 8.64 1.85 36.64
CA ILE F 33 8.49 1.85 35.19
C ILE F 33 9.61 1.03 34.54
N LEU F 34 10.77 0.96 35.17
CA LEU F 34 11.92 0.29 34.58
C LEU F 34 12.12 -1.07 35.25
N ALA F 35 12.73 -1.98 34.52
CA ALA F 35 13.23 -3.23 35.08
C ALA F 35 14.53 -2.98 35.87
N PRO F 36 14.61 -3.40 37.14
CA PRO F 36 15.89 -3.28 37.87
C PRO F 36 16.92 -4.22 37.29
N LYS F 37 18.18 -3.78 37.35
CA LYS F 37 19.29 -4.65 36.91
C LYS F 37 19.83 -5.45 38.11
N ALA F 38 20.08 -6.74 37.87
CA ALA F 38 20.56 -7.66 38.89
C ALA F 38 21.97 -7.30 39.33
N THR F 39 22.26 -7.60 40.60
CA THR F 39 23.62 -7.68 41.10
C THR F 39 24.11 -9.09 40.82
N SER F 40 25.29 -9.44 41.33
CA SER F 40 25.71 -10.85 41.28
C SER F 40 24.83 -11.76 42.15
N GLY F 41 24.06 -11.19 43.08
CA GLY F 41 23.14 -12.04 43.81
C GLY F 41 23.75 -12.95 44.85
N THR F 42 24.99 -12.71 45.30
CA THR F 42 25.53 -13.50 46.40
C THR F 42 24.95 -13.03 47.72
N LYS F 43 25.27 -13.76 48.80
CA LYS F 43 24.86 -13.30 50.13
C LYS F 43 25.53 -11.98 50.51
N GLU F 44 26.76 -11.76 50.05
CA GLU F 44 27.43 -10.49 50.26
C GLU F 44 26.85 -9.40 49.38
N ASP F 45 26.44 -9.74 48.17
CA ASP F 45 26.02 -8.78 47.16
C ASP F 45 24.59 -9.08 46.68
N PRO F 46 23.61 -9.01 47.57
CA PRO F 46 22.25 -9.43 47.22
C PRO F 46 21.52 -8.40 46.38
N ASN F 47 20.58 -8.87 45.56
CA ASN F 47 19.67 -7.97 44.85
C ASN F 47 18.83 -7.23 45.86
N LEU F 48 18.82 -5.90 45.74
CA LEU F 48 18.16 -5.04 46.71
C LEU F 48 16.78 -4.69 46.15
N VAL F 49 15.73 -5.00 46.92
CA VAL F 49 14.35 -4.97 46.47
C VAL F 49 13.62 -3.91 47.26
N PRO F 50 13.38 -2.75 46.68
CA PRO F 50 12.65 -1.71 47.42
C PRO F 50 11.20 -2.13 47.66
N SER F 51 10.63 -1.57 48.72
CA SER F 51 9.23 -1.79 49.04
C SER F 51 8.73 -0.69 49.96
N ILE F 52 7.44 -0.38 49.81
CA ILE F 52 6.79 0.46 50.80
C ILE F 52 6.14 -0.34 51.92
N THR F 53 6.25 -1.65 51.95
CA THR F 53 5.73 -2.41 53.09
C THR F 53 6.81 -3.39 53.50
N ASN F 54 6.45 -4.39 54.32
CA ASN F 54 7.45 -5.35 54.81
C ASN F 54 7.46 -6.67 54.05
N LYS F 55 6.88 -6.71 52.85
CA LYS F 55 7.02 -7.88 51.98
C LYS F 55 6.64 -7.48 50.57
N ARG F 56 7.26 -8.14 49.59
CA ARG F 56 7.06 -7.87 48.18
C ARG F 56 7.26 -9.17 47.40
N ILE F 57 6.43 -9.39 46.39
CA ILE F 57 6.62 -10.54 45.52
C ILE F 57 7.78 -10.28 44.57
N VAL F 58 8.69 -11.22 44.51
CA VAL F 58 9.79 -11.28 43.56
C VAL F 58 9.45 -12.34 42.51
N GLY F 59 9.76 -12.05 41.25
CA GLY F 59 9.77 -13.07 40.23
C GLY F 59 11.21 -13.21 39.78
N CYS F 60 11.69 -14.45 39.75
CA CYS F 60 13.08 -14.70 39.40
C CYS F 60 13.15 -15.44 38.06
N ILE F 61 13.76 -14.81 37.07
CA ILE F 61 14.04 -15.45 35.77
C ILE F 61 15.46 -15.99 35.92
N CYS F 62 15.58 -17.26 36.31
CA CYS F 62 16.84 -17.73 36.87
C CYS F 62 17.96 -17.66 35.86
N GLU F 63 17.66 -18.04 34.63
CA GLU F 63 18.61 -18.00 33.54
C GLU F 63 17.98 -17.24 32.39
N GLU F 64 18.83 -16.55 31.64
CA GLU F 64 18.39 -15.79 30.51
C GLU F 64 17.56 -16.67 29.58
N ASP F 65 16.44 -16.15 29.17
CA ASP F 65 15.54 -16.84 28.24
C ASP F 65 14.76 -18.01 28.85
N ASN F 66 14.84 -18.24 30.17
CA ASN F 66 13.86 -19.15 30.78
C ASN F 66 12.46 -18.60 30.48
N SER F 67 11.56 -19.47 30.04
CA SER F 67 10.18 -19.01 29.99
C SER F 67 9.50 -19.13 31.36
N THR F 68 10.02 -19.97 32.25
CA THR F 68 9.37 -20.17 33.55
C THR F 68 9.86 -19.11 34.54
N VAL F 69 8.95 -18.39 35.16
CA VAL F 69 9.32 -17.39 36.19
C VAL F 69 9.03 -17.97 37.59
N ILE F 70 9.96 -17.80 38.53
CA ILE F 70 9.83 -18.38 39.87
C ILE F 70 9.39 -17.29 40.84
N TRP F 71 8.18 -17.41 41.40
CA TRP F 71 7.58 -16.35 42.19
C TRP F 71 7.60 -16.65 43.70
N PHE F 72 7.87 -15.64 44.54
CA PHE F 72 7.83 -15.84 46.00
C PHE F 72 7.79 -14.51 46.73
N TRP F 73 7.24 -14.53 47.94
CA TRP F 73 7.22 -13.33 48.75
C TRP F 73 8.57 -13.12 49.41
N LEU F 74 9.08 -11.92 49.33
CA LEU F 74 10.30 -11.53 50.01
C LEU F 74 9.94 -10.66 51.20
N HIS F 75 10.42 -11.04 52.38
CA HIS F 75 10.05 -10.43 53.64
C HIS F 75 11.20 -9.61 54.19
N LYS F 76 10.86 -8.58 54.96
CA LYS F 76 11.85 -7.79 55.70
C LYS F 76 12.71 -8.70 56.57
N GLY F 77 14.03 -8.53 56.47
CA GLY F 77 14.89 -9.31 57.31
C GLY F 77 16.08 -9.80 56.54
N GLU F 78 16.64 -10.90 57.05
CA GLU F 78 17.71 -11.62 56.41
C GLU F 78 17.38 -11.92 54.95
N ALA F 79 18.40 -11.93 54.09
CA ALA F 79 18.20 -12.16 52.67
C ALA F 79 17.58 -13.52 52.45
N GLN F 80 16.75 -13.63 51.41
CA GLN F 80 16.19 -14.92 51.06
C GLN F 80 16.73 -15.39 49.70
N ARG F 81 16.52 -16.64 49.38
CA ARG F 81 17.05 -17.17 48.11
C ARG F 81 15.90 -17.64 47.22
N CYS F 82 16.10 -17.48 45.92
CA CYS F 82 15.21 -18.07 44.93
C CYS F 82 15.16 -19.59 45.13
N PRO F 83 13.98 -20.20 45.33
CA PRO F 83 13.93 -21.65 45.54
C PRO F 83 14.44 -22.47 44.36
N SER F 84 14.63 -21.86 43.20
CA SER F 84 15.14 -22.60 42.04
C SER F 84 16.64 -22.42 41.83
N CYS F 85 17.15 -21.20 41.86
CA CYS F 85 18.58 -20.99 41.54
C CYS F 85 19.41 -20.50 42.73
N GLY F 86 18.80 -20.20 43.86
CA GLY F 86 19.55 -19.75 45.01
C GLY F 86 19.98 -18.30 45.03
N THR F 87 19.72 -17.49 43.98
CA THR F 87 20.26 -16.14 44.01
C THR F 87 19.58 -15.36 45.12
N HIS F 88 20.35 -14.44 45.72
CA HIS F 88 19.95 -13.80 46.98
C HIS F 88 19.18 -12.51 46.72
N TYR F 89 18.13 -12.30 47.51
CA TYR F 89 17.34 -11.07 47.44
C TYR F 89 17.18 -10.53 48.86
N LYS F 90 17.20 -9.19 49.01
CA LYS F 90 17.00 -8.54 50.31
C LYS F 90 16.06 -7.36 50.18
N LEU F 91 15.07 -7.31 51.06
CA LEU F 91 14.07 -6.26 50.99
C LEU F 91 14.63 -5.02 51.61
N VAL F 92 14.36 -3.88 51.00
CA VAL F 92 14.81 -2.62 51.60
C VAL F 92 13.54 -1.78 51.71
N PRO F 93 12.83 -1.86 52.85
CA PRO F 93 11.58 -1.09 52.99
C PRO F 93 11.86 0.40 53.13
N HIS F 94 10.89 1.20 52.72
CA HIS F 94 11.01 2.66 52.77
C HIS F 94 9.65 3.37 52.86
N GLN F 95 9.56 4.63 52.40
CA GLN F 95 8.77 5.66 53.08
C GLN F 95 7.58 6.23 52.31
N LEU F 96 7.73 6.71 51.06
CA LEU F 96 6.60 7.37 50.38
C LEU F 96 6.76 7.25 48.86
N ALA F 97 6.02 6.30 48.26
CA ALA F 97 6.25 5.85 46.88
C ALA F 97 7.71 5.43 46.73
N HIS F 98 8.06 4.72 45.66
CA HIS F 98 9.43 4.17 45.66
C HIS F 98 10.53 5.24 45.43
N ALA G 1 7.80 6.89 -5.70
CA ALA G 1 7.97 8.15 -6.42
C ALA G 1 8.39 9.31 -5.51
N SER G 2 8.54 10.50 -6.10
CA SER G 2 8.92 11.72 -5.39
C SER G 2 7.97 12.88 -5.71
N ALA G 3 6.80 12.59 -6.28
CA ALA G 3 5.87 13.60 -6.78
C ALA G 3 6.54 14.49 -7.83
N ALA G 4 7.11 15.61 -7.38
CA ALA G 4 8.07 16.43 -8.13
C ALA G 4 8.36 17.71 -7.36
N LYS G 5 8.19 17.70 -6.04
CA LYS G 5 8.50 18.90 -5.27
C LYS G 5 9.93 18.74 -4.74
N GLY G 6 10.22 18.86 -3.43
CA GLY G 6 11.59 18.69 -2.95
C GLY G 6 11.69 18.83 -1.43
N ASP G 7 12.41 19.85 -0.93
CA ASP G 7 12.39 20.35 0.45
C ASP G 7 13.12 19.46 1.47
N HIS G 8 12.42 18.48 2.05
CA HIS G 8 12.89 17.53 3.05
C HIS G 8 14.04 17.93 3.98
N GLY G 9 14.36 19.23 4.09
CA GLY G 9 15.33 19.64 5.10
C GLY G 9 14.93 19.16 6.48
N GLY G 10 13.64 19.26 6.79
CA GLY G 10 13.06 18.74 8.00
C GLY G 10 11.54 18.68 7.87
N TPO G 11 10.87 18.15 8.88
CA TPO G 11 9.42 18.09 8.85
CB TPO G 11 8.98 16.62 8.98
CG2 TPO G 11 8.71 16.11 10.39
OG1 TPO G 11 7.83 16.45 8.14
P TPO G 11 6.90 15.14 8.17
O1P TPO G 11 6.06 15.16 6.82
O2P TPO G 11 7.74 13.79 8.18
O3P TPO G 11 5.88 15.14 9.38
C TPO G 11 8.89 19.02 9.92
O TPO G 11 9.27 18.95 11.09
N GLY G 12 8.01 19.93 9.50
CA GLY G 12 7.59 21.04 10.35
C GLY G 12 6.19 21.58 10.02
N ALA G 13 5.67 22.35 10.97
CA ALA G 13 4.40 23.02 10.76
C ALA G 13 4.43 23.88 9.50
N ARG G 14 5.53 24.59 9.29
CA ARG G 14 5.61 25.53 8.19
C ARG G 14 5.50 24.81 6.85
N THR G 15 6.10 23.65 6.74
CA THR G 15 6.03 22.89 5.51
C THR G 15 4.63 22.35 5.28
N TRP G 16 4.00 21.82 6.31
CA TRP G 16 2.65 21.28 6.12
C TRP G 16 1.64 22.40 5.87
N ARG G 17 1.89 23.59 6.42
CA ARG G 17 1.04 24.73 6.06
C ARG G 17 1.28 25.13 4.60
N PHE G 18 2.54 25.16 4.18
CA PHE G 18 2.87 25.36 2.77
C PHE G 18 2.09 24.38 1.85
N LEU G 19 2.09 23.11 2.22
CA LEU G 19 1.40 22.10 1.43
C LEU G 19 -0.12 22.33 1.45
N THR G 20 -0.67 22.74 2.60
CA THR G 20 -2.13 22.95 2.72
C THR G 20 -2.59 24.06 1.78
N PHE G 21 -1.92 25.23 1.86
CA PHE G 21 -2.35 26.34 1.03
C PHE G 21 -1.80 26.30 -0.40
N GLY G 22 -0.66 25.63 -0.64
CA GLY G 22 -0.02 25.72 -1.95
C GLY G 22 -0.37 24.55 -2.86
N LEU G 23 -0.92 23.48 -2.29
CA LEU G 23 -1.27 22.32 -3.10
C LEU G 23 -2.66 21.80 -2.80
N ALA G 24 -2.95 21.49 -1.51
CA ALA G 24 -4.22 20.82 -1.16
C ALA G 24 -5.44 21.70 -1.50
N LEU G 25 -5.53 22.86 -0.90
CA LEU G 25 -6.69 23.71 -1.15
C LEU G 25 -6.77 24.16 -2.62
N PRO G 26 -5.68 24.52 -3.29
CA PRO G 26 -5.85 24.84 -4.71
C PRO G 26 -6.39 23.65 -5.49
N SER G 27 -6.05 22.42 -5.09
CA SER G 27 -6.62 21.24 -5.73
C SER G 27 -8.12 21.18 -5.53
N VAL G 28 -8.56 21.46 -4.29
CA VAL G 28 -9.99 21.47 -4.00
C VAL G 28 -10.66 22.54 -4.84
N ALA G 29 -10.06 23.73 -4.88
CA ALA G 29 -10.68 24.81 -5.63
C ALA G 29 -10.82 24.46 -7.12
N LEU G 30 -9.83 23.75 -7.67
CA LEU G 30 -9.88 23.35 -9.07
C LEU G 30 -10.94 22.28 -9.32
N CYS G 31 -11.02 21.25 -8.47
CA CYS G 31 -12.12 20.28 -8.62
C CYS G 31 -13.47 20.92 -8.32
N THR G 32 -13.52 21.89 -7.42
CA THR G 32 -14.77 22.63 -7.21
C THR G 32 -15.19 23.32 -8.50
N LEU G 33 -14.23 23.94 -9.20
CA LEU G 33 -14.44 24.49 -10.53
C LEU G 33 -14.97 23.43 -11.49
N ASN G 34 -14.23 22.32 -11.62
CA ASN G 34 -14.60 21.29 -12.59
C ASN G 34 -16.02 20.78 -12.35
N SER G 35 -16.39 20.54 -11.09
CA SER G 35 -17.68 19.92 -10.80
C SER G 35 -18.83 20.88 -11.04
N TRP G 36 -18.69 22.11 -10.58
CA TRP G 36 -19.82 23.04 -10.57
C TRP G 36 -19.72 23.84 -11.86
N LEU G 37 -20.11 23.17 -12.93
CA LEU G 37 -19.67 23.38 -14.29
C LEU G 37 -20.24 22.26 -15.17
N HIS G 38 -19.83 21.02 -14.89
CA HIS G 38 -20.56 19.83 -15.34
C HIS G 38 -21.83 19.57 -14.53
N SER G 39 -22.21 20.50 -13.66
CA SER G 39 -23.48 20.46 -12.94
C SER G 39 -24.63 20.81 -13.89
N GLY G 40 -25.84 20.81 -13.34
CA GLY G 40 -27.02 20.93 -14.15
C GLY G 40 -27.66 19.58 -14.41
N HIS G 41 -28.99 19.59 -14.51
CA HIS G 41 -29.73 18.34 -14.62
C HIS G 41 -29.55 17.71 -16.00
N ARG G 42 -29.57 16.39 -16.04
CA ARG G 42 -29.54 15.64 -17.29
C ARG G 42 -30.88 14.97 -17.54
N GLU G 43 -31.18 14.75 -18.82
CA GLU G 43 -32.44 14.13 -19.23
C GLU G 43 -32.62 12.78 -18.55
N ARG G 44 -33.65 12.67 -17.72
CA ARG G 44 -33.90 11.40 -17.06
C ARG G 44 -34.32 10.35 -18.08
N PRO G 45 -33.87 9.10 -17.92
CA PRO G 45 -34.10 8.10 -18.97
C PRO G 45 -35.54 7.60 -18.94
N ALA G 46 -35.95 7.03 -20.08
CA ALA G 46 -37.24 6.39 -20.18
C ALA G 46 -37.40 5.40 -19.01
N PHE G 47 -38.62 5.27 -18.50
CA PHE G 47 -38.85 4.38 -17.39
C PHE G 47 -39.14 2.99 -17.93
N ILE G 48 -38.40 2.00 -17.48
CA ILE G 48 -38.64 0.61 -17.81
C ILE G 48 -38.83 -0.19 -16.51
N PRO G 49 -39.99 -0.93 -16.31
CA PRO G 49 -40.20 -1.60 -14.99
C PRO G 49 -39.34 -2.85 -14.80
N TYR G 50 -38.02 -2.69 -14.92
CA TYR G 50 -37.09 -3.77 -14.61
C TYR G 50 -37.37 -4.42 -13.26
N HIS G 51 -37.35 -5.75 -13.24
CA HIS G 51 -37.68 -6.48 -12.03
C HIS G 51 -36.49 -6.56 -11.06
N HIS G 52 -35.30 -6.18 -11.49
CA HIS G 52 -34.15 -6.20 -10.57
C HIS G 52 -33.95 -4.85 -9.91
N LEU G 53 -34.85 -3.92 -10.14
CA LEU G 53 -34.71 -2.54 -9.66
C LEU G 53 -36.01 -2.21 -8.95
N ARG G 54 -36.03 -1.06 -8.26
CA ARG G 54 -37.22 -0.66 -7.51
C ARG G 54 -37.75 -1.81 -6.66
N ILE G 55 -36.85 -2.52 -5.98
CA ILE G 55 -37.24 -3.70 -5.21
C ILE G 55 -38.15 -3.30 -4.06
N ARG G 56 -39.17 -4.14 -3.80
CA ARG G 56 -40.04 -3.97 -2.65
C ARG G 56 -40.39 -5.38 -2.13
N THR G 57 -39.69 -5.83 -1.10
CA THR G 57 -40.10 -7.05 -0.43
C THR G 57 -40.79 -6.75 0.87
N LYS G 58 -40.67 -5.51 1.36
CA LYS G 58 -41.34 -5.10 2.59
C LYS G 58 -41.48 -3.59 2.55
N PRO G 59 -42.57 -3.01 3.04
CA PRO G 59 -42.72 -1.56 2.92
C PRO G 59 -41.67 -0.87 3.75
N PHE G 60 -41.16 0.26 3.23
CA PHE G 60 -40.28 1.09 4.03
C PHE G 60 -40.99 1.61 5.29
N SER G 61 -40.24 1.70 6.41
CA SER G 61 -40.82 2.07 7.68
C SER G 61 -41.06 3.57 7.82
N TRP G 62 -41.32 4.29 6.73
CA TRP G 62 -41.60 5.72 6.80
C TRP G 62 -42.50 6.09 5.63
N GLY G 63 -43.07 7.29 5.70
CA GLY G 63 -43.85 7.80 4.59
C GLY G 63 -44.98 6.85 4.25
N ASP G 64 -45.19 6.60 2.96
CA ASP G 64 -46.23 5.69 2.52
C ASP G 64 -45.72 4.27 2.29
N GLY G 65 -44.48 3.96 2.71
CA GLY G 65 -43.93 2.62 2.56
C GLY G 65 -43.34 2.34 1.19
N ASN G 66 -43.52 3.25 0.22
CA ASN G 66 -43.13 3.01 -1.16
C ASN G 66 -42.10 4.01 -1.66
N HIS G 67 -41.67 4.97 -0.84
CA HIS G 67 -40.72 5.98 -1.24
C HIS G 67 -39.39 5.74 -0.54
N THR G 68 -38.28 5.78 -1.28
CA THR G 68 -36.99 5.61 -0.60
C THR G 68 -36.65 6.84 0.23
N PHE G 69 -35.67 6.67 1.11
CA PHE G 69 -35.44 7.65 2.18
C PHE G 69 -35.04 9.00 1.63
N PHE G 70 -34.24 9.03 0.56
CA PHE G 70 -33.92 10.32 -0.05
C PHE G 70 -34.52 10.38 -1.46
N HIS G 71 -35.80 9.99 -1.56
CA HIS G 71 -36.53 10.00 -2.82
C HIS G 71 -36.46 11.36 -3.50
N ASN G 72 -36.00 11.37 -4.75
CA ASN G 72 -36.01 12.56 -5.59
C ASN G 72 -37.03 12.41 -6.71
N PRO G 73 -38.20 13.08 -6.65
CA PRO G 73 -39.23 12.90 -7.70
C PRO G 73 -38.74 13.06 -9.12
N ARG G 74 -37.78 13.97 -9.32
CA ARG G 74 -37.30 14.23 -10.67
C ARG G 74 -36.55 13.05 -11.26
N VAL G 75 -35.89 12.22 -10.44
CA VAL G 75 -35.01 11.22 -11.06
C VAL G 75 -35.22 9.81 -10.51
N ASN G 76 -36.07 9.66 -9.47
CA ASN G 76 -36.34 8.34 -8.88
C ASN G 76 -37.78 7.88 -9.15
N PRO G 77 -38.01 7.03 -10.15
CA PRO G 77 -39.37 6.55 -10.39
C PRO G 77 -39.76 5.56 -9.31
N LEU G 78 -41.05 5.45 -9.08
CA LEU G 78 -41.63 4.41 -8.24
C LEU G 78 -41.67 3.10 -9.02
N PRO G 79 -42.00 1.98 -8.35
CA PRO G 79 -42.20 0.73 -9.12
C PRO G 79 -43.14 0.87 -10.33
N THR G 80 -44.09 1.80 -10.27
CA THR G 80 -45.03 2.03 -11.37
C THR G 80 -44.65 3.21 -12.28
N GLY G 81 -43.50 3.83 -12.08
CA GLY G 81 -43.03 4.86 -12.99
C GLY G 81 -42.82 6.17 -12.28
N TYR G 82 -42.49 7.19 -13.04
CA TYR G 82 -42.20 8.47 -12.42
C TYR G 82 -43.46 9.10 -11.88
N GLU G 83 -43.26 9.90 -10.84
CA GLU G 83 -44.30 10.71 -10.27
C GLU G 83 -44.61 11.90 -11.16
N LYS G 84 -45.80 12.45 -10.95
CA LYS G 84 -46.52 13.19 -11.98
C LYS G 84 -46.55 14.70 -11.72
N LYS H 7 -28.64 -31.18 -38.88
CA LYS H 7 -27.40 -31.25 -39.66
C LYS H 7 -26.22 -31.69 -38.78
N ILE H 8 -26.50 -32.56 -37.81
CA ILE H 8 -25.52 -33.24 -36.96
C ILE H 8 -26.29 -34.02 -35.89
N LYS H 9 -27.60 -34.18 -36.10
CA LYS H 9 -28.51 -34.59 -35.04
C LYS H 9 -28.39 -36.05 -34.62
N ASN H 10 -29.49 -36.57 -34.05
CA ASN H 10 -29.49 -37.61 -33.02
C ASN H 10 -29.18 -36.98 -31.67
N TYR H 11 -29.62 -35.72 -31.48
CA TYR H 11 -29.48 -35.02 -30.21
C TYR H 11 -30.03 -35.88 -29.09
N GLN H 12 -29.23 -36.12 -28.06
CA GLN H 12 -29.75 -36.73 -26.83
C GLN H 12 -29.86 -35.70 -25.71
N THR H 13 -28.76 -35.13 -25.28
CA THR H 13 -28.82 -34.03 -24.33
C THR H 13 -27.65 -33.11 -24.61
N ALA H 14 -27.60 -32.01 -23.89
CA ALA H 14 -26.58 -31.01 -24.15
C ALA H 14 -25.22 -31.61 -23.80
N PRO H 15 -24.25 -31.56 -24.70
CA PRO H 15 -22.92 -32.11 -24.38
C PRO H 15 -22.14 -31.17 -23.48
N PHE H 16 -21.07 -31.72 -22.88
CA PHE H 16 -20.07 -30.94 -22.17
C PHE H 16 -19.63 -29.75 -23.03
N ASP H 17 -19.59 -28.60 -22.39
CA ASP H 17 -19.15 -27.33 -22.98
C ASP H 17 -18.00 -26.78 -22.13
N SER H 18 -16.81 -26.69 -22.72
CA SER H 18 -15.59 -26.28 -22.02
C SER H 18 -15.67 -24.87 -21.47
N ARG H 19 -16.52 -24.02 -22.04
CA ARG H 19 -16.76 -22.70 -21.44
C ARG H 19 -17.40 -22.77 -20.08
N PHE H 20 -18.05 -23.88 -19.72
CA PHE H 20 -18.82 -24.00 -18.47
C PHE H 20 -18.49 -25.36 -17.87
N PRO H 21 -17.25 -25.53 -17.39
CA PRO H 21 -16.81 -26.83 -16.90
C PRO H 21 -17.11 -27.10 -15.44
N ASN H 22 -17.77 -26.20 -14.71
CA ASN H 22 -17.87 -26.37 -13.26
C ASN H 22 -19.28 -26.73 -12.80
N GLN H 23 -19.41 -26.96 -11.49
CA GLN H 23 -20.70 -27.36 -10.94
C GLN H 23 -21.77 -26.33 -11.22
N ASN H 24 -21.42 -25.05 -11.21
CA ASN H 24 -22.46 -24.01 -11.41
C ASN H 24 -22.73 -23.82 -12.90
N GLN H 25 -23.91 -24.19 -13.35
CA GLN H 25 -24.23 -24.24 -14.76
C GLN H 25 -25.15 -23.13 -15.14
N THR H 26 -25.31 -22.14 -14.25
CA THR H 26 -26.30 -21.09 -14.52
C THR H 26 -26.01 -20.34 -15.83
N ARG H 27 -24.74 -20.05 -16.08
CA ARG H 27 -24.40 -19.23 -17.25
C ARG H 27 -24.50 -20.02 -18.57
N ASN H 28 -24.31 -21.35 -18.52
CA ASN H 28 -24.58 -22.24 -19.65
C ASN H 28 -26.04 -22.13 -20.09
N CYS H 29 -26.99 -22.21 -19.13
CA CYS H 29 -28.38 -22.05 -19.48
C CYS H 29 -28.65 -20.67 -20.03
N TRP H 30 -28.12 -19.65 -19.34
CA TRP H 30 -28.34 -18.25 -19.73
C TRP H 30 -27.79 -17.96 -21.14
N GLN H 31 -26.56 -18.41 -21.41
CA GLN H 31 -25.90 -18.06 -22.66
C GLN H 31 -26.63 -18.69 -23.83
N ASN H 32 -27.03 -19.95 -23.69
CA ASN H 32 -27.75 -20.61 -24.78
C ASN H 32 -29.13 -20.04 -24.97
N TYR H 33 -29.77 -19.55 -23.88
CA TYR H 33 -31.05 -18.85 -24.05
C TYR H 33 -30.87 -17.58 -24.87
N LEU H 34 -29.86 -16.77 -24.51
CA LEU H 34 -29.57 -15.57 -25.29
C LEU H 34 -29.22 -15.91 -26.73
N ASP H 35 -28.32 -16.88 -26.91
CA ASP H 35 -27.91 -17.26 -28.27
C ASP H 35 -29.10 -17.67 -29.11
N PHE H 36 -30.06 -18.42 -28.53
CA PHE H 36 -31.18 -18.83 -29.36
C PHE H 36 -32.01 -17.61 -29.77
N HIS H 37 -32.29 -16.71 -28.83
CA HIS H 37 -33.17 -15.61 -29.16
C HIS H 37 -32.46 -14.54 -30.00
N ARG H 38 -31.14 -14.43 -29.85
CA ARG H 38 -30.37 -13.58 -30.76
C ARG H 38 -30.41 -14.15 -32.17
N CYS H 39 -30.15 -15.45 -32.30
CA CYS H 39 -30.20 -16.11 -33.61
C CYS H 39 -31.57 -15.97 -34.25
N GLU H 40 -32.62 -16.17 -33.47
CA GLU H 40 -33.97 -16.06 -34.01
C GLU H 40 -34.27 -14.64 -34.48
N LYS H 41 -33.76 -13.64 -33.77
CA LYS H 41 -34.04 -12.28 -34.20
C LYS H 41 -33.32 -11.98 -35.50
N ALA H 42 -32.06 -12.38 -35.61
CA ALA H 42 -31.33 -12.22 -36.86
C ALA H 42 -32.07 -12.88 -38.01
N MET H 43 -32.54 -14.12 -37.81
CA MET H 43 -33.18 -14.87 -38.89
C MET H 43 -34.55 -14.31 -39.23
N THR H 44 -35.34 -13.96 -38.22
CA THR H 44 -36.68 -13.42 -38.45
C THR H 44 -36.62 -12.17 -39.32
N ALA H 45 -35.65 -11.30 -39.05
CA ALA H 45 -35.54 -10.06 -39.81
C ALA H 45 -34.97 -10.33 -41.21
N LYS H 46 -33.70 -10.71 -41.28
CA LYS H 46 -32.90 -10.65 -42.51
C LYS H 46 -33.39 -11.58 -43.61
N GLY H 47 -34.61 -12.12 -43.49
CA GLY H 47 -35.10 -12.97 -44.54
C GLY H 47 -34.35 -14.28 -44.55
N GLY H 48 -34.51 -15.03 -43.46
CA GLY H 48 -33.91 -16.33 -43.30
C GLY H 48 -34.83 -17.21 -42.50
N ASP H 49 -34.30 -18.28 -41.90
CA ASP H 49 -35.12 -19.30 -41.25
C ASP H 49 -34.54 -19.69 -39.89
N VAL H 50 -35.40 -19.67 -38.86
CA VAL H 50 -34.96 -19.94 -37.48
C VAL H 50 -34.41 -21.35 -37.30
N SER H 51 -34.67 -22.26 -38.24
CA SER H 51 -34.19 -23.62 -38.06
C SER H 51 -32.68 -23.68 -37.94
N VAL H 52 -31.96 -22.67 -38.45
CA VAL H 52 -30.54 -22.63 -38.16
C VAL H 52 -30.29 -22.35 -36.69
N CYS H 53 -31.29 -21.88 -35.95
CA CYS H 53 -31.07 -21.60 -34.53
C CYS H 53 -31.31 -22.82 -33.63
N GLU H 54 -31.65 -23.98 -34.21
CA GLU H 54 -32.23 -25.10 -33.45
C GLU H 54 -31.32 -25.61 -32.32
N TRP H 55 -30.01 -25.65 -32.55
CA TRP H 55 -29.12 -26.26 -31.59
C TRP H 55 -29.17 -25.53 -30.25
N TYR H 56 -29.09 -24.19 -30.29
CA TYR H 56 -29.21 -23.40 -29.07
C TYR H 56 -30.52 -23.66 -28.37
N ARG H 57 -31.60 -23.72 -29.13
CA ARG H 57 -32.91 -23.99 -28.57
C ARG H 57 -32.94 -25.36 -27.87
N ARG H 58 -32.30 -26.38 -28.47
CA ARG H 58 -32.27 -27.68 -27.81
C ARG H 58 -31.47 -27.60 -26.52
N VAL H 59 -30.33 -26.92 -26.57
CA VAL H 59 -29.46 -26.88 -25.40
C VAL H 59 -30.16 -26.16 -24.27
N TYR H 60 -30.71 -24.98 -24.55
CA TYR H 60 -31.27 -24.24 -23.42
C TYR H 60 -32.53 -24.93 -22.90
N LYS H 61 -33.28 -25.63 -23.77
CA LYS H 61 -34.44 -26.36 -23.29
C LYS H 61 -34.04 -27.52 -22.40
N SER H 62 -32.93 -28.19 -22.74
CA SER H 62 -32.40 -29.27 -21.93
C SER H 62 -31.96 -28.75 -20.55
N LEU H 63 -31.29 -27.61 -20.50
CA LEU H 63 -30.58 -27.21 -19.28
C LEU H 63 -31.38 -26.30 -18.35
N CYS H 64 -32.24 -25.45 -18.87
CA CYS H 64 -32.87 -24.34 -18.16
C CYS H 64 -34.13 -24.80 -17.44
N PRO H 65 -34.27 -24.53 -16.15
CA PRO H 65 -35.57 -24.76 -15.49
C PRO H 65 -36.70 -24.12 -16.25
N ILE H 66 -37.83 -24.83 -16.33
CA ILE H 66 -39.05 -24.28 -16.97
C ILE H 66 -39.38 -22.88 -16.44
N SER H 67 -39.35 -22.69 -15.12
CA SER H 67 -39.78 -21.37 -14.61
C SER H 67 -38.81 -20.23 -15.02
N TRP H 68 -37.53 -20.52 -15.23
CA TRP H 68 -36.60 -19.50 -15.72
C TRP H 68 -36.94 -19.04 -17.15
N VAL H 69 -37.02 -19.99 -18.08
CA VAL H 69 -37.51 -19.73 -19.45
C VAL H 69 -38.82 -18.96 -19.44
N SER H 70 -39.79 -19.45 -18.64
CA SER H 70 -41.10 -18.82 -18.65
C SER H 70 -41.02 -17.39 -18.13
N THR H 71 -40.25 -17.13 -17.04
CA THR H 71 -40.05 -15.76 -16.58
C THR H 71 -39.31 -14.91 -17.62
N TRP H 72 -38.22 -15.45 -18.16
CA TRP H 72 -37.49 -14.68 -19.17
C TRP H 72 -38.38 -14.40 -20.37
N ASP H 73 -39.21 -15.37 -20.77
CA ASP H 73 -40.11 -15.13 -21.91
C ASP H 73 -41.10 -14.01 -21.59
N ASP H 74 -41.68 -14.07 -20.39
CA ASP H 74 -42.61 -13.03 -19.98
C ASP H 74 -41.95 -11.68 -20.01
N ARG H 75 -40.71 -11.59 -19.53
CA ARG H 75 -40.05 -10.29 -19.49
C ARG H 75 -39.68 -9.79 -20.89
N ARG H 76 -39.29 -10.67 -21.82
CA ARG H 76 -39.07 -10.19 -23.20
C ARG H 76 -40.37 -9.59 -23.78
N ALA H 77 -41.50 -10.21 -23.46
CA ALA H 77 -42.80 -9.73 -23.91
C ALA H 77 -43.15 -8.38 -23.31
N GLU H 78 -42.77 -8.17 -22.06
CA GLU H 78 -43.12 -6.97 -21.33
C GLU H 78 -42.21 -5.80 -21.68
N GLY H 79 -41.05 -6.07 -22.28
CA GLY H 79 -40.03 -5.06 -22.49
C GLY H 79 -39.05 -4.93 -21.33
N THR H 80 -38.94 -5.93 -20.43
CA THR H 80 -38.12 -5.80 -19.22
C THR H 80 -37.01 -6.84 -19.11
N PHE H 81 -36.65 -7.50 -20.21
CA PHE H 81 -35.61 -8.52 -20.17
C PHE H 81 -34.26 -7.81 -20.15
N PRO H 82 -33.42 -8.01 -19.10
CA PRO H 82 -32.21 -7.15 -18.96
C PRO H 82 -31.05 -7.61 -19.83
N GLY H 83 -31.14 -8.75 -20.47
CA GLY H 83 -30.09 -9.12 -21.38
C GLY H 83 -30.25 -8.45 -22.73
N LYS H 84 -29.16 -8.43 -23.50
CA LYS H 84 -29.13 -7.82 -24.82
C LYS H 84 -29.40 -8.88 -25.88
N ILE H 85 -30.43 -8.65 -26.68
CA ILE H 85 -30.82 -9.56 -27.73
C ILE H 85 -30.92 -8.81 -29.05
C1A SAC I 1 23.99 -66.65 55.50
C2A SAC I 1 24.76 -67.16 56.69
OAC SAC I 1 23.54 -67.39 54.64
N SAC I 1 23.83 -65.33 55.44
CA SAC I 1 23.19 -64.69 54.30
C SAC I 1 24.18 -64.27 53.24
O SAC I 1 25.31 -64.81 53.17
CB SAC I 1 22.37 -63.48 54.77
OG SAC I 1 23.19 -62.54 55.46
N THR I 2 23.80 -63.32 52.41
CA THR I 2 24.66 -62.84 51.34
C THR I 2 24.21 -61.44 50.97
N ALA I 3 25.18 -60.63 50.57
CA ALA I 3 24.88 -59.31 50.08
C ALA I 3 23.85 -59.38 48.95
N LEU I 4 23.11 -58.31 48.79
CA LEU I 4 22.26 -58.10 47.64
C LEU I 4 23.09 -57.51 46.51
N ALA I 5 22.84 -57.98 45.29
CA ALA I 5 23.47 -57.38 44.12
C ALA I 5 22.98 -55.96 43.87
N LYS I 6 23.87 -55.13 43.31
CA LYS I 6 23.52 -53.77 42.94
C LYS I 6 22.58 -53.81 41.74
N PRO I 7 21.36 -53.31 41.84
CA PRO I 7 20.45 -53.29 40.68
C PRO I 7 20.67 -52.02 39.87
N GLN I 8 20.05 -51.98 38.69
CA GLN I 8 20.05 -50.73 37.93
C GLN I 8 19.33 -49.65 38.76
N MET I 9 19.95 -48.48 38.91
CA MET I 9 19.31 -47.41 39.67
C MET I 9 19.03 -46.17 38.87
N ARG I 10 19.49 -46.07 37.61
CA ARG I 10 19.34 -44.84 36.83
C ARG I 10 18.50 -45.05 35.58
N GLY I 11 17.83 -43.98 35.17
CA GLY I 11 17.02 -43.99 33.95
C GLY I 11 15.90 -45.01 33.96
N LEU I 12 15.37 -45.35 35.13
CA LEU I 12 14.26 -46.30 35.20
C LEU I 12 13.02 -45.80 34.46
N LEU I 13 12.69 -44.52 34.57
CA LEU I 13 11.47 -44.07 33.90
C LEU I 13 11.66 -44.07 32.38
N ALA I 14 12.82 -43.60 31.92
CA ALA I 14 13.14 -43.54 30.49
C ALA I 14 13.20 -44.94 29.90
N ARG I 15 13.70 -45.88 30.68
CA ARG I 15 13.74 -47.24 30.18
C ARG I 15 12.35 -47.80 29.99
N ARG I 16 11.47 -47.55 30.95
CA ARG I 16 10.11 -48.04 30.82
C ARG I 16 9.44 -47.41 29.61
N LEU I 17 9.71 -46.10 29.38
CA LEU I 17 9.10 -45.41 28.25
C LEU I 17 9.53 -46.06 26.94
N ARG I 18 10.85 -46.20 26.75
CA ARG I 18 11.37 -46.78 25.52
C ARG I 18 10.72 -48.13 25.25
N PHE I 19 10.70 -49.02 26.25
CA PHE I 19 10.20 -50.36 26.06
C PHE I 19 8.71 -50.37 25.66
N HIS I 20 7.89 -49.51 26.28
CA HIS I 20 6.46 -49.54 25.96
C HIS I 20 6.11 -48.80 24.68
N ILE I 21 6.94 -47.84 24.25
CA ILE I 21 6.62 -47.16 23.00
C ILE I 21 6.88 -48.10 21.84
N VAL I 22 7.95 -48.87 21.91
CA VAL I 22 8.21 -49.87 20.88
C VAL I 22 7.11 -50.92 20.89
N GLY I 23 6.62 -51.28 22.09
CA GLY I 23 5.48 -52.19 22.19
C GLY I 23 4.22 -51.61 21.56
N ALA I 24 3.95 -50.33 21.82
CA ALA I 24 2.86 -49.65 21.14
C ALA I 24 3.03 -49.65 19.61
N PHE I 25 4.26 -49.48 19.12
CA PHE I 25 4.49 -49.48 17.68
C PHE I 25 4.25 -50.86 17.05
N MET I 26 4.70 -51.93 17.71
CA MET I 26 4.47 -53.28 17.21
C MET I 26 3.01 -53.68 17.32
N VAL I 27 2.28 -53.15 18.30
CA VAL I 27 0.83 -53.41 18.34
C VAL I 27 0.14 -52.68 17.20
N SER I 28 0.63 -51.47 16.88
CA SER I 28 0.01 -50.63 15.86
C SER I 28 0.11 -51.27 14.47
N LEU I 29 1.27 -51.87 14.16
CA LEU I 29 1.43 -52.66 12.95
C LEU I 29 0.55 -53.92 12.96
N GLY I 30 0.48 -54.61 14.09
CA GLY I 30 -0.40 -55.75 14.19
C GLY I 30 -1.86 -55.41 13.97
N PHE I 31 -2.28 -54.24 14.43
CA PHE I 31 -3.68 -53.87 14.27
C PHE I 31 -3.98 -53.50 12.81
N ALA I 32 -3.07 -52.75 12.20
CA ALA I 32 -3.25 -52.37 10.80
C ALA I 32 -3.38 -53.62 9.92
N THR I 33 -2.58 -54.65 10.22
CA THR I 33 -2.69 -55.92 9.50
C THR I 33 -4.06 -56.55 9.72
N PHE I 34 -4.48 -56.66 10.98
CA PHE I 34 -5.83 -57.11 11.25
C PHE I 34 -6.89 -56.28 10.52
N TYR I 35 -6.77 -54.96 10.58
CA TYR I 35 -7.81 -54.10 10.00
C TYR I 35 -7.85 -54.23 8.49
N LYS I 36 -6.67 -54.30 7.86
CA LYS I 36 -6.60 -54.42 6.41
C LYS I 36 -7.14 -55.75 5.90
N PHE I 37 -7.21 -56.78 6.75
CA PHE I 37 -7.70 -58.12 6.45
C PHE I 37 -9.15 -58.32 6.88
N ALA I 38 -9.56 -57.72 8.00
CA ALA I 38 -10.91 -57.87 8.51
C ALA I 38 -11.89 -56.81 8.01
N VAL I 39 -11.44 -55.69 7.44
CA VAL I 39 -12.39 -54.63 7.11
C VAL I 39 -12.19 -54.21 5.66
N ALA I 40 -10.99 -53.70 5.37
CA ALA I 40 -10.72 -53.06 4.08
C ALA I 40 -10.71 -54.07 2.94
N GLU I 41 -9.93 -55.14 3.08
CA GLU I 41 -9.88 -56.14 2.02
C GLU I 41 -11.18 -56.94 1.96
N LYS I 42 -11.72 -57.30 3.13
CA LYS I 42 -13.05 -57.88 3.16
C LYS I 42 -14.05 -57.06 2.34
N ARG I 43 -13.99 -55.74 2.46
CA ARG I 43 -14.96 -54.95 1.70
C ARG I 43 -14.65 -55.00 0.21
N LYS I 44 -13.37 -54.99 -0.13
CA LYS I 44 -12.98 -55.03 -1.54
C LYS I 44 -13.44 -56.32 -2.19
N LYS I 45 -13.34 -57.43 -1.46
CA LYS I 45 -13.71 -58.73 -2.00
C LYS I 45 -15.24 -58.94 -2.01
N ALA I 46 -15.97 -58.43 -1.02
CA ALA I 46 -17.42 -58.48 -1.09
C ALA I 46 -17.93 -57.74 -2.32
N TYR I 47 -17.38 -56.54 -2.61
CA TYR I 47 -17.86 -55.83 -3.80
C TYR I 47 -17.46 -56.53 -5.11
N ALA I 48 -16.22 -57.03 -5.18
CA ALA I 48 -15.76 -57.67 -6.40
C ALA I 48 -16.51 -58.98 -6.64
N ASP I 49 -16.68 -59.79 -5.59
CA ASP I 49 -17.43 -61.02 -5.75
C ASP I 49 -18.89 -60.76 -6.11
N PHE I 50 -19.47 -59.67 -5.61
CA PHE I 50 -20.86 -59.40 -5.93
C PHE I 50 -21.02 -59.11 -7.43
N TYR I 51 -20.12 -58.32 -7.98
CA TYR I 51 -20.30 -57.84 -9.35
C TYR I 51 -19.67 -58.74 -10.41
N ARG I 52 -18.86 -59.72 -10.00
CA ARG I 52 -18.14 -60.58 -10.95
C ARG I 52 -19.07 -61.24 -11.96
N ASN I 53 -20.12 -61.90 -11.50
CA ASN I 53 -21.11 -62.49 -12.39
C ASN I 53 -22.49 -61.82 -12.30
N TYR I 54 -22.52 -60.57 -11.85
CA TYR I 54 -23.77 -59.87 -11.61
C TYR I 54 -24.57 -59.74 -12.88
N ASP I 55 -25.84 -60.07 -12.82
CA ASP I 55 -26.70 -59.95 -13.98
C ASP I 55 -27.76 -58.91 -13.62
N SER I 56 -27.59 -57.68 -14.14
CA SER I 56 -28.46 -56.59 -13.75
C SER I 56 -29.85 -56.74 -14.33
N MET I 57 -29.98 -57.34 -15.53
CA MET I 57 -31.31 -57.53 -16.09
C MET I 57 -32.08 -58.59 -15.31
N LYS I 58 -31.39 -59.63 -14.88
CA LYS I 58 -32.02 -60.64 -14.04
C LYS I 58 -32.42 -60.05 -12.70
N ASP I 59 -31.55 -59.21 -12.12
CA ASP I 59 -31.91 -58.48 -10.91
C ASP I 59 -33.18 -57.66 -11.14
N PHE I 60 -33.23 -56.91 -12.25
CA PHE I 60 -34.42 -56.11 -12.54
C PHE I 60 -35.66 -56.98 -12.64
N GLU I 61 -35.57 -58.11 -13.33
CA GLU I 61 -36.77 -58.95 -13.56
C GLU I 61 -37.29 -59.50 -12.24
N GLU I 62 -36.39 -59.87 -11.33
CA GLU I 62 -36.84 -60.27 -9.99
C GLU I 62 -37.59 -59.14 -9.30
N MET I 63 -37.04 -57.92 -9.36
CA MET I 63 -37.72 -56.81 -8.70
C MET I 63 -39.06 -56.52 -9.34
N ARG I 64 -39.10 -56.54 -10.69
CA ARG I 64 -40.33 -56.29 -11.43
C ARG I 64 -41.40 -57.28 -11.05
N LYS I 65 -41.04 -58.56 -11.01
CA LYS I 65 -42.01 -59.60 -10.68
C LYS I 65 -42.48 -59.52 -9.23
N ALA I 66 -41.65 -58.96 -8.35
CA ALA I 66 -42.07 -58.82 -6.97
C ALA I 66 -43.01 -57.64 -6.81
N GLY I 67 -43.15 -56.83 -7.87
CA GLY I 67 -44.05 -55.70 -7.86
C GLY I 67 -43.51 -54.42 -7.28
N ILE I 68 -42.20 -54.20 -7.25
CA ILE I 68 -41.79 -53.01 -6.50
C ILE I 68 -41.87 -51.72 -7.31
N PHE I 69 -41.99 -51.78 -8.65
CA PHE I 69 -41.75 -50.62 -9.49
C PHE I 69 -43.04 -49.92 -9.86
N GLN I 70 -42.99 -48.58 -9.94
CA GLN I 70 -44.06 -47.80 -10.57
C GLN I 70 -44.02 -47.86 -12.10
N SER I 71 -42.84 -48.00 -12.69
CA SER I 71 -42.74 -47.87 -14.13
C SER I 71 -42.79 -49.20 -14.85
N ALA I 72 -42.82 -50.30 -14.10
CA ALA I 72 -42.57 -51.62 -14.68
C ALA I 72 -43.37 -52.63 -13.89
N LYS I 73 -44.33 -53.27 -14.55
CA LYS I 73 -45.14 -54.27 -13.89
C LYS I 73 -44.83 -55.63 -14.47
N PHE J 1 -9.39 33.70 24.83
CA PHE J 1 -9.62 32.79 25.95
C PHE J 1 -8.39 32.77 26.82
N GLU J 2 -8.59 32.54 28.10
CA GLU J 2 -7.50 32.35 29.04
C GLU J 2 -7.42 30.90 29.52
N ASN J 3 -6.23 30.52 29.95
CA ASN J 3 -5.98 29.15 30.37
C ASN J 3 -6.38 29.01 31.82
N ARG J 4 -7.50 28.35 32.06
CA ARG J 4 -8.05 28.12 33.39
C ARG J 4 -7.92 26.65 33.81
N VAL J 5 -7.00 25.89 33.18
CA VAL J 5 -6.89 24.47 33.52
C VAL J 5 -6.52 24.29 35.01
N ALA J 6 -5.68 25.20 35.55
CA ALA J 6 -5.24 25.04 36.94
C ALA J 6 -6.42 25.04 37.91
N GLU J 7 -7.43 25.86 37.62
CA GLU J 7 -8.62 25.90 38.48
C GLU J 7 -9.40 24.60 38.41
N LYS J 8 -9.48 24.01 37.22
CA LYS J 8 -10.21 22.75 37.10
C LYS J 8 -9.42 21.64 37.78
N GLN J 9 -8.09 21.73 37.74
CA GLN J 9 -7.30 20.70 38.38
C GLN J 9 -7.49 20.78 39.90
N LYS J 10 -7.58 22.00 40.45
CA LYS J 10 -7.88 22.12 41.87
C LYS J 10 -9.26 21.56 42.19
N LEU J 11 -10.26 21.91 41.38
CA LEU J 11 -11.60 21.39 41.65
C LEU J 11 -11.63 19.86 41.61
N PHE J 12 -11.08 19.26 40.56
CA PHE J 12 -11.19 17.82 40.47
C PHE J 12 -10.19 17.07 41.34
N GLN J 13 -9.22 17.76 41.93
CA GLN J 13 -8.36 17.09 42.92
C GLN J 13 -8.80 17.33 44.37
N GLU J 14 -9.94 17.97 44.60
CA GLU J 14 -10.33 18.28 45.97
C GLU J 14 -10.64 16.99 46.73
N ASP J 15 -10.11 16.90 47.96
CA ASP J 15 -10.18 15.64 48.72
C ASP J 15 -11.54 15.52 49.41
N ASN J 16 -12.58 15.30 48.61
CA ASN J 16 -13.94 15.21 49.10
C ASN J 16 -14.56 13.83 48.89
N GLY J 17 -13.75 12.83 48.53
CA GLY J 17 -14.24 11.48 48.30
C GLY J 17 -15.27 11.27 47.19
N LEU J 18 -15.53 12.27 46.36
CA LEU J 18 -16.53 12.08 45.30
C LEU J 18 -15.94 11.29 44.13
N PRO J 19 -16.71 10.41 43.52
CA PRO J 19 -16.21 9.77 42.29
C PRO J 19 -16.16 10.77 41.15
N VAL J 20 -15.33 10.43 40.15
CA VAL J 20 -15.03 11.41 39.11
C VAL J 20 -16.29 11.86 38.41
N HIS J 21 -17.27 10.94 38.22
CA HIS J 21 -18.46 11.32 37.44
C HIS J 21 -19.40 12.26 38.21
N LEU J 22 -19.16 12.51 39.49
CA LEU J 22 -19.97 13.46 40.26
C LEU J 22 -19.15 14.64 40.77
N LYS J 23 -17.87 14.69 40.48
CA LYS J 23 -16.95 15.61 41.14
C LYS J 23 -17.06 17.05 40.63
N GLY J 24 -17.79 17.29 39.55
CA GLY J 24 -17.96 18.65 39.07
C GLY J 24 -19.01 19.44 39.83
N GLY J 25 -19.89 18.77 40.54
CA GLY J 25 -20.87 19.50 41.30
C GLY J 25 -22.27 19.00 41.03
N ALA J 26 -23.25 19.77 41.53
CA ALA J 26 -24.63 19.32 41.54
C ALA J 26 -25.19 19.07 40.14
N THR J 27 -24.67 19.79 39.13
CA THR J 27 -25.07 19.52 37.75
C THR J 27 -24.71 18.10 37.31
N ASP J 28 -23.59 17.55 37.81
CA ASP J 28 -23.29 16.14 37.53
C ASP J 28 -24.42 15.25 38.02
N ASN J 29 -24.94 15.52 39.23
CA ASN J 29 -25.93 14.65 39.85
C ASN J 29 -27.21 14.67 39.05
N ILE J 30 -27.58 15.86 38.59
CA ILE J 30 -28.77 16.03 37.77
C ILE J 30 -28.63 15.27 36.46
N LEU J 31 -27.50 15.45 35.76
CA LEU J 31 -27.28 14.75 34.50
C LEU J 31 -27.26 13.24 34.73
N TYR J 32 -26.58 12.78 35.78
CA TYR J 32 -26.60 11.38 36.13
C TYR J 32 -28.04 10.90 36.33
N ARG J 33 -28.84 11.66 37.08
CA ARG J 33 -30.20 11.21 37.40
C ARG J 33 -31.08 11.19 36.16
N VAL J 34 -30.94 12.18 35.30
CA VAL J 34 -31.67 12.16 34.04
C VAL J 34 -31.29 10.94 33.21
N THR J 35 -29.99 10.64 33.10
CA THR J 35 -29.55 9.52 32.27
C THR J 35 -30.08 8.19 32.78
N MET J 36 -29.91 7.94 34.09
CA MET J 36 -30.26 6.64 34.64
C MET J 36 -31.77 6.45 34.67
N THR J 37 -32.52 7.52 34.95
CA THR J 37 -33.97 7.48 34.83
C THR J 37 -34.42 7.13 33.42
N LEU J 38 -33.85 7.78 32.39
CA LEU J 38 -34.22 7.42 31.02
C LEU J 38 -33.84 5.97 30.67
N CYS J 39 -32.66 5.49 31.11
CA CYS J 39 -32.25 4.12 30.84
C CYS J 39 -33.17 3.09 31.52
N LEU J 40 -33.50 3.33 32.79
CA LEU J 40 -34.28 2.35 33.56
C LEU J 40 -35.73 2.41 33.14
N GLY J 41 -36.27 3.64 33.07
CA GLY J 41 -37.57 3.85 32.45
C GLY J 41 -37.70 3.23 31.06
N GLY J 42 -36.73 3.50 30.17
CA GLY J 42 -36.79 2.95 28.83
C GLY J 42 -36.70 1.43 28.80
N THR J 43 -35.93 0.84 29.74
CA THR J 43 -35.83 -0.62 29.81
C THR J 43 -37.14 -1.26 30.24
N LEU J 44 -37.81 -0.73 31.29
CA LEU J 44 -39.16 -1.22 31.64
C LEU J 44 -40.10 -1.16 30.45
N TYR J 45 -40.10 -0.04 29.75
CA TYR J 45 -40.93 0.11 28.55
C TYR J 45 -40.55 -0.91 27.48
N SER J 46 -39.26 -1.20 27.31
CA SER J 46 -38.93 -2.25 26.32
C SER J 46 -39.51 -3.58 26.74
N LEU J 47 -39.51 -3.87 28.06
CA LEU J 47 -40.13 -5.12 28.53
C LEU J 47 -41.63 -5.12 28.27
N TYR J 48 -42.30 -3.98 28.53
CA TYR J 48 -43.71 -3.89 28.18
C TYR J 48 -43.93 -4.14 26.69
N CYS J 49 -43.09 -3.54 25.82
CA CYS J 49 -43.25 -3.76 24.37
C CYS J 49 -42.98 -5.22 23.99
N LEU J 50 -42.00 -5.87 24.63
CA LEU J 50 -41.81 -7.30 24.39
C LEU J 50 -43.06 -8.07 24.75
N GLY J 51 -43.61 -7.80 25.93
CA GLY J 51 -44.78 -8.53 26.35
C GLY J 51 -45.95 -8.30 25.42
N TRP J 52 -46.07 -7.09 24.89
CA TRP J 52 -47.12 -6.81 23.92
C TRP J 52 -46.87 -7.57 22.61
N ALA J 53 -45.65 -7.51 22.07
CA ALA J 53 -45.36 -8.20 20.81
C ALA J 53 -45.32 -9.71 20.94
N SER J 54 -45.31 -10.25 22.16
CA SER J 54 -45.30 -11.69 22.38
C SER J 54 -46.66 -12.36 22.09
N PHE J 55 -47.73 -11.59 21.95
CA PHE J 55 -49.01 -12.25 21.72
C PHE J 55 -49.60 -11.73 20.43
N PRO J 56 -50.39 -12.55 19.73
CA PRO J 56 -51.02 -12.06 18.50
C PRO J 56 -52.06 -11.02 18.84
N HIS J 57 -52.19 -10.05 17.95
CA HIS J 57 -53.30 -9.10 17.99
C HIS J 57 -54.09 -9.41 16.72
N LYS J 58 -55.01 -10.37 16.87
CA LYS J 58 -55.64 -11.18 15.82
C LYS J 58 -55.17 -10.88 14.39
N ALA K 6 -8.03 -42.92 62.07
CA ALA K 6 -9.45 -43.26 62.23
C ALA K 6 -10.15 -43.56 60.87
N PRO K 7 -11.09 -44.52 60.85
CA PRO K 7 -11.75 -44.88 59.58
C PRO K 7 -12.60 -43.74 59.03
N ASP K 8 -12.45 -43.41 57.74
CA ASP K 8 -13.25 -42.29 57.23
C ASP K 8 -14.58 -42.81 56.66
N PHE K 9 -15.34 -41.90 56.02
CA PHE K 9 -16.62 -42.27 55.40
C PHE K 9 -16.48 -43.46 54.44
N HIS K 10 -15.38 -43.51 53.68
CA HIS K 10 -15.22 -44.57 52.68
C HIS K 10 -14.89 -45.89 53.34
N ASP K 11 -14.07 -45.89 54.39
CA ASP K 11 -13.86 -47.14 55.13
C ASP K 11 -15.19 -47.66 55.68
N LYS K 12 -16.03 -46.75 56.21
CA LYS K 12 -17.26 -47.16 56.87
C LYS K 12 -18.35 -47.58 55.89
N TYR K 13 -18.55 -46.82 54.80
CA TYR K 13 -19.75 -46.97 53.98
C TYR K 13 -19.46 -47.31 52.53
N GLY K 14 -18.18 -47.41 52.15
CA GLY K 14 -17.77 -47.63 50.77
C GLY K 14 -18.34 -48.88 50.14
N ASN K 15 -18.19 -50.03 50.81
CA ASN K 15 -18.68 -51.30 50.27
C ASN K 15 -20.16 -51.24 50.01
N ALA K 16 -20.92 -50.64 50.94
CA ALA K 16 -22.37 -50.58 50.83
C ALA K 16 -22.79 -49.61 49.72
N VAL K 17 -22.13 -48.46 49.61
CA VAL K 17 -22.50 -47.57 48.50
C VAL K 17 -22.24 -48.25 47.16
N LEU K 18 -21.09 -48.91 47.02
CA LEU K 18 -20.78 -49.60 45.78
C LEU K 18 -21.80 -50.69 45.48
N ALA K 19 -22.06 -51.57 46.46
CA ALA K 19 -22.97 -52.70 46.25
C ALA K 19 -24.38 -52.22 45.93
N SER K 20 -24.89 -51.30 46.74
CA SER K 20 -26.25 -50.81 46.56
C SER K 20 -26.39 -49.98 45.29
N GLY K 21 -25.44 -49.08 45.02
CA GLY K 21 -25.47 -48.33 43.77
C GLY K 21 -25.46 -49.24 42.56
N ALA K 22 -24.60 -50.25 42.59
CA ALA K 22 -24.50 -51.18 41.46
C ALA K 22 -25.81 -51.92 41.26
N THR K 23 -26.40 -52.42 42.35
CA THR K 23 -27.59 -53.26 42.23
C THR K 23 -28.80 -52.43 41.81
N PHE K 24 -28.98 -51.27 42.45
CA PHE K 24 -30.04 -50.37 42.02
C PHE K 24 -29.89 -49.97 40.55
N CYS K 25 -28.67 -49.62 40.12
CA CYS K 25 -28.47 -49.15 38.75
C CYS K 25 -28.86 -50.23 37.74
N VAL K 26 -28.37 -51.44 37.94
CA VAL K 26 -28.71 -52.55 37.03
C VAL K 26 -30.21 -52.78 37.03
N ALA K 27 -30.81 -52.85 38.22
CA ALA K 27 -32.24 -53.23 38.26
C ALA K 27 -33.12 -52.22 37.52
N VAL K 28 -32.86 -50.91 37.69
CA VAL K 28 -33.77 -49.92 37.15
C VAL K 28 -33.55 -49.74 35.66
N TRP K 29 -32.32 -49.95 35.17
CA TRP K 29 -32.11 -49.85 33.71
C TRP K 29 -32.67 -51.07 32.98
N VAL K 30 -32.51 -52.27 33.58
CA VAL K 30 -33.12 -53.47 33.00
C VAL K 30 -34.63 -53.33 32.97
N TYR K 31 -35.23 -52.91 34.09
CA TYR K 31 -36.65 -52.56 34.07
C TYR K 31 -37.02 -51.56 32.96
N MET K 32 -36.35 -50.39 32.94
CA MET K 32 -36.70 -49.40 31.92
C MET K 32 -36.54 -49.99 30.53
N ALA K 33 -35.48 -50.77 30.33
CA ALA K 33 -35.18 -51.28 29.00
C ALA K 33 -36.17 -52.35 28.53
N THR K 34 -36.84 -53.09 29.42
CA THR K 34 -37.65 -54.23 29.00
C THR K 34 -39.13 -54.17 29.36
N GLN K 35 -39.54 -53.34 30.30
CA GLN K 35 -40.84 -53.53 30.91
C GLN K 35 -41.81 -52.42 30.63
N ILE K 36 -41.43 -51.38 29.88
CA ILE K 36 -42.35 -50.25 29.78
C ILE K 36 -42.68 -49.92 28.33
N GLY K 37 -42.42 -50.85 27.41
CA GLY K 37 -42.88 -50.66 26.07
C GLY K 37 -42.00 -49.82 25.17
N ILE K 38 -40.76 -49.49 25.57
CA ILE K 38 -39.85 -48.83 24.64
C ILE K 38 -39.62 -49.70 23.39
N GLU K 39 -39.61 -49.04 22.22
CA GLU K 39 -39.37 -49.68 20.91
C GLU K 39 -37.90 -49.45 20.57
N TRP K 40 -37.10 -50.49 20.76
CA TRP K 40 -35.69 -50.40 20.40
C TRP K 40 -35.49 -50.48 18.89
N ASN K 41 -36.42 -51.09 18.18
CA ASN K 41 -36.31 -51.31 16.75
C ASN K 41 -35.00 -52.00 16.38
N PRO K 42 -34.76 -53.22 16.88
CA PRO K 42 -33.54 -53.96 16.52
C PRO K 42 -33.60 -54.45 15.07
N SER K 43 -32.49 -55.00 14.62
CA SER K 43 -32.41 -55.53 13.26
C SER K 43 -33.40 -56.67 13.06
N PRO K 44 -34.05 -56.75 11.89
CA PRO K 44 -34.85 -57.94 11.57
C PRO K 44 -34.02 -59.15 11.22
N VAL K 45 -32.75 -58.96 10.86
CA VAL K 45 -31.93 -60.08 10.44
C VAL K 45 -31.94 -61.15 11.53
N GLY K 46 -32.24 -62.40 11.14
CA GLY K 46 -32.23 -63.50 12.08
C GLY K 46 -33.37 -63.51 13.05
N ARG K 47 -34.32 -62.59 12.92
CA ARG K 47 -35.37 -62.37 13.90
C ARG K 47 -36.76 -62.30 13.27
N VAL K 48 -36.92 -61.62 12.14
CA VAL K 48 -38.24 -61.40 11.55
C VAL K 48 -38.48 -62.38 10.42
N THR K 49 -39.67 -62.98 10.38
CA THR K 49 -40.08 -63.79 9.23
C THR K 49 -40.72 -62.86 8.20
N PRO K 50 -40.12 -62.67 7.02
CA PRO K 50 -40.72 -61.75 6.05
C PRO K 50 -42.10 -62.23 5.60
N LYS K 51 -43.04 -61.30 5.46
CA LYS K 51 -44.42 -61.62 5.09
C LYS K 51 -44.82 -60.88 3.82
N GLU K 52 -45.54 -61.59 2.92
CA GLU K 52 -46.08 -61.00 1.71
C GLU K 52 -46.71 -59.65 2.00
N TRP K 53 -46.31 -58.65 1.21
CA TRP K 53 -46.83 -57.30 1.36
C TRP K 53 -47.66 -56.84 0.16
N ARG K 54 -47.39 -57.34 -1.03
CA ARG K 54 -48.10 -56.84 -2.20
C ARG K 54 -49.53 -57.39 -2.25
N HIS L 2 -14.26 0.57 53.00
CA HIS L 2 -13.99 0.02 51.67
C HIS L 2 -15.12 -0.99 51.40
N TYR L 3 -14.79 -2.07 50.75
CA TYR L 3 -15.65 -3.22 50.59
C TYR L 3 -15.19 -4.32 51.55
N GLU L 4 -16.09 -5.21 51.82
CA GLU L 4 -15.69 -6.41 52.55
C GLU L 4 -14.83 -7.33 51.68
N GLU L 5 -13.85 -7.95 52.32
CA GLU L 5 -12.87 -8.80 51.70
C GLU L 5 -13.06 -10.15 52.36
N GLY L 6 -12.59 -11.20 51.70
CA GLY L 6 -12.60 -12.51 52.31
C GLY L 6 -13.68 -13.49 51.81
N PRO L 7 -13.56 -14.73 52.26
CA PRO L 7 -14.46 -15.78 51.81
C PRO L 7 -15.90 -15.40 52.10
N GLY L 8 -16.78 -15.64 51.13
CA GLY L 8 -18.17 -15.26 51.33
C GLY L 8 -18.48 -13.77 51.22
N LYS L 9 -17.48 -12.92 51.06
CA LYS L 9 -17.75 -11.49 51.01
C LYS L 9 -17.45 -10.87 49.64
N ASN L 10 -16.79 -11.60 48.74
CA ASN L 10 -16.39 -11.08 47.43
C ASN L 10 -17.38 -11.49 46.32
N ILE L 11 -18.69 -11.46 46.61
CA ILE L 11 -19.74 -12.08 45.78
C ILE L 11 -21.02 -11.29 45.93
N PRO L 12 -21.86 -11.23 44.91
CA PRO L 12 -23.08 -10.41 44.98
C PRO L 12 -24.24 -11.10 45.69
N PHE L 13 -24.05 -12.29 46.21
CA PHE L 13 -25.13 -12.94 46.96
C PHE L 13 -24.61 -13.34 48.33
N SER L 14 -25.52 -13.50 49.30
CA SER L 14 -25.12 -13.86 50.66
C SER L 14 -24.97 -15.37 50.82
N VAL L 15 -23.93 -15.80 51.54
CA VAL L 15 -23.84 -17.19 51.96
C VAL L 15 -23.86 -17.28 53.49
N GLU L 16 -24.44 -16.26 54.14
CA GLU L 16 -24.47 -16.24 55.60
C GLU L 16 -25.35 -17.36 56.18
N ASN L 17 -26.50 -17.64 55.56
CA ASN L 17 -27.38 -18.75 55.94
C ASN L 17 -27.49 -19.72 54.78
N LYS L 18 -27.16 -20.99 55.02
CA LYS L 18 -27.09 -21.94 53.91
C LYS L 18 -28.44 -22.28 53.32
N TRP L 19 -29.53 -22.11 54.09
CA TRP L 19 -30.86 -22.42 53.60
C TRP L 19 -31.41 -21.29 52.76
N ARG L 20 -31.19 -20.04 53.18
CA ARG L 20 -31.49 -18.92 52.29
C ARG L 20 -30.67 -19.01 51.01
N LEU L 21 -29.41 -19.46 51.13
CA LEU L 21 -28.57 -19.64 49.94
C LEU L 21 -29.19 -20.68 49.02
N LEU L 22 -29.64 -21.79 49.59
CA LEU L 22 -30.24 -22.85 48.81
C LEU L 22 -31.44 -22.31 48.06
N ALA L 23 -32.24 -21.47 48.72
CA ALA L 23 -33.44 -20.94 48.06
C ALA L 23 -33.05 -20.01 46.92
N MET L 24 -32.04 -19.16 47.14
CA MET L 24 -31.57 -18.22 46.11
CA MET L 24 -31.57 -18.22 46.11
C MET L 24 -30.99 -18.98 44.92
N MET L 25 -30.18 -20.01 45.18
CA MET L 25 -29.53 -20.77 44.10
C MET L 25 -30.55 -21.57 43.28
N THR L 26 -31.57 -22.09 43.97
CA THR L 26 -32.66 -22.83 43.35
C THR L 26 -33.48 -21.95 42.42
N LEU L 27 -33.82 -20.74 42.87
CA LEU L 27 -34.51 -19.79 41.99
C LEU L 27 -33.66 -19.37 40.82
N PHE L 28 -32.38 -19.13 41.08
CA PHE L 28 -31.41 -18.69 40.07
C PHE L 28 -31.22 -19.75 38.99
N PHE L 29 -30.72 -20.94 39.37
CA PHE L 29 -30.53 -21.98 38.34
C PHE L 29 -31.85 -22.54 37.84
N GLY L 30 -32.84 -22.69 38.74
CA GLY L 30 -34.15 -23.20 38.33
C GLY L 30 -34.86 -22.33 37.31
N SER L 31 -34.78 -21.00 37.48
CA SER L 31 -35.40 -20.14 36.48
C SER L 31 -34.72 -20.28 35.12
N GLY L 32 -33.38 -20.44 35.07
CA GLY L 32 -32.69 -20.65 33.78
C GLY L 32 -33.13 -21.94 33.09
N PHE L 33 -33.21 -23.03 33.86
CA PHE L 33 -33.59 -24.31 33.29
C PHE L 33 -35.08 -24.31 32.89
N ALA L 34 -35.93 -23.66 33.66
CA ALA L 34 -37.38 -23.70 33.38
C ALA L 34 -37.74 -22.84 32.15
N ALA L 35 -37.01 -21.75 31.91
CA ALA L 35 -37.43 -20.82 30.86
C ALA L 35 -37.73 -21.45 29.51
N PRO L 36 -36.89 -22.34 28.93
CA PRO L 36 -37.26 -22.84 27.58
C PRO L 36 -38.54 -23.69 27.59
N PHE L 37 -38.82 -24.40 28.70
CA PHE L 37 -40.07 -25.17 28.76
C PHE L 37 -41.25 -24.24 28.70
N PHE L 38 -41.14 -23.08 29.39
CA PHE L 38 -42.27 -22.16 29.40
C PHE L 38 -42.42 -21.38 28.08
N ILE L 39 -41.31 -21.15 27.39
CA ILE L 39 -41.38 -20.55 26.07
C ILE L 39 -41.96 -21.53 25.07
N VAL L 40 -41.59 -22.80 25.18
CA VAL L 40 -42.22 -23.81 24.34
C VAL L 40 -43.72 -23.83 24.59
N ARG L 41 -44.11 -23.80 25.87
CA ARG L 41 -45.52 -23.77 26.20
C ARG L 41 -46.20 -22.51 25.65
N HIS L 42 -45.54 -21.35 25.77
CA HIS L 42 -46.11 -20.10 25.25
C HIS L 42 -46.33 -20.17 23.75
N GLN L 43 -45.37 -20.76 23.03
CA GLN L 43 -45.52 -20.87 21.59
C GLN L 43 -46.62 -21.87 21.17
N LEU L 44 -46.73 -23.02 21.85
CA LEU L 44 -47.81 -23.94 21.55
C LEU L 44 -49.17 -23.36 21.89
N LEU L 45 -49.26 -22.58 22.96
CA LEU L 45 -50.55 -22.03 23.36
C LEU L 45 -51.00 -20.84 22.52
N LYS L 46 -50.17 -20.34 21.61
CA LYS L 46 -50.63 -19.39 20.59
C LYS L 46 -51.37 -20.14 19.49
N LYS L 47 -50.63 -20.97 18.76
CA LYS L 47 -51.18 -21.84 17.73
C LYS L 47 -50.22 -22.99 17.45
N ILE M 1 -4.03 -29.36 48.08
CA ILE M 1 -4.41 -28.16 48.85
C ILE M 1 -4.79 -28.61 50.26
N THR M 2 -4.59 -27.74 51.24
CA THR M 2 -5.08 -28.01 52.60
C THR M 2 -6.11 -26.95 52.94
N ALA M 3 -7.00 -27.30 53.85
CA ALA M 3 -8.09 -26.40 54.21
C ALA M 3 -8.51 -26.62 55.65
N LYS M 4 -9.19 -25.64 56.25
CA LYS M 4 -9.77 -25.82 57.56
C LYS M 4 -10.95 -26.75 57.49
N PRO M 5 -11.28 -27.42 58.63
CA PRO M 5 -12.57 -28.09 58.76
C PRO M 5 -13.67 -27.09 58.54
N ALA M 6 -14.83 -27.60 58.09
CA ALA M 6 -15.97 -26.72 57.78
C ALA M 6 -16.35 -25.84 58.97
N LYS M 7 -16.55 -24.55 58.69
CA LYS M 7 -17.08 -23.65 59.73
C LYS M 7 -18.53 -23.90 60.06
N THR M 8 -19.33 -24.35 59.09
CA THR M 8 -20.76 -24.67 59.33
C THR M 8 -21.01 -26.02 58.67
N PRO M 9 -20.57 -27.14 59.31
CA PRO M 9 -20.66 -28.47 58.68
C PRO M 9 -22.06 -28.75 58.16
N THR M 10 -22.10 -29.47 57.00
CA THR M 10 -23.34 -29.89 56.33
C THR M 10 -23.43 -31.42 56.44
N SER M 11 -24.25 -31.89 57.40
CA SER M 11 -24.37 -33.30 57.73
C SER M 11 -25.00 -34.06 56.55
N PRO M 12 -24.89 -35.40 56.55
CA PRO M 12 -25.58 -36.19 55.50
C PRO M 12 -27.04 -35.83 55.34
N LYS M 13 -27.73 -35.52 56.44
CA LYS M 13 -29.15 -35.18 56.32
C LYS M 13 -29.33 -33.84 55.62
N GLU M 14 -28.56 -32.83 56.02
CA GLU M 14 -28.62 -31.54 55.32
C GLU M 14 -28.29 -31.69 53.83
N GLN M 15 -27.33 -32.57 53.52
CA GLN M 15 -26.96 -32.78 52.11
C GLN M 15 -28.09 -33.42 51.33
N ALA M 16 -28.74 -34.44 51.93
CA ALA M 16 -29.90 -35.05 51.26
C ALA M 16 -30.97 -34.02 51.01
N ILE M 17 -31.09 -33.02 51.89
CA ILE M 17 -32.11 -32.00 51.69
C ILE M 17 -31.71 -31.06 50.55
N GLY M 18 -30.44 -30.62 50.54
CA GLY M 18 -30.01 -29.70 49.47
C GLY M 18 -30.03 -30.39 48.11
N LEU M 19 -29.61 -31.64 48.06
CA LEU M 19 -29.68 -32.46 46.85
C LEU M 19 -31.13 -32.61 46.36
N SER M 20 -32.06 -32.92 47.27
CA SER M 20 -33.46 -33.14 46.87
C SER M 20 -34.08 -31.86 46.36
N VAL M 21 -33.95 -30.78 47.13
CA VAL M 21 -34.44 -29.48 46.71
C VAL M 21 -33.84 -29.09 45.36
N THR M 22 -32.51 -29.27 45.21
CA THR M 22 -31.88 -28.88 43.95
C THR M 22 -32.52 -29.64 42.76
N PHE M 23 -32.60 -30.97 42.86
CA PHE M 23 -33.21 -31.75 41.76
C PHE M 23 -34.66 -31.35 41.53
N LEU M 24 -35.46 -31.28 42.60
CA LEU M 24 -36.85 -30.90 42.40
C LEU M 24 -36.98 -29.56 41.66
N SER M 25 -36.03 -28.65 41.89
CA SER M 25 -36.17 -27.32 41.30
C SER M 25 -35.97 -27.39 39.78
N PHE M 26 -35.22 -28.38 39.29
CA PHE M 26 -35.12 -28.60 37.85
C PHE M 26 -36.27 -29.47 37.35
N LEU M 27 -36.64 -30.48 38.12
CA LEU M 27 -37.52 -31.52 37.58
C LEU M 27 -38.99 -31.09 37.59
N LEU M 28 -39.44 -30.38 38.61
CA LEU M 28 -40.88 -30.14 38.72
C LEU M 28 -41.45 -29.14 37.69
N PRO M 29 -40.84 -27.98 37.38
CA PRO M 29 -41.50 -27.12 36.39
C PRO M 29 -41.44 -27.71 34.99
N ALA M 30 -40.31 -28.29 34.59
CA ALA M 30 -40.24 -28.94 33.28
C ALA M 30 -41.19 -30.12 33.21
N GLY M 31 -41.22 -30.96 34.26
CA GLY M 31 -42.22 -32.03 34.32
C GLY M 31 -43.63 -31.52 34.18
N TRP M 32 -43.95 -30.42 34.86
CA TRP M 32 -45.30 -29.87 34.71
C TRP M 32 -45.60 -29.54 33.23
N VAL M 33 -44.68 -28.87 32.55
CA VAL M 33 -44.89 -28.48 31.15
C VAL M 33 -45.00 -29.73 30.29
N LEU M 34 -44.07 -30.67 30.44
CA LEU M 34 -44.12 -31.81 29.53
C LEU M 34 -45.37 -32.64 29.78
N TYR M 35 -45.77 -32.74 31.05
CA TYR M 35 -46.99 -33.47 31.38
C TYR M 35 -48.22 -32.90 30.68
N HIS M 36 -48.26 -31.58 30.50
CA HIS M 36 -49.45 -30.89 29.98
C HIS M 36 -49.31 -30.54 28.49
N LEU M 37 -48.33 -31.16 27.81
CA LEU M 37 -48.06 -30.82 26.41
C LEU M 37 -49.31 -31.01 25.56
N ASP M 38 -49.95 -32.16 25.72
CA ASP M 38 -51.18 -32.45 24.98
C ASP M 38 -52.20 -31.33 25.12
N ASN M 39 -52.50 -30.93 26.36
CA ASN M 39 -53.40 -29.81 26.61
C ASN M 39 -52.98 -28.59 25.82
N TYR M 40 -51.68 -28.27 25.83
CA TYR M 40 -51.19 -27.15 25.03
C TYR M 40 -51.42 -27.40 23.54
N LYS M 41 -50.97 -28.55 23.03
CA LYS M 41 -51.07 -28.79 21.59
C LYS M 41 -52.54 -28.91 21.20
N LYS M 42 -53.20 -30.04 21.53
CA LYS M 42 -54.58 -30.22 21.11
C LYS M 42 -55.55 -29.30 21.87
N SER M 43 -55.04 -28.16 22.35
CA SER M 43 -55.85 -27.04 22.82
C SER M 43 -56.71 -26.50 21.68
N FME N 1 50.48 14.99 -11.32
CN FME N 1 49.98 13.77 -11.61
O1 FME N 1 48.77 13.52 -11.58
CA FME N 1 49.70 16.02 -10.66
CB FME N 1 50.58 17.21 -10.24
CG FME N 1 50.31 17.67 -8.82
SD FME N 1 50.69 16.35 -7.70
CE FME N 1 49.91 16.78 -6.19
C FME N 1 48.58 16.54 -11.53
O FME N 1 47.50 16.75 -11.06
N PHE N 2 48.86 16.73 -12.81
CA PHE N 2 47.83 17.19 -13.72
C PHE N 2 46.72 16.16 -13.87
N ILE N 3 47.14 14.91 -13.93
CA ILE N 3 46.20 13.82 -14.14
C ILE N 3 45.40 13.58 -12.87
N ASN N 4 46.09 13.59 -11.71
CA ASN N 4 45.39 13.49 -10.45
C ASN N 4 44.33 14.56 -10.34
N ARG N 5 44.63 15.79 -10.81
CA ARG N 5 43.70 16.90 -10.56
C ARG N 5 42.51 16.88 -11.53
N TRP N 6 42.77 16.65 -12.82
CA TRP N 6 41.75 16.83 -13.84
C TRP N 6 41.12 15.53 -14.31
N LEU N 7 41.75 14.36 -14.06
CA LEU N 7 41.14 13.08 -14.43
C LEU N 7 40.64 12.28 -13.23
N PHE N 8 41.23 12.51 -12.05
CA PHE N 8 40.90 11.82 -10.80
C PHE N 8 40.17 12.78 -9.83
N SER N 9 39.62 13.89 -10.35
CA SER N 9 39.10 14.93 -9.46
C SER N 9 38.06 14.41 -8.46
N THR N 10 38.09 14.99 -7.23
CA THR N 10 36.99 14.86 -6.28
C THR N 10 36.60 16.23 -5.76
N ASN N 11 36.76 17.25 -6.58
CA ASN N 11 36.59 18.64 -6.16
C ASN N 11 35.44 19.26 -6.94
N HIS N 12 34.46 19.86 -6.22
CA HIS N 12 33.25 20.34 -6.89
C HIS N 12 33.55 21.45 -7.91
N LYS N 13 34.54 22.32 -7.62
CA LYS N 13 34.85 23.44 -8.53
C LYS N 13 35.49 22.93 -9.81
N ASP N 14 36.55 22.11 -9.70
CA ASP N 14 37.21 21.58 -10.90
C ASP N 14 36.27 20.73 -11.73
N ILE N 15 35.41 19.95 -11.07
CA ILE N 15 34.46 19.16 -11.85
C ILE N 15 33.49 20.10 -12.55
N GLY N 16 33.11 21.18 -11.87
CA GLY N 16 32.24 22.17 -12.54
C GLY N 16 32.93 22.80 -13.74
N THR N 17 34.24 23.03 -13.63
CA THR N 17 35.00 23.61 -14.73
C THR N 17 35.06 22.65 -15.91
N LEU N 18 35.29 21.35 -15.63
CA LEU N 18 35.24 20.35 -16.71
C LEU N 18 33.90 20.39 -17.46
N TYR N 19 32.78 20.36 -16.71
CA TYR N 19 31.46 20.49 -17.30
C TYR N 19 31.35 21.73 -18.17
N LEU N 20 31.78 22.90 -17.66
CA LEU N 20 31.65 24.12 -18.48
C LEU N 20 32.43 24.00 -19.77
N LEU N 21 33.62 23.40 -19.70
CA LEU N 21 34.46 23.20 -20.87
C LEU N 21 33.77 22.26 -21.87
N PHE N 22 33.30 21.14 -21.37
CA PHE N 22 32.60 20.18 -22.21
C PHE N 22 31.38 20.81 -22.85
N GLY N 23 30.61 21.54 -22.05
CA GLY N 23 29.41 22.15 -22.59
C GLY N 23 29.73 23.17 -23.65
N ALA N 24 30.77 23.97 -23.43
CA ALA N 24 31.11 24.98 -24.44
C ALA N 24 31.49 24.31 -25.75
N TRP N 25 32.27 23.22 -25.68
CA TRP N 25 32.66 22.50 -26.89
C TRP N 25 31.41 21.94 -27.58
N ALA N 26 30.50 21.34 -26.79
CA ALA N 26 29.24 20.84 -27.35
C ALA N 26 28.46 21.96 -28.01
N GLY N 27 28.49 23.14 -27.37
CA GLY N 27 27.81 24.30 -27.95
C GLY N 27 28.33 24.63 -29.35
N MET N 28 29.64 24.47 -29.58
CA MET N 28 30.15 24.73 -30.94
C MET N 28 29.62 23.68 -31.94
N VAL N 29 29.70 22.39 -31.57
CA VAL N 29 29.10 21.32 -32.37
C VAL N 29 27.63 21.61 -32.68
N GLY N 30 26.90 21.99 -31.65
CA GLY N 30 25.47 22.22 -31.81
C GLY N 30 25.18 23.42 -32.69
N THR N 31 26.03 24.43 -32.64
CA THR N 31 25.86 25.59 -33.49
C THR N 31 26.12 25.24 -34.95
N ALA N 32 27.14 24.42 -35.18
CA ALA N 32 27.48 24.03 -36.53
C ALA N 32 26.31 23.23 -37.15
N LEU N 33 25.67 22.36 -36.36
CA LEU N 33 24.54 21.59 -36.91
C LEU N 33 23.37 22.51 -37.26
N SER N 34 23.12 23.52 -36.41
CA SER N 34 22.06 24.50 -36.64
C SER N 34 22.31 25.32 -37.91
N LEU N 35 23.57 25.64 -38.17
CA LEU N 35 23.92 26.33 -39.43
C LEU N 35 23.72 25.46 -40.67
N LEU N 36 24.07 24.17 -40.58
CA LEU N 36 23.82 23.22 -41.64
C LEU N 36 22.32 23.07 -41.94
N ILE N 37 21.51 23.06 -40.90
CA ILE N 37 20.06 23.04 -41.09
C ILE N 37 19.63 24.26 -41.90
N ARG N 38 20.02 25.45 -41.46
CA ARG N 38 19.52 26.66 -42.10
C ARG N 38 20.15 26.93 -43.47
N ALA N 39 21.36 26.47 -43.72
CA ALA N 39 21.91 26.46 -45.09
C ALA N 39 21.05 25.61 -46.04
N GLU N 40 20.64 24.43 -45.60
CA GLU N 40 19.78 23.59 -46.44
C GLU N 40 18.49 24.29 -46.81
N LEU N 41 17.94 25.05 -45.87
CA LEU N 41 16.64 25.70 -46.03
C LEU N 41 16.75 27.14 -46.51
N GLY N 42 17.97 27.67 -46.66
CA GLY N 42 18.16 29.09 -46.95
C GLY N 42 17.77 29.49 -48.35
N GLN N 43 17.58 28.52 -49.22
CA GLN N 43 17.03 28.76 -50.56
C GLN N 43 16.32 27.49 -50.99
N PRO N 44 15.22 27.61 -51.74
CA PRO N 44 14.46 26.43 -52.18
C PRO N 44 15.33 25.48 -53.01
N GLY N 45 14.94 24.19 -53.02
CA GLY N 45 15.78 23.15 -53.58
C GLY N 45 16.56 22.35 -52.55
N THR N 46 17.51 21.57 -53.07
CA THR N 46 18.25 20.59 -52.27
C THR N 46 19.72 20.97 -52.27
N LEU N 47 20.32 21.00 -51.07
CA LEU N 47 21.73 21.40 -50.96
C LEU N 47 22.66 20.24 -50.62
N LEU N 48 22.31 19.45 -49.61
CA LEU N 48 23.14 18.38 -49.11
C LEU N 48 22.75 17.05 -49.74
N GLY N 49 21.46 16.76 -49.71
CA GLY N 49 20.89 15.50 -50.14
C GLY N 49 19.45 15.44 -49.63
N ASP N 50 18.90 14.23 -49.55
CA ASP N 50 17.46 14.09 -49.33
C ASP N 50 17.19 14.20 -47.83
N ASP N 51 16.04 13.72 -47.34
CA ASP N 51 15.68 13.98 -45.93
C ASP N 51 16.50 13.17 -44.95
N GLN N 52 17.20 12.12 -45.40
CA GLN N 52 17.97 11.27 -44.49
C GLN N 52 19.17 12.01 -43.92
N ILE N 53 20.08 12.44 -44.81
CA ILE N 53 21.21 13.25 -44.34
C ILE N 53 20.73 14.46 -43.52
N TYR N 54 19.68 15.14 -44.00
CA TYR N 54 19.20 16.36 -43.32
C TYR N 54 18.68 16.04 -41.91
N ASN N 55 17.88 14.99 -41.79
CA ASN N 55 17.34 14.72 -40.49
C ASN N 55 18.35 14.05 -39.57
N VAL N 56 19.39 13.42 -40.11
CA VAL N 56 20.51 13.04 -39.25
C VAL N 56 21.11 14.30 -38.60
N VAL N 57 21.23 15.38 -39.38
CA VAL N 57 21.70 16.66 -38.84
C VAL N 57 20.69 17.23 -37.86
N VAL N 58 19.41 17.23 -38.21
CA VAL N 58 18.40 17.78 -37.28
C VAL N 58 18.45 17.03 -35.96
N THR N 59 18.52 15.69 -36.04
CA THR N 59 18.48 14.87 -34.82
C THR N 59 19.68 15.17 -33.91
N ALA N 60 20.90 15.18 -34.48
CA ALA N 60 22.12 15.44 -33.72
C ALA N 60 22.10 16.85 -33.14
N HIS N 61 21.55 17.80 -33.91
CA HIS N 61 21.46 19.20 -33.49
C HIS N 61 20.75 19.27 -32.14
N ALA N 62 19.60 18.60 -32.06
CA ALA N 62 18.77 18.59 -30.86
C ALA N 62 19.47 17.88 -29.70
N PHE N 63 20.02 16.67 -29.92
CA PHE N 63 20.64 15.89 -28.82
C PHE N 63 21.86 16.62 -28.29
N VAL N 64 22.64 17.21 -29.19
CA VAL N 64 23.85 17.90 -28.74
C VAL N 64 23.50 19.14 -27.91
N MET N 65 22.57 19.96 -28.39
CA MET N 65 22.19 21.18 -27.66
C MET N 65 21.55 20.87 -26.32
N ILE N 66 20.73 19.83 -26.25
CA ILE N 66 20.01 19.51 -25.04
C ILE N 66 20.93 18.76 -24.05
N PHE N 67 21.46 17.60 -24.43
CA PHE N 67 22.13 16.73 -23.47
C PHE N 67 23.61 17.03 -23.27
N PHE N 68 24.26 17.66 -24.24
CA PHE N 68 25.70 17.93 -24.12
C PHE N 68 26.04 19.40 -23.93
N MET N 69 25.11 20.33 -24.25
CA MET N 69 25.36 21.74 -24.00
C MET N 69 24.54 22.27 -22.80
N VAL N 70 23.20 22.30 -22.88
CA VAL N 70 22.40 22.96 -21.82
C VAL N 70 22.54 22.20 -20.49
N MET N 71 22.30 20.89 -20.49
CA MET N 71 22.29 20.28 -19.16
C MET N 71 23.68 20.25 -18.50
N PRO N 72 24.77 19.96 -19.23
CA PRO N 72 26.10 19.97 -18.57
C PRO N 72 26.48 21.35 -18.06
N ILE N 73 26.14 22.39 -18.81
CA ILE N 73 26.51 23.74 -18.39
C ILE N 73 25.70 24.15 -17.14
N MET N 74 24.37 24.08 -17.22
CA MET N 74 23.51 24.51 -16.11
C MET N 74 23.71 23.66 -14.87
N ILE N 75 23.62 22.36 -15.02
CA ILE N 75 23.50 21.46 -13.88
C ILE N 75 24.91 21.04 -13.44
N GLY N 76 25.67 20.47 -14.34
CA GLY N 76 27.01 20.03 -13.97
C GLY N 76 27.99 21.18 -13.79
N GLY N 77 27.81 22.29 -14.53
CA GLY N 77 28.75 23.42 -14.51
C GLY N 77 28.34 24.38 -13.40
N PHE N 78 27.32 25.18 -13.65
CA PHE N 78 26.90 26.13 -12.62
C PHE N 78 26.50 25.39 -11.35
N GLY N 79 25.86 24.22 -11.47
CA GLY N 79 25.40 23.53 -10.25
C GLY N 79 26.57 23.13 -9.33
N ASN N 80 27.58 22.47 -9.89
CA ASN N 80 28.72 22.03 -9.12
C ASN N 80 29.52 23.20 -8.57
N TRP N 81 29.69 24.26 -9.38
CA TRP N 81 30.47 25.41 -8.89
C TRP N 81 29.73 26.11 -7.77
N LEU N 82 28.43 26.43 -7.99
CA LEU N 82 27.74 27.37 -7.10
C LEU N 82 27.01 26.71 -5.94
N VAL N 83 26.47 25.47 -6.09
CA VAL N 83 25.60 24.94 -5.02
C VAL N 83 26.35 24.76 -3.70
N PRO N 84 27.55 24.12 -3.65
CA PRO N 84 28.25 24.00 -2.36
C PRO N 84 28.64 25.35 -1.78
N LEU N 85 29.04 26.30 -2.64
CA LEU N 85 29.42 27.63 -2.17
C LEU N 85 28.25 28.35 -1.53
N MET N 86 27.06 28.25 -2.14
CA MET N 86 25.88 28.97 -1.68
C MET N 86 25.33 28.42 -0.37
N ILE N 87 25.74 27.22 0.04
CA ILE N 87 25.29 26.69 1.33
C ILE N 87 26.46 26.48 2.29
N GLY N 88 27.63 27.01 1.94
CA GLY N 88 28.72 26.95 2.94
C GLY N 88 29.25 25.54 3.11
N ALA N 89 29.00 24.67 2.10
CA ALA N 89 29.40 23.26 2.20
C ALA N 89 30.83 23.05 1.69
N PRO N 90 31.54 22.04 2.21
CA PRO N 90 32.95 21.86 1.82
C PRO N 90 33.11 21.12 0.50
N ASP N 91 32.09 20.41 0.01
CA ASP N 91 32.03 19.82 -1.34
C ASP N 91 30.62 19.23 -1.56
N MET N 92 30.44 18.35 -2.57
CA MET N 92 29.22 17.55 -2.76
C MET N 92 29.24 16.33 -1.80
N ALA N 93 28.04 15.76 -1.51
CA ALA N 93 27.95 14.58 -0.64
C ALA N 93 28.80 13.44 -1.18
N PHE N 94 28.83 13.23 -2.50
CA PHE N 94 29.49 12.07 -3.12
C PHE N 94 30.50 12.57 -4.17
N PRO N 95 31.67 13.05 -3.71
CA PRO N 95 32.56 13.79 -4.61
C PRO N 95 33.17 12.95 -5.68
N ARG N 96 33.36 11.66 -5.43
CA ARG N 96 33.93 10.75 -6.40
C ARG N 96 32.86 10.29 -7.40
N MET N 97 31.66 9.98 -6.91
CA MET N 97 30.59 9.70 -7.84
C MET N 97 30.35 10.88 -8.77
N ASN N 98 30.44 12.11 -8.22
CA ASN N 98 30.31 13.34 -9.01
C ASN N 98 31.23 13.30 -10.23
N ASN N 99 32.47 12.86 -10.03
CA ASN N 99 33.42 12.84 -11.14
C ASN N 99 33.03 11.82 -12.20
N MET N 100 32.31 10.76 -11.79
CA MET N 100 31.87 9.80 -12.81
C MET N 100 30.68 10.32 -13.62
N SER N 101 29.81 11.14 -13.02
CA SER N 101 28.77 11.79 -13.83
C SER N 101 29.41 12.60 -14.93
N PHE N 102 30.52 13.29 -14.63
CA PHE N 102 31.19 14.05 -15.69
C PHE N 102 31.79 13.10 -16.73
N TRP N 103 32.62 12.12 -16.27
CA TRP N 103 33.38 11.33 -17.28
C TRP N 103 32.50 10.41 -18.10
N LEU N 104 31.26 10.18 -17.71
CA LEU N 104 30.35 9.47 -18.60
C LEU N 104 29.97 10.30 -19.83
N LEU N 105 30.17 11.63 -19.79
CA LEU N 105 29.63 12.42 -20.91
C LEU N 105 30.52 12.37 -22.16
N PRO N 106 31.85 12.41 -22.08
CA PRO N 106 32.63 12.26 -23.33
C PRO N 106 32.36 10.93 -24.03
N PRO N 107 32.24 9.78 -23.32
CA PRO N 107 31.83 8.54 -24.05
C PRO N 107 30.43 8.63 -24.66
N SER N 108 29.49 9.30 -23.98
CA SER N 108 28.15 9.48 -24.51
C SER N 108 28.21 10.25 -25.83
N PHE N 109 28.96 11.36 -25.84
CA PHE N 109 29.17 12.17 -27.04
C PHE N 109 29.84 11.34 -28.15
N LEU N 110 30.87 10.57 -27.79
CA LEU N 110 31.53 9.68 -28.78
C LEU N 110 30.53 8.70 -29.43
N LEU N 111 29.62 8.12 -28.62
CA LEU N 111 28.60 7.23 -29.18
C LEU N 111 27.65 7.99 -30.13
N LEU N 112 27.29 9.24 -29.80
CA LEU N 112 26.47 10.01 -30.73
C LEU N 112 27.23 10.27 -32.02
N LEU N 113 28.49 10.65 -31.90
CA LEU N 113 29.31 10.85 -33.09
C LEU N 113 29.42 9.57 -33.90
N ALA N 114 29.64 8.43 -33.24
CA ALA N 114 29.70 7.15 -33.96
C ALA N 114 28.43 6.86 -34.76
N SER N 115 27.25 7.14 -34.19
CA SER N 115 26.01 6.81 -34.90
C SER N 115 25.86 7.60 -36.20
N SER N 116 26.44 8.83 -36.25
CA SER N 116 26.32 9.61 -37.49
C SER N 116 27.36 9.25 -38.54
N MET N 117 28.42 8.54 -38.15
CA MET N 117 29.46 8.11 -39.09
C MET N 117 29.20 6.75 -39.71
N VAL N 118 28.56 5.83 -38.98
CA VAL N 118 28.32 4.49 -39.50
C VAL N 118 27.02 4.52 -40.28
N GLU N 119 26.93 3.66 -41.30
CA GLU N 119 25.73 3.46 -42.15
C GLU N 119 25.31 4.83 -42.65
N ALA N 120 24.02 5.20 -42.57
CA ALA N 120 23.50 6.50 -43.04
C ALA N 120 23.02 7.35 -41.87
N GLY N 121 23.48 7.05 -40.64
CA GLY N 121 23.15 7.88 -39.50
C GLY N 121 21.77 7.57 -38.98
N ALA N 122 21.42 8.22 -37.84
CA ALA N 122 20.09 8.04 -37.24
C ALA N 122 19.23 9.25 -37.60
N GLY N 123 18.45 9.10 -38.65
CA GLY N 123 17.67 10.22 -39.13
C GLY N 123 16.25 10.08 -38.62
N THR N 124 16.07 10.13 -37.30
CA THR N 124 14.82 9.70 -36.68
C THR N 124 14.04 10.82 -36.04
N GLY N 125 14.67 11.99 -35.85
CA GLY N 125 14.18 12.97 -34.89
C GLY N 125 14.75 12.62 -33.51
N TRP N 126 14.86 13.64 -32.65
CA TRP N 126 15.44 13.38 -31.33
C TRP N 126 14.49 12.58 -30.46
N THR N 127 13.25 12.41 -30.92
CA THR N 127 12.25 11.61 -30.19
C THR N 127 12.38 10.11 -30.53
N VAL N 128 13.05 9.77 -31.63
CA VAL N 128 13.41 8.40 -32.05
C VAL N 128 12.18 7.47 -32.17
N TYR N 129 11.05 7.96 -32.71
CA TYR N 129 9.83 7.16 -32.80
C TYR N 129 10.05 5.92 -33.66
N PRO N 130 9.59 4.76 -33.21
CA PRO N 130 9.37 3.66 -34.13
C PRO N 130 8.10 3.87 -34.94
N PRO N 131 7.91 3.13 -36.06
CA PRO N 131 8.83 2.15 -36.67
C PRO N 131 9.99 2.73 -37.51
N LEU N 132 9.96 4.03 -37.81
CA LEU N 132 11.07 4.59 -38.56
C LEU N 132 12.41 4.30 -37.86
N ALA N 133 12.44 4.35 -36.52
CA ALA N 133 13.67 4.05 -35.79
C ALA N 133 13.90 2.55 -35.55
N GLY N 134 12.96 1.69 -35.96
CA GLY N 134 13.11 0.25 -35.81
C GLY N 134 14.12 -0.36 -36.81
N ASN N 135 14.30 -1.69 -36.72
CA ASN N 135 15.41 -2.31 -37.45
C ASN N 135 15.12 -2.57 -38.93
N LEU N 136 13.95 -2.23 -39.45
CA LEU N 136 13.67 -2.38 -40.85
C LEU N 136 13.83 -1.08 -41.61
N ALA N 137 13.26 0.01 -41.06
CA ALA N 137 13.40 1.33 -41.66
C ALA N 137 14.70 2.00 -41.26
N HIS N 138 15.39 1.51 -40.23
CA HIS N 138 16.71 2.05 -39.86
C HIS N 138 17.61 0.88 -39.47
N ALA N 139 17.85 -0.03 -40.43
CA ALA N 139 18.69 -1.19 -40.19
C ALA N 139 20.10 -0.72 -39.89
N GLY N 140 20.82 -1.49 -39.10
CA GLY N 140 22.21 -1.19 -38.80
C GLY N 140 22.38 -0.52 -37.45
N ALA N 141 23.61 -0.13 -37.18
CA ALA N 141 24.02 0.27 -35.83
C ALA N 141 23.63 1.68 -35.43
N SER N 142 23.26 2.57 -36.36
CA SER N 142 23.20 3.98 -35.99
C SER N 142 22.24 4.22 -34.83
N VAL N 143 21.02 3.69 -34.93
CA VAL N 143 20.04 3.95 -33.88
C VAL N 143 20.44 3.30 -32.56
N ASP N 144 21.06 2.11 -32.61
CA ASP N 144 21.52 1.47 -31.38
C ASP N 144 22.64 2.28 -30.71
N LEU N 145 23.50 2.92 -31.49
CA LEU N 145 24.50 3.78 -30.86
C LEU N 145 23.85 5.00 -30.24
N THR N 146 22.79 5.53 -30.87
CA THR N 146 22.05 6.64 -30.29
C THR N 146 21.44 6.23 -28.97
N ILE N 147 20.82 5.04 -28.93
CA ILE N 147 20.20 4.55 -27.70
C ILE N 147 21.25 4.43 -26.60
N PHE N 148 22.40 3.84 -26.92
CA PHE N 148 23.44 3.69 -25.92
C PHE N 148 23.98 5.06 -25.47
N SER N 149 24.15 6.00 -26.41
CA SER N 149 24.52 7.37 -26.03
C SER N 149 23.57 7.94 -24.98
N LEU N 150 22.27 7.84 -25.24
CA LEU N 150 21.26 8.26 -24.27
C LEU N 150 21.35 7.49 -22.95
N HIS N 151 21.59 6.18 -22.98
CA HIS N 151 21.73 5.50 -21.70
C HIS N 151 22.87 6.10 -20.88
N LEU N 152 24.02 6.38 -21.51
CA LEU N 152 25.14 6.89 -20.71
C LEU N 152 24.84 8.28 -20.16
N ALA N 153 24.25 9.15 -20.98
CA ALA N 153 23.90 10.46 -20.45
C ALA N 153 22.83 10.35 -19.39
N GLY N 154 21.93 9.37 -19.56
CA GLY N 154 20.92 9.15 -18.54
C GLY N 154 21.52 8.74 -17.21
N VAL N 155 22.43 7.78 -17.22
CA VAL N 155 23.07 7.39 -15.96
C VAL N 155 23.82 8.59 -15.36
N SER N 156 24.53 9.36 -16.19
CA SER N 156 25.28 10.51 -15.68
C SER N 156 24.36 11.45 -14.90
N SER N 157 23.16 11.71 -15.44
CA SER N 157 22.28 12.71 -14.83
C SER N 157 21.57 12.15 -13.62
N ILE N 158 21.24 10.85 -13.63
CA ILE N 158 20.60 10.23 -12.47
C ILE N 158 21.54 10.24 -11.25
N LEU N 159 22.77 9.86 -11.48
CA LEU N 159 23.72 9.91 -10.38
C LEU N 159 23.98 11.35 -9.97
N GLY N 160 24.08 12.27 -10.93
CA GLY N 160 24.23 13.67 -10.55
C GLY N 160 23.03 14.18 -9.78
N ALA N 161 21.81 13.71 -10.14
CA ALA N 161 20.63 14.10 -9.36
C ALA N 161 20.71 13.55 -7.94
N ILE N 162 21.08 12.29 -7.80
CA ILE N 162 21.22 11.74 -6.45
C ILE N 162 22.21 12.59 -5.62
N ASN N 163 23.31 13.01 -6.24
CA ASN N 163 24.34 13.81 -5.54
C ASN N 163 23.82 15.18 -5.12
N PHE N 164 23.14 15.90 -6.05
CA PHE N 164 22.59 17.23 -5.73
C PHE N 164 21.49 17.17 -4.67
N ILE N 165 20.55 16.19 -4.76
CA ILE N 165 19.51 16.14 -3.75
C ILE N 165 20.12 15.88 -2.38
N THR N 166 21.01 14.90 -2.30
CA THR N 166 21.62 14.58 -1.00
C THR N 166 22.41 15.76 -0.45
N THR N 167 23.18 16.40 -1.31
CA THR N 167 24.02 17.53 -0.87
C THR N 167 23.14 18.64 -0.34
N ILE N 168 22.08 18.94 -1.07
CA ILE N 168 21.27 20.09 -0.70
C ILE N 168 20.43 19.84 0.53
N ILE N 169 19.95 18.60 0.73
CA ILE N 169 19.19 18.27 1.95
C ILE N 169 20.14 18.12 3.16
N ASN N 170 21.28 17.52 2.96
CA ASN N 170 22.04 17.05 4.14
C ASN N 170 23.21 17.94 4.56
N MET N 171 23.65 18.88 3.72
CA MET N 171 24.93 19.57 3.94
C MET N 171 24.79 21.08 4.09
N LYS N 172 23.62 21.57 4.43
CA LYS N 172 23.52 22.99 4.77
C LYS N 172 24.07 23.22 6.18
N PRO N 173 24.34 24.45 6.59
CA PRO N 173 24.65 24.69 8.01
C PRO N 173 23.47 24.27 8.88
N PRO N 174 23.74 23.81 10.10
CA PRO N 174 22.68 23.27 10.97
C PRO N 174 21.54 24.23 11.25
N ALA N 175 21.77 25.52 11.30
CA ALA N 175 20.70 26.50 11.51
C ALA N 175 19.93 26.87 10.26
N MET N 176 20.41 26.50 9.07
CA MET N 176 19.76 26.94 7.85
C MET N 176 18.64 25.96 7.50
N SER N 177 17.39 26.41 7.51
CA SER N 177 16.37 25.51 6.95
C SER N 177 16.34 25.60 5.43
N GLN N 178 15.49 24.74 4.81
CA GLN N 178 15.36 24.81 3.36
C GLN N 178 14.76 26.15 2.91
N TYR N 179 14.01 26.79 3.79
CA TYR N 179 13.51 28.12 3.50
C TYR N 179 14.51 29.23 3.78
N GLN N 180 15.79 28.91 4.01
CA GLN N 180 16.82 29.92 4.02
C GLN N 180 17.88 29.63 2.94
N THR N 181 17.57 28.76 1.99
CA THR N 181 18.54 28.55 0.92
C THR N 181 18.19 29.39 -0.31
N PRO N 182 19.23 29.77 -1.06
CA PRO N 182 19.02 30.61 -2.25
C PRO N 182 18.17 29.95 -3.33
N LEU N 183 17.42 30.80 -4.08
CA LEU N 183 16.59 30.27 -5.14
C LEU N 183 17.37 29.45 -6.16
N PHE N 184 18.64 29.79 -6.46
CA PHE N 184 19.34 28.92 -7.42
C PHE N 184 19.47 27.52 -6.88
N VAL N 185 19.76 27.39 -5.57
CA VAL N 185 19.85 26.05 -4.95
C VAL N 185 18.49 25.30 -5.01
N TRP N 186 17.39 25.98 -4.65
CA TRP N 186 16.07 25.40 -4.89
C TRP N 186 15.91 24.92 -6.32
N SER N 187 16.35 25.71 -7.30
CA SER N 187 16.02 25.35 -8.67
C SER N 187 16.73 24.05 -9.07
N VAL N 188 17.97 23.89 -8.61
CA VAL N 188 18.76 22.67 -8.87
C VAL N 188 18.18 21.48 -8.16
N MET N 189 17.79 21.66 -6.89
CA MET N 189 17.16 20.57 -6.15
C MET N 189 15.90 20.06 -6.86
N ILE N 190 15.02 20.98 -7.29
CA ILE N 190 13.79 20.55 -7.98
C ILE N 190 14.10 19.93 -9.33
N THR N 191 15.05 20.52 -10.06
CA THR N 191 15.55 19.89 -11.30
C THR N 191 16.02 18.47 -11.06
N ALA N 192 16.81 18.28 -10.00
CA ALA N 192 17.34 16.94 -9.75
C ALA N 192 16.21 15.94 -9.46
N VAL N 193 15.17 16.36 -8.70
CA VAL N 193 14.02 15.47 -8.49
C VAL N 193 13.35 15.14 -9.83
N LEU N 194 13.17 16.12 -10.72
CA LEU N 194 12.57 15.75 -12.03
C LEU N 194 13.45 14.80 -12.82
N LEU N 195 14.77 14.96 -12.75
CA LEU N 195 15.65 13.97 -13.44
C LEU N 195 15.49 12.56 -12.86
N LEU N 196 15.54 12.46 -11.54
CA LEU N 196 15.49 11.17 -10.84
C LEU N 196 14.28 10.35 -11.28
N LEU N 197 13.14 11.01 -11.43
CA LEU N 197 11.85 10.36 -11.72
C LEU N 197 11.60 10.13 -13.21
N SER N 198 12.07 11.03 -14.06
CA SER N 198 11.77 10.98 -15.50
C SER N 198 12.79 10.15 -16.30
N LEU N 199 14.09 10.27 -16.02
CA LEU N 199 15.07 9.55 -16.85
C LEU N 199 14.90 8.05 -16.79
N PRO N 200 14.52 7.42 -15.65
CA PRO N 200 14.33 5.96 -15.67
C PRO N 200 13.22 5.49 -16.59
N VAL N 201 12.16 6.27 -16.76
CA VAL N 201 11.14 5.94 -17.74
C VAL N 201 11.70 6.03 -19.16
N LEU N 202 12.43 7.09 -19.44
CA LEU N 202 13.08 7.14 -20.77
C LEU N 202 13.93 5.90 -20.98
N ALA N 203 14.70 5.48 -19.93
CA ALA N 203 15.60 4.34 -20.10
C ALA N 203 14.82 3.05 -20.34
N ALA N 204 13.70 2.87 -19.64
CA ALA N 204 12.83 1.73 -19.94
C ALA N 204 12.36 1.77 -21.41
N GLY N 205 11.90 2.92 -21.88
CA GLY N 205 11.37 3.00 -23.24
C GLY N 205 12.43 2.76 -24.33
N ILE N 206 13.60 3.39 -24.23
CA ILE N 206 14.63 3.14 -25.27
C ILE N 206 15.23 1.76 -25.14
N THR N 207 15.19 1.15 -23.93
CA THR N 207 15.62 -0.24 -23.81
C THR N 207 14.65 -1.17 -24.56
N MET N 208 13.36 -0.92 -24.43
CA MET N 208 12.36 -1.64 -25.22
C MET N 208 12.58 -1.41 -26.71
N LEU N 209 13.00 -0.19 -27.12
CA LEU N 209 13.26 -0.02 -28.55
C LEU N 209 14.48 -0.86 -28.97
N LEU N 210 15.49 -0.89 -28.08
CA LEU N 210 16.70 -1.70 -28.29
C LEU N 210 16.36 -3.18 -28.44
N THR N 211 15.53 -3.70 -27.55
CA THR N 211 15.23 -5.12 -27.71
C THR N 211 14.31 -5.39 -28.90
N ASP N 212 13.40 -4.47 -29.26
CA ASP N 212 12.65 -4.64 -30.51
C ASP N 212 13.59 -4.69 -31.70
N ARG N 213 14.65 -3.89 -31.69
CA ARG N 213 15.57 -3.88 -32.82
C ARG N 213 16.52 -5.06 -32.78
N ASN N 214 16.74 -5.68 -31.62
CA ASN N 214 17.85 -6.64 -31.61
C ASN N 214 17.53 -7.94 -30.97
N LEU N 215 16.44 -8.05 -30.27
CA LEU N 215 16.18 -9.33 -29.62
C LEU N 215 14.81 -9.90 -30.00
N ASN N 216 14.18 -9.39 -31.07
CA ASN N 216 12.90 -9.91 -31.57
C ASN N 216 11.73 -9.74 -30.57
N THR N 217 11.81 -8.76 -29.65
CA THR N 217 10.62 -8.36 -28.93
C THR N 217 9.76 -7.50 -29.85
N THR N 218 8.54 -7.22 -29.40
CA THR N 218 7.59 -6.46 -30.21
C THR N 218 6.77 -5.50 -29.35
N PHE N 219 7.39 -4.89 -28.36
CA PHE N 219 6.73 -3.81 -27.59
C PHE N 219 6.01 -2.81 -28.48
N PHE N 220 6.64 -2.42 -29.58
CA PHE N 220 6.12 -1.32 -30.42
C PHE N 220 5.69 -1.77 -31.82
N ASP N 221 5.68 -3.08 -32.06
CA ASP N 221 5.41 -3.68 -33.38
C ASP N 221 4.03 -4.34 -33.39
N PRO N 222 3.03 -3.77 -34.09
CA PRO N 222 1.68 -4.36 -34.15
C PRO N 222 1.63 -5.81 -34.54
N ALA N 223 2.54 -6.27 -35.40
CA ALA N 223 2.53 -7.68 -35.77
C ALA N 223 2.68 -8.60 -34.56
N GLY N 224 3.27 -8.12 -33.46
CA GLY N 224 3.36 -8.93 -32.28
C GLY N 224 2.34 -8.54 -31.22
N GLY N 225 1.40 -7.64 -31.53
CA GLY N 225 0.56 -7.10 -30.49
C GLY N 225 1.06 -5.82 -29.85
N GLY N 226 2.19 -5.26 -30.33
CA GLY N 226 2.76 -4.02 -29.80
C GLY N 226 2.11 -2.81 -30.41
N ASP N 227 2.58 -1.63 -29.98
CA ASP N 227 1.87 -0.40 -30.38
C ASP N 227 2.91 0.72 -30.47
N PRO N 228 3.11 1.31 -31.64
CA PRO N 228 4.04 2.46 -31.73
C PRO N 228 3.69 3.61 -30.81
N ILE N 229 2.40 3.81 -30.55
CA ILE N 229 2.01 4.89 -29.66
C ILE N 229 2.50 4.67 -28.23
N LEU N 230 2.64 3.40 -27.79
CA LEU N 230 3.17 3.20 -26.43
C LEU N 230 4.54 3.84 -26.27
N TYR N 231 5.39 3.73 -27.32
CA TYR N 231 6.71 4.33 -27.24
C TYR N 231 6.57 5.83 -27.01
N GLN N 232 5.60 6.47 -27.68
CA GLN N 232 5.42 7.91 -27.57
C GLN N 232 5.06 8.30 -26.14
N HIS N 233 4.12 7.54 -25.52
CA HIS N 233 3.79 7.82 -24.13
C HIS N 233 5.02 7.74 -23.24
N LEU N 234 5.80 6.66 -23.38
CA LEU N 234 6.96 6.49 -22.50
C LEU N 234 7.98 7.61 -22.70
N PHE N 235 8.25 7.94 -23.96
CA PHE N 235 9.20 9.00 -24.26
C PHE N 235 8.75 10.32 -23.66
N TRP N 236 7.51 10.75 -23.98
CA TRP N 236 7.05 12.07 -23.55
C TRP N 236 6.80 12.13 -22.05
N PHE N 237 6.62 11.00 -21.39
CA PHE N 237 6.49 11.04 -19.94
C PHE N 237 7.79 11.56 -19.36
N PHE N 238 8.91 11.23 -20.03
CA PHE N 238 10.20 11.87 -19.73
C PHE N 238 10.35 13.24 -20.42
N GLY N 239 9.87 13.36 -21.67
CA GLY N 239 10.28 14.51 -22.47
C GLY N 239 9.60 15.80 -22.09
N HIS N 240 8.34 15.77 -21.53
CA HIS N 240 7.86 17.05 -21.01
C HIS N 240 8.62 17.38 -19.73
N PRO N 241 8.73 16.51 -18.71
CA PRO N 241 9.60 16.92 -17.59
C PRO N 241 10.96 17.43 -18.06
N GLU N 242 11.52 16.82 -19.08
CA GLU N 242 12.83 17.26 -19.57
C GLU N 242 12.90 18.78 -19.94
N VAL N 243 11.83 19.36 -20.54
CA VAL N 243 11.97 20.82 -20.86
C VAL N 243 11.88 21.69 -19.59
N TYR N 244 11.24 21.19 -18.54
CA TYR N 244 11.28 21.90 -17.26
C TYR N 244 12.64 21.69 -16.60
N ILE N 245 13.23 20.51 -16.77
CA ILE N 245 14.66 20.35 -16.42
C ILE N 245 15.55 21.40 -17.11
N LEU N 246 15.26 21.71 -18.39
CA LEU N 246 16.09 22.62 -19.21
C LEU N 246 15.91 24.07 -18.78
N ILE N 247 14.78 24.42 -18.20
CA ILE N 247 14.57 25.84 -17.89
C ILE N 247 14.72 26.14 -16.40
N LEU N 248 14.42 25.17 -15.52
CA LEU N 248 14.40 25.51 -14.08
C LEU N 248 15.71 26.07 -13.53
N PRO N 249 16.88 25.46 -13.78
CA PRO N 249 18.12 26.11 -13.32
C PRO N 249 18.30 27.51 -13.96
N GLY N 250 17.76 27.70 -15.18
CA GLY N 250 17.70 29.04 -15.76
C GLY N 250 16.89 30.02 -14.93
N PHE N 251 15.69 29.59 -14.46
CA PHE N 251 14.90 30.43 -13.58
C PHE N 251 15.69 30.78 -12.35
N GLY N 252 16.37 29.79 -11.76
CA GLY N 252 17.15 30.08 -10.58
C GLY N 252 18.26 31.07 -10.85
N MET N 253 18.91 31.00 -12.03
CA MET N 253 20.02 31.96 -12.24
C MET N 253 19.45 33.35 -12.51
N ILE N 254 18.36 33.37 -13.25
CA ILE N 254 17.69 34.66 -13.53
C ILE N 254 17.32 35.37 -12.23
N SER N 255 16.78 34.63 -11.26
CA SER N 255 16.42 35.24 -9.98
C SER N 255 17.65 35.85 -9.28
N HIS N 256 18.79 35.16 -9.33
CA HIS N 256 19.99 35.73 -8.73
C HIS N 256 20.47 36.95 -9.47
N ILE N 257 20.48 36.89 -10.80
CA ILE N 257 21.02 38.01 -11.60
C ILE N 257 20.15 39.25 -11.46
N VAL N 258 18.84 39.09 -11.57
CA VAL N 258 17.92 40.21 -11.47
C VAL N 258 18.04 40.85 -10.09
N THR N 259 18.16 40.03 -9.06
CA THR N 259 18.29 40.56 -7.70
C THR N 259 19.57 41.36 -7.59
N TYR N 260 20.67 40.80 -8.09
CA TYR N 260 22.00 41.40 -7.93
C TYR N 260 22.10 42.75 -8.63
N TYR N 261 21.70 42.80 -9.90
CA TYR N 261 21.85 44.01 -10.67
C TYR N 261 20.68 44.98 -10.46
N SER N 262 19.68 44.61 -9.68
CA SER N 262 18.73 45.62 -9.20
C SER N 262 19.18 46.24 -7.88
N GLY N 263 20.33 45.82 -7.35
CA GLY N 263 20.87 46.32 -6.09
C GLY N 263 20.11 45.86 -4.89
N LYS N 264 19.41 44.72 -5.00
CA LYS N 264 18.52 44.25 -3.94
C LYS N 264 19.26 43.20 -3.12
N LYS N 265 18.88 43.08 -1.87
CA LYS N 265 19.42 42.02 -1.04
C LYS N 265 18.70 40.70 -1.25
N GLU N 266 17.51 40.71 -1.87
CA GLU N 266 16.72 39.49 -1.98
C GLU N 266 15.75 39.61 -3.14
N PRO N 267 15.35 38.50 -3.74
CA PRO N 267 14.28 38.53 -4.77
C PRO N 267 12.92 38.84 -4.15
N PHE N 268 12.06 39.46 -4.92
CA PHE N 268 10.69 39.67 -4.47
C PHE N 268 9.97 38.34 -4.26
N GLY N 269 9.26 38.21 -3.13
CA GLY N 269 8.35 37.08 -2.94
C GLY N 269 9.05 35.71 -2.94
N TYR N 270 10.04 35.56 -2.06
CA TYR N 270 10.88 34.34 -2.07
C TYR N 270 10.03 33.07 -2.01
N MET N 271 9.08 33.00 -1.04
CA MET N 271 8.32 31.74 -0.86
C MET N 271 7.41 31.49 -2.06
N GLY N 272 6.87 32.55 -2.64
CA GLY N 272 6.17 32.43 -3.93
C GLY N 272 7.02 31.83 -5.04
N MET N 273 8.30 32.22 -5.13
CA MET N 273 9.19 31.65 -6.14
C MET N 273 9.43 30.15 -5.91
N VAL N 274 9.62 29.78 -4.64
CA VAL N 274 9.74 28.36 -4.28
C VAL N 274 8.46 27.64 -4.64
N TRP N 275 7.30 28.17 -4.19
CA TRP N 275 6.02 27.53 -4.55
C TRP N 275 5.91 27.34 -6.07
N ALA N 276 6.27 28.38 -6.82
CA ALA N 276 6.08 28.30 -8.28
C ALA N 276 6.98 27.26 -8.92
N MET N 277 8.24 27.15 -8.48
CA MET N 277 9.10 26.15 -9.08
C MET N 277 8.61 24.76 -8.74
N MET N 278 8.19 24.55 -7.48
CA MET N 278 7.66 23.23 -7.14
C MET N 278 6.39 22.92 -7.93
N SER N 279 5.48 23.91 -8.00
CA SER N 279 4.25 23.72 -8.78
C SER N 279 4.55 23.37 -10.21
N ILE N 280 5.48 24.09 -10.83
CA ILE N 280 5.85 23.82 -12.22
C ILE N 280 6.43 22.42 -12.34
N GLY N 281 7.30 22.06 -11.37
CA GLY N 281 7.88 20.73 -11.42
C GLY N 281 6.79 19.67 -11.38
N PHE N 282 5.83 19.85 -10.48
CA PHE N 282 4.80 18.82 -10.29
C PHE N 282 3.86 18.76 -11.50
N LEU N 283 3.33 19.91 -11.94
CA LEU N 283 2.47 19.93 -13.13
C LEU N 283 3.18 19.45 -14.41
N GLY N 284 4.51 19.57 -14.45
CA GLY N 284 5.22 19.06 -15.63
C GLY N 284 5.20 17.53 -15.79
N PHE N 285 4.76 16.80 -14.76
CA PHE N 285 4.63 15.33 -14.87
C PHE N 285 3.25 14.86 -15.33
N ILE N 286 2.26 15.74 -15.49
CA ILE N 286 0.92 15.21 -15.74
C ILE N 286 0.33 15.73 -17.06
N VAL N 287 1.17 16.19 -17.98
CA VAL N 287 0.74 16.85 -19.21
C VAL N 287 1.34 16.27 -20.49
N TRP N 288 2.01 15.12 -20.40
CA TRP N 288 2.92 14.72 -21.52
C TRP N 288 2.16 14.52 -22.83
N ALA N 289 0.88 14.14 -22.76
CA ALA N 289 0.17 13.81 -24.02
C ALA N 289 -0.17 15.03 -24.85
N HIS N 290 0.16 16.25 -24.37
CA HIS N 290 0.05 17.35 -25.32
C HIS N 290 1.08 17.26 -26.45
N HIS N 291 1.97 16.27 -26.43
CA HIS N 291 2.80 16.01 -27.60
C HIS N 291 2.17 15.00 -28.56
N MET N 292 0.88 14.67 -28.36
CA MET N 292 0.26 13.53 -29.02
C MET N 292 -1.19 13.85 -29.43
N PHE N 293 -1.52 15.12 -29.56
CA PHE N 293 -2.89 15.50 -29.89
C PHE N 293 -3.37 15.04 -31.28
N THR N 294 -2.50 14.62 -32.20
CA THR N 294 -2.96 14.10 -33.50
C THR N 294 -2.88 12.58 -33.60
N VAL N 295 -2.61 11.85 -32.52
CA VAL N 295 -2.34 10.43 -32.70
C VAL N 295 -3.60 9.64 -32.67
N GLY N 296 -4.73 10.28 -32.37
CA GLY N 296 -6.01 9.61 -32.25
C GLY N 296 -6.45 9.22 -30.84
N MET N 297 -6.23 10.10 -29.85
CA MET N 297 -6.71 9.83 -28.51
C MET N 297 -8.19 10.27 -28.35
N ASP N 298 -8.83 9.78 -27.30
CA ASP N 298 -10.23 10.13 -27.12
C ASP N 298 -10.36 11.59 -26.76
N VAL N 299 -11.52 12.18 -27.07
CA VAL N 299 -11.74 13.62 -26.89
C VAL N 299 -11.61 14.04 -25.42
N ASP N 300 -12.16 13.26 -24.47
CA ASP N 300 -12.02 13.64 -23.05
C ASP N 300 -10.56 13.68 -22.63
N THR N 301 -9.77 12.70 -23.08
CA THR N 301 -8.33 12.75 -22.78
C THR N 301 -7.68 14.01 -23.37
N ARG N 302 -8.05 14.38 -24.60
CA ARG N 302 -7.54 15.62 -25.19
C ARG N 302 -7.94 16.84 -24.38
N ALA N 303 -9.18 16.85 -23.91
CA ALA N 303 -9.66 17.95 -23.08
C ALA N 303 -8.87 18.05 -21.77
N TYR N 304 -8.62 16.90 -21.12
CA TYR N 304 -7.90 16.94 -19.86
C TYR N 304 -6.50 17.49 -20.11
N PHE N 305 -5.81 16.98 -21.13
CA PHE N 305 -4.44 17.43 -21.34
C PHE N 305 -4.36 18.89 -21.77
N THR N 306 -5.35 19.38 -22.52
CA THR N 306 -5.40 20.82 -22.79
C THR N 306 -5.40 21.60 -21.48
N SER N 307 -6.32 21.28 -20.59
CA SER N 307 -6.54 22.07 -19.39
C SER N 307 -5.35 21.99 -18.44
N ALA N 308 -4.88 20.76 -18.17
CA ALA N 308 -3.76 20.62 -17.24
C ALA N 308 -2.53 21.32 -17.77
N THR N 309 -2.34 21.38 -19.09
CA THR N 309 -1.19 22.08 -19.63
C THR N 309 -1.32 23.58 -19.39
N MET N 310 -2.52 24.13 -19.61
CA MET N 310 -2.60 25.58 -19.52
C MET N 310 -2.38 26.07 -18.10
N ILE N 311 -2.67 25.25 -17.08
CA ILE N 311 -2.58 25.70 -15.69
C ILE N 311 -1.12 26.04 -15.27
N ILE N 312 -0.11 25.43 -15.89
CA ILE N 312 1.27 25.78 -15.60
C ILE N 312 1.54 27.27 -15.85
N ALA N 313 0.68 27.92 -16.66
CA ALA N 313 0.81 29.37 -16.85
C ALA N 313 0.72 30.14 -15.51
N ILE N 314 0.00 29.59 -14.54
CA ILE N 314 -0.28 30.36 -13.32
C ILE N 314 1.00 30.46 -12.50
N PRO N 315 1.62 29.36 -12.06
CA PRO N 315 2.87 29.49 -11.31
C PRO N 315 3.97 30.16 -12.13
N THR N 316 4.01 29.96 -13.45
CA THR N 316 5.07 30.58 -14.25
C THR N 316 4.91 32.11 -14.25
N GLY N 317 3.69 32.59 -14.33
CA GLY N 317 3.47 34.01 -14.29
C GLY N 317 3.79 34.64 -12.94
N VAL N 318 3.60 33.92 -11.84
CA VAL N 318 4.07 34.44 -10.55
C VAL N 318 5.57 34.72 -10.61
N LYS N 319 6.34 33.83 -11.25
CA LYS N 319 7.78 34.06 -11.32
C LYS N 319 8.06 35.27 -12.19
N VAL N 320 7.37 35.40 -13.33
CA VAL N 320 7.65 36.53 -14.22
C VAL N 320 7.34 37.84 -13.54
N PHE N 321 6.17 37.94 -12.93
CA PHE N 321 5.85 39.21 -12.26
C PHE N 321 6.75 39.47 -11.05
N SER N 322 7.19 38.41 -10.37
CA SER N 322 8.13 38.56 -9.24
C SER N 322 9.48 39.07 -9.71
N TRP N 323 9.96 38.60 -10.87
CA TRP N 323 11.20 39.22 -11.41
C TRP N 323 10.98 40.72 -11.65
N LEU N 324 9.82 41.08 -12.22
CA LEU N 324 9.54 42.48 -12.48
C LEU N 324 9.50 43.26 -11.17
N ALA N 325 8.88 42.68 -10.14
CA ALA N 325 8.79 43.31 -8.83
C ALA N 325 10.16 43.33 -8.14
N THR N 326 11.08 42.47 -8.55
CA THR N 326 12.45 42.60 -8.02
C THR N 326 13.16 43.81 -8.63
N LEU N 327 12.94 44.05 -9.94
CA LEU N 327 13.49 45.25 -10.60
C LEU N 327 12.92 46.52 -9.97
N HIS N 328 11.66 46.47 -9.59
CA HIS N 328 10.92 47.63 -9.07
C HIS N 328 11.63 48.26 -7.87
N GLY N 329 11.86 49.56 -7.96
CA GLY N 329 12.59 50.23 -6.86
C GLY N 329 14.09 50.08 -6.88
N GLY N 330 14.64 49.43 -7.91
CA GLY N 330 16.05 49.06 -7.88
C GLY N 330 16.92 50.24 -8.28
N ASN N 331 18.14 50.25 -7.75
CA ASN N 331 19.25 51.00 -8.34
C ASN N 331 19.80 50.12 -9.47
N ILE N 332 19.37 50.38 -10.69
CA ILE N 332 19.59 49.42 -11.77
C ILE N 332 21.02 49.56 -12.31
N LYS N 333 21.78 48.48 -12.28
CA LYS N 333 23.08 48.47 -12.96
C LYS N 333 22.96 47.73 -14.29
N TRP N 334 23.18 48.46 -15.38
CA TRP N 334 22.95 47.95 -16.74
C TRP N 334 24.15 47.15 -17.23
N SER N 335 24.46 46.10 -16.47
CA SER N 335 25.56 45.20 -16.79
C SER N 335 25.16 44.32 -17.98
N PRO N 336 26.15 43.70 -18.64
CA PRO N 336 25.77 42.72 -19.69
C PRO N 336 24.93 41.58 -19.15
N ALA N 337 25.25 41.05 -17.95
CA ALA N 337 24.42 39.97 -17.35
C ALA N 337 22.96 40.42 -17.19
N MET N 338 22.75 41.67 -16.80
CA MET N 338 21.39 42.18 -16.65
C MET N 338 20.66 42.21 -17.99
N MET N 339 21.37 42.59 -19.07
CA MET N 339 20.75 42.58 -20.39
C MET N 339 20.27 41.21 -20.76
N TRP N 340 21.09 40.18 -20.48
CA TRP N 340 20.70 38.81 -20.76
C TRP N 340 19.45 38.48 -19.99
N ALA N 341 19.40 38.87 -18.71
CA ALA N 341 18.26 38.49 -17.87
C ALA N 341 17.00 39.18 -18.36
N LEU N 342 17.10 40.46 -18.71
CA LEU N 342 15.95 41.20 -19.21
C LEU N 342 15.46 40.64 -20.54
N GLY N 343 16.39 40.30 -21.42
CA GLY N 343 16.02 39.61 -22.66
C GLY N 343 15.31 38.31 -22.37
N PHE N 344 15.83 37.57 -21.40
CA PHE N 344 15.18 36.33 -20.97
C PHE N 344 13.73 36.59 -20.56
N ILE N 345 13.49 37.56 -19.68
CA ILE N 345 12.14 37.68 -19.13
C ILE N 345 11.12 37.89 -20.26
N PHE N 346 11.43 38.79 -21.19
CA PHE N 346 10.52 39.13 -22.28
C PHE N 346 10.37 37.98 -23.29
N LEU N 347 11.50 37.46 -23.79
CA LEU N 347 11.47 36.43 -24.85
C LEU N 347 11.04 35.07 -24.33
N PHE N 348 11.39 34.72 -23.08
CA PHE N 348 10.77 33.54 -22.45
C PHE N 348 9.25 33.71 -22.34
N THR N 349 8.79 34.92 -21.97
CA THR N 349 7.35 35.14 -21.90
C THR N 349 6.65 34.87 -23.26
N VAL N 350 7.22 35.41 -24.33
CA VAL N 350 6.68 35.21 -25.68
C VAL N 350 6.64 33.72 -26.00
N GLY N 351 7.73 33.01 -25.73
CA GLY N 351 7.74 31.57 -26.05
C GLY N 351 6.78 30.76 -25.17
N GLY N 352 6.63 31.18 -23.91
CA GLY N 352 5.66 30.52 -23.03
C GLY N 352 4.24 30.67 -23.54
N LEU N 353 3.91 31.90 -24.00
CA LEU N 353 2.59 32.20 -24.54
C LEU N 353 2.29 31.41 -25.82
N THR N 354 3.26 31.25 -26.74
CA THR N 354 2.95 30.36 -27.87
C THR N 354 2.84 28.91 -27.41
N GLY N 355 3.47 28.54 -26.29
CA GLY N 355 3.20 27.22 -25.71
C GLY N 355 1.74 27.09 -25.29
N ILE N 356 1.18 28.15 -24.70
CA ILE N 356 -0.23 28.12 -24.29
C ILE N 356 -1.15 28.02 -25.51
N VAL N 357 -0.80 28.71 -26.61
CA VAL N 357 -1.55 28.49 -27.86
C VAL N 357 -1.55 27.00 -28.25
N LEU N 358 -0.38 26.38 -28.24
CA LEU N 358 -0.22 24.97 -28.61
C LEU N 358 -0.90 24.03 -27.65
N ALA N 359 -1.13 24.45 -26.40
CA ALA N 359 -1.82 23.59 -25.42
C ALA N 359 -3.25 23.24 -25.81
N ASN N 360 -3.87 24.04 -26.67
CA ASN N 360 -5.25 23.83 -27.11
C ASN N 360 -5.29 22.77 -28.21
N SER N 361 -5.69 21.56 -27.84
CA SER N 361 -5.65 20.43 -28.76
C SER N 361 -6.39 20.70 -30.08
N SER N 362 -7.49 21.46 -30.03
CA SER N 362 -8.21 21.86 -31.22
C SER N 362 -7.33 22.59 -32.21
N LEU N 363 -6.75 23.71 -31.78
CA LEU N 363 -5.85 24.45 -32.63
C LEU N 363 -4.56 23.69 -32.92
N ASP N 364 -4.07 22.91 -31.95
CA ASP N 364 -2.86 22.13 -32.20
C ASP N 364 -3.00 21.13 -33.37
N ILE N 365 -4.20 20.77 -33.75
CA ILE N 365 -4.30 19.86 -34.92
C ILE N 365 -3.61 20.49 -36.12
N VAL N 366 -3.91 21.77 -36.35
CA VAL N 366 -3.33 22.49 -37.48
C VAL N 366 -1.88 22.92 -37.16
N LEU N 367 -1.53 23.18 -35.90
CA LEU N 367 -0.16 23.66 -35.65
C LEU N 367 0.83 22.52 -35.41
N HIS N 368 0.35 21.36 -34.97
CA HIS N 368 1.26 20.25 -34.68
C HIS N 368 2.10 19.85 -35.90
N ASP N 369 3.37 19.51 -35.66
CA ASP N 369 4.32 19.09 -36.72
C ASP N 369 4.49 20.18 -37.79
N THR N 370 4.36 21.44 -37.40
CA THR N 370 4.69 22.56 -38.27
C THR N 370 5.75 23.45 -37.59
N TYR N 371 6.25 24.43 -38.32
CA TYR N 371 7.23 25.34 -37.75
C TYR N 371 6.67 26.24 -36.63
N TYR N 372 5.36 26.28 -36.37
CA TYR N 372 4.93 27.03 -35.17
C TYR N 372 5.52 26.40 -33.92
N VAL N 373 5.62 25.08 -33.90
CA VAL N 373 6.17 24.43 -32.73
C VAL N 373 7.65 24.78 -32.61
N VAL N 374 8.34 24.74 -33.76
CA VAL N 374 9.77 25.07 -33.80
C VAL N 374 9.99 26.49 -33.27
N ALA N 375 9.12 27.43 -33.67
CA ALA N 375 9.24 28.80 -33.15
C ALA N 375 9.04 28.80 -31.63
N HIS N 376 7.99 28.11 -31.15
CA HIS N 376 7.74 28.10 -29.72
C HIS N 376 8.97 27.67 -28.95
N PHE N 377 9.55 26.52 -29.32
CA PHE N 377 10.56 26.00 -28.41
C PHE N 377 11.94 26.63 -28.62
N HIS N 378 12.22 27.29 -29.76
CA HIS N 378 13.45 28.06 -29.80
C HIS N 378 13.33 29.40 -29.06
N TYR N 379 12.14 29.97 -28.93
CA TYR N 379 12.04 31.13 -28.04
C TYR N 379 12.38 30.72 -26.61
N VAL N 380 11.86 29.59 -26.16
CA VAL N 380 12.17 29.25 -24.77
C VAL N 380 13.55 28.61 -24.61
N LEU N 381 14.14 28.08 -25.68
CA LEU N 381 15.49 27.46 -25.59
C LEU N 381 16.60 28.40 -26.06
N SER N 382 16.52 28.91 -27.31
CA SER N 382 17.57 29.82 -27.78
C SER N 382 17.50 31.17 -27.10
N MET N 383 16.31 31.62 -26.72
CA MET N 383 16.20 32.92 -26.06
C MET N 383 15.81 32.80 -24.59
N GLY N 384 15.78 31.59 -24.06
CA GLY N 384 15.39 31.36 -22.66
C GLY N 384 16.51 30.65 -21.95
N ALA N 385 16.56 29.30 -22.05
CA ALA N 385 17.70 28.54 -21.52
C ALA N 385 19.03 29.20 -21.86
N VAL N 386 19.29 29.47 -23.15
CA VAL N 386 20.57 30.03 -23.56
C VAL N 386 20.80 31.45 -22.98
N PHE N 387 19.74 32.25 -22.85
CA PHE N 387 20.01 33.60 -22.35
C PHE N 387 20.36 33.53 -20.87
N ALA N 388 19.77 32.59 -20.12
CA ALA N 388 20.10 32.46 -18.71
C ALA N 388 21.53 31.94 -18.57
N ILE N 389 21.92 31.02 -19.48
CA ILE N 389 23.30 30.52 -19.50
C ILE N 389 24.28 31.65 -19.77
N MET N 390 24.00 32.48 -20.82
CA MET N 390 24.88 33.61 -21.13
C MET N 390 24.89 34.64 -20.00
N GLY N 391 23.73 34.93 -19.40
CA GLY N 391 23.73 35.87 -18.28
C GLY N 391 24.52 35.33 -17.09
N GLY N 392 24.30 34.05 -16.74
CA GLY N 392 25.06 33.48 -15.63
C GLY N 392 26.55 33.40 -15.92
N PHE N 393 26.89 33.08 -17.16
CA PHE N 393 28.30 32.99 -17.51
C PHE N 393 29.00 34.35 -17.38
N VAL N 394 28.38 35.42 -17.87
CA VAL N 394 29.06 36.73 -17.81
C VAL N 394 29.13 37.19 -16.35
N HIS N 395 28.08 36.93 -15.59
CA HIS N 395 28.02 37.35 -14.19
C HIS N 395 29.06 36.61 -13.35
N TRP N 396 29.17 35.29 -13.50
CA TRP N 396 30.01 34.49 -12.60
C TRP N 396 31.39 34.17 -13.17
N PHE N 397 31.65 34.45 -14.44
CA PHE N 397 33.00 34.25 -14.98
C PHE N 397 34.09 34.84 -14.08
N PRO N 398 33.95 36.04 -13.51
CA PRO N 398 35.04 36.58 -12.64
C PRO N 398 35.21 35.76 -11.37
N LEU N 399 34.13 35.11 -10.90
CA LEU N 399 34.32 34.24 -9.73
C LEU N 399 35.05 32.97 -10.10
N PHE N 400 34.71 32.37 -11.24
CA PHE N 400 35.31 31.07 -11.56
C PHE N 400 36.80 31.24 -11.95
N SER N 401 37.11 32.33 -12.65
CA SER N 401 38.42 32.53 -13.24
C SER N 401 39.33 33.46 -12.44
N GLY N 402 38.77 34.38 -11.67
CA GLY N 402 39.53 35.46 -11.08
C GLY N 402 39.79 36.68 -11.96
N TYR N 403 39.25 36.72 -13.19
CA TYR N 403 39.52 37.77 -14.17
C TYR N 403 38.24 38.46 -14.64
N THR N 404 38.35 39.73 -15.01
CA THR N 404 37.17 40.40 -15.54
C THR N 404 37.08 40.30 -17.07
N LEU N 405 35.84 40.25 -17.57
CA LEU N 405 35.54 40.48 -18.98
C LEU N 405 35.57 41.96 -19.31
N ASN N 406 35.68 42.24 -20.61
CA ASN N 406 35.41 43.59 -21.11
C ASN N 406 33.90 43.80 -21.25
N ASP N 407 33.33 44.65 -20.41
CA ASP N 407 31.88 44.82 -20.39
C ASP N 407 31.35 45.35 -21.71
N THR N 408 32.07 46.30 -22.34
CA THR N 408 31.59 46.81 -23.63
C THR N 408 31.52 45.68 -24.66
N TRP N 409 32.58 44.85 -24.72
CA TRP N 409 32.53 43.72 -25.63
C TRP N 409 31.34 42.83 -25.35
N ALA N 410 31.05 42.60 -24.07
CA ALA N 410 29.96 41.70 -23.73
C ALA N 410 28.63 42.32 -24.12
N LYS N 411 28.54 43.65 -24.12
CA LYS N 411 27.26 44.27 -24.47
C LYS N 411 27.03 44.20 -25.98
N ILE N 412 28.13 44.33 -26.73
CA ILE N 412 28.09 44.15 -28.18
C ILE N 412 27.68 42.74 -28.51
N HIS N 413 28.28 41.77 -27.82
CA HIS N 413 27.93 40.38 -28.03
C HIS N 413 26.44 40.12 -27.77
N PHE N 414 25.89 40.70 -26.69
CA PHE N 414 24.47 40.57 -26.43
C PHE N 414 23.63 41.16 -27.58
N ALA N 415 23.96 42.36 -28.04
CA ALA N 415 23.18 43.03 -29.10
C ALA N 415 23.14 42.19 -30.38
N ILE N 416 24.31 41.71 -30.83
CA ILE N 416 24.39 40.84 -32.01
C ILE N 416 23.52 39.61 -31.82
N MET N 417 23.67 38.93 -30.68
CA MET N 417 22.91 37.70 -30.46
C MET N 417 21.41 37.95 -30.44
N PHE N 418 20.99 39.07 -29.79
CA PHE N 418 19.58 39.41 -29.67
C PHE N 418 18.93 39.55 -31.06
N VAL N 419 19.58 40.29 -31.94
CA VAL N 419 19.14 40.46 -33.33
C VAL N 419 19.07 39.11 -34.05
N GLY N 420 20.11 38.28 -33.93
CA GLY N 420 20.15 37.04 -34.71
C GLY N 420 19.07 36.04 -34.33
N VAL N 421 18.85 35.82 -33.00
CA VAL N 421 17.85 34.85 -32.59
C VAL N 421 16.47 35.31 -33.00
N ASN N 422 16.18 36.62 -32.91
CA ASN N 422 14.84 37.06 -33.28
C ASN N 422 14.64 36.99 -34.78
N MET N 423 15.66 37.38 -35.54
CA MET N 423 15.51 37.25 -36.99
C MET N 423 15.41 35.79 -37.40
N THR N 424 16.14 34.90 -36.73
CA THR N 424 16.02 33.47 -37.03
C THR N 424 14.59 32.99 -36.79
N PHE N 425 14.01 33.31 -35.62
CA PHE N 425 12.84 32.50 -35.21
C PHE N 425 11.52 33.22 -35.31
N PHE N 426 11.50 34.54 -35.22
CA PHE N 426 10.20 35.18 -35.33
C PHE N 426 9.46 34.82 -36.62
N PRO N 427 10.08 34.85 -37.80
CA PRO N 427 9.32 34.48 -39.02
C PRO N 427 8.87 33.04 -39.03
N GLN N 428 9.48 32.17 -38.23
CA GLN N 428 9.00 30.80 -38.23
C GLN N 428 7.59 30.67 -37.68
N HIS N 429 7.08 31.62 -36.90
CA HIS N 429 5.64 31.62 -36.64
C HIS N 429 4.81 31.65 -37.94
N PHE N 430 5.21 32.52 -38.88
CA PHE N 430 4.40 32.63 -40.11
C PHE N 430 4.46 31.32 -40.88
N LEU N 431 5.67 30.78 -41.02
CA LEU N 431 5.83 29.50 -41.69
C LEU N 431 4.95 28.44 -41.06
N GLY N 432 4.79 28.47 -39.72
CA GLY N 432 4.01 27.46 -39.07
C GLY N 432 2.52 27.63 -39.26
N LEU N 433 2.02 28.85 -39.06
CA LEU N 433 0.61 29.14 -39.31
C LEU N 433 0.20 28.77 -40.75
N SER N 434 1.03 29.09 -41.71
CA SER N 434 0.70 28.81 -43.12
C SER N 434 0.98 27.35 -43.50
N GLY N 435 1.44 26.53 -42.54
CA GLY N 435 1.51 25.08 -42.75
C GLY N 435 2.84 24.47 -43.21
N MET N 436 3.99 25.14 -43.04
CA MET N 436 5.26 24.46 -43.37
C MET N 436 5.53 23.35 -42.37
N PRO N 437 5.64 22.06 -42.79
CA PRO N 437 5.88 20.99 -41.81
C PRO N 437 7.30 21.03 -41.23
N ARG N 438 7.44 20.35 -40.09
CA ARG N 438 8.73 20.06 -39.49
C ARG N 438 9.47 18.97 -40.25
N ARG N 439 10.81 19.02 -40.10
CA ARG N 439 11.75 17.97 -40.52
C ARG N 439 11.80 17.79 -42.04
N TYR N 440 11.58 18.90 -42.76
CA TYR N 440 11.66 18.95 -44.24
C TYR N 440 12.99 19.56 -44.69
N SER N 441 13.62 18.90 -45.66
CA SER N 441 14.80 19.46 -46.33
C SER N 441 14.44 20.52 -47.37
N ASP N 442 13.19 20.59 -47.81
CA ASP N 442 12.81 21.52 -48.85
C ASP N 442 11.32 21.80 -48.70
N TYR N 443 10.88 22.92 -49.26
CA TYR N 443 9.52 23.40 -49.01
C TYR N 443 8.91 23.90 -50.32
N PRO N 444 7.59 23.85 -50.43
CA PRO N 444 6.90 24.55 -51.54
C PRO N 444 7.34 26.01 -51.66
N ASP N 445 7.23 26.54 -52.90
CA ASP N 445 7.82 27.82 -53.25
C ASP N 445 7.28 28.98 -52.41
N ALA N 446 6.00 28.94 -52.04
CA ALA N 446 5.42 30.05 -51.29
C ALA N 446 6.17 30.34 -49.98
N TYR N 447 6.82 29.36 -49.39
CA TYR N 447 7.46 29.53 -48.07
C TYR N 447 8.88 30.14 -48.18
N THR N 448 9.28 30.60 -49.35
CA THR N 448 10.68 30.96 -49.56
C THR N 448 11.10 32.21 -48.77
N MET N 449 10.29 33.27 -48.76
CA MET N 449 10.82 34.50 -48.18
C MET N 449 11.18 34.32 -46.71
N TRP N 450 10.26 33.77 -45.90
CA TRP N 450 10.57 33.62 -44.47
C TRP N 450 11.66 32.60 -44.22
N ASN N 451 11.78 31.56 -45.05
CA ASN N 451 12.91 30.66 -44.85
C ASN N 451 14.24 31.35 -45.13
N THR N 452 14.26 32.26 -46.10
CA THR N 452 15.47 33.01 -46.44
C THR N 452 15.86 33.95 -45.31
N ILE N 453 14.89 34.71 -44.80
CA ILE N 453 15.13 35.59 -43.66
C ILE N 453 15.61 34.80 -42.45
N SER N 454 14.92 33.67 -42.13
CA SER N 454 15.33 32.86 -40.97
C SER N 454 16.80 32.42 -41.08
N SER N 455 17.21 31.95 -42.26
CA SER N 455 18.61 31.51 -42.47
C SER N 455 19.63 32.64 -42.30
N MET N 456 19.28 33.84 -42.76
CA MET N 456 20.13 35.00 -42.54
C MET N 456 20.34 35.24 -41.05
N GLY N 457 19.25 35.22 -40.27
CA GLY N 457 19.37 35.36 -38.83
C GLY N 457 20.30 34.33 -38.20
N SER N 458 20.27 33.11 -38.69
CA SER N 458 21.11 32.07 -38.11
C SER N 458 22.59 32.39 -38.30
N PHE N 459 22.95 33.01 -39.43
CA PHE N 459 24.33 33.51 -39.62
C PHE N 459 24.67 34.64 -38.65
N ILE N 460 23.73 35.54 -38.40
CA ILE N 460 23.99 36.59 -37.40
C ILE N 460 24.27 35.97 -36.04
N SER N 461 23.51 34.94 -35.70
CA SER N 461 23.82 34.24 -34.46
C SER N 461 25.20 33.58 -34.48
N LEU N 462 25.61 33.04 -35.65
CA LEU N 462 26.96 32.49 -35.77
C LEU N 462 28.02 33.55 -35.44
N THR N 463 27.83 34.78 -35.93
CA THR N 463 28.83 35.83 -35.64
C THR N 463 28.91 36.12 -34.13
N ALA N 464 27.78 36.11 -33.43
CA ALA N 464 27.82 36.28 -31.97
C ALA N 464 28.58 35.14 -31.26
N VAL N 465 28.38 33.88 -31.71
CA VAL N 465 29.12 32.76 -31.13
C VAL N 465 30.62 32.96 -31.30
N MET N 466 31.05 33.33 -32.50
CA MET N 466 32.48 33.51 -32.72
C MET N 466 33.01 34.65 -31.86
N LEU N 467 32.24 35.74 -31.79
CA LEU N 467 32.68 36.86 -30.96
C LEU N 467 32.82 36.44 -29.50
N MET N 468 31.92 35.60 -29.00
CA MET N 468 32.03 35.13 -27.62
C MET N 468 33.39 34.45 -27.39
N VAL N 469 33.86 33.62 -28.34
CA VAL N 469 35.15 32.95 -28.15
C VAL N 469 36.27 33.98 -28.02
N PHE N 470 36.24 35.01 -28.86
CA PHE N 470 37.20 36.12 -28.75
C PHE N 470 37.10 36.84 -27.41
N ILE N 471 35.87 37.09 -26.94
CA ILE N 471 35.72 37.85 -25.68
C ILE N 471 36.37 37.08 -24.54
N ILE N 472 36.22 35.75 -24.55
CA ILE N 472 36.76 34.97 -23.45
C ILE N 472 38.27 34.96 -23.49
N TRP N 473 38.82 34.79 -24.70
CA TRP N 473 40.25 34.92 -24.93
C TRP N 473 40.78 36.27 -24.42
N GLU N 474 40.08 37.36 -24.76
CA GLU N 474 40.64 38.67 -24.37
C GLU N 474 40.73 38.79 -22.85
N ALA N 475 39.80 38.15 -22.12
CA ALA N 475 39.83 38.26 -20.68
C ALA N 475 41.03 37.50 -20.10
N PHE N 476 41.25 36.26 -20.58
CA PHE N 476 42.41 35.52 -20.15
C PHE N 476 43.72 36.13 -20.68
N ALA N 477 43.67 36.84 -21.83
CA ALA N 477 44.87 37.50 -22.39
C ALA N 477 45.34 38.69 -21.54
N SER N 478 44.39 39.49 -21.07
CA SER N 478 44.69 40.74 -20.38
C SER N 478 44.95 40.54 -18.88
N LYS N 479 44.26 39.60 -18.23
CA LYS N 479 44.49 39.25 -16.83
C LYS N 479 44.26 40.45 -15.90
N ARG N 480 43.04 40.98 -15.94
CA ARG N 480 42.57 41.94 -14.94
C ARG N 480 42.03 41.17 -13.73
N GLU N 481 42.78 41.11 -12.64
CA GLU N 481 42.39 40.25 -11.53
C GLU N 481 41.37 40.94 -10.64
N VAL N 482 40.32 40.19 -10.26
CA VAL N 482 39.24 40.79 -9.47
C VAL N 482 39.78 41.19 -8.12
N LEU N 483 39.38 42.36 -7.65
CA LEU N 483 39.62 42.67 -6.25
C LEU N 483 38.38 42.45 -5.41
N THR N 484 37.30 43.17 -5.71
CA THR N 484 36.14 43.21 -4.83
C THR N 484 34.85 43.28 -5.64
N VAL N 485 33.77 42.70 -5.09
CA VAL N 485 32.44 42.81 -5.70
C VAL N 485 31.48 43.29 -4.63
N ASP N 486 30.41 43.96 -5.06
CA ASP N 486 29.41 44.45 -4.13
C ASP N 486 28.40 43.36 -3.77
N LEU N 487 27.63 43.60 -2.71
CA LEU N 487 26.51 42.73 -2.30
C LEU N 487 26.97 41.35 -1.82
N THR N 488 28.21 41.22 -1.29
CA THR N 488 28.63 39.92 -0.77
C THR N 488 27.80 39.48 0.44
N THR N 489 27.18 40.42 1.17
CA THR N 489 26.37 40.01 2.31
C THR N 489 25.16 39.17 1.91
N THR N 490 24.73 39.20 0.65
CA THR N 490 23.62 38.35 0.19
C THR N 490 24.04 37.52 -1.03
N ASN N 491 25.34 37.30 -1.22
CA ASN N 491 25.78 36.45 -2.35
C ASN N 491 27.02 35.70 -1.85
N LEU N 492 26.79 34.69 -1.01
CA LEU N 492 27.87 33.98 -0.32
C LEU N 492 28.92 33.40 -1.25
N GLU N 493 28.55 33.01 -2.47
CA GLU N 493 29.53 32.33 -3.33
C GLU N 493 30.75 33.20 -3.61
N TRP N 494 30.64 34.52 -3.45
CA TRP N 494 31.74 35.44 -3.71
C TRP N 494 32.64 35.67 -2.50
N LEU N 495 32.24 35.24 -1.31
CA LEU N 495 32.88 35.76 -0.13
C LEU N 495 34.23 35.11 0.10
N ASN N 496 34.58 34.12 -0.71
CA ASN N 496 35.91 33.51 -0.58
C ASN N 496 36.89 33.98 -1.65
N GLY N 497 36.55 35.06 -2.33
CA GLY N 497 37.46 35.62 -3.32
C GLY N 497 37.36 34.93 -4.65
N CYS N 498 38.17 35.43 -5.59
CA CYS N 498 38.01 35.04 -6.99
C CYS N 498 39.37 34.67 -7.55
N PRO N 499 39.58 33.43 -7.97
CA PRO N 499 38.63 32.33 -7.76
C PRO N 499 38.78 31.89 -6.29
N PRO N 500 37.79 31.22 -5.74
CA PRO N 500 37.94 30.74 -4.37
C PRO N 500 39.05 29.71 -4.32
N PRO N 501 39.66 29.47 -3.14
CA PRO N 501 40.69 28.43 -3.03
C PRO N 501 40.11 27.06 -3.36
N TYR N 502 41.01 26.15 -3.67
CA TYR N 502 40.62 24.77 -3.98
C TYR N 502 39.69 24.21 -2.91
N HIS N 503 40.06 24.30 -1.63
CA HIS N 503 39.15 23.91 -0.54
C HIS N 503 38.55 25.15 0.08
N THR N 504 37.23 25.22 0.14
CA THR N 504 36.55 26.30 0.84
C THR N 504 35.66 25.73 1.93
N PHE N 505 35.39 26.56 2.94
CA PHE N 505 34.57 26.17 4.11
C PHE N 505 35.16 24.98 4.86
N GLU N 506 36.50 24.91 4.93
CA GLU N 506 37.12 23.86 5.76
C GLU N 506 36.71 24.07 7.20
N GLU N 507 36.62 25.32 7.59
CA GLU N 507 35.91 25.72 8.74
C GLU N 507 34.57 26.23 8.27
N PRO N 508 33.46 25.61 8.65
CA PRO N 508 32.14 26.02 8.12
C PRO N 508 31.76 27.40 8.64
N THR N 509 30.75 27.98 8.02
CA THR N 509 30.16 29.22 8.52
C THR N 509 29.55 29.04 9.89
N TYR N 510 29.42 30.15 10.61
CA TYR N 510 28.74 30.21 11.90
C TYR N 510 27.35 30.79 11.66
N VAL N 511 26.30 30.03 11.97
CA VAL N 511 24.96 30.58 11.87
C VAL N 511 24.19 30.17 13.11
N ASN N 512 23.72 31.13 13.92
CA ASN N 512 22.98 30.71 15.10
C ASN N 512 21.47 30.76 14.87
N LEU N 513 20.75 30.22 15.85
CA LEU N 513 19.32 30.01 15.73
C LEU N 513 18.45 31.03 16.45
N LYS N 514 18.96 31.67 17.50
CA LYS N 514 18.21 32.76 18.18
C LYS N 514 16.93 32.27 18.83
N FME O 1 -4.03 26.34 -50.58
CN FME O 1 -4.85 25.28 -50.52
O1 FME O 1 -4.42 24.15 -50.54
CA FME O 1 -2.62 26.23 -50.35
CB FME O 1 -1.90 25.83 -51.65
CG FME O 1 -1.91 27.15 -52.44
SD FME O 1 -1.56 26.90 -54.14
CE FME O 1 0.19 27.05 -54.03
C FME O 1 -2.01 27.53 -49.85
O FME O 1 -2.68 28.55 -49.83
N ALA O 2 -0.75 27.50 -49.43
CA ALA O 2 -0.05 28.73 -49.00
C ALA O 2 0.38 29.56 -50.21
N TYR O 3 0.40 30.88 -49.99
CA TYR O 3 0.84 31.83 -51.01
C TYR O 3 2.06 32.60 -50.51
N PRO O 4 2.77 33.29 -51.40
CA PRO O 4 3.98 34.02 -50.99
C PRO O 4 3.75 35.04 -49.89
N MET O 5 4.67 35.06 -48.93
CA MET O 5 4.74 36.04 -47.85
C MET O 5 3.54 35.95 -46.90
N GLN O 6 2.88 34.79 -46.87
CA GLN O 6 1.70 34.61 -46.04
C GLN O 6 2.06 34.69 -44.55
N LEU O 7 1.22 35.37 -43.78
CA LEU O 7 1.48 35.53 -42.36
C LEU O 7 0.67 34.61 -41.48
N GLY O 8 -0.60 34.35 -41.85
CA GLY O 8 -1.52 33.62 -41.02
C GLY O 8 -1.88 32.28 -41.63
N PHE O 9 -3.02 31.76 -41.19
CA PHE O 9 -3.53 30.50 -41.65
C PHE O 9 -3.99 30.64 -43.09
N GLN O 10 -3.92 29.56 -43.83
CA GLN O 10 -4.63 29.49 -45.11
C GLN O 10 -6.13 29.73 -44.92
N ASP O 11 -6.76 30.31 -45.96
CA ASP O 11 -8.18 30.61 -45.81
C ASP O 11 -8.96 29.36 -45.50
N ALA O 12 -9.95 29.51 -44.62
CA ALA O 12 -10.72 28.35 -44.18
C ALA O 12 -11.55 27.83 -45.34
N THR O 13 -11.50 26.52 -45.53
CA THR O 13 -12.39 25.87 -46.49
C THR O 13 -13.50 25.08 -45.81
N SER O 14 -13.41 24.84 -44.51
CA SER O 14 -14.43 24.07 -43.81
C SER O 14 -14.92 24.89 -42.62
N PRO O 15 -16.15 24.63 -42.18
CA PRO O 15 -16.65 25.34 -40.98
C PRO O 15 -15.73 25.19 -39.75
N ILE O 16 -15.18 23.98 -39.51
CA ILE O 16 -14.34 23.82 -38.34
C ILE O 16 -13.13 24.71 -38.45
N MET O 17 -12.53 24.79 -39.66
CA MET O 17 -11.37 25.66 -39.86
C MET O 17 -11.73 27.11 -39.64
N GLU O 18 -12.97 27.53 -39.97
CA GLU O 18 -13.35 28.90 -39.68
C GLU O 18 -13.41 29.11 -38.18
N GLU O 19 -13.93 28.12 -37.45
CA GLU O 19 -13.98 28.24 -35.99
C GLU O 19 -12.58 28.39 -35.44
N LEU O 20 -11.62 27.60 -35.96
CA LEU O 20 -10.24 27.73 -35.49
C LEU O 20 -9.68 29.12 -35.75
N LEU O 21 -10.03 29.71 -36.90
CA LEU O 21 -9.51 31.04 -37.22
C LEU O 21 -10.00 32.04 -36.19
N HIS O 22 -11.31 32.02 -35.92
CA HIS O 22 -11.83 32.95 -34.92
C HIS O 22 -11.22 32.67 -33.55
N PHE O 23 -11.00 31.38 -33.24
CA PHE O 23 -10.40 31.05 -31.93
C PHE O 23 -8.96 31.53 -31.88
N HIS O 24 -8.22 31.35 -32.97
CA HIS O 24 -6.84 31.86 -32.99
C HIS O 24 -6.82 33.38 -32.85
N ASP O 25 -7.72 34.10 -33.55
CA ASP O 25 -7.82 35.55 -33.41
C ASP O 25 -8.00 35.97 -31.96
N HIS O 26 -8.87 35.26 -31.22
CA HIS O 26 -9.12 35.52 -29.80
C HIS O 26 -7.87 35.25 -28.99
N THR O 27 -7.23 34.13 -29.24
CA THR O 27 -6.08 33.77 -28.44
C THR O 27 -4.90 34.68 -28.77
N LEU O 28 -4.75 35.07 -30.03
CA LEU O 28 -3.59 35.88 -30.39
C LEU O 28 -3.73 37.29 -29.80
N MET O 29 -4.97 37.79 -29.67
CA MET O 29 -5.12 39.08 -29.00
C MET O 29 -4.62 38.99 -27.55
N ILE O 30 -4.86 37.85 -26.89
CA ILE O 30 -4.43 37.72 -25.50
C ILE O 30 -2.91 37.67 -25.42
N VAL O 31 -2.31 36.89 -26.33
CA VAL O 31 -0.86 36.74 -26.43
C VAL O 31 -0.19 38.09 -26.68
N PHE O 32 -0.71 38.89 -27.63
CA PHE O 32 -0.20 40.24 -27.87
C PHE O 32 -0.32 41.10 -26.62
N LEU O 33 -1.49 41.13 -25.99
CA LEU O 33 -1.68 42.00 -24.83
C LEU O 33 -0.71 41.64 -23.69
N ILE O 34 -0.56 40.35 -23.36
CA ILE O 34 0.26 39.98 -22.21
C ILE O 34 1.74 40.24 -22.52
N SER O 35 2.19 39.78 -23.71
CA SER O 35 3.55 40.08 -24.15
C SER O 35 3.84 41.57 -24.10
N SER O 36 2.90 42.38 -24.62
CA SER O 36 3.06 43.84 -24.63
C SER O 36 3.05 44.42 -23.22
N LEU O 37 2.17 43.92 -22.33
CA LEU O 37 2.20 44.38 -20.93
C LEU O 37 3.54 44.07 -20.25
N VAL O 38 4.06 42.85 -20.45
CA VAL O 38 5.34 42.50 -19.85
C VAL O 38 6.44 43.42 -20.34
N LEU O 39 6.51 43.61 -21.66
CA LEU O 39 7.52 44.51 -22.22
C LEU O 39 7.38 45.93 -21.64
N TYR O 40 6.17 46.48 -21.63
CA TYR O 40 5.93 47.80 -21.04
C TYR O 40 6.36 47.85 -19.57
N ILE O 41 5.93 46.89 -18.77
CA ILE O 41 6.30 46.94 -17.35
C ILE O 41 7.81 46.87 -17.17
N ILE O 42 8.50 46.08 -18.00
CA ILE O 42 9.97 46.11 -17.98
C ILE O 42 10.47 47.52 -18.21
N SER O 43 9.92 48.20 -19.21
CA SER O 43 10.45 49.54 -19.43
C SER O 43 10.09 50.45 -18.24
N LEU O 44 8.89 50.28 -17.68
CA LEU O 44 8.48 51.09 -16.54
C LEU O 44 9.44 50.90 -15.37
N MET O 45 9.81 49.65 -15.08
CA MET O 45 10.69 49.41 -13.93
C MET O 45 12.05 50.01 -14.14
N LEU O 46 12.45 50.20 -15.39
CA LEU O 46 13.82 50.57 -15.70
C LEU O 46 13.99 52.06 -15.95
N THR O 47 12.94 52.87 -15.81
CA THR O 47 13.05 54.25 -16.27
C THR O 47 12.83 55.29 -15.17
N THR O 48 13.23 54.98 -13.94
CA THR O 48 13.11 55.97 -12.88
C THR O 48 14.31 55.92 -11.96
N LYS O 49 14.68 57.09 -11.47
CA LYS O 49 15.70 57.23 -10.47
C LYS O 49 15.20 56.94 -9.08
N LEU O 50 13.88 56.90 -8.87
CA LEU O 50 13.31 56.63 -7.54
C LEU O 50 13.64 55.21 -7.11
N THR O 51 13.87 55.00 -5.81
CA THR O 51 14.29 53.69 -5.34
C THR O 51 13.49 53.29 -4.12
N HIS O 52 13.44 51.97 -3.92
CA HIS O 52 12.78 51.35 -2.79
C HIS O 52 13.42 49.96 -2.73
N THR O 53 14.43 49.78 -1.84
CA THR O 53 15.21 48.55 -1.82
C THR O 53 15.04 47.76 -0.55
N SER O 54 14.25 48.25 0.40
CA SER O 54 13.97 47.50 1.60
C SER O 54 13.01 46.36 1.24
N THR O 55 12.73 45.50 2.21
CA THR O 55 11.85 44.33 1.99
C THR O 55 10.43 44.74 1.58
N MET O 56 9.89 44.12 0.53
CA MET O 56 8.53 44.38 0.05
C MET O 56 7.59 43.22 0.35
N ASP O 57 6.41 43.52 0.85
CA ASP O 57 5.43 42.48 1.10
C ASP O 57 4.71 42.05 -0.18
N ALA O 58 4.57 40.74 -0.36
CA ALA O 58 4.18 40.15 -1.64
C ALA O 58 2.77 39.58 -1.70
N GLN O 59 2.15 39.33 -0.53
CA GLN O 59 0.94 38.51 -0.48
C GLN O 59 -0.19 39.16 -1.25
N GLU O 60 -0.46 40.43 -0.95
CA GLU O 60 -1.59 41.13 -1.58
C GLU O 60 -1.46 41.11 -3.09
N VAL O 61 -0.26 41.39 -3.62
CA VAL O 61 -0.12 41.49 -5.05
C VAL O 61 -0.14 40.11 -5.72
N GLU O 62 0.19 39.04 -4.97
CA GLU O 62 0.18 37.72 -5.60
C GLU O 62 -1.23 37.18 -5.80
N THR O 63 -2.22 37.71 -5.07
CA THR O 63 -3.60 37.37 -5.37
C THR O 63 -3.96 37.81 -6.78
N ILE O 64 -3.58 39.05 -7.13
CA ILE O 64 -3.86 39.61 -8.44
C ILE O 64 -3.20 38.75 -9.52
N TRP O 65 -1.93 38.46 -9.35
CA TRP O 65 -1.30 37.83 -10.49
C TRP O 65 -1.40 36.29 -10.49
N THR O 66 -2.27 35.74 -9.64
CA THR O 66 -2.78 34.37 -9.74
C THR O 66 -4.23 34.35 -10.27
N ILE O 67 -5.09 35.21 -9.71
CA ILE O 67 -6.52 35.23 -10.12
C ILE O 67 -6.70 35.76 -11.53
N LEU O 68 -6.01 36.85 -11.90
CA LEU O 68 -6.22 37.37 -13.26
C LEU O 68 -5.73 36.40 -14.34
N PRO O 69 -4.54 35.80 -14.25
CA PRO O 69 -4.22 34.72 -15.20
C PRO O 69 -5.21 33.56 -15.20
N ALA O 70 -5.72 33.17 -14.04
CA ALA O 70 -6.66 32.07 -13.98
C ALA O 70 -7.91 32.40 -14.78
N ILE O 71 -8.42 33.62 -14.68
CA ILE O 71 -9.58 34.00 -15.47
C ILE O 71 -9.24 34.02 -16.95
N ILE O 72 -8.11 34.60 -17.33
CA ILE O 72 -7.69 34.59 -18.75
C ILE O 72 -7.65 33.16 -19.29
N LEU O 73 -7.03 32.26 -18.52
CA LEU O 73 -6.99 30.86 -18.95
C LEU O 73 -8.38 30.29 -19.17
N ILE O 74 -9.30 30.54 -18.24
CA ILE O 74 -10.67 30.06 -18.45
C ILE O 74 -11.27 30.68 -19.72
N LEU O 75 -10.96 31.96 -19.98
CA LEU O 75 -11.49 32.60 -21.18
C LEU O 75 -10.90 32.03 -22.47
N ILE O 76 -9.71 31.40 -22.41
CA ILE O 76 -9.20 30.63 -23.56
C ILE O 76 -9.82 29.22 -23.59
N ALA O 77 -9.93 28.56 -22.43
CA ALA O 77 -10.32 27.15 -22.38
C ALA O 77 -11.77 26.95 -22.85
N LEU O 78 -12.69 27.87 -22.49
CA LEU O 78 -14.10 27.73 -22.86
C LEU O 78 -14.31 27.62 -24.37
N PRO O 79 -13.89 28.59 -25.21
CA PRO O 79 -14.09 28.35 -26.65
C PRO O 79 -13.21 27.22 -27.17
N SER O 80 -12.05 26.99 -26.56
CA SER O 80 -11.17 25.92 -27.02
C SER O 80 -11.84 24.55 -26.94
N LEU O 81 -12.41 24.23 -25.78
CA LEU O 81 -13.07 22.96 -25.57
C LEU O 81 -14.41 22.86 -26.33
N ARG O 82 -15.11 23.98 -26.51
CA ARG O 82 -16.30 23.98 -27.36
C ARG O 82 -15.93 23.49 -28.76
N ILE O 83 -14.86 24.03 -29.34
CA ILE O 83 -14.51 23.60 -30.69
C ILE O 83 -14.05 22.15 -30.66
N LEU O 84 -13.32 21.78 -29.60
CA LEU O 84 -12.85 20.42 -29.44
C LEU O 84 -14.01 19.46 -29.51
N TYR O 85 -15.05 19.74 -28.75
CA TYR O 85 -16.17 18.81 -28.72
C TYR O 85 -16.99 18.89 -30.01
N MET O 86 -17.14 20.08 -30.60
CA MET O 86 -17.80 20.16 -31.92
C MET O 86 -17.17 19.23 -32.94
N MET O 87 -15.82 19.20 -32.98
CA MET O 87 -15.14 18.31 -33.92
CA MET O 87 -15.14 18.31 -33.92
C MET O 87 -15.54 16.85 -33.70
N ASP O 88 -15.76 16.44 -32.44
CA ASP O 88 -16.04 15.04 -32.13
C ASP O 88 -17.51 14.63 -32.26
N GLU O 89 -18.43 15.56 -32.55
CA GLU O 89 -19.85 15.25 -32.58
C GLU O 89 -20.19 14.15 -33.59
N ILE O 90 -21.24 13.38 -33.27
CA ILE O 90 -21.80 12.43 -34.22
C ILE O 90 -22.25 13.22 -35.43
N ASN O 91 -22.05 12.69 -36.64
CA ASN O 91 -22.84 13.30 -37.70
C ASN O 91 -23.16 12.45 -38.92
N ASN O 92 -22.84 11.19 -38.93
CA ASN O 92 -23.14 10.24 -40.00
C ASN O 92 -22.81 10.77 -41.40
N PRO O 93 -21.71 10.28 -41.93
CA PRO O 93 -21.25 10.69 -43.24
C PRO O 93 -22.03 9.94 -44.32
N SER O 94 -21.91 10.41 -45.56
CA SER O 94 -22.49 9.72 -46.71
C SER O 94 -21.49 8.84 -47.45
N LEU O 95 -20.21 8.92 -47.10
CA LEU O 95 -19.10 8.37 -47.85
C LEU O 95 -17.95 8.12 -46.89
N THR O 96 -17.31 6.95 -46.99
CA THR O 96 -16.09 6.65 -46.23
C THR O 96 -14.97 6.44 -47.24
N VAL O 97 -13.86 7.14 -47.02
CA VAL O 97 -12.64 6.95 -47.80
C VAL O 97 -11.51 6.57 -46.86
N LYS O 98 -10.71 5.57 -47.23
CA LYS O 98 -9.47 5.22 -46.52
C LYS O 98 -8.25 5.79 -47.23
N THR O 99 -7.22 6.22 -46.45
CA THR O 99 -5.90 6.50 -47.01
C THR O 99 -4.86 5.71 -46.22
N MET O 100 -3.91 5.09 -46.92
CA MET O 100 -2.79 4.41 -46.30
C MET O 100 -1.52 5.15 -46.69
N GLY O 101 -0.71 5.52 -45.69
CA GLY O 101 0.62 6.05 -45.96
C GLY O 101 1.64 4.97 -46.34
N HIS O 102 2.63 5.40 -47.15
CA HIS O 102 3.73 4.56 -47.60
C HIS O 102 4.98 5.41 -47.71
N GLN O 103 6.14 4.75 -47.67
CA GLN O 103 7.38 5.38 -48.09
C GLN O 103 7.53 5.25 -49.61
N TRP O 104 7.30 6.33 -50.39
CA TRP O 104 6.86 7.69 -49.94
C TRP O 104 5.73 8.26 -50.89
N TYR O 105 4.49 7.92 -50.55
CA TYR O 105 3.32 8.23 -51.36
C TYR O 105 2.12 7.81 -50.53
N TRP O 106 0.93 8.28 -50.92
CA TRP O 106 -0.31 7.86 -50.28
C TRP O 106 -1.12 7.00 -51.25
N SER O 107 -1.82 6.00 -50.74
CA SER O 107 -2.84 5.29 -51.51
C SER O 107 -4.21 5.59 -50.92
N TYR O 108 -5.24 5.48 -51.75
CA TYR O 108 -6.63 5.73 -51.40
C TYR O 108 -7.50 4.54 -51.80
N GLU O 109 -8.54 4.30 -50.99
CA GLU O 109 -9.45 3.17 -51.13
C GLU O 109 -10.86 3.70 -50.93
N TYR O 110 -11.75 3.46 -51.90
CA TYR O 110 -13.17 3.85 -51.84
C TYR O 110 -13.89 2.54 -51.97
N THR O 111 -14.24 1.92 -50.84
CA THR O 111 -14.76 0.56 -50.86
C THR O 111 -16.16 0.49 -50.25
N ASP O 112 -16.91 1.60 -50.35
CA ASP O 112 -18.30 1.60 -49.89
C ASP O 112 -19.18 0.68 -50.74
N TYR O 113 -18.94 0.61 -52.04
CA TYR O 113 -19.73 -0.22 -52.94
C TYR O 113 -18.79 -0.93 -53.91
N GLU O 114 -18.12 -0.16 -54.76
CA GLU O 114 -17.08 -0.73 -55.60
C GLU O 114 -15.78 -0.82 -54.80
N ASP O 115 -14.84 -1.60 -55.32
CA ASP O 115 -13.52 -1.73 -54.72
C ASP O 115 -12.54 -0.91 -55.56
N LEU O 116 -12.60 0.41 -55.37
CA LEU O 116 -11.70 1.33 -56.08
C LEU O 116 -10.51 1.66 -55.20
N SER O 117 -9.33 1.72 -55.82
CA SER O 117 -8.15 2.10 -55.07
C SER O 117 -7.05 2.51 -56.02
N PHE O 118 -6.15 3.37 -55.56
CA PHE O 118 -5.10 3.85 -56.43
C PHE O 118 -4.03 4.52 -55.59
N ASP O 119 -2.87 4.70 -56.21
CA ASP O 119 -1.74 5.39 -55.60
C ASP O 119 -1.67 6.85 -56.04
N SER O 120 -1.07 7.68 -55.17
CA SER O 120 -0.98 9.12 -55.38
C SER O 120 0.46 9.56 -55.11
N TYR O 121 1.21 9.87 -56.16
CA TYR O 121 2.64 10.19 -56.10
C TYR O 121 2.86 11.66 -56.41
N MET O 122 3.85 12.24 -55.77
CA MET O 122 4.24 13.60 -56.12
C MET O 122 4.64 13.70 -57.58
N ILE O 123 4.29 14.80 -58.25
CA ILE O 123 4.87 15.01 -59.59
C ILE O 123 6.28 15.57 -59.40
N PRO O 124 7.33 14.90 -59.89
CA PRO O 124 8.68 15.49 -59.86
C PRO O 124 8.75 16.85 -60.53
N THR O 125 9.67 17.68 -60.03
CA THR O 125 9.82 19.03 -60.57
C THR O 125 10.08 19.00 -62.08
N SER O 126 10.95 18.11 -62.54
CA SER O 126 11.21 18.02 -63.96
C SER O 126 9.96 17.68 -64.76
N GLU O 127 8.92 17.16 -64.16
CA GLU O 127 7.74 16.78 -64.93
C GLU O 127 6.56 17.72 -64.75
N LEU O 128 6.66 18.76 -63.92
CA LEU O 128 5.52 19.67 -63.75
C LEU O 128 5.05 20.23 -65.09
N LYS O 129 3.76 20.30 -65.26
CA LYS O 129 3.22 21.01 -66.40
C LYS O 129 3.33 22.49 -66.11
N PRO O 130 3.47 23.34 -67.12
CA PRO O 130 3.65 24.76 -66.86
C PRO O 130 2.50 25.30 -66.00
N GLY O 131 2.85 26.05 -64.99
CA GLY O 131 1.87 26.55 -64.09
C GLY O 131 1.68 25.72 -62.82
N GLU O 132 2.18 24.49 -62.75
CA GLU O 132 1.86 23.65 -61.60
C GLU O 132 2.88 23.91 -60.48
N LEU O 133 2.58 23.40 -59.30
CA LEU O 133 3.25 23.81 -58.06
C LEU O 133 4.33 22.80 -57.69
N ARG O 134 5.56 23.27 -57.55
CA ARG O 134 6.65 22.38 -57.14
C ARG O 134 6.36 21.76 -55.75
N LEU O 135 6.65 20.46 -55.62
CA LEU O 135 6.53 19.63 -54.41
C LEU O 135 5.09 19.37 -53.99
N LEU O 136 4.11 19.92 -54.69
CA LEU O 136 2.74 19.87 -54.21
C LEU O 136 1.78 19.07 -55.07
N GLU O 137 1.98 18.96 -56.39
CA GLU O 137 0.99 18.25 -57.21
C GLU O 137 1.22 16.74 -57.14
N VAL O 138 0.14 15.98 -57.38
CA VAL O 138 0.24 14.54 -57.51
C VAL O 138 -0.39 14.05 -58.83
N ASP O 139 -0.09 12.80 -59.18
CA ASP O 139 -0.68 12.24 -60.39
C ASP O 139 -2.15 11.91 -60.21
N ASN O 140 -2.55 11.35 -59.05
CA ASN O 140 -3.95 10.95 -58.84
C ASN O 140 -4.46 11.66 -57.59
N ARG O 141 -5.36 12.63 -57.81
CA ARG O 141 -5.95 13.42 -56.74
C ARG O 141 -7.07 12.64 -56.04
N VAL O 142 -7.34 13.06 -54.80
CA VAL O 142 -8.42 12.50 -53.99
C VAL O 142 -9.72 13.19 -54.39
N VAL O 143 -10.45 12.57 -55.32
CA VAL O 143 -11.73 13.11 -55.79
C VAL O 143 -12.80 12.87 -54.74
N LEU O 144 -13.54 13.93 -54.41
CA LEU O 144 -14.45 13.94 -53.29
C LEU O 144 -15.61 14.88 -53.59
N PRO O 145 -16.81 14.56 -53.10
CA PRO O 145 -17.97 15.47 -53.24
C PRO O 145 -17.90 16.62 -52.24
N MET O 146 -18.10 17.85 -52.73
CA MET O 146 -18.17 19.03 -51.89
C MET O 146 -19.51 19.05 -51.14
N GLU O 147 -19.54 19.84 -50.07
CA GLU O 147 -20.74 20.10 -49.25
C GLU O 147 -21.31 18.81 -48.70
N MET O 148 -20.48 17.81 -48.49
CA MET O 148 -20.93 16.57 -47.90
C MET O 148 -19.97 16.13 -46.81
N THR O 149 -20.55 15.60 -45.75
CA THR O 149 -19.79 15.04 -44.63
C THR O 149 -19.15 13.73 -45.06
N ILE O 150 -17.81 13.67 -45.03
CA ILE O 150 -17.07 12.48 -45.44
C ILE O 150 -16.28 11.99 -44.23
N ARG O 151 -16.34 10.68 -43.99
CA ARG O 151 -15.47 10.02 -43.02
C ARG O 151 -14.15 9.60 -43.69
N MET O 152 -13.03 10.14 -43.22
CA MET O 152 -11.72 9.74 -43.69
C MET O 152 -11.08 8.81 -42.67
N LEU O 153 -10.63 7.64 -43.12
CA LEU O 153 -9.90 6.70 -42.26
C LEU O 153 -8.46 6.63 -42.73
N VAL O 154 -7.52 6.66 -41.76
CA VAL O 154 -6.11 6.87 -42.04
C VAL O 154 -5.31 5.78 -41.34
N SER O 155 -4.40 5.15 -42.08
CA SER O 155 -3.43 4.26 -41.47
C SER O 155 -2.17 4.26 -42.33
N SER O 156 -1.28 3.32 -42.04
CA SER O 156 0.02 3.25 -42.71
C SER O 156 0.33 1.78 -42.95
N GLU O 157 1.00 1.49 -44.05
CA GLU O 157 1.52 0.15 -44.20
C GLU O 157 3.00 0.05 -43.89
N ASP O 158 3.64 1.12 -43.35
CA ASP O 158 5.05 0.90 -42.99
C ASP O 158 5.39 1.77 -41.78
N VAL O 159 6.00 2.95 -41.95
CA VAL O 159 6.38 3.77 -40.79
C VAL O 159 5.27 4.77 -40.49
N LEU O 160 5.45 5.59 -39.46
CA LEU O 160 4.50 6.67 -39.20
C LEU O 160 4.52 7.68 -40.34
N HIS O 161 3.34 8.12 -40.75
CA HIS O 161 3.09 9.29 -41.58
C HIS O 161 2.03 10.15 -40.90
N SER O 162 1.60 11.23 -41.54
CA SER O 162 0.46 11.98 -40.99
C SER O 162 -0.22 12.69 -42.14
N TRP O 163 -1.54 12.60 -42.17
CA TRP O 163 -2.33 13.03 -43.34
C TRP O 163 -2.93 14.38 -42.99
N ALA O 164 -2.49 15.45 -43.68
CA ALA O 164 -2.85 16.81 -43.33
C ALA O 164 -3.37 17.59 -44.53
N VAL O 165 -4.37 18.42 -44.26
CA VAL O 165 -4.93 19.36 -45.22
C VAL O 165 -5.26 20.63 -44.43
N PRO O 166 -4.33 21.56 -44.43
CA PRO O 166 -4.50 22.78 -43.61
C PRO O 166 -5.78 23.54 -43.84
N SER O 167 -6.18 23.78 -45.08
CA SER O 167 -7.36 24.65 -45.19
C SER O 167 -8.62 23.97 -44.72
N LEU O 168 -8.62 22.65 -44.52
CA LEU O 168 -9.76 21.99 -43.93
C LEU O 168 -9.60 21.79 -42.43
N GLY O 169 -8.49 22.23 -41.84
CA GLY O 169 -8.27 21.94 -40.43
C GLY O 169 -8.00 20.50 -40.11
N LEU O 170 -7.31 19.77 -40.99
CA LEU O 170 -7.16 18.33 -40.81
C LEU O 170 -5.70 17.95 -40.61
N LYS O 171 -5.47 17.03 -39.69
CA LYS O 171 -4.18 16.40 -39.48
C LYS O 171 -4.38 15.19 -38.59
N THR O 172 -4.31 14.00 -39.19
CA THR O 172 -4.60 12.73 -38.50
C THR O 172 -3.43 11.80 -38.78
N ASP O 173 -2.78 11.31 -37.73
CA ASP O 173 -1.57 10.52 -37.89
C ASP O 173 -1.89 9.16 -38.48
N ALA O 174 -0.98 8.66 -39.34
CA ALA O 174 -1.09 7.41 -40.08
C ALA O 174 -0.17 6.41 -39.40
N ILE O 175 -0.75 5.47 -38.66
CA ILE O 175 -0.01 4.61 -37.72
C ILE O 175 -0.29 3.16 -38.11
N PRO O 176 0.72 2.34 -38.40
CA PRO O 176 0.44 0.96 -38.82
C PRO O 176 -0.26 0.16 -37.74
N GLY O 177 -1.27 -0.62 -38.12
CA GLY O 177 -2.02 -1.39 -37.16
C GLY O 177 -3.15 -0.63 -36.50
N ARG O 178 -3.32 0.64 -36.87
CA ARG O 178 -4.31 1.50 -36.26
C ARG O 178 -5.11 2.17 -37.36
N LEU O 179 -6.44 2.29 -37.16
CA LEU O 179 -7.30 2.95 -38.12
C LEU O 179 -7.84 4.20 -37.44
N ASN O 180 -7.31 5.36 -37.82
CA ASN O 180 -7.72 6.63 -37.24
C ASN O 180 -8.77 7.34 -38.10
N GLN O 181 -9.76 7.94 -37.43
CA GLN O 181 -10.89 8.53 -38.12
C GLN O 181 -10.88 10.05 -37.99
N THR O 182 -11.22 10.74 -39.07
CA THR O 182 -11.54 12.15 -38.98
C THR O 182 -12.66 12.42 -39.99
N THR O 183 -13.24 13.60 -39.94
CA THR O 183 -14.41 13.98 -40.73
C THR O 183 -13.99 15.16 -41.57
N LEU O 184 -14.40 15.14 -42.82
CA LEU O 184 -14.02 16.12 -43.82
C LEU O 184 -15.32 16.71 -44.40
N MET O 185 -15.37 18.03 -44.52
CA MET O 185 -16.52 18.69 -45.12
C MET O 185 -16.01 19.95 -45.80
N SER O 186 -16.04 20.01 -47.13
CA SER O 186 -15.61 21.21 -47.86
C SER O 186 -16.82 22.05 -48.24
N SER O 187 -16.83 23.33 -47.83
CA SER O 187 -17.84 24.28 -48.27
C SER O 187 -17.71 24.70 -49.74
N ARG O 188 -16.63 24.34 -50.42
CA ARG O 188 -16.36 24.89 -51.73
C ARG O 188 -15.75 23.81 -52.61
N PRO O 189 -15.98 23.85 -53.93
CA PRO O 189 -15.20 22.98 -54.84
C PRO O 189 -13.78 23.51 -54.92
N GLY O 190 -12.90 22.74 -55.55
CA GLY O 190 -11.59 23.25 -55.90
C GLY O 190 -10.51 22.25 -55.54
N LEU O 191 -9.27 22.73 -55.43
CA LEU O 191 -8.13 21.87 -55.11
C LEU O 191 -7.55 22.32 -53.79
N TYR O 192 -7.33 21.36 -52.89
CA TYR O 192 -6.87 21.68 -51.54
C TYR O 192 -5.70 20.77 -51.22
N TYR O 193 -4.60 21.36 -50.79
CA TYR O 193 -3.31 20.71 -50.69
C TYR O 193 -2.87 20.53 -49.24
N GLY O 194 -2.04 19.51 -49.02
CA GLY O 194 -1.41 19.27 -47.73
C GLY O 194 -0.18 18.42 -47.91
N GLN O 195 0.52 18.16 -46.82
CA GLN O 195 1.80 17.46 -46.91
C GLN O 195 2.01 16.50 -45.75
N CYS O 196 2.82 15.46 -46.00
CA CYS O 196 3.07 14.46 -44.95
C CYS O 196 3.63 15.12 -43.69
N SER O 197 3.01 14.83 -42.53
CA SER O 197 3.30 15.60 -41.30
C SER O 197 3.80 14.73 -40.14
N GLU O 198 4.52 13.66 -40.46
CA GLU O 198 5.35 12.95 -39.49
C GLU O 198 6.61 12.45 -40.20
N ILE O 199 7.79 12.76 -39.64
CA ILE O 199 9.05 12.31 -40.23
C ILE O 199 8.99 10.83 -40.57
N CYS O 200 9.33 10.50 -41.84
CA CYS O 200 9.08 9.11 -42.30
C CYS O 200 10.20 8.63 -43.22
N GLY O 201 11.38 9.25 -43.16
CA GLY O 201 12.50 8.82 -43.96
C GLY O 201 12.85 9.72 -45.16
N SER O 202 13.50 9.10 -46.15
CA SER O 202 14.24 9.79 -47.20
C SER O 202 13.42 10.84 -47.93
N ASN O 203 12.11 10.59 -48.12
CA ASN O 203 11.29 11.44 -48.99
C ASN O 203 10.06 11.96 -48.27
N HIS O 204 10.22 12.13 -46.96
CA HIS O 204 9.24 12.76 -46.08
C HIS O 204 8.74 14.09 -46.64
N SER O 205 9.63 14.93 -47.14
CA SER O 205 9.27 16.21 -47.77
C SER O 205 8.47 16.06 -49.08
N PHE O 206 8.38 14.85 -49.64
CA PHE O 206 7.98 14.72 -51.04
C PHE O 206 6.81 13.76 -51.23
N MET O 207 5.85 13.69 -50.31
CA MET O 207 4.66 12.83 -50.52
C MET O 207 3.44 13.64 -50.13
N PRO O 208 3.00 14.52 -51.01
CA PRO O 208 1.95 15.48 -50.68
C PRO O 208 0.57 14.86 -50.86
N ILE O 209 -0.43 15.65 -50.45
CA ILE O 209 -1.85 15.30 -50.51
C ILE O 209 -2.54 16.34 -51.37
N VAL O 210 -3.44 15.89 -52.26
CA VAL O 210 -4.23 16.83 -53.04
C VAL O 210 -5.68 16.34 -53.08
N LEU O 211 -6.60 17.13 -52.53
CA LEU O 211 -8.03 16.85 -52.66
C LEU O 211 -8.64 17.61 -53.86
N GLU O 212 -9.53 16.94 -54.59
CA GLU O 212 -10.27 17.56 -55.69
C GLU O 212 -11.75 17.49 -55.34
N LEU O 213 -12.33 18.63 -54.98
CA LEU O 213 -13.69 18.71 -54.49
C LEU O 213 -14.57 19.17 -55.65
N VAL O 214 -15.61 18.40 -55.93
CA VAL O 214 -16.48 18.63 -57.08
C VAL O 214 -17.91 18.38 -56.66
N PRO O 215 -18.91 18.80 -57.44
CA PRO O 215 -20.30 18.51 -57.07
C PRO O 215 -20.60 17.02 -57.08
N LEU O 216 -21.64 16.63 -56.30
CA LEU O 216 -22.00 15.22 -56.15
C LEU O 216 -22.17 14.51 -57.50
N LYS O 217 -22.90 15.13 -58.44
CA LYS O 217 -23.14 14.47 -59.72
C LYS O 217 -21.83 14.19 -60.44
N TYR O 218 -20.87 15.13 -60.33
CA TYR O 218 -19.57 14.89 -60.92
C TYR O 218 -18.80 13.83 -60.16
N PHE O 219 -19.00 13.76 -58.85
CA PHE O 219 -18.35 12.69 -58.10
C PHE O 219 -18.90 11.35 -58.54
N GLU O 220 -20.21 11.26 -58.68
CA GLU O 220 -20.85 10.01 -59.14
C GLU O 220 -20.39 9.64 -60.54
N LYS O 221 -20.35 10.61 -61.46
CA LYS O 221 -19.82 10.32 -62.80
C LYS O 221 -18.42 9.74 -62.67
N TRP O 222 -17.58 10.38 -61.87
CA TRP O 222 -16.20 9.92 -61.72
C TRP O 222 -16.14 8.52 -61.12
N SER O 223 -16.87 8.28 -60.02
CA SER O 223 -16.88 6.93 -59.42
C SER O 223 -17.26 5.88 -60.47
N ALA O 224 -18.35 6.14 -61.18
CA ALA O 224 -18.80 5.26 -62.25
C ALA O 224 -17.74 5.08 -63.34
N SER O 225 -17.07 6.16 -63.73
CA SER O 225 -16.03 6.06 -64.75
C SER O 225 -14.82 5.22 -64.33
N MET O 226 -14.87 4.68 -63.11
CA MET O 226 -13.68 4.14 -62.47
C MET O 226 -13.85 2.67 -62.15
N LEU O 227 -14.73 1.99 -62.88
CA LEU O 227 -15.12 0.64 -62.57
C LEU O 227 -14.01 -0.37 -62.84
N HIS P 3 43.22 21.97 9.00
CA HIS P 3 42.31 20.96 9.48
C HIS P 3 40.84 21.37 9.31
N GLN P 4 40.02 20.43 8.86
CA GLN P 4 38.59 20.71 8.78
C GLN P 4 37.98 20.75 10.17
N THR P 5 36.95 21.56 10.31
CA THR P 5 36.14 21.44 11.51
C THR P 5 34.70 21.26 11.11
N HIS P 6 34.47 20.57 9.99
CA HIS P 6 33.17 20.01 9.68
C HIS P 6 33.33 18.49 9.72
N ALA P 7 32.22 17.75 9.67
CA ALA P 7 32.25 16.30 9.77
C ALA P 7 32.15 15.57 8.43
N TYR P 8 32.25 16.28 7.28
CA TYR P 8 32.05 15.64 5.98
C TYR P 8 33.36 15.08 5.46
N HIS P 9 33.24 14.24 4.42
CA HIS P 9 34.34 13.43 3.93
C HIS P 9 34.91 14.04 2.65
N MET P 10 36.14 14.52 2.73
CA MET P 10 36.91 14.89 1.55
C MET P 10 37.63 13.64 1.01
N VAL P 11 37.22 13.17 -0.17
CA VAL P 11 37.65 11.88 -0.72
C VAL P 11 38.97 12.06 -1.48
N ASN P 12 39.91 11.14 -1.26
CA ASN P 12 41.17 11.20 -1.99
C ASN P 12 40.90 11.16 -3.49
N PRO P 13 41.68 11.88 -4.30
CA PRO P 13 41.60 11.75 -5.78
C PRO P 13 41.55 10.29 -6.21
N SER P 14 40.64 9.97 -7.13
CA SER P 14 40.41 8.54 -7.44
C SER P 14 40.30 8.23 -8.92
N PRO P 15 40.87 7.11 -9.37
CA PRO P 15 40.75 6.72 -10.78
C PRO P 15 39.45 6.00 -11.12
N TRP P 16 38.67 5.61 -10.12
CA TRP P 16 37.62 4.65 -10.45
C TRP P 16 36.45 5.34 -11.17
N PRO P 17 36.15 6.62 -10.94
CA PRO P 17 35.14 7.26 -11.82
C PRO P 17 35.48 7.15 -13.30
N LEU P 18 36.74 7.39 -13.66
CA LEU P 18 37.14 7.36 -15.05
C LEU P 18 37.10 5.94 -15.59
N THR P 19 37.61 4.96 -14.80
CA THR P 19 37.58 3.60 -15.32
C THR P 19 36.14 3.11 -15.42
N GLY P 20 35.27 3.53 -14.48
CA GLY P 20 33.86 3.18 -14.60
C GLY P 20 33.24 3.77 -15.86
N ALA P 21 33.52 5.04 -16.11
CA ALA P 21 33.00 5.69 -17.31
C ALA P 21 33.46 4.96 -18.56
N LEU P 22 34.77 4.64 -18.63
CA LEU P 22 35.27 3.96 -19.81
C LEU P 22 34.69 2.55 -19.90
N SER P 23 34.48 1.90 -18.75
CA SER P 23 33.90 0.61 -18.78
C SER P 23 32.45 0.68 -19.35
N ALA P 24 31.70 1.79 -19.10
CA ALA P 24 30.39 1.94 -19.74
C ALA P 24 30.52 2.10 -21.27
N LEU P 25 31.54 2.81 -21.73
CA LEU P 25 31.76 2.96 -23.16
C LEU P 25 32.05 1.61 -23.81
N LEU P 26 32.85 0.78 -23.13
CA LEU P 26 33.22 -0.52 -23.64
C LEU P 26 32.06 -1.50 -23.58
N MET P 27 31.20 -1.40 -22.58
CA MET P 27 30.04 -2.31 -22.59
C MET P 27 29.04 -1.92 -23.68
N THR P 28 28.79 -0.62 -23.87
CA THR P 28 27.81 -0.24 -24.88
C THR P 28 28.36 -0.38 -26.27
N SER P 29 29.59 0.08 -26.53
CA SER P 29 30.09 -0.17 -27.86
C SER P 29 30.31 -1.68 -28.07
N GLY P 30 30.60 -2.41 -27.01
CA GLY P 30 30.72 -3.85 -27.11
C GLY P 30 29.40 -4.54 -27.42
N LEU P 31 28.29 -4.09 -26.82
CA LEU P 31 26.99 -4.63 -27.20
C LEU P 31 26.68 -4.34 -28.67
N THR P 32 27.02 -3.14 -29.14
CA THR P 32 26.81 -2.76 -30.53
C THR P 32 27.56 -3.70 -31.45
N MET P 33 28.78 -4.03 -31.10
CA MET P 33 29.61 -4.90 -31.92
C MET P 33 29.09 -6.35 -31.89
N TRP P 34 28.56 -6.78 -30.76
CA TRP P 34 27.93 -8.11 -30.69
C TRP P 34 26.68 -8.15 -31.57
N PHE P 35 25.80 -7.16 -31.45
CA PHE P 35 24.56 -7.14 -32.24
C PHE P 35 24.80 -6.99 -33.75
N HIS P 36 25.89 -6.33 -34.18
CA HIS P 36 25.97 -5.91 -35.57
C HIS P 36 27.21 -6.41 -36.28
N PHE P 37 28.23 -6.83 -35.55
CA PHE P 37 29.49 -7.20 -36.16
C PHE P 37 29.98 -8.51 -35.56
N ASN P 38 29.04 -9.32 -35.07
CA ASN P 38 29.31 -10.72 -34.81
C ASN P 38 30.51 -10.95 -33.89
N SER P 39 30.71 -10.07 -32.90
CA SER P 39 31.93 -10.18 -32.10
C SER P 39 31.72 -9.72 -30.66
N MET P 40 32.32 -10.47 -29.74
CA MET P 40 32.14 -10.28 -28.30
C MET P 40 33.37 -9.69 -27.58
N THR P 41 34.41 -9.30 -28.31
CA THR P 41 35.66 -8.89 -27.67
C THR P 41 35.49 -7.66 -26.80
N LEU P 42 35.07 -6.54 -27.38
CA LEU P 42 34.86 -5.30 -26.64
C LEU P 42 33.93 -5.53 -25.45
N LEU P 43 32.85 -6.29 -25.66
CA LEU P 43 31.89 -6.51 -24.59
C LEU P 43 32.54 -7.19 -23.41
N MET P 44 33.31 -8.25 -23.68
CA MET P 44 33.99 -8.97 -22.61
C MET P 44 34.99 -8.09 -21.85
N ILE P 45 35.71 -7.22 -22.56
CA ILE P 45 36.62 -6.28 -21.90
C ILE P 45 35.85 -5.29 -21.04
N GLY P 46 34.73 -4.79 -21.54
CA GLY P 46 33.96 -3.83 -20.77
C GLY P 46 33.37 -4.44 -19.51
N LEU P 47 32.83 -5.65 -19.62
CA LEU P 47 32.31 -6.34 -18.45
C LEU P 47 33.40 -6.54 -17.42
N THR P 48 34.60 -6.97 -17.88
CA THR P 48 35.75 -7.15 -16.99
C THR P 48 36.13 -5.84 -16.30
N THR P 49 36.32 -4.73 -17.07
CA THR P 49 36.71 -3.47 -16.41
C THR P 49 35.61 -2.94 -15.51
N ASN P 50 34.36 -3.26 -15.82
CA ASN P 50 33.28 -2.80 -14.95
C ASN P 50 33.33 -3.52 -13.60
N MET P 51 33.50 -4.84 -13.61
CA MET P 51 33.66 -5.57 -12.35
C MET P 51 34.88 -5.10 -11.56
N LEU P 52 36.04 -4.96 -12.22
CA LEU P 52 37.22 -4.42 -11.52
C LEU P 52 36.94 -3.06 -10.90
N THR P 53 36.26 -2.20 -11.66
CA THR P 53 35.95 -0.86 -11.16
C THR P 53 35.08 -0.94 -9.93
N MET P 54 34.00 -1.74 -9.98
CA MET P 54 33.09 -1.80 -8.83
C MET P 54 33.81 -2.39 -7.62
N TYR P 55 34.63 -3.42 -7.85
CA TYR P 55 35.37 -4.04 -6.77
C TYR P 55 36.27 -3.04 -6.05
N GLN P 56 37.07 -2.30 -6.82
CA GLN P 56 38.04 -1.38 -6.23
C GLN P 56 37.33 -0.20 -5.56
N TRP P 57 36.29 0.31 -6.20
CA TRP P 57 35.60 1.48 -5.67
C TRP P 57 34.96 1.15 -4.32
N TRP P 58 34.20 0.05 -4.28
CA TRP P 58 33.55 -0.28 -2.99
C TRP P 58 34.54 -0.80 -1.96
N ARG P 59 35.60 -1.49 -2.39
CA ARG P 59 36.73 -1.74 -1.51
C ARG P 59 37.24 -0.43 -0.88
N ASP P 60 37.38 0.62 -1.70
CA ASP P 60 37.89 1.86 -1.12
C ASP P 60 36.89 2.44 -0.13
N VAL P 61 35.59 2.27 -0.37
CA VAL P 61 34.60 2.80 0.57
C VAL P 61 34.72 2.08 1.92
N ILE P 62 34.98 0.78 1.92
CA ILE P 62 35.19 0.01 3.15
C ILE P 62 36.44 0.50 3.87
N ARG P 63 37.52 0.69 3.12
CA ARG P 63 38.72 1.26 3.74
C ARG P 63 38.44 2.62 4.38
N GLU P 64 37.72 3.48 3.67
CA GLU P 64 37.49 4.83 4.17
C GLU P 64 36.68 4.84 5.47
N SER P 65 35.85 3.80 5.69
CA SER P 65 34.85 3.82 6.77
C SER P 65 35.27 2.89 7.90
N THR P 66 35.29 1.58 7.68
CA THR P 66 35.66 0.61 8.75
C THR P 66 37.11 0.86 9.21
N PHE P 67 38.02 1.12 8.25
CA PHE P 67 39.46 1.21 8.56
C PHE P 67 39.95 2.63 8.81
N GLN P 68 39.37 3.68 8.18
CA GLN P 68 39.84 5.03 8.43
C GLN P 68 38.90 5.92 9.23
N GLY P 69 37.65 5.54 9.46
CA GLY P 69 36.85 6.35 10.37
C GLY P 69 36.15 7.55 9.75
N HIS P 70 36.05 7.61 8.43
CA HIS P 70 35.46 8.84 7.84
C HIS P 70 33.94 8.88 7.84
N HIS P 71 33.24 7.78 8.19
CA HIS P 71 31.77 7.81 8.20
C HIS P 71 31.26 8.27 9.56
N THR P 72 31.31 9.59 9.74
CA THR P 72 30.63 10.25 10.83
C THR P 72 29.11 10.12 10.64
N PRO P 73 28.34 10.50 11.66
CA PRO P 73 26.89 10.36 11.51
C PRO P 73 26.38 11.20 10.34
N ALA P 74 26.97 12.37 10.11
CA ALA P 74 26.54 13.24 9.01
C ALA P 74 26.83 12.55 7.69
N VAL P 75 27.96 11.87 7.61
CA VAL P 75 28.27 11.17 6.36
C VAL P 75 27.29 10.02 6.14
N GLN P 76 27.00 9.26 7.20
CA GLN P 76 26.06 8.14 7.09
C GLN P 76 24.67 8.60 6.66
N LYS P 77 24.19 9.70 7.23
CA LYS P 77 22.91 10.24 6.81
C LYS P 77 22.88 10.54 5.31
N GLY P 78 23.95 11.15 4.79
CA GLY P 78 24.01 11.38 3.34
C GLY P 78 23.86 10.06 2.57
N LEU P 79 24.63 9.04 2.97
CA LEU P 79 24.56 7.74 2.31
C LEU P 79 23.14 7.16 2.37
N ARG P 80 22.43 7.36 3.50
CA ARG P 80 21.03 6.92 3.58
C ARG P 80 20.17 7.57 2.49
N TYR P 81 20.22 8.91 2.41
CA TYR P 81 19.50 9.59 1.34
C TYR P 81 19.91 9.04 -0.03
N GLY P 82 21.22 8.91 -0.26
CA GLY P 82 21.65 8.47 -1.57
C GLY P 82 21.03 7.13 -1.93
N MET P 83 21.00 6.20 -0.97
CA MET P 83 20.54 4.85 -1.27
C MET P 83 19.02 4.85 -1.48
N ILE P 84 18.31 5.70 -0.73
CA ILE P 84 16.87 5.80 -0.92
C ILE P 84 16.56 6.38 -2.30
N LEU P 85 17.29 7.45 -2.69
CA LEU P 85 17.08 8.05 -4.01
C LEU P 85 17.35 7.04 -5.11
N PHE P 86 18.42 6.27 -4.97
CA PHE P 86 18.74 5.28 -6.00
C PHE P 86 17.60 4.26 -6.16
N ILE P 87 17.07 3.79 -5.05
CA ILE P 87 15.98 2.82 -5.12
C ILE P 87 14.77 3.48 -5.77
N ILE P 88 14.55 4.76 -5.49
CA ILE P 88 13.43 5.42 -6.16
C ILE P 88 13.63 5.40 -7.66
N SER P 89 14.86 5.70 -8.12
CA SER P 89 15.09 5.68 -9.58
C SER P 89 14.83 4.28 -10.16
N GLU P 90 15.15 3.25 -9.39
CA GLU P 90 14.93 1.87 -9.83
C GLU P 90 13.46 1.51 -9.89
N VAL P 91 12.66 2.09 -8.99
CA VAL P 91 11.21 1.87 -9.03
C VAL P 91 10.64 2.46 -10.33
N LEU P 92 11.11 3.66 -10.73
CA LEU P 92 10.56 4.31 -11.92
C LEU P 92 10.97 3.54 -13.17
N PHE P 93 12.14 2.93 -13.13
CA PHE P 93 12.58 2.08 -14.22
C PHE P 93 11.60 0.93 -14.39
N PHE P 94 11.31 0.21 -13.30
CA PHE P 94 10.34 -0.89 -13.42
C PHE P 94 8.97 -0.38 -13.82
N THR P 95 8.62 0.84 -13.41
CA THR P 95 7.30 1.37 -13.72
C THR P 95 7.07 1.46 -15.23
N GLY P 96 8.13 1.75 -15.99
CA GLY P 96 8.02 1.77 -17.44
C GLY P 96 7.70 0.39 -18.06
N PHE P 97 8.29 -0.68 -17.53
CA PHE P 97 7.92 -2.02 -17.98
C PHE P 97 6.50 -2.40 -17.57
N PHE P 98 6.07 -2.03 -16.34
CA PHE P 98 4.68 -2.32 -16.00
C PHE P 98 3.72 -1.55 -16.90
N TRP P 99 4.04 -0.28 -17.21
CA TRP P 99 3.20 0.50 -18.09
C TRP P 99 3.07 -0.23 -19.43
N ALA P 100 4.21 -0.70 -19.97
CA ALA P 100 4.20 -1.45 -21.23
C ALA P 100 3.32 -2.69 -21.12
N PHE P 101 3.41 -3.42 -19.99
CA PHE P 101 2.60 -4.61 -19.80
C PHE P 101 1.11 -4.30 -19.77
N TYR P 102 0.69 -3.29 -18.97
CA TYR P 102 -0.73 -2.96 -18.89
C TYR P 102 -1.27 -2.36 -20.19
N HIS P 103 -0.47 -1.55 -20.86
CA HIS P 103 -0.88 -1.02 -22.15
C HIS P 103 -1.26 -2.12 -23.14
N SER P 104 -0.42 -3.15 -23.24
CA SER P 104 -0.62 -4.24 -24.21
C SER P 104 -1.75 -5.17 -23.79
N SER P 105 -1.82 -5.49 -22.51
CA SER P 105 -2.74 -6.52 -22.06
C SER P 105 -4.15 -5.99 -21.82
N LEU P 106 -4.32 -4.69 -21.55
CA LEU P 106 -5.64 -4.08 -21.37
C LEU P 106 -6.31 -3.77 -22.68
N ALA P 107 -5.57 -3.61 -23.78
CA ALA P 107 -6.14 -3.39 -25.11
C ALA P 107 -5.52 -4.34 -26.12
N PRO P 108 -5.76 -5.64 -26.02
CA PRO P 108 -5.07 -6.57 -26.92
C PRO P 108 -5.47 -6.29 -28.37
N THR P 109 -4.49 -6.27 -29.27
CA THR P 109 -4.76 -5.90 -30.66
C THR P 109 -5.29 -7.10 -31.46
N PRO P 110 -5.77 -6.85 -32.68
CA PRO P 110 -6.27 -7.99 -33.51
C PRO P 110 -5.23 -9.05 -33.83
N GLU P 111 -3.96 -8.67 -33.94
CA GLU P 111 -2.91 -9.65 -34.22
C GLU P 111 -2.83 -10.71 -33.13
N LEU P 112 -3.25 -10.37 -31.90
CA LEU P 112 -3.23 -11.32 -30.80
C LEU P 112 -4.43 -12.22 -30.80
N GLY P 113 -5.43 -11.93 -31.65
CA GLY P 113 -6.79 -12.42 -31.46
C GLY P 113 -7.71 -11.49 -30.68
N GLY P 114 -7.27 -10.27 -30.35
CA GLY P 114 -8.12 -9.37 -29.60
C GLY P 114 -8.42 -9.84 -28.19
N CYS P 115 -7.53 -10.66 -27.62
CA CYS P 115 -7.74 -11.28 -26.33
C CYS P 115 -6.42 -11.34 -25.61
N TRP P 116 -6.50 -11.43 -24.31
CA TRP P 116 -5.30 -11.60 -23.52
C TRP P 116 -5.54 -12.75 -22.54
N PRO P 117 -4.61 -13.69 -22.41
CA PRO P 117 -3.35 -13.91 -23.14
C PRO P 117 -3.64 -14.05 -24.64
N PRO P 118 -2.68 -13.73 -25.50
CA PRO P 118 -2.91 -13.91 -26.95
C PRO P 118 -3.26 -15.35 -27.28
N THR P 119 -3.93 -15.50 -28.40
CA THR P 119 -4.11 -16.81 -29.00
C THR P 119 -2.77 -17.53 -29.16
N GLY P 120 -2.74 -18.80 -28.78
CA GLY P 120 -1.55 -19.59 -28.92
C GLY P 120 -0.56 -19.46 -27.78
N ILE P 121 -0.81 -18.63 -26.76
CA ILE P 121 0.06 -18.52 -25.58
C ILE P 121 -0.56 -19.37 -24.47
N HIS P 122 0.27 -20.18 -23.80
CA HIS P 122 -0.18 -20.96 -22.63
C HIS P 122 0.63 -20.55 -21.40
N PRO P 123 0.11 -19.64 -20.60
CA PRO P 123 0.87 -19.14 -19.43
C PRO P 123 1.25 -20.24 -18.48
N LEU P 124 2.30 -19.98 -17.70
CA LEU P 124 2.60 -20.81 -16.56
C LEU P 124 1.44 -20.77 -15.57
N ASN P 125 1.36 -21.80 -14.78
CA ASN P 125 0.38 -21.83 -13.70
C ASN P 125 0.92 -21.03 -12.52
N PRO P 126 0.27 -19.93 -12.13
CA PRO P 126 0.82 -19.09 -11.06
C PRO P 126 0.77 -19.77 -9.71
N LEU P 127 0.10 -20.91 -9.60
CA LEU P 127 0.05 -21.67 -8.35
C LEU P 127 1.16 -22.69 -8.26
N GLU P 128 2.01 -22.80 -9.28
CA GLU P 128 3.12 -23.74 -9.21
C GLU P 128 4.42 -23.04 -8.82
N VAL P 129 5.43 -23.06 -9.68
CA VAL P 129 6.72 -22.46 -9.33
C VAL P 129 6.58 -20.96 -9.03
N PRO P 130 5.77 -20.18 -9.76
CA PRO P 130 5.65 -18.76 -9.38
C PRO P 130 5.15 -18.55 -7.94
N LEU P 131 4.27 -19.42 -7.46
CA LEU P 131 3.82 -19.30 -6.06
C LEU P 131 4.97 -19.65 -5.13
N LEU P 132 5.72 -20.72 -5.44
CA LEU P 132 6.89 -21.08 -4.65
C LEU P 132 7.91 -19.92 -4.58
N ASN P 133 8.23 -19.30 -5.73
CA ASN P 133 9.12 -18.13 -5.77
C ASN P 133 8.65 -17.01 -4.84
N THR P 134 7.34 -16.80 -4.81
CA THR P 134 6.77 -15.81 -3.92
C THR P 134 7.00 -16.16 -2.46
N SER P 135 6.77 -17.43 -2.10
CA SER P 135 7.03 -17.82 -0.72
C SER P 135 8.50 -17.67 -0.38
N VAL P 136 9.37 -17.97 -1.34
CA VAL P 136 10.83 -17.88 -1.13
C VAL P 136 11.27 -16.44 -0.83
N LEU P 137 10.81 -15.48 -1.65
CA LEU P 137 11.28 -14.12 -1.45
C LEU P 137 10.66 -13.52 -0.18
N LEU P 138 9.37 -13.83 0.10
CA LEU P 138 8.74 -13.36 1.34
C LEU P 138 9.49 -13.91 2.53
N ALA P 139 9.80 -15.21 2.48
CA ALA P 139 10.54 -15.81 3.59
C ALA P 139 11.89 -15.11 3.77
N SER P 140 12.54 -14.73 2.66
CA SER P 140 13.86 -14.12 2.82
C SER P 140 13.75 -12.70 3.38
N GLY P 141 12.57 -12.06 3.26
CA GLY P 141 12.41 -10.78 3.91
C GLY P 141 12.24 -10.92 5.41
N VAL P 142 11.70 -12.06 5.86
CA VAL P 142 11.64 -12.38 7.29
C VAL P 142 13.04 -12.67 7.82
N SER P 143 13.81 -13.49 7.08
CA SER P 143 15.11 -13.89 7.61
C SER P 143 16.07 -12.72 7.60
N ILE P 144 15.95 -11.81 6.64
CA ILE P 144 16.88 -10.70 6.68
C ILE P 144 16.55 -9.77 7.84
N THR P 145 15.27 -9.67 8.23
CA THR P 145 14.90 -8.82 9.38
C THR P 145 15.44 -9.43 10.67
N TRP P 146 15.37 -10.77 10.76
CA TRP P 146 16.02 -11.46 11.86
C TRP P 146 17.52 -11.13 11.89
N ALA P 147 18.20 -11.21 10.74
CA ALA P 147 19.65 -10.86 10.72
C ALA P 147 19.89 -9.45 11.27
N HIS P 148 19.08 -8.53 10.84
CA HIS P 148 19.23 -7.14 11.25
C HIS P 148 19.08 -6.97 12.77
N HIS P 149 18.06 -7.59 13.36
CA HIS P 149 17.89 -7.51 14.81
C HIS P 149 19.01 -8.23 15.55
N SER P 150 19.49 -9.36 15.01
CA SER P 150 20.61 -10.00 15.70
C SER P 150 21.83 -9.07 15.72
N LEU P 151 22.14 -8.48 14.55
CA LEU P 151 23.25 -7.55 14.47
C LEU P 151 23.10 -6.44 15.50
N MET P 152 21.90 -5.82 15.58
CA MET P 152 21.72 -4.73 16.52
C MET P 152 21.87 -5.19 17.96
N GLU P 153 21.49 -6.43 18.25
CA GLU P 153 21.64 -7.00 19.57
C GLU P 153 23.04 -7.56 19.84
N GLY P 154 23.98 -7.44 18.92
CA GLY P 154 25.36 -7.88 19.18
C GLY P 154 25.60 -9.35 19.04
N ASP P 155 24.68 -10.09 18.42
CA ASP P 155 24.75 -11.55 18.31
C ASP P 155 25.40 -11.91 16.96
N ARG P 156 26.67 -12.21 17.00
CA ARG P 156 27.38 -12.50 15.76
C ARG P 156 26.88 -13.78 15.08
N LYS P 157 26.74 -14.85 15.83
CA LYS P 157 26.43 -16.15 15.24
C LYS P 157 25.05 -16.16 14.55
N HIS P 158 24.05 -15.58 15.21
CA HIS P 158 22.71 -15.60 14.65
C HIS P 158 22.57 -14.58 13.53
N MET P 159 23.32 -13.46 13.56
CA MET P 159 23.34 -12.60 12.37
C MET P 159 23.81 -13.40 11.14
N LEU P 160 24.92 -14.16 11.30
CA LEU P 160 25.50 -14.90 10.18
C LEU P 160 24.56 -16.00 9.71
N GLN P 161 23.94 -16.72 10.66
CA GLN P 161 23.00 -17.78 10.26
C GLN P 161 21.80 -17.21 9.48
N ALA P 162 21.21 -16.14 9.99
CA ALA P 162 20.04 -15.57 9.34
C ALA P 162 20.40 -14.99 7.97
N LEU P 163 21.57 -14.33 7.87
CA LEU P 163 22.01 -13.79 6.59
C LEU P 163 22.31 -14.93 5.60
N PHE P 164 22.94 -16.00 6.09
CA PHE P 164 23.15 -17.19 5.25
C PHE P 164 21.83 -17.71 4.69
N ILE P 165 20.82 -17.79 5.54
CA ILE P 165 19.51 -18.28 5.10
C ILE P 165 18.91 -17.33 4.06
N THR P 166 19.04 -16.01 4.30
CA THR P 166 18.53 -15.04 3.32
C THR P 166 19.18 -15.27 1.95
N ILE P 167 20.48 -15.46 1.95
CA ILE P 167 21.23 -15.57 0.70
C ILE P 167 20.86 -16.87 0.00
N THR P 168 20.78 -17.96 0.76
CA THR P 168 20.34 -19.24 0.19
C THR P 168 18.98 -19.13 -0.52
N LEU P 169 18.02 -18.43 0.10
CA LEU P 169 16.70 -18.28 -0.52
C LEU P 169 16.78 -17.46 -1.80
N GLY P 170 17.60 -16.40 -1.78
CA GLY P 170 17.86 -15.64 -3.01
C GLY P 170 18.42 -16.51 -4.13
N VAL P 171 19.41 -17.36 -3.80
CA VAL P 171 19.97 -18.30 -4.78
C VAL P 171 18.91 -19.30 -5.24
N TYR P 172 18.07 -19.75 -4.30
CA TYR P 172 17.00 -20.68 -4.66
C TYR P 172 16.03 -20.06 -5.66
N PHE P 173 15.64 -18.79 -5.44
CA PHE P 173 14.76 -18.08 -6.38
C PHE P 173 15.41 -18.03 -7.76
N THR P 174 16.72 -17.70 -7.79
CA THR P 174 17.38 -17.58 -9.09
C THR P 174 17.44 -18.93 -9.79
N LEU P 175 17.74 -20.01 -9.07
CA LEU P 175 17.75 -21.33 -9.72
C LEU P 175 16.35 -21.74 -10.18
N LEU P 176 15.33 -21.50 -9.35
CA LEU P 176 13.96 -21.82 -9.78
C LEU P 176 13.60 -21.03 -11.03
N GLN P 177 13.96 -19.76 -11.05
CA GLN P 177 13.62 -18.93 -12.19
C GLN P 177 14.39 -19.35 -13.42
N ALA P 178 15.67 -19.72 -13.26
CA ALA P 178 16.42 -20.19 -14.43
C ALA P 178 15.75 -21.43 -15.01
N SER P 179 15.33 -22.35 -14.14
CA SER P 179 14.63 -23.54 -14.59
C SER P 179 13.29 -23.19 -15.24
N GLU P 180 12.55 -22.23 -14.69
CA GLU P 180 11.28 -21.84 -15.30
C GLU P 180 11.47 -21.26 -16.70
N TYR P 181 12.51 -20.43 -16.87
CA TYR P 181 12.82 -19.88 -18.17
C TYR P 181 13.05 -20.98 -19.18
N TYR P 182 13.82 -21.99 -18.81
CA TYR P 182 14.08 -23.08 -19.74
C TYR P 182 12.83 -23.93 -20.02
N GLU P 183 11.96 -24.15 -19.03
CA GLU P 183 10.74 -24.95 -19.27
C GLU P 183 9.63 -24.18 -19.96
N ALA P 184 9.72 -22.88 -19.97
CA ALA P 184 8.62 -22.08 -20.51
C ALA P 184 8.41 -22.41 -21.99
N PRO P 185 7.17 -22.68 -22.39
CA PRO P 185 6.89 -23.00 -23.79
C PRO P 185 6.72 -21.79 -24.68
N PHE P 186 6.74 -20.59 -24.11
CA PHE P 186 6.78 -19.34 -24.85
C PHE P 186 8.17 -18.74 -24.65
N THR P 187 8.55 -17.84 -25.53
CA THR P 187 9.93 -17.34 -25.57
C THR P 187 9.85 -15.82 -25.63
N ILE P 188 11.00 -15.16 -25.57
CA ILE P 188 10.96 -13.71 -25.72
C ILE P 188 10.46 -13.27 -27.09
N SER P 189 10.59 -14.12 -28.13
CA SER P 189 10.09 -13.73 -29.45
C SER P 189 8.60 -14.04 -29.64
N ASP P 190 7.91 -14.53 -28.59
CA ASP P 190 6.48 -14.81 -28.77
C ASP P 190 5.61 -13.57 -28.52
N GLY P 191 5.81 -12.61 -29.40
CA GLY P 191 5.07 -11.37 -29.43
C GLY P 191 5.20 -10.55 -28.14
N VAL P 192 4.20 -9.68 -27.96
CA VAL P 192 4.25 -8.74 -26.83
C VAL P 192 4.07 -9.50 -25.50
N TYR P 193 3.42 -10.67 -25.50
CA TYR P 193 3.35 -11.45 -24.25
C TYR P 193 4.75 -11.90 -23.80
N GLY P 194 5.54 -12.49 -24.69
CA GLY P 194 6.86 -12.95 -24.29
C GLY P 194 7.80 -11.79 -24.03
N SER P 195 7.63 -10.71 -24.81
CA SER P 195 8.40 -9.48 -24.63
C SER P 195 8.26 -8.95 -23.21
N THR P 196 7.02 -8.75 -22.77
CA THR P 196 6.82 -8.15 -21.44
C THR P 196 7.21 -9.13 -20.35
N PHE P 197 6.87 -10.40 -20.52
CA PHE P 197 7.21 -11.43 -19.52
C PHE P 197 8.72 -11.47 -19.31
N PHE P 198 9.46 -11.66 -20.38
CA PHE P 198 10.88 -11.92 -20.20
C PHE P 198 11.66 -10.63 -19.92
N VAL P 199 11.27 -9.49 -20.49
CA VAL P 199 12.06 -8.30 -20.16
C VAL P 199 11.81 -7.89 -18.71
N ALA P 200 10.56 -7.90 -18.27
CA ALA P 200 10.25 -7.45 -16.91
C ALA P 200 10.78 -8.44 -15.87
N THR P 201 10.50 -9.74 -16.05
CA THR P 201 11.02 -10.70 -15.06
C THR P 201 12.53 -10.85 -15.16
N GLY P 202 13.10 -10.58 -16.35
CA GLY P 202 14.55 -10.71 -16.50
C GLY P 202 15.32 -9.59 -15.81
N PHE P 203 14.89 -8.32 -16.00
CA PHE P 203 15.44 -7.23 -15.20
C PHE P 203 15.26 -7.47 -13.71
N HIS P 204 14.10 -7.97 -13.30
CA HIS P 204 13.92 -8.36 -11.88
C HIS P 204 14.96 -9.39 -11.45
N GLY P 205 15.16 -10.46 -12.26
CA GLY P 205 16.12 -11.51 -11.89
C GLY P 205 17.55 -11.00 -11.82
N LEU P 206 17.91 -10.06 -12.71
CA LEU P 206 19.21 -9.37 -12.59
C LEU P 206 19.36 -8.63 -11.26
N HIS P 207 18.30 -7.91 -10.83
CA HIS P 207 18.31 -7.24 -9.53
C HIS P 207 18.34 -8.24 -8.37
N VAL P 208 17.74 -9.43 -8.53
CA VAL P 208 17.90 -10.45 -7.49
C VAL P 208 19.36 -10.87 -7.37
N ILE P 209 20.01 -11.04 -8.52
CA ILE P 209 21.41 -11.47 -8.50
C ILE P 209 22.30 -10.35 -7.94
N ILE P 210 22.07 -9.10 -8.38
CA ILE P 210 22.72 -7.92 -7.76
C ILE P 210 22.50 -7.90 -6.24
N GLY P 211 21.24 -8.03 -5.83
CA GLY P 211 20.93 -7.96 -4.39
C GLY P 211 21.57 -9.09 -3.61
N SER P 212 21.56 -10.32 -4.17
CA SER P 212 22.20 -11.45 -3.50
C SER P 212 23.71 -11.25 -3.38
N THR P 213 24.33 -10.77 -4.45
CA THR P 213 25.75 -10.41 -4.41
C THR P 213 26.03 -9.39 -3.29
N PHE P 214 25.17 -8.35 -3.18
CA PHE P 214 25.33 -7.35 -2.13
C PHE P 214 25.25 -8.02 -0.76
N LEU P 215 24.29 -8.90 -0.59
CA LEU P 215 24.16 -9.60 0.68
C LEU P 215 25.40 -10.46 0.93
N ILE P 216 25.95 -11.08 -0.14
CA ILE P 216 27.15 -11.89 0.06
C ILE P 216 28.33 -11.04 0.53
N VAL P 217 28.51 -9.85 -0.06
CA VAL P 217 29.52 -8.93 0.43
C VAL P 217 29.34 -8.68 1.93
N CYS P 218 28.10 -8.39 2.35
CA CYS P 218 27.86 -8.13 3.78
C CYS P 218 28.19 -9.34 4.61
N PHE P 219 27.91 -10.53 4.07
CA PHE P 219 28.20 -11.74 4.84
C PHE P 219 29.70 -11.85 5.13
N PHE P 220 30.55 -11.65 4.11
CA PHE P 220 31.98 -11.75 4.36
C PHE P 220 32.50 -10.58 5.19
N ARG P 221 31.91 -9.40 5.03
CA ARG P 221 32.31 -8.31 5.91
C ARG P 221 31.93 -8.63 7.35
N GLN P 222 30.74 -9.22 7.54
CA GLN P 222 30.36 -9.66 8.88
C GLN P 222 31.34 -10.71 9.42
N LEU P 223 31.71 -11.70 8.59
CA LEU P 223 32.72 -12.68 9.04
C LEU P 223 34.03 -12.01 9.51
N LYS P 224 34.38 -10.87 8.91
CA LYS P 224 35.60 -10.15 9.24
C LYS P 224 35.42 -9.06 10.29
N PHE P 225 34.28 -9.02 10.95
CA PHE P 225 34.00 -8.14 12.09
C PHE P 225 33.92 -6.65 11.71
N HIS P 226 33.66 -6.31 10.44
CA HIS P 226 33.55 -4.90 10.02
C HIS P 226 32.41 -4.16 10.71
N PHE P 227 31.28 -4.83 10.88
CA PHE P 227 30.09 -4.11 11.35
C PHE P 227 30.12 -4.01 12.85
N THR P 228 29.69 -2.87 13.39
CA THR P 228 29.38 -2.76 14.81
C THR P 228 27.87 -2.91 15.04
N SER P 229 27.51 -3.12 16.32
CA SER P 229 26.09 -3.25 16.61
C SER P 229 25.35 -1.98 16.25
N ASN P 230 26.03 -0.86 16.13
CA ASN P 230 25.35 0.38 15.83
C ASN P 230 25.65 0.94 14.46
N HIS P 231 26.72 0.50 13.80
CA HIS P 231 27.23 1.14 12.58
C HIS P 231 27.40 0.04 11.55
N HIS P 232 26.46 -0.04 10.60
CA HIS P 232 26.50 -1.11 9.59
C HIS P 232 25.65 -0.68 8.39
N PHE P 233 25.97 0.47 7.81
CA PHE P 233 25.04 0.99 6.81
C PHE P 233 25.05 0.11 5.56
N GLY P 234 26.19 -0.52 5.22
CA GLY P 234 26.20 -1.42 4.06
C GLY P 234 25.17 -2.53 4.20
N PHE P 235 24.99 -3.03 5.43
CA PHE P 235 23.95 -4.05 5.66
C PHE P 235 22.54 -3.45 5.52
N GLU P 236 22.32 -2.25 6.08
CA GLU P 236 21.01 -1.61 5.95
C GLU P 236 20.67 -1.33 4.50
N ALA P 237 21.64 -0.80 3.75
CA ALA P 237 21.40 -0.55 2.32
C ALA P 237 21.08 -1.86 1.60
N ALA P 238 21.80 -2.94 1.92
CA ALA P 238 21.52 -4.21 1.21
C ALA P 238 20.14 -4.77 1.59
N ALA P 239 19.72 -4.57 2.85
CA ALA P 239 18.37 -4.97 3.28
C ALA P 239 17.28 -4.12 2.59
N TRP P 240 17.49 -2.80 2.47
CA TRP P 240 16.52 -1.97 1.73
C TRP P 240 16.43 -2.42 0.27
N TYR P 241 17.58 -2.59 -0.37
CA TYR P 241 17.57 -3.07 -1.74
C TYR P 241 16.81 -4.40 -1.86
N TRP P 242 17.02 -5.28 -0.89
CA TRP P 242 16.42 -6.63 -0.92
C TRP P 242 14.90 -6.54 -0.77
N HIS P 243 14.42 -5.66 0.12
CA HIS P 243 12.98 -5.50 0.26
C HIS P 243 12.39 -4.92 -1.03
N PHE P 244 13.14 -4.00 -1.68
CA PHE P 244 12.73 -3.47 -2.98
C PHE P 244 12.60 -4.61 -4.01
N VAL P 245 13.58 -5.51 -4.06
CA VAL P 245 13.49 -6.67 -4.95
C VAL P 245 12.27 -7.57 -4.63
N ASP P 246 11.93 -7.70 -3.34
CA ASP P 246 10.79 -8.51 -2.94
C ASP P 246 9.49 -7.85 -3.37
N VAL P 247 9.37 -6.54 -3.17
CA VAL P 247 8.12 -5.84 -3.50
C VAL P 247 7.92 -5.81 -5.03
N VAL P 248 9.00 -5.58 -5.79
CA VAL P 248 8.86 -5.67 -7.26
C VAL P 248 8.32 -7.05 -7.67
N TRP P 249 8.92 -8.15 -7.12
CA TRP P 249 8.40 -9.48 -7.38
C TRP P 249 6.91 -9.57 -7.08
N LEU P 250 6.45 -9.02 -5.93
CA LEU P 250 5.01 -9.12 -5.63
C LEU P 250 4.13 -8.47 -6.71
N PHE P 251 4.54 -7.28 -7.20
CA PHE P 251 3.86 -6.61 -8.32
C PHE P 251 3.93 -7.45 -9.59
N LEU P 252 5.11 -8.00 -9.93
CA LEU P 252 5.18 -8.90 -11.09
C LEU P 252 4.22 -10.08 -10.95
N TYR P 253 4.22 -10.68 -9.76
CA TYR P 253 3.43 -11.89 -9.54
C TYR P 253 1.95 -11.62 -9.76
N VAL P 254 1.43 -10.58 -9.10
CA VAL P 254 0.02 -10.21 -9.21
C VAL P 254 -0.30 -9.73 -10.63
N SER P 255 0.59 -8.95 -11.24
CA SER P 255 0.29 -8.32 -12.53
C SER P 255 0.45 -9.28 -13.70
N ILE P 256 1.64 -9.82 -13.88
CA ILE P 256 1.97 -10.61 -15.05
C ILE P 256 1.60 -12.07 -14.88
N TYR P 257 1.96 -12.69 -13.76
CA TYR P 257 1.70 -14.12 -13.60
C TYR P 257 0.24 -14.40 -13.31
N TRP P 258 -0.44 -13.55 -12.55
CA TRP P 258 -1.74 -13.93 -12.01
C TRP P 258 -2.81 -13.22 -12.82
N TRP P 259 -2.88 -11.89 -12.68
CA TRP P 259 -3.90 -11.14 -13.40
C TRP P 259 -3.76 -11.30 -14.93
N GLY P 260 -2.56 -11.42 -15.45
CA GLY P 260 -2.36 -11.60 -16.88
C GLY P 260 -2.38 -13.03 -17.38
N SER P 261 -2.76 -14.01 -16.55
CA SER P 261 -2.83 -15.40 -17.00
C SER P 261 -4.18 -15.69 -17.62
N SER Q 4 45.98 49.85 -8.53
CA SER Q 4 46.93 49.51 -9.58
C SER Q 4 47.78 48.30 -9.18
N VAL Q 5 47.26 47.11 -9.47
CA VAL Q 5 47.66 45.85 -8.84
C VAL Q 5 47.61 46.06 -7.33
N VAL Q 6 46.55 45.54 -6.69
CA VAL Q 6 46.28 45.84 -5.29
C VAL Q 6 46.33 44.53 -4.50
N LYS Q 7 45.62 44.45 -3.37
CA LYS Q 7 45.85 43.39 -2.39
C LYS Q 7 44.80 42.29 -2.42
N SER Q 8 45.27 41.06 -2.31
CA SER Q 8 44.48 39.84 -2.34
C SER Q 8 43.85 39.50 -0.98
N GLU Q 9 43.66 40.48 -0.10
CA GLU Q 9 42.82 40.30 1.08
C GLU Q 9 41.62 41.22 1.07
N ASP Q 10 41.45 42.01 0.01
CA ASP Q 10 40.26 42.85 -0.10
C ASP Q 10 38.97 42.04 0.00
N TYR Q 11 39.02 40.70 -0.17
CA TYR Q 11 37.74 40.01 -0.16
C TYR Q 11 37.26 39.76 1.26
N ALA Q 12 38.16 39.60 2.24
CA ALA Q 12 37.66 39.32 3.59
C ALA Q 12 37.54 40.58 4.42
N LEU Q 13 37.87 41.74 3.85
CA LEU Q 13 37.85 42.97 4.63
C LEU Q 13 36.79 43.92 4.11
N PRO Q 14 36.19 44.74 4.96
CA PRO Q 14 35.27 45.78 4.47
C PRO Q 14 35.96 46.66 3.44
N SER Q 15 35.22 47.09 2.42
CA SER Q 15 35.76 47.85 1.31
C SER Q 15 34.87 49.06 0.99
N TYR Q 16 35.33 49.85 0.05
CA TYR Q 16 34.73 51.12 -0.32
C TYR Q 16 33.90 50.94 -1.58
N VAL Q 17 32.76 51.62 -1.64
CA VAL Q 17 31.83 51.49 -2.74
C VAL Q 17 31.14 52.84 -2.87
N ASP Q 18 30.95 53.29 -4.11
CA ASP Q 18 30.11 54.45 -4.42
C ASP Q 18 28.81 53.90 -5.00
N ARG Q 19 27.76 53.83 -4.17
CA ARG Q 19 26.44 53.35 -4.56
C ARG Q 19 25.44 54.39 -4.08
N ARG Q 20 24.57 54.89 -4.97
CA ARG Q 20 23.63 55.92 -4.53
C ARG Q 20 22.74 55.42 -3.38
N ASP Q 21 22.50 54.11 -3.31
CA ASP Q 21 21.67 53.47 -2.29
C ASP Q 21 22.50 52.95 -1.13
N TYR Q 22 23.79 53.26 -1.10
CA TYR Q 22 24.63 52.95 0.06
C TYR Q 22 25.53 54.17 0.30
N PRO Q 23 24.91 55.32 0.66
CA PRO Q 23 25.65 56.60 0.61
C PRO Q 23 26.85 56.64 1.52
N LEU Q 24 26.85 55.90 2.63
CA LEU Q 24 27.90 56.02 3.65
C LEU Q 24 28.62 54.68 3.75
N PRO Q 25 29.65 54.44 2.93
CA PRO Q 25 30.27 53.12 2.86
C PRO Q 25 31.07 52.79 4.13
N ASP Q 26 31.55 51.55 4.17
CA ASP Q 26 32.08 50.99 5.41
C ASP Q 26 33.46 51.54 5.77
N VAL Q 27 34.23 52.04 4.81
CA VAL Q 27 35.56 52.59 5.09
C VAL Q 27 35.69 53.95 4.41
N ALA Q 28 36.64 54.75 4.88
CA ALA Q 28 36.93 56.01 4.21
C ALA Q 28 37.58 55.69 2.88
N HIS Q 29 37.39 56.57 1.91
CA HIS Q 29 38.12 56.46 0.65
C HIS Q 29 39.64 56.49 0.85
N VAL Q 30 40.14 57.42 1.67
CA VAL Q 30 41.59 57.56 1.91
C VAL Q 30 41.90 56.97 3.28
N LYS Q 31 42.63 55.86 3.30
CA LYS Q 31 42.92 55.20 4.57
C LYS Q 31 44.09 55.85 5.31
N ASN Q 32 45.18 56.12 4.62
CA ASN Q 32 46.40 56.58 5.29
C ASN Q 32 46.62 58.06 5.06
N LEU Q 33 46.54 58.84 6.14
CA LEU Q 33 46.52 60.29 6.07
C LEU Q 33 47.90 60.87 6.18
N SER Q 34 48.14 61.93 5.42
CA SER Q 34 49.39 62.68 5.44
C SER Q 34 49.46 63.61 6.63
N ALA Q 35 50.62 64.25 6.79
CA ALA Q 35 50.82 65.21 7.87
C ALA Q 35 49.73 66.27 7.88
N SER Q 36 49.51 66.93 6.73
CA SER Q 36 48.55 68.01 6.65
C SER Q 36 47.12 67.49 6.72
N GLN Q 37 46.85 66.32 6.13
CA GLN Q 37 45.51 65.75 6.20
C GLN Q 37 45.09 65.49 7.65
N LYS Q 38 45.99 64.88 8.42
CA LYS Q 38 45.70 64.66 9.84
C LYS Q 38 45.37 65.96 10.56
N ALA Q 39 46.11 67.02 10.27
CA ALA Q 39 45.84 68.30 10.95
C ALA Q 39 44.53 68.90 10.47
N LEU Q 40 44.27 68.83 9.17
CA LEU Q 40 42.92 69.09 8.68
C LEU Q 40 41.87 68.33 9.49
N LYS Q 41 42.15 67.06 9.80
CA LYS Q 41 41.20 66.27 10.58
C LYS Q 41 41.06 66.83 11.99
N GLU Q 42 42.13 67.37 12.56
CA GLU Q 42 42.01 68.06 13.83
C GLU Q 42 41.22 69.35 13.67
N LYS Q 43 41.53 70.13 12.62
CA LYS Q 43 40.74 71.33 12.39
C LYS Q 43 39.25 71.01 12.33
N GLU Q 44 38.90 69.84 11.77
CA GLU Q 44 37.51 69.45 11.63
C GLU Q 44 36.79 69.32 12.98
N LYS Q 45 37.52 69.14 14.09
CA LYS Q 45 36.84 69.07 15.39
C LYS Q 45 36.41 70.42 15.93
N ALA Q 46 36.81 71.52 15.29
CA ALA Q 46 36.33 72.84 15.63
C ALA Q 46 35.17 73.20 14.70
N SER Q 47 34.59 74.38 14.96
CA SER Q 47 33.48 74.90 14.16
C SER Q 47 33.76 74.80 12.67
N TRP Q 48 32.82 74.20 11.92
CA TRP Q 48 33.01 74.08 10.49
C TRP Q 48 32.89 75.41 9.77
N SER Q 49 32.27 76.39 10.41
CA SER Q 49 32.28 77.76 9.90
C SER Q 49 33.70 78.28 9.79
N SER Q 50 34.55 77.95 10.75
CA SER Q 50 35.94 78.38 10.68
C SER Q 50 36.72 77.65 9.58
N LEU Q 51 36.05 76.77 8.82
CA LEU Q 51 36.66 75.98 7.77
C LEU Q 51 36.41 76.63 6.41
N SER Q 52 37.39 76.54 5.52
CA SER Q 52 37.20 77.14 4.20
C SER Q 52 36.61 76.14 3.19
N ILE Q 53 36.26 76.68 2.02
CA ILE Q 53 35.66 75.90 0.93
C ILE Q 53 36.62 74.80 0.47
N ASP Q 54 37.86 75.17 0.16
CA ASP Q 54 38.84 74.18 -0.28
C ASP Q 54 39.07 73.10 0.77
N GLU Q 55 39.06 73.48 2.05
CA GLU Q 55 39.27 72.48 3.11
C GLU Q 55 38.08 71.55 3.23
N LYS Q 56 36.87 72.07 3.05
CA LYS Q 56 35.68 71.24 3.13
C LYS Q 56 35.65 70.24 2.00
N VAL Q 57 36.02 70.67 0.79
CA VAL Q 57 36.18 69.76 -0.35
C VAL Q 57 37.25 68.70 -0.03
N GLU Q 58 38.35 69.11 0.60
CA GLU Q 58 39.40 68.15 0.95
C GLU Q 58 38.90 67.12 1.95
N LEU Q 59 38.10 67.56 2.93
CA LEU Q 59 37.49 66.62 3.87
C LEU Q 59 36.57 65.66 3.13
N TYR Q 60 35.75 66.20 2.23
CA TYR Q 60 34.85 65.36 1.43
C TYR Q 60 35.62 64.35 0.60
N ARG Q 61 36.77 64.74 0.08
CA ARG Q 61 37.53 63.84 -0.79
C ARG Q 61 38.41 62.86 0.00
N LEU Q 62 38.68 63.13 1.29
CA LEU Q 62 39.31 62.10 2.11
C LEU Q 62 38.33 60.96 2.39
N LYS Q 63 37.05 61.28 2.52
CA LYS Q 63 36.05 60.28 2.88
C LYS Q 63 35.48 59.55 1.68
N PHE Q 64 35.22 60.26 0.58
CA PHE Q 64 34.51 59.71 -0.56
C PHE Q 64 35.37 59.84 -1.82
N LYS Q 65 35.17 58.93 -2.76
CA LYS Q 65 35.91 59.00 -4.02
C LYS Q 65 35.17 59.84 -5.07
N GLU Q 66 33.95 59.44 -5.45
CA GLU Q 66 33.16 60.27 -6.35
C GLU Q 66 31.92 60.83 -5.66
N SER Q 67 31.54 62.04 -6.08
CA SER Q 67 30.32 62.64 -5.59
C SER Q 67 29.14 61.95 -6.24
N PHE Q 68 27.93 62.26 -5.74
CA PHE Q 68 26.73 61.72 -6.37
C PHE Q 68 26.64 62.12 -7.84
N ALA Q 69 26.93 63.39 -8.16
CA ALA Q 69 26.87 63.83 -9.55
C ALA Q 69 27.86 63.06 -10.42
N GLU Q 70 29.09 62.87 -9.94
CA GLU Q 70 30.07 62.13 -10.70
C GLU Q 70 29.66 60.66 -10.85
N MET Q 71 29.35 59.99 -9.75
CA MET Q 71 29.06 58.58 -9.91
C MET Q 71 27.84 58.36 -10.79
N ASN Q 72 26.96 59.35 -10.93
CA ASN Q 72 25.74 59.16 -11.69
C ASN Q 72 25.84 59.59 -13.16
N ARG Q 73 27.03 59.80 -13.70
CA ARG Q 73 27.12 60.45 -15.02
C ARG Q 73 26.83 59.47 -16.16
N SER Q 74 26.16 59.96 -17.20
CA SER Q 74 26.04 59.19 -18.42
C SER Q 74 27.37 59.13 -19.16
N THR Q 75 27.50 58.16 -20.08
CA THR Q 75 28.71 57.97 -20.89
C THR Q 75 28.33 57.84 -22.36
N ASN Q 76 29.33 57.81 -23.23
CA ASN Q 76 29.10 57.57 -24.66
C ASN Q 76 29.23 56.10 -25.06
N GLU Q 77 29.19 55.19 -24.10
CA GLU Q 77 29.42 53.78 -24.40
C GLU Q 77 28.39 53.24 -25.40
N TRP Q 78 27.13 53.71 -25.33
CA TRP Q 78 26.10 53.23 -26.25
C TRP Q 78 26.50 53.41 -27.69
N LYS Q 79 27.29 54.44 -28.00
CA LYS Q 79 27.68 54.66 -29.38
C LYS Q 79 28.59 53.55 -29.85
N THR Q 80 29.54 53.17 -29.00
CA THR Q 80 30.47 52.12 -29.35
C THR Q 80 29.75 50.78 -29.50
N VAL Q 81 28.76 50.52 -28.64
CA VAL Q 81 28.08 49.22 -28.61
C VAL Q 81 27.21 49.06 -29.86
N VAL Q 82 26.33 50.02 -30.12
CA VAL Q 82 25.46 49.99 -31.31
C VAL Q 82 26.29 49.96 -32.57
N GLY Q 83 27.27 50.86 -32.67
CA GLY Q 83 28.09 50.92 -33.87
C GLY Q 83 28.85 49.62 -34.12
N ALA Q 84 29.47 49.06 -33.07
CA ALA Q 84 30.19 47.81 -33.25
C ALA Q 84 29.22 46.67 -33.57
N ALA Q 85 28.03 46.71 -32.96
CA ALA Q 85 27.05 45.66 -33.27
C ALA Q 85 26.65 45.73 -34.74
N MET Q 86 26.42 46.93 -35.26
CA MET Q 86 26.15 47.05 -36.70
C MET Q 86 27.32 46.59 -37.54
N PHE Q 87 28.57 46.85 -37.08
CA PHE Q 87 29.69 46.41 -37.90
C PHE Q 87 29.72 44.90 -38.04
N PHE Q 88 29.40 44.16 -36.96
CA PHE Q 88 29.49 42.70 -37.03
C PHE Q 88 28.29 42.11 -37.75
N ILE Q 89 27.14 42.79 -37.65
CA ILE Q 89 25.98 42.40 -38.44
C ILE Q 89 26.28 42.65 -39.90
N GLY Q 90 26.90 43.79 -40.19
CA GLY Q 90 27.40 44.04 -41.53
C GLY Q 90 28.36 42.96 -42.01
N PHE Q 91 29.33 42.59 -41.17
CA PHE Q 91 30.25 41.50 -41.51
C PHE Q 91 29.52 40.20 -41.87
N THR Q 92 28.43 39.90 -41.16
CA THR Q 92 27.61 38.71 -41.44
C THR Q 92 27.07 38.69 -42.87
N ALA Q 93 26.71 39.87 -43.42
CA ALA Q 93 26.19 39.87 -44.79
C ALA Q 93 27.28 39.46 -45.77
N LEU Q 94 28.54 39.68 -45.37
CA LEU Q 94 29.68 39.21 -46.16
C LEU Q 94 29.70 37.69 -46.22
N LEU Q 95 29.42 37.02 -45.11
CA LEU Q 95 29.34 35.57 -45.16
C LEU Q 95 28.18 35.12 -46.01
N LEU Q 96 27.08 35.87 -45.96
CA LEU Q 96 25.90 35.50 -46.76
C LEU Q 96 26.17 35.70 -48.27
N ILE Q 97 26.84 36.79 -48.65
CA ILE Q 97 27.32 37.00 -50.02
C ILE Q 97 28.25 35.86 -50.44
N TRP Q 98 29.22 35.53 -49.58
CA TRP Q 98 30.11 34.42 -49.89
C TRP Q 98 29.33 33.13 -50.13
N GLU Q 99 28.31 32.88 -49.29
CA GLU Q 99 27.58 31.62 -49.40
C GLU Q 99 26.77 31.58 -50.69
N LYS Q 100 26.15 32.70 -51.06
CA LYS Q 100 25.35 32.67 -52.27
C LYS Q 100 26.23 32.51 -53.52
N HIS Q 101 27.46 33.03 -53.49
CA HIS Q 101 28.38 32.95 -54.62
C HIS Q 101 28.98 31.56 -54.79
N TYR Q 102 29.39 30.91 -53.70
CA TYR Q 102 30.20 29.70 -53.79
C TYR Q 102 29.52 28.43 -53.36
N VAL Q 103 28.42 28.50 -52.60
CA VAL Q 103 27.74 27.31 -52.08
C VAL Q 103 26.43 27.05 -52.84
N TYR Q 104 25.56 28.05 -52.91
CA TYR Q 104 24.25 27.85 -53.50
C TYR Q 104 24.35 27.74 -55.04
N GLY Q 105 23.68 26.74 -55.65
CA GLY Q 105 23.53 26.62 -57.08
C GLY Q 105 22.28 27.35 -57.56
N PRO Q 106 21.79 27.08 -58.78
CA PRO Q 106 20.58 27.78 -59.22
C PRO Q 106 19.38 27.26 -58.45
N ILE Q 107 18.36 28.11 -58.36
CA ILE Q 107 17.10 27.70 -57.70
C ILE Q 107 16.21 27.02 -58.74
N PRO Q 108 15.12 26.34 -58.36
CA PRO Q 108 14.33 25.61 -59.36
C PRO Q 108 13.69 26.52 -60.41
N HIS Q 109 13.34 25.92 -61.56
CA HIS Q 109 12.80 26.68 -62.70
C HIS Q 109 11.43 27.26 -62.40
N THR Q 110 10.75 26.78 -61.36
CA THR Q 110 9.43 27.30 -61.04
C THR Q 110 9.44 28.73 -60.54
N PHE Q 111 10.62 29.32 -60.34
CA PHE Q 111 10.73 30.72 -59.99
C PHE Q 111 10.99 31.60 -61.20
N GLU Q 112 11.16 31.00 -62.38
CA GLU Q 112 11.37 31.85 -63.56
C GLU Q 112 10.11 32.66 -63.81
N GLU Q 113 10.30 33.83 -64.40
CA GLU Q 113 9.20 34.81 -64.45
C GLU Q 113 8.00 34.28 -65.21
N GLU Q 114 8.23 33.51 -66.27
CA GLU Q 114 7.07 33.01 -67.02
C GLU Q 114 6.36 31.89 -66.26
N TRP Q 115 7.11 31.00 -65.60
CA TRP Q 115 6.45 30.01 -64.75
C TRP Q 115 5.58 30.70 -63.71
N VAL Q 116 6.15 31.70 -63.03
CA VAL Q 116 5.42 32.43 -61.98
C VAL Q 116 4.15 33.04 -62.56
N ALA Q 117 4.22 33.62 -63.78
CA ALA Q 117 3.02 34.24 -64.35
C ALA Q 117 1.93 33.21 -64.60
N LYS Q 118 2.29 32.04 -65.12
CA LYS Q 118 1.31 30.99 -65.39
C LYS Q 118 0.75 30.41 -64.10
N GLN Q 119 1.63 30.09 -63.13
CA GLN Q 119 1.21 29.50 -61.85
C GLN Q 119 0.30 30.45 -61.08
N THR Q 120 0.60 31.75 -61.17
CA THR Q 120 -0.28 32.77 -60.59
C THR Q 120 -1.70 32.70 -61.18
N LYS Q 121 -1.82 32.69 -62.51
CA LYS Q 121 -3.14 32.56 -63.12
C LYS Q 121 -3.83 31.26 -62.69
N ARG Q 122 -3.12 30.14 -62.77
CA ARG Q 122 -3.74 28.88 -62.35
C ARG Q 122 -4.21 28.95 -60.88
N MET Q 123 -3.49 29.68 -60.01
CA MET Q 123 -3.96 29.83 -58.63
C MET Q 123 -5.23 30.67 -58.57
N LEU Q 124 -5.31 31.72 -59.40
CA LEU Q 124 -6.55 32.50 -59.50
C LEU Q 124 -7.68 31.65 -60.08
N ASP Q 125 -7.36 30.80 -61.06
CA ASP Q 125 -8.36 29.91 -61.65
C ASP Q 125 -8.94 28.97 -60.62
N MET Q 126 -8.11 28.46 -59.70
CA MET Q 126 -8.63 27.58 -58.67
C MET Q 126 -9.01 28.38 -57.43
N LYS Q 127 -8.96 29.71 -57.51
CA LYS Q 127 -9.45 30.57 -56.43
C LYS Q 127 -8.76 30.25 -55.09
N VAL Q 128 -7.44 30.11 -55.13
CA VAL Q 128 -6.63 30.01 -53.92
C VAL Q 128 -6.99 31.14 -52.99
N ALA Q 129 -7.42 30.79 -51.78
CA ALA Q 129 -7.60 31.80 -50.73
C ALA Q 129 -8.54 32.91 -51.22
N PRO Q 130 -9.80 32.58 -51.52
CA PRO Q 130 -10.72 33.52 -52.16
C PRO Q 130 -11.42 34.44 -51.18
N ILE Q 131 -11.31 34.21 -49.87
CA ILE Q 131 -12.02 35.04 -48.91
C ILE Q 131 -11.16 36.22 -48.48
N GLN Q 132 -9.86 36.02 -48.29
CA GLN Q 132 -8.98 37.12 -47.88
C GLN Q 132 -7.58 37.01 -48.47
N GLY Q 133 -7.03 35.80 -48.59
CA GLY Q 133 -5.59 35.66 -48.67
C GLY Q 133 -4.97 36.01 -50.01
N PHE Q 134 -5.61 35.64 -51.12
CA PHE Q 134 -4.91 35.77 -52.41
C PHE Q 134 -5.87 36.13 -53.55
N SER Q 135 -6.72 35.18 -53.95
CA SER Q 135 -7.73 35.43 -55.00
C SER Q 135 -8.69 36.53 -54.58
N ALA Q 136 -8.91 36.72 -53.28
CA ALA Q 136 -9.72 37.84 -52.82
C ALA Q 136 -9.16 39.18 -53.24
N LYS Q 137 -7.91 39.21 -53.70
CA LYS Q 137 -7.21 40.44 -54.04
C LYS Q 137 -7.13 40.64 -55.53
N TRP Q 138 -7.79 39.76 -56.27
CA TRP Q 138 -7.95 39.80 -57.71
C TRP Q 138 -9.37 40.20 -58.06
N ASP Q 139 -9.53 41.14 -59.00
CA ASP Q 139 -10.85 41.51 -59.51
C ASP Q 139 -11.19 40.56 -60.66
N TYR Q 140 -12.14 39.67 -60.44
CA TYR Q 140 -12.52 38.75 -61.49
C TYR Q 140 -13.41 39.40 -62.54
N ASP Q 141 -14.01 40.56 -62.25
CA ASP Q 141 -14.77 41.27 -63.28
C ASP Q 141 -13.84 42.06 -64.18
N LYS Q 142 -13.09 43.01 -63.60
CA LYS Q 142 -12.18 43.84 -64.38
C LYS Q 142 -10.87 43.15 -64.78
N ASN Q 143 -10.63 41.92 -64.36
CA ASN Q 143 -9.48 41.15 -64.86
C ASN Q 143 -8.16 41.83 -64.50
N GLU Q 144 -8.07 42.36 -63.27
CA GLU Q 144 -6.83 42.95 -62.77
C GLU Q 144 -6.77 42.75 -61.25
N TRP Q 145 -5.61 43.12 -60.67
CA TRP Q 145 -5.46 43.15 -59.22
C TRP Q 145 -6.29 44.30 -58.68
N LYS Q 146 -7.07 44.04 -57.64
CA LYS Q 146 -7.83 45.14 -57.07
C LYS Q 146 -6.88 46.24 -56.59
N LYS Q 147 -7.23 47.47 -56.91
CA LYS Q 147 -6.44 48.63 -56.54
C LYS Q 147 -7.10 49.26 -55.32
N HIS R 5 0.15 49.95 9.46
CA HIS R 5 1.56 49.97 9.86
C HIS R 5 1.75 50.90 11.06
N GLU R 6 2.45 52.02 10.85
CA GLU R 6 2.53 53.11 11.82
C GLU R 6 2.22 54.41 11.11
N THR R 7 1.94 55.46 11.89
CA THR R 7 1.71 56.76 11.28
C THR R 7 3.03 57.40 10.84
N ASP R 8 2.94 58.32 9.88
CA ASP R 8 4.13 59.06 9.43
C ASP R 8 4.78 59.75 10.60
N GLU R 9 3.95 60.30 11.49
CA GLU R 9 4.44 60.98 12.66
C GLU R 9 5.27 60.05 13.53
N GLU R 10 4.84 58.78 13.66
CA GLU R 10 5.52 57.85 14.57
C GLU R 10 6.82 57.36 13.96
N PHE R 11 6.76 57.04 12.67
CA PHE R 11 7.95 56.78 11.88
C PHE R 11 8.95 57.90 12.04
N ASP R 12 8.53 59.14 11.77
CA ASP R 12 9.44 60.26 11.84
C ASP R 12 10.03 60.42 13.24
N ALA R 13 9.21 60.22 14.28
CA ALA R 13 9.71 60.42 15.64
C ALA R 13 10.78 59.38 15.98
N ARG R 14 10.54 58.11 15.63
CA ARG R 14 11.53 57.05 15.85
CA ARG R 14 11.52 57.06 15.86
C ARG R 14 12.86 57.40 15.22
N TRP R 15 12.83 57.94 14.01
CA TRP R 15 14.08 58.27 13.34
C TRP R 15 14.72 59.53 13.89
N VAL R 16 13.93 60.52 14.32
CA VAL R 16 14.55 61.68 14.97
C VAL R 16 15.25 61.26 16.26
N THR R 17 14.56 60.46 17.08
CA THR R 17 15.18 59.90 18.29
C THR R 17 16.49 59.18 17.96
N TYR R 18 16.47 58.34 16.94
CA TYR R 18 17.63 57.54 16.60
C TYR R 18 18.87 58.40 16.42
N PHE R 19 18.78 59.38 15.54
CA PHE R 19 19.94 60.20 15.27
C PHE R 19 20.26 61.17 16.39
N ASN R 20 19.30 61.42 17.28
CA ASN R 20 19.57 62.39 18.34
C ASN R 20 20.29 61.80 19.54
N LYS R 21 20.45 60.49 19.61
CA LYS R 21 21.08 59.86 20.77
C LYS R 21 22.45 60.50 20.95
N PRO R 22 22.75 61.12 22.10
CA PRO R 22 23.98 61.91 22.18
C PRO R 22 25.23 61.12 21.83
N ASP R 23 25.34 59.87 22.27
CA ASP R 23 26.56 59.10 22.02
C ASP R 23 26.39 58.11 20.88
N ILE R 24 25.54 58.41 19.89
CA ILE R 24 25.50 57.60 18.68
C ILE R 24 26.91 57.46 18.15
N ASP R 25 27.28 56.27 17.67
CA ASP R 25 28.62 56.16 17.13
C ASP R 25 28.60 56.23 15.61
N ALA R 26 29.79 56.19 15.04
CA ALA R 26 29.91 56.28 13.58
C ALA R 26 29.19 55.10 12.90
N TRP R 27 29.31 53.92 13.47
CA TRP R 27 28.69 52.76 12.85
C TRP R 27 27.16 52.94 12.80
N GLU R 28 26.58 53.44 13.89
CA GLU R 28 25.14 53.65 13.94
C GLU R 28 24.67 54.79 13.04
N LEU R 29 25.49 55.83 12.87
CA LEU R 29 25.18 56.90 11.91
C LEU R 29 25.08 56.35 10.49
N ARG R 30 26.06 55.55 10.09
CA ARG R 30 26.02 54.95 8.76
C ARG R 30 24.86 53.96 8.62
N LYS R 31 24.68 53.10 9.62
CA LYS R 31 23.60 52.12 9.59
C LYS R 31 22.26 52.81 9.44
N GLY R 32 22.07 53.91 10.18
CA GLY R 32 20.82 54.64 10.11
C GLY R 32 20.56 55.22 8.75
N MET R 33 21.57 55.90 8.17
CA MET R 33 21.36 56.57 6.89
C MET R 33 21.23 55.56 5.75
N ASN R 34 22.03 54.49 5.76
CA ASN R 34 21.94 53.50 4.70
C ASN R 34 20.63 52.74 4.75
N THR R 35 20.07 52.56 5.95
CA THR R 35 18.77 51.92 6.06
C THR R 35 17.67 52.85 5.57
N LEU R 36 17.69 54.10 6.02
CA LEU R 36 16.65 55.06 5.70
C LEU R 36 16.46 55.26 4.18
N VAL R 37 17.55 55.36 3.41
CA VAL R 37 17.40 55.60 1.97
C VAL R 37 16.93 54.35 1.23
N GLY R 38 16.74 53.23 1.95
CA GLY R 38 16.08 52.08 1.29
C GLY R 38 14.57 52.26 1.14
N TYR R 39 13.98 53.19 1.88
CA TYR R 39 12.54 53.28 1.89
C TYR R 39 12.04 54.11 0.73
N ASP R 40 10.74 53.98 0.46
CA ASP R 40 10.10 54.75 -0.60
C ASP R 40 9.66 56.10 -0.04
N LEU R 41 10.68 56.95 0.20
CA LEU R 41 10.44 58.29 0.76
C LEU R 41 11.73 59.10 0.75
N VAL R 42 11.57 60.43 0.76
CA VAL R 42 12.65 61.37 1.02
C VAL R 42 12.49 61.78 2.47
N PRO R 43 13.51 61.61 3.30
CA PRO R 43 13.33 61.82 4.75
C PRO R 43 12.91 63.24 5.06
N GLU R 44 11.99 63.39 6.01
CA GLU R 44 11.57 64.71 6.49
C GLU R 44 12.75 65.57 6.96
N PRO R 45 12.73 66.88 6.70
CA PRO R 45 13.77 67.77 7.23
C PRO R 45 14.11 67.54 8.70
N LYS R 46 13.13 67.24 9.55
CA LYS R 46 13.45 67.05 10.97
C LYS R 46 14.30 65.79 11.21
N ILE R 47 14.11 64.75 10.39
CA ILE R 47 15.01 63.61 10.46
C ILE R 47 16.40 64.02 10.00
N ILE R 48 16.49 64.68 8.83
CA ILE R 48 17.80 65.11 8.30
C ILE R 48 18.55 66.00 9.30
N ASP R 49 17.83 66.92 9.92
CA ASP R 49 18.42 67.80 10.93
C ASP R 49 19.05 66.99 12.07
N ALA R 50 18.33 66.00 12.59
CA ALA R 50 18.93 65.16 13.64
C ALA R 50 20.17 64.44 13.11
N ALA R 51 20.12 63.95 11.87
CA ALA R 51 21.28 63.25 11.30
C ALA R 51 22.47 64.19 11.16
N LEU R 52 22.23 65.41 10.71
CA LEU R 52 23.32 66.37 10.52
C LEU R 52 23.99 66.71 11.83
N ARG R 53 23.21 66.81 12.90
CA ARG R 53 23.75 67.13 14.18
C ARG R 53 24.53 65.95 14.76
N ALA R 54 24.14 64.72 14.42
CA ALA R 54 24.95 63.56 14.77
C ALA R 54 26.30 63.64 14.07
N CYS R 55 26.31 64.01 12.77
CA CYS R 55 27.58 64.24 12.08
C CYS R 55 28.43 65.22 12.88
N ARG R 56 27.81 66.30 13.37
CA ARG R 56 28.56 67.28 14.17
C ARG R 56 29.16 66.62 15.40
N ARG R 57 28.33 65.90 16.18
CA ARG R 57 28.83 65.21 17.36
C ARG R 57 29.93 64.24 17.01
N LEU R 58 29.94 63.71 15.78
CA LEU R 58 30.95 62.73 15.42
C LEU R 58 32.11 63.35 14.64
N ASN R 59 32.17 64.68 14.54
CA ASN R 59 33.27 65.39 13.87
C ASN R 59 33.45 64.92 12.42
N ASP R 60 32.33 64.70 11.71
CA ASP R 60 32.33 64.20 10.33
C ASP R 60 31.62 65.19 9.44
N PHE R 61 32.36 66.16 8.92
CA PHE R 61 31.76 67.13 8.01
C PHE R 61 31.43 66.47 6.67
N ALA R 62 32.26 65.53 6.21
CA ALA R 62 32.04 64.98 4.89
C ALA R 62 30.73 64.20 4.83
N SER R 63 30.43 63.39 5.85
CA SER R 63 29.14 62.67 5.85
C SER R 63 27.95 63.63 5.84
N ALA R 64 28.11 64.81 6.45
CA ALA R 64 27.06 65.82 6.41
C ALA R 64 26.73 66.22 4.98
N VAL R 65 27.76 66.46 4.16
CA VAL R 65 27.51 66.80 2.76
C VAL R 65 26.85 65.62 2.07
N ARG R 66 27.35 64.42 2.35
CA ARG R 66 26.87 63.23 1.65
C ARG R 66 25.38 63.05 1.88
N ILE R 67 24.94 63.33 3.10
CA ILE R 67 23.54 63.20 3.47
C ILE R 67 22.67 64.15 2.64
N LEU R 68 23.08 65.43 2.50
CA LEU R 68 22.35 66.32 1.59
C LEU R 68 22.29 65.76 0.16
N GLU R 69 23.40 65.22 -0.34
CA GLU R 69 23.41 64.59 -1.65
C GLU R 69 22.37 63.48 -1.77
N VAL R 70 22.26 62.61 -0.76
CA VAL R 70 21.36 61.46 -0.97
C VAL R 70 19.90 61.93 -0.83
N VAL R 71 19.66 62.98 -0.03
CA VAL R 71 18.32 63.57 0.02
C VAL R 71 17.92 64.04 -1.37
N LYS R 72 18.83 64.76 -2.03
CA LYS R 72 18.53 65.20 -3.38
C LYS R 72 18.33 64.00 -4.31
N ASP R 73 19.14 62.96 -4.15
CA ASP R 73 19.08 61.78 -5.02
C ASP R 73 17.77 61.04 -4.86
N LYS R 74 17.26 60.93 -3.63
CA LYS R 74 16.07 60.13 -3.35
C LYS R 74 14.81 60.74 -3.94
N ALA R 75 14.84 62.06 -4.21
CA ALA R 75 13.71 62.74 -4.83
C ALA R 75 13.57 62.44 -6.32
N GLY R 76 14.61 61.89 -6.96
CA GLY R 76 14.52 61.53 -8.37
C GLY R 76 14.13 62.73 -9.21
N PRO R 77 13.10 62.60 -10.06
CA PRO R 77 12.76 63.71 -10.96
C PRO R 77 12.00 64.85 -10.28
N HIS R 78 11.69 64.70 -9.00
CA HIS R 78 10.78 65.60 -8.29
C HIS R 78 11.61 66.77 -7.77
N LYS R 79 11.84 67.71 -8.67
CA LYS R 79 12.84 68.74 -8.51
C LYS R 79 12.56 69.68 -7.36
N GLU R 80 11.32 69.80 -6.91
CA GLU R 80 11.12 70.79 -5.88
C GLU R 80 11.29 70.24 -4.47
N ILE R 81 11.62 68.97 -4.28
CA ILE R 81 11.81 68.47 -2.91
C ILE R 81 13.08 69.07 -2.29
N TYR R 82 14.19 68.99 -3.00
CA TYR R 82 15.47 69.43 -2.44
C TYR R 82 15.49 70.93 -2.10
N PRO R 83 15.07 71.86 -2.98
CA PRO R 83 15.00 73.28 -2.57
C PRO R 83 14.14 73.50 -1.32
N TYR R 84 13.03 72.77 -1.21
CA TYR R 84 12.24 72.88 0.00
C TYR R 84 13.02 72.35 1.20
N VAL R 85 13.65 71.17 1.08
CA VAL R 85 14.40 70.63 2.22
C VAL R 85 15.49 71.60 2.66
N ILE R 86 16.24 72.13 1.70
CA ILE R 86 17.33 73.02 2.03
C ILE R 86 16.79 74.27 2.72
N GLN R 87 15.64 74.78 2.25
CA GLN R 87 14.97 75.89 2.89
C GLN R 87 14.67 75.59 4.36
N GLU R 88 14.16 74.41 4.65
CA GLU R 88 13.81 74.09 6.04
C GLU R 88 15.03 73.87 6.91
N LEU R 89 16.16 73.50 6.31
CA LEU R 89 17.39 73.15 7.03
C LEU R 89 18.34 74.33 7.17
N ARG R 90 18.09 75.41 6.45
CA ARG R 90 19.03 76.53 6.35
C ARG R 90 19.50 77.07 7.71
N PRO R 91 18.63 77.24 8.73
CA PRO R 91 19.16 77.66 10.04
C PRO R 91 20.16 76.66 10.60
N THR R 92 19.84 75.37 10.52
CA THR R 92 20.75 74.34 11.00
C THR R 92 22.05 74.40 10.23
N LEU R 93 21.98 74.54 8.91
CA LEU R 93 23.19 74.66 8.11
C LEU R 93 24.02 75.87 8.54
N ASN R 94 23.38 77.01 8.80
CA ASN R 94 24.13 78.20 9.22
C ASN R 94 24.78 77.96 10.57
N GLU R 95 24.01 77.42 11.50
CA GLU R 95 24.51 77.19 12.85
C GLU R 95 25.74 76.28 12.83
N LEU R 96 25.69 75.20 12.08
CA LEU R 96 26.78 74.24 12.14
C LEU R 96 27.87 74.53 11.12
N GLY R 97 27.67 75.50 10.24
CA GLY R 97 28.64 75.74 9.18
C GLY R 97 28.70 74.68 8.10
N ILE R 98 27.57 74.03 7.79
CA ILE R 98 27.56 72.99 6.74
C ILE R 98 27.37 73.67 5.38
N SER R 99 28.33 73.48 4.47
CA SER R 99 28.14 73.91 3.09
C SER R 99 27.33 72.88 2.31
N THR R 100 26.53 73.35 1.36
CA THR R 100 25.81 72.40 0.50
C THR R 100 26.73 71.83 -0.56
N PRO R 101 26.38 70.66 -1.11
CA PRO R 101 27.15 70.12 -2.25
C PRO R 101 27.30 71.10 -3.40
N GLU R 102 26.25 71.88 -3.69
CA GLU R 102 26.29 72.89 -4.75
C GLU R 102 27.24 74.02 -4.39
N GLU R 103 27.18 74.48 -3.12
CA GLU R 103 28.14 75.46 -2.63
C GLU R 103 29.57 74.93 -2.66
N LEU R 104 29.76 73.61 -2.62
CA LEU R 104 31.10 73.04 -2.74
C LEU R 104 31.45 72.68 -4.17
N GLY R 105 30.57 72.97 -5.12
CA GLY R 105 30.78 72.50 -6.48
C GLY R 105 30.73 71.01 -6.67
N LEU R 106 30.23 70.24 -5.69
CA LEU R 106 30.19 68.79 -5.79
C LEU R 106 29.01 68.29 -6.61
N ASP R 107 28.27 69.19 -7.25
CA ASP R 107 27.13 68.85 -8.06
C ASP R 107 27.41 68.85 -9.56
N LYS R 108 28.65 69.10 -9.98
CA LYS R 108 28.99 69.13 -11.39
C LYS R 108 29.67 67.82 -11.80
N VAL R 109 29.25 67.26 -12.94
CA VAL R 109 29.75 65.95 -13.35
C VAL R 109 31.17 66.06 -13.86
N ALA S 1 20.14 -18.12 23.79
CA ALA S 1 20.00 -17.85 22.37
C ALA S 1 20.90 -16.67 22.00
N SER S 2 20.60 -15.50 22.54
CA SER S 2 21.48 -14.33 22.42
C SER S 2 22.91 -14.69 22.83
N GLY S 3 23.86 -14.32 21.97
CA GLY S 3 25.26 -14.44 22.28
C GLY S 3 25.90 -13.12 21.86
N GLY S 4 27.23 -13.04 21.88
CA GLY S 4 27.91 -11.78 21.51
C GLY S 4 28.81 -11.91 20.30
N GLY S 5 30.02 -11.30 20.35
CA GLY S 5 30.99 -11.29 19.27
C GLY S 5 30.85 -10.18 18.22
N VAL S 6 29.94 -9.24 18.41
CA VAL S 6 29.80 -8.10 17.52
C VAL S 6 30.46 -6.91 18.20
N PRO S 7 31.45 -6.27 17.59
CA PRO S 7 32.10 -5.10 18.23
C PRO S 7 31.14 -3.93 18.40
N THR S 8 31.44 -3.08 19.39
CA THR S 8 30.69 -1.84 19.63
C THR S 8 31.43 -0.68 19.00
N ASP S 9 30.72 0.46 18.82
CA ASP S 9 31.41 1.66 18.35
C ASP S 9 32.55 2.06 19.31
N GLU S 10 32.28 1.97 20.62
CA GLU S 10 33.27 2.29 21.65
C GLU S 10 34.54 1.46 21.47
N GLU S 11 34.41 0.20 21.03
CA GLU S 11 35.60 -0.64 20.83
C GLU S 11 36.31 -0.35 19.52
N GLN S 12 35.53 -0.07 18.46
CA GLN S 12 36.07 -0.16 17.12
C GLN S 12 35.96 1.11 16.24
N ALA S 13 35.11 2.07 16.57
CA ALA S 13 35.14 3.35 15.84
C ALA S 13 36.54 3.96 15.89
N THR S 14 36.94 4.59 14.78
CA THR S 14 38.30 5.15 14.64
C THR S 14 38.23 6.52 13.93
N GLY S 15 39.38 7.17 13.76
CA GLY S 15 39.43 8.38 12.96
C GLY S 15 38.44 9.45 13.39
N LEU S 16 37.86 10.14 12.43
CA LEU S 16 36.98 11.25 12.78
C LEU S 16 35.68 10.75 13.45
N GLU S 17 35.14 9.61 13.00
CA GLU S 17 33.96 9.05 13.67
C GLU S 17 34.19 8.94 15.17
N ARG S 18 35.34 8.37 15.57
CA ARG S 18 35.60 8.24 16.98
C ARG S 18 35.73 9.61 17.67
N GLU S 19 36.40 10.59 17.01
CA GLU S 19 36.55 11.89 17.68
C GLU S 19 35.19 12.53 17.87
N VAL S 20 34.30 12.41 16.87
CA VAL S 20 32.96 12.99 17.02
C VAL S 20 32.22 12.31 18.17
N MET S 21 32.33 10.99 18.25
CA MET S 21 31.71 10.23 19.33
C MET S 21 32.27 10.67 20.69
N LEU S 22 33.59 10.78 20.82
CA LEU S 22 34.14 11.15 22.12
C LEU S 22 33.79 12.60 22.49
N ALA S 23 33.80 13.51 21.53
CA ALA S 23 33.45 14.89 21.89
C ALA S 23 31.98 14.99 22.31
N ALA S 24 31.10 14.20 21.67
CA ALA S 24 29.68 14.27 22.04
C ALA S 24 29.46 13.76 23.46
N ARG S 25 30.27 12.80 23.89
CA ARG S 25 30.21 12.28 25.25
C ARG S 25 30.53 13.35 26.30
N LYS S 26 31.37 14.33 25.94
CA LYS S 26 31.71 15.44 26.81
C LYS S 26 30.87 16.69 26.55
N GLY S 27 29.88 16.62 25.67
CA GLY S 27 29.08 17.80 25.38
C GLY S 27 29.81 18.88 24.63
N GLN S 28 30.80 18.54 23.83
CA GLN S 28 31.44 19.49 22.95
C GLN S 28 31.04 19.24 21.50
N ASP S 29 31.19 20.28 20.67
CA ASP S 29 30.86 20.22 19.24
C ASP S 29 32.02 20.77 18.40
N PRO S 30 33.22 20.18 18.50
CA PRO S 30 34.35 20.71 17.68
C PRO S 30 34.06 20.65 16.18
N TYR S 31 33.25 19.73 15.69
CA TYR S 31 33.02 19.63 14.26
C TYR S 31 31.70 20.22 13.81
N ASN S 32 31.08 21.09 14.62
CA ASN S 32 30.06 22.01 14.11
C ASN S 32 28.81 21.26 13.63
N ILE S 33 28.41 20.24 14.36
CA ILE S 33 27.24 19.46 14.06
C ILE S 33 25.95 20.15 14.50
N LEU S 34 25.99 20.95 15.56
CA LEU S 34 24.80 21.56 16.12
C LEU S 34 24.74 23.04 15.76
N ALA S 35 23.54 23.55 15.69
CA ALA S 35 23.34 24.97 15.56
C ALA S 35 23.55 25.64 16.92
N PRO S 36 24.35 26.68 17.01
CA PRO S 36 24.48 27.39 18.29
C PRO S 36 23.27 28.28 18.57
N LYS S 37 22.97 28.39 19.86
CA LYS S 37 21.89 29.26 20.31
C LYS S 37 22.42 30.68 20.47
N ALA S 38 21.69 31.65 19.94
CA ALA S 38 22.10 33.04 20.10
C ALA S 38 22.03 33.49 21.56
N THR S 39 22.89 34.46 21.91
CA THR S 39 22.71 35.25 23.13
C THR S 39 21.76 36.38 22.87
N SER S 40 21.75 37.40 23.73
CA SER S 40 20.92 38.55 23.40
C SER S 40 21.58 39.42 22.33
N GLY S 41 22.88 39.25 22.08
CA GLY S 41 23.51 39.95 20.96
C GLY S 41 23.86 41.41 21.20
N THR S 42 23.72 41.92 22.42
CA THR S 42 24.10 43.30 22.75
C THR S 42 25.63 43.43 22.78
N LYS S 43 26.11 44.67 22.88
CA LYS S 43 27.56 44.83 23.02
C LYS S 43 28.06 44.25 24.34
N GLU S 44 27.21 44.18 25.36
CA GLU S 44 27.61 43.58 26.62
C GLU S 44 27.56 42.07 26.55
N ASP S 45 26.70 41.55 25.69
CA ASP S 45 26.43 40.11 25.66
C ASP S 45 26.52 39.66 24.21
N PRO S 46 27.70 39.72 23.59
CA PRO S 46 27.77 39.42 22.15
C PRO S 46 27.64 37.92 21.92
N ASN S 47 27.29 37.57 20.71
CA ASN S 47 27.34 36.17 20.33
C ASN S 47 28.80 35.83 20.21
N LEU S 48 29.21 34.69 20.78
CA LEU S 48 30.62 34.31 20.82
C LEU S 48 30.89 33.29 19.70
N VAL S 49 31.74 33.64 18.74
CA VAL S 49 31.90 32.85 17.52
C VAL S 49 33.25 32.16 17.61
N PRO S 50 33.32 30.84 17.80
CA PRO S 50 34.65 30.20 17.88
C PRO S 50 35.24 30.04 16.49
N SER S 51 36.56 30.12 16.42
CA SER S 51 37.27 29.86 15.17
C SER S 51 38.60 29.21 15.53
N ILE S 52 39.08 28.34 14.66
CA ILE S 52 40.47 27.89 14.78
C ILE S 52 41.44 28.92 14.24
N THR S 53 40.97 29.98 13.57
CA THR S 53 41.89 30.96 12.98
C THR S 53 41.37 32.31 13.42
N ASN S 54 41.72 33.36 12.67
CA ASN S 54 41.52 34.74 13.12
C ASN S 54 40.38 35.41 12.39
N LYS S 55 39.59 34.64 11.64
CA LYS S 55 38.39 35.22 11.06
C LYS S 55 37.50 34.06 10.66
N ARG S 56 36.20 34.31 10.61
CA ARG S 56 35.26 33.24 10.24
C ARG S 56 34.02 33.84 9.63
N ILE S 57 33.42 33.17 8.61
CA ILE S 57 32.21 33.74 8.03
C ILE S 57 31.04 33.48 8.97
N VAL S 58 30.28 34.54 9.24
CA VAL S 58 29.01 34.49 9.97
C VAL S 58 27.87 34.66 8.96
N GLY S 59 26.81 33.86 9.09
CA GLY S 59 25.51 34.18 8.47
C GLY S 59 24.53 34.58 9.57
N CYS S 60 23.87 35.68 9.37
CA CYS S 60 22.91 36.14 10.38
C CYS S 60 21.48 36.04 9.84
N ILE S 61 20.63 35.29 10.53
CA ILE S 61 19.22 35.19 10.17
C ILE S 61 18.55 36.16 11.14
N CYS S 62 18.33 37.40 10.70
CA CYS S 62 18.16 38.49 11.67
C CYS S 62 16.88 38.34 12.48
N GLU S 63 15.83 37.83 11.86
CA GLU S 63 14.57 37.54 12.52
C GLU S 63 14.15 36.16 12.10
N GLU S 64 13.43 35.50 13.00
CA GLU S 64 13.01 34.14 12.75
C GLU S 64 12.08 34.13 11.54
N ASP S 65 12.30 33.14 10.69
CA ASP S 65 11.63 32.94 9.43
C ASP S 65 12.07 33.90 8.33
N ASN S 66 13.02 34.84 8.56
CA ASN S 66 13.69 35.46 7.40
C ASN S 66 14.22 34.40 6.44
N SER S 67 13.97 34.57 5.13
CA SER S 67 14.66 33.68 4.20
C SER S 67 16.01 34.24 3.77
N THR S 68 16.22 35.54 3.84
CA THR S 68 17.51 36.10 3.48
C THR S 68 18.53 35.93 4.61
N VAL S 69 19.65 35.33 4.30
CA VAL S 69 20.75 35.22 5.29
C VAL S 69 21.78 36.27 4.96
N ILE S 70 22.31 36.93 5.99
CA ILE S 70 23.26 38.04 5.85
C ILE S 70 24.64 37.53 6.21
N TRP S 71 25.60 37.61 5.29
CA TRP S 71 26.87 36.90 5.46
C TRP S 71 28.01 37.90 5.56
N PHE S 72 28.96 37.64 6.44
CA PHE S 72 30.09 38.56 6.54
C PHE S 72 31.24 37.88 7.31
N TRP S 73 32.47 38.27 6.97
CA TRP S 73 33.63 37.81 7.72
C TRP S 73 33.68 38.52 9.07
N LEU S 74 33.71 37.72 10.13
CA LEU S 74 33.93 38.21 11.49
C LEU S 74 35.43 38.10 11.80
N HIS S 75 36.08 39.22 12.14
CA HIS S 75 37.50 39.24 12.46
C HIS S 75 37.75 39.24 13.97
N LYS S 76 38.87 38.60 14.37
CA LYS S 76 39.44 38.76 15.72
C LYS S 76 39.47 40.24 16.13
N GLY S 77 39.22 40.49 17.42
CA GLY S 77 39.33 41.83 17.94
C GLY S 77 38.00 42.30 18.45
N GLU S 78 37.79 43.61 18.32
CA GLU S 78 36.56 44.20 18.81
C GLU S 78 35.36 43.60 18.07
N ALA S 79 34.28 43.35 18.82
CA ALA S 79 33.04 42.80 18.27
C ALA S 79 32.59 43.58 17.03
N GLN S 80 31.93 42.88 16.12
CA GLN S 80 31.37 43.46 14.91
C GLN S 80 29.87 43.28 14.97
N ARG S 81 29.14 44.04 14.16
CA ARG S 81 27.69 43.94 14.13
C ARG S 81 27.20 43.51 12.76
N CYS S 82 26.07 42.81 12.75
CA CYS S 82 25.43 42.46 11.53
C CYS S 82 25.05 43.73 10.77
N PRO S 83 25.44 43.87 9.51
CA PRO S 83 25.09 45.08 8.75
C PRO S 83 23.60 45.20 8.44
N SER S 84 22.79 44.19 8.76
CA SER S 84 21.35 44.27 8.61
C SER S 84 20.62 44.59 9.91
N CYS S 85 20.82 43.81 10.97
CA CYS S 85 20.11 44.04 12.23
C CYS S 85 21.00 44.62 13.34
N GLY S 86 22.30 44.75 13.12
CA GLY S 86 23.20 45.23 14.17
C GLY S 86 23.50 44.31 15.34
N THR S 87 22.99 43.08 15.39
CA THR S 87 23.37 42.22 16.50
C THR S 87 24.91 42.03 16.54
N HIS S 88 25.45 41.90 17.74
CA HIS S 88 26.90 41.86 17.95
C HIS S 88 27.43 40.44 17.89
N TYR S 89 28.62 40.30 17.29
CA TYR S 89 29.33 39.02 17.29
C TYR S 89 30.80 39.28 17.65
N LYS S 90 31.40 38.33 18.36
CA LYS S 90 32.77 38.44 18.83
C LYS S 90 33.48 37.13 18.55
N LEU S 91 34.61 37.18 17.83
CA LEU S 91 35.36 35.96 17.57
C LEU S 91 36.10 35.53 18.84
N VAL S 92 36.03 34.24 19.16
CA VAL S 92 36.77 33.72 20.31
C VAL S 92 37.75 32.72 19.72
N PRO S 93 38.96 33.13 19.35
CA PRO S 93 39.88 32.15 18.78
C PRO S 93 40.20 30.99 19.72
N HIS S 94 39.49 29.89 19.44
CA HIS S 94 40.06 28.62 19.02
C HIS S 94 39.44 27.37 19.59
N GLN S 95 40.14 26.79 20.55
CA GLN S 95 40.19 25.35 20.86
C GLN S 95 41.31 24.81 19.93
N LEU S 96 41.18 23.81 19.02
CA LEU S 96 40.08 22.89 18.69
C LEU S 96 39.89 21.82 19.75
N ALA S 97 38.63 21.69 20.19
CA ALA S 97 38.20 20.72 21.20
C ALA S 97 38.83 21.03 22.56
N HIS S 98 37.99 21.11 23.59
CA HIS S 98 38.34 21.52 24.96
C HIS S 98 38.53 23.03 25.12
N ALA T 1 -3.75 -8.30 8.14
CA ALA T 1 -4.64 -8.72 7.06
C ALA T 1 -5.53 -9.89 7.49
N SER T 2 -5.31 -10.39 8.71
CA SER T 2 -5.92 -11.62 9.19
C SER T 2 -5.50 -12.82 8.34
N ALA T 3 -4.39 -13.51 8.65
CA ALA T 3 -3.44 -13.35 9.80
C ALA T 3 -4.07 -13.50 11.18
N ALA T 4 -3.40 -14.20 12.08
CA ALA T 4 -3.98 -14.38 13.40
C ALA T 4 -2.94 -14.84 14.39
N LYS T 5 -1.71 -14.34 14.24
CA LYS T 5 -0.65 -14.69 15.17
C LYS T 5 -0.98 -14.03 16.51
N GLY T 6 -0.15 -13.12 17.03
CA GLY T 6 -0.53 -12.55 18.31
C GLY T 6 0.52 -11.72 19.03
N ASP T 7 1.81 -12.04 18.85
CA ASP T 7 2.89 -11.58 19.73
C ASP T 7 2.95 -10.07 19.87
N HIS T 8 3.57 -9.37 18.91
CA HIS T 8 3.81 -7.93 18.91
C HIS T 8 4.15 -7.34 20.28
N GLY T 9 4.67 -8.16 21.20
CA GLY T 9 5.16 -7.62 22.46
C GLY T 9 6.37 -6.73 22.26
N GLY T 10 7.38 -7.25 21.54
CA GLY T 10 8.58 -6.53 21.14
C GLY T 10 9.23 -7.29 19.98
N TPO T 11 9.61 -6.59 18.92
CA TPO T 11 10.01 -7.28 17.71
CB TPO T 11 9.28 -6.57 16.54
CG2 TPO T 11 10.06 -5.73 15.52
OG1 TPO T 11 8.52 -7.56 15.85
P TPO T 11 6.90 -7.66 15.97
O1P TPO T 11 6.24 -8.46 14.74
O2P TPO T 11 6.61 -8.41 17.35
O3P TPO T 11 6.28 -6.19 16.01
C TPO T 11 11.52 -7.39 17.65
O TPO T 11 12.23 -6.80 16.84
N GLY T 12 12.06 -8.21 18.54
CA GLY T 12 13.50 -8.42 18.60
C GLY T 12 13.99 -9.61 17.79
N ALA T 13 15.24 -10.01 17.99
CA ALA T 13 15.78 -11.04 17.12
C ALA T 13 15.10 -12.36 17.39
N ARG T 14 14.80 -12.64 18.67
CA ARG T 14 14.15 -13.89 19.00
C ARG T 14 12.80 -14.00 18.30
N THR T 15 12.06 -12.90 18.23
CA THR T 15 10.75 -12.95 17.56
C THR T 15 10.90 -13.18 16.05
N TRP T 16 11.87 -12.47 15.43
CA TRP T 16 12.06 -12.64 13.98
C TRP T 16 12.64 -14.00 13.63
N ARG T 17 13.48 -14.55 14.48
CA ARG T 17 13.88 -15.95 14.30
C ARG T 17 12.68 -16.90 14.43
N PHE T 18 11.84 -16.65 15.42
CA PHE T 18 10.61 -17.43 15.61
C PHE T 18 9.77 -17.40 14.33
N LEU T 19 9.57 -16.22 13.74
CA LEU T 19 8.84 -16.11 12.48
C LEU T 19 9.54 -16.85 11.35
N THR T 20 10.87 -16.75 11.28
CA THR T 20 11.63 -17.37 10.22
C THR T 20 11.43 -18.88 10.24
N PHE T 21 11.65 -19.52 11.40
CA PHE T 21 11.54 -20.99 11.43
C PHE T 21 10.12 -21.52 11.62
N GLY T 22 9.21 -20.72 12.18
CA GLY T 22 7.91 -21.19 12.61
C GLY T 22 6.83 -20.85 11.58
N LEU T 23 7.13 -19.90 10.69
CA LEU T 23 6.14 -19.53 9.69
C LEU T 23 6.76 -19.50 8.29
N ALA T 24 7.90 -18.80 8.14
CA ALA T 24 8.42 -18.53 6.78
C ALA T 24 8.96 -19.80 6.15
N LEU T 25 9.88 -20.49 6.84
CA LEU T 25 10.45 -21.68 6.19
C LEU T 25 9.39 -22.79 6.06
N PRO T 26 8.48 -23.00 7.03
CA PRO T 26 7.40 -23.99 6.77
C PRO T 26 6.59 -23.65 5.53
N SER T 27 6.33 -22.36 5.31
CA SER T 27 5.62 -21.92 4.12
C SER T 27 6.39 -22.29 2.86
N VAL T 28 7.71 -22.11 2.87
CA VAL T 28 8.50 -22.48 1.70
C VAL T 28 8.45 -23.98 1.48
N ALA T 29 8.52 -24.77 2.57
CA ALA T 29 8.50 -26.22 2.44
C ALA T 29 7.18 -26.70 1.86
N LEU T 30 6.07 -26.09 2.31
CA LEU T 30 4.76 -26.48 1.80
C LEU T 30 4.63 -26.19 0.31
N CYS T 31 5.04 -25.00 -0.12
CA CYS T 31 5.00 -24.65 -1.55
C CYS T 31 5.98 -25.48 -2.36
N THR T 32 7.09 -25.90 -1.75
CA THR T 32 8.01 -26.83 -2.44
C THR T 32 7.33 -28.19 -2.64
N LEU T 33 6.60 -28.66 -1.63
CA LEU T 33 5.76 -29.86 -1.79
C LEU T 33 4.77 -29.69 -2.94
N ASN T 34 3.91 -28.68 -2.84
CA ASN T 34 2.90 -28.45 -3.86
C ASN T 34 3.51 -28.44 -5.26
N SER T 35 4.65 -27.76 -5.40
CA SER T 35 5.25 -27.60 -6.71
C SER T 35 5.76 -28.92 -7.22
N TRP T 36 6.38 -29.70 -6.34
CA TRP T 36 6.92 -30.98 -6.75
C TRP T 36 5.83 -31.98 -7.12
N LEU T 37 4.62 -31.80 -6.59
CA LEU T 37 3.48 -32.60 -7.05
C LEU T 37 3.12 -32.29 -8.50
N HIS T 38 2.85 -31.02 -8.80
CA HIS T 38 2.44 -30.55 -10.13
C HIS T 38 3.60 -30.42 -11.11
N SER T 39 4.63 -31.26 -11.02
CA SER T 39 5.84 -30.98 -11.79
C SER T 39 5.93 -31.73 -13.12
N GLY T 40 5.23 -32.86 -13.28
CA GLY T 40 5.31 -33.66 -14.51
C GLY T 40 5.06 -32.89 -15.79
N HIS T 41 5.41 -33.49 -16.93
CA HIS T 41 5.40 -32.76 -18.21
C HIS T 41 4.00 -32.75 -18.83
N ARG T 42 3.52 -31.56 -19.18
CA ARG T 42 2.32 -31.41 -20.00
C ARG T 42 2.60 -31.84 -21.44
N GLU T 43 1.54 -32.28 -22.12
CA GLU T 43 1.63 -32.62 -23.54
C GLU T 43 1.73 -31.34 -24.37
N ARG T 44 2.70 -31.29 -25.32
CA ARG T 44 2.83 -30.02 -26.02
C ARG T 44 1.72 -29.87 -27.05
N PRO T 45 1.25 -28.63 -27.26
CA PRO T 45 0.18 -28.40 -28.22
C PRO T 45 0.68 -28.54 -29.64
N ALA T 46 -0.25 -28.86 -30.54
CA ALA T 46 0.03 -28.83 -31.96
C ALA T 46 0.72 -27.51 -32.32
N PHE T 47 1.74 -27.59 -33.18
CA PHE T 47 2.28 -26.40 -33.78
C PHE T 47 1.25 -25.74 -34.68
N ILE T 48 1.07 -24.43 -34.54
CA ILE T 48 0.38 -23.60 -35.53
C ILE T 48 1.25 -22.38 -35.80
N PRO T 49 1.62 -22.13 -37.04
CA PRO T 49 2.56 -21.00 -37.36
C PRO T 49 1.88 -19.64 -37.29
N TYR T 50 1.28 -19.32 -36.13
CA TYR T 50 0.74 -17.97 -35.86
C TYR T 50 1.77 -16.89 -36.16
N HIS T 51 1.31 -15.80 -36.81
CA HIS T 51 2.24 -14.78 -37.27
C HIS T 51 2.59 -13.80 -36.14
N HIS T 52 1.91 -13.86 -35.01
CA HIS T 52 2.26 -13.00 -33.86
C HIS T 52 3.21 -13.67 -32.89
N LEU T 53 3.63 -14.89 -33.18
CA LEU T 53 4.56 -15.65 -32.36
C LEU T 53 5.81 -16.01 -33.17
N ARG T 54 6.84 -16.47 -32.46
CA ARG T 54 8.08 -16.87 -33.15
C ARG T 54 8.61 -15.73 -34.05
N ILE T 55 8.54 -14.50 -33.53
CA ILE T 55 8.90 -13.31 -34.30
C ILE T 55 10.37 -13.36 -34.68
N ARG T 56 10.68 -13.00 -35.93
CA ARG T 56 12.05 -12.89 -36.41
C ARG T 56 12.13 -11.64 -37.29
N THR T 57 12.51 -10.50 -36.71
CA THR T 57 12.82 -9.36 -37.56
C THR T 57 14.30 -9.22 -37.76
N LYS T 58 15.14 -9.87 -36.96
CA LYS T 58 16.57 -9.78 -37.20
C LYS T 58 17.12 -11.02 -36.52
N PRO T 59 18.14 -11.68 -37.07
CA PRO T 59 18.58 -12.95 -36.46
C PRO T 59 19.19 -12.67 -35.10
N PHE T 60 18.98 -13.58 -34.16
CA PHE T 60 19.65 -13.47 -32.87
C PHE T 60 21.15 -13.54 -33.06
N SER T 61 21.87 -12.87 -32.17
CA SER T 61 23.33 -12.72 -32.20
C SER T 61 24.04 -13.90 -31.57
N TRP T 62 23.44 -15.09 -31.63
CA TRP T 62 24.08 -16.32 -31.19
C TRP T 62 23.55 -17.47 -32.02
N GLY T 63 24.24 -18.62 -31.91
CA GLY T 63 23.76 -19.85 -32.55
C GLY T 63 23.64 -19.68 -34.04
N ASP T 64 22.60 -20.27 -34.61
CA ASP T 64 22.31 -20.08 -36.04
C ASP T 64 21.43 -18.86 -36.30
N GLY T 65 21.25 -18.01 -35.29
CA GLY T 65 20.41 -16.84 -35.43
C GLY T 65 18.92 -17.08 -35.27
N ASN T 66 18.50 -18.34 -35.11
CA ASN T 66 17.09 -18.70 -35.19
C ASN T 66 16.58 -19.38 -33.93
N HIS T 67 17.43 -19.53 -32.92
CA HIS T 67 17.10 -20.16 -31.65
C HIS T 67 17.08 -19.14 -30.52
N THR T 68 16.02 -19.13 -29.73
CA THR T 68 16.07 -18.20 -28.59
C THR T 68 17.11 -18.65 -27.56
N PHE T 69 17.40 -17.73 -26.63
CA PHE T 69 18.55 -17.88 -25.76
C PHE T 69 18.44 -19.10 -24.86
N PHE T 70 17.26 -19.38 -24.31
CA PHE T 70 16.99 -20.57 -23.50
C PHE T 70 16.04 -21.54 -24.22
N HIS T 71 16.27 -21.69 -25.53
CA HIS T 71 15.49 -22.58 -26.36
C HIS T 71 15.44 -23.97 -25.75
N ASN T 72 14.24 -24.50 -25.64
CA ASN T 72 14.02 -25.85 -25.14
C ASN T 72 13.41 -26.66 -26.28
N PRO T 73 14.14 -27.62 -26.84
CA PRO T 73 13.62 -28.33 -28.02
C PRO T 73 12.29 -29.02 -27.77
N ARG T 74 12.03 -29.40 -26.54
CA ARG T 74 10.81 -30.14 -26.32
C ARG T 74 9.59 -29.25 -26.39
N VAL T 75 9.72 -27.96 -26.03
CA VAL T 75 8.52 -27.12 -25.89
C VAL T 75 8.60 -25.83 -26.71
N ASN T 76 9.75 -25.54 -27.29
CA ASN T 76 9.88 -24.30 -28.05
C ASN T 76 10.02 -24.65 -29.54
N PRO T 77 8.98 -24.53 -30.36
CA PRO T 77 9.16 -24.75 -31.80
C PRO T 77 9.82 -23.54 -32.44
N LEU T 78 10.43 -23.79 -33.58
CA LEU T 78 11.01 -22.75 -34.44
C LEU T 78 9.90 -22.16 -35.31
N PRO T 79 10.15 -21.04 -36.00
CA PRO T 79 9.11 -20.50 -36.90
C PRO T 79 8.54 -21.56 -37.86
N THR T 80 9.31 -22.58 -38.22
CA THR T 80 8.84 -23.66 -39.09
C THR T 80 8.29 -24.85 -38.34
N GLY T 81 8.31 -24.86 -37.00
CA GLY T 81 7.73 -25.93 -36.22
C GLY T 81 8.75 -26.56 -35.28
N TYR T 82 8.31 -27.62 -34.59
CA TYR T 82 9.14 -28.29 -33.58
C TYR T 82 10.31 -29.00 -34.24
N GLU T 83 11.37 -29.14 -33.47
CA GLU T 83 12.59 -29.81 -33.91
C GLU T 83 12.60 -31.28 -33.53
N LYS T 84 13.75 -31.94 -33.80
CA LYS T 84 14.10 -33.26 -33.27
C LYS T 84 13.06 -34.35 -33.54
N LYS U 7 -34.02 -6.94 -45.81
CA LYS U 7 -32.96 -5.95 -45.95
C LYS U 7 -33.25 -4.71 -45.11
N ILE U 8 -33.77 -3.68 -45.79
CA ILE U 8 -34.01 -2.29 -45.38
C ILE U 8 -32.76 -1.49 -45.80
N LYS U 9 -32.31 -1.72 -47.02
CA LYS U 9 -30.97 -1.36 -47.46
C LYS U 9 -31.03 -0.07 -48.28
N ASN U 10 -30.42 0.01 -49.47
CA ASN U 10 -29.94 1.26 -50.09
C ASN U 10 -28.85 1.89 -49.23
N TYR U 11 -27.82 1.08 -48.96
CA TYR U 11 -26.74 1.42 -48.05
C TYR U 11 -25.75 2.36 -48.72
N GLN U 12 -25.40 3.43 -48.01
CA GLN U 12 -24.35 4.34 -48.46
C GLN U 12 -23.00 4.02 -47.81
N THR U 13 -22.86 4.22 -46.50
CA THR U 13 -21.64 3.81 -45.79
C THR U 13 -22.00 3.39 -44.36
N ALA U 14 -21.02 2.83 -43.66
CA ALA U 14 -21.22 2.44 -42.27
C ALA U 14 -21.73 3.61 -41.46
N PRO U 15 -22.86 3.46 -40.77
CA PRO U 15 -23.31 4.52 -39.87
C PRO U 15 -22.46 4.55 -38.61
N PHE U 16 -22.59 5.66 -37.87
CA PHE U 16 -22.03 5.76 -36.53
C PHE U 16 -22.44 4.57 -35.69
N ASP U 17 -21.51 4.04 -34.90
CA ASP U 17 -21.76 2.90 -34.02
C ASP U 17 -21.24 3.29 -32.65
N SER U 18 -22.17 3.44 -31.71
CA SER U 18 -21.87 3.90 -30.37
C SER U 18 -20.97 2.94 -29.63
N ARG U 19 -20.81 1.71 -30.09
CA ARG U 19 -19.73 0.94 -29.48
C ARG U 19 -18.36 1.53 -29.79
N PHE U 20 -18.21 2.32 -30.85
CA PHE U 20 -16.91 2.72 -31.36
C PHE U 20 -17.00 4.21 -31.72
N PRO U 21 -17.06 5.09 -30.72
CA PRO U 21 -17.32 6.51 -30.99
C PRO U 21 -16.08 7.39 -31.05
N ASN U 22 -14.90 6.81 -30.92
CA ASN U 22 -13.65 7.59 -30.81
C ASN U 22 -12.83 7.52 -32.10
N GLN U 23 -11.71 8.26 -32.10
CA GLN U 23 -10.97 8.39 -33.37
C GLN U 23 -10.38 7.05 -33.77
N ASN U 24 -10.04 6.20 -32.81
CA ASN U 24 -9.43 4.90 -33.11
C ASN U 24 -10.56 3.94 -33.46
N GLN U 25 -10.67 3.62 -34.76
CA GLN U 25 -11.73 2.80 -35.33
C GLN U 25 -11.26 1.39 -35.61
N THR U 26 -10.09 1.00 -35.08
CA THR U 26 -9.52 -0.29 -35.44
C THR U 26 -10.46 -1.42 -35.07
N ARG U 27 -10.97 -1.37 -33.85
CA ARG U 27 -11.84 -2.44 -33.36
C ARG U 27 -13.17 -2.49 -34.10
N ASN U 28 -13.66 -1.37 -34.64
CA ASN U 28 -14.89 -1.38 -35.42
C ASN U 28 -14.71 -2.21 -36.69
N CYS U 29 -13.56 -2.06 -37.36
CA CYS U 29 -13.28 -2.88 -38.52
C CYS U 29 -13.10 -4.35 -38.15
N TRP U 30 -12.35 -4.60 -37.07
CA TRP U 30 -12.10 -5.96 -36.60
C TRP U 30 -13.41 -6.68 -36.29
N GLN U 31 -14.29 -6.03 -35.53
CA GLN U 31 -15.51 -6.67 -35.01
C GLN U 31 -16.45 -7.07 -36.16
N ASN U 32 -16.70 -6.15 -37.08
CA ASN U 32 -17.57 -6.44 -38.21
C ASN U 32 -16.96 -7.48 -39.11
N TYR U 33 -15.62 -7.49 -39.25
CA TYR U 33 -14.97 -8.55 -39.99
C TYR U 33 -15.28 -9.89 -39.33
N LEU U 34 -15.11 -9.98 -38.02
CA LEU U 34 -15.41 -11.21 -37.29
C LEU U 34 -16.89 -11.58 -37.38
N ASP U 35 -17.76 -10.58 -37.25
CA ASP U 35 -19.21 -10.79 -37.28
C ASP U 35 -19.65 -11.36 -38.61
N PHE U 36 -19.01 -10.94 -39.70
CA PHE U 36 -19.36 -11.47 -41.00
C PHE U 36 -18.99 -12.93 -41.12
N HIS U 37 -17.77 -13.28 -40.73
CA HIS U 37 -17.33 -14.65 -40.99
C HIS U 37 -17.94 -15.62 -39.98
N ARG U 38 -18.21 -15.15 -38.77
CA ARG U 38 -18.99 -15.96 -37.85
C ARG U 38 -20.36 -16.18 -38.43
N CYS U 39 -20.96 -15.13 -38.98
CA CYS U 39 -22.30 -15.28 -39.51
C CYS U 39 -22.30 -16.20 -40.72
N GLU U 40 -21.33 -16.02 -41.62
CA GLU U 40 -21.26 -16.84 -42.84
C GLU U 40 -20.97 -18.29 -42.49
N LYS U 41 -20.16 -18.52 -41.46
CA LYS U 41 -19.89 -19.89 -41.03
C LYS U 41 -21.14 -20.55 -40.43
N ALA U 42 -21.89 -19.83 -39.60
CA ALA U 42 -23.12 -20.41 -39.05
C ALA U 42 -24.11 -20.75 -40.17
N MET U 43 -24.34 -19.81 -41.09
CA MET U 43 -25.28 -20.05 -42.19
C MET U 43 -24.83 -21.21 -43.07
N THR U 44 -23.58 -21.14 -43.56
CA THR U 44 -23.07 -22.22 -44.41
C THR U 44 -23.02 -23.54 -43.66
N ALA U 45 -23.09 -23.50 -42.33
CA ALA U 45 -23.19 -24.74 -41.56
C ALA U 45 -24.61 -25.30 -41.65
N LYS U 46 -25.42 -25.05 -40.62
CA LYS U 46 -26.67 -25.77 -40.39
C LYS U 46 -27.71 -25.67 -41.50
N GLY U 47 -27.40 -24.99 -42.59
CA GLY U 47 -28.33 -24.95 -43.72
C GLY U 47 -29.22 -23.73 -43.79
N GLY U 48 -28.60 -22.55 -43.91
CA GLY U 48 -29.24 -21.28 -44.16
C GLY U 48 -28.60 -20.58 -45.35
N ASP U 49 -28.64 -19.24 -45.33
CA ASP U 49 -28.12 -18.43 -46.42
C ASP U 49 -27.33 -17.20 -45.94
N VAL U 50 -26.22 -16.94 -46.62
CA VAL U 50 -25.29 -15.89 -46.25
C VAL U 50 -25.85 -14.49 -46.51
N SER U 51 -26.88 -14.35 -47.37
CA SER U 51 -27.52 -13.05 -47.53
C SER U 51 -27.89 -12.41 -46.20
N VAL U 52 -28.21 -13.21 -45.19
CA VAL U 52 -28.49 -12.68 -43.84
C VAL U 52 -27.27 -12.01 -43.24
N CYS U 53 -26.08 -12.30 -43.75
CA CYS U 53 -24.87 -11.75 -43.16
C CYS U 53 -24.47 -10.43 -43.79
N GLU U 54 -25.31 -9.88 -44.67
CA GLU U 54 -24.83 -8.91 -45.66
C GLU U 54 -24.42 -7.60 -45.01
N TRP U 55 -25.19 -7.12 -44.04
CA TRP U 55 -24.88 -5.87 -43.34
C TRP U 55 -23.46 -5.84 -42.81
N TYR U 56 -23.04 -6.91 -42.11
CA TYR U 56 -21.68 -6.98 -41.59
C TYR U 56 -20.66 -6.95 -42.71
N ARG U 57 -21.01 -7.52 -43.85
CA ARG U 57 -20.11 -7.51 -44.99
C ARG U 57 -19.94 -6.10 -45.52
N ARG U 58 -21.04 -5.33 -45.59
CA ARG U 58 -20.91 -3.99 -46.14
C ARG U 58 -20.13 -3.10 -45.17
N VAL U 59 -20.32 -3.28 -43.87
CA VAL U 59 -19.66 -2.40 -42.91
C VAL U 59 -18.15 -2.62 -42.91
N TYR U 60 -17.71 -3.88 -42.84
CA TYR U 60 -16.29 -4.14 -42.78
C TYR U 60 -15.61 -3.82 -44.11
N LYS U 61 -16.31 -4.02 -45.24
CA LYS U 61 -15.72 -3.64 -46.52
C LYS U 61 -15.58 -2.13 -46.62
N SER U 62 -16.52 -1.39 -46.02
CA SER U 62 -16.45 0.06 -46.01
C SER U 62 -15.30 0.56 -45.15
N LEU U 63 -15.08 -0.04 -43.98
CA LEU U 63 -14.20 0.48 -42.93
C LEU U 63 -12.78 -0.05 -43.03
N CYS U 64 -12.59 -1.32 -43.47
CA CYS U 64 -11.32 -2.01 -43.29
C CYS U 64 -10.37 -1.76 -44.47
N PRO U 65 -9.11 -1.38 -44.20
CA PRO U 65 -8.10 -1.36 -45.26
C PRO U 65 -8.08 -2.66 -46.04
N ILE U 66 -7.92 -2.55 -47.36
CA ILE U 66 -7.88 -3.71 -48.25
C ILE U 66 -6.79 -4.68 -47.82
N SER U 67 -5.62 -4.18 -47.43
CA SER U 67 -4.52 -5.05 -47.04
C SER U 67 -4.81 -5.85 -45.78
N TRP U 68 -5.57 -5.26 -44.83
CA TRP U 68 -5.96 -5.97 -43.63
C TRP U 68 -6.88 -7.13 -43.96
N VAL U 69 -7.93 -6.86 -44.73
CA VAL U 69 -8.88 -7.90 -45.15
C VAL U 69 -8.13 -9.02 -45.86
N SER U 70 -7.26 -8.64 -46.80
CA SER U 70 -6.49 -9.63 -47.55
C SER U 70 -5.59 -10.49 -46.65
N THR U 71 -4.90 -9.85 -45.68
CA THR U 71 -4.05 -10.61 -44.75
C THR U 71 -4.88 -11.56 -43.88
N TRP U 72 -5.97 -11.04 -43.31
CA TRP U 72 -6.87 -11.87 -42.53
C TRP U 72 -7.41 -13.02 -43.39
N ASP U 73 -7.79 -12.75 -44.65
CA ASP U 73 -8.30 -13.85 -45.49
C ASP U 73 -7.21 -14.90 -45.69
N ASP U 74 -5.99 -14.46 -45.99
CA ASP U 74 -4.88 -15.39 -46.13
C ASP U 74 -4.71 -16.24 -44.87
N ARG U 75 -4.77 -15.62 -43.69
CA ARG U 75 -4.56 -16.40 -42.48
C ARG U 75 -5.75 -17.32 -42.17
N ARG U 76 -7.00 -16.92 -42.45
CA ARG U 76 -8.07 -17.90 -42.27
C ARG U 76 -7.85 -19.11 -43.16
N ALA U 77 -7.29 -18.90 -44.38
CA ALA U 77 -7.06 -20.03 -45.27
C ALA U 77 -5.94 -20.91 -44.76
N GLU U 78 -4.89 -20.30 -44.20
CA GLU U 78 -3.69 -20.97 -43.72
C GLU U 78 -3.93 -21.70 -42.40
N GLY U 79 -5.01 -21.39 -41.69
CA GLY U 79 -5.20 -21.91 -40.34
C GLY U 79 -4.51 -21.11 -39.23
N THR U 80 -4.11 -19.86 -39.47
CA THR U 80 -3.38 -19.06 -38.49
C THR U 80 -4.14 -17.82 -38.06
N PHE U 81 -5.40 -17.70 -38.40
CA PHE U 81 -6.16 -16.55 -37.99
C PHE U 81 -6.36 -16.62 -36.48
N PRO U 82 -6.00 -15.58 -35.74
CA PRO U 82 -5.95 -15.67 -34.27
C PRO U 82 -7.27 -15.34 -33.60
N GLY U 83 -8.21 -14.74 -34.30
CA GLY U 83 -9.53 -14.56 -33.75
C GLY U 83 -10.40 -15.78 -33.87
N LYS U 84 -11.51 -15.76 -33.14
CA LYS U 84 -12.34 -16.94 -32.97
C LYS U 84 -13.51 -16.80 -33.90
N ILE U 85 -13.65 -17.74 -34.82
CA ILE U 85 -14.74 -17.70 -35.78
C ILE U 85 -15.56 -18.97 -35.69
C1A SAC V 1 12.32 83.31 0.39
C2A SAC V 1 12.38 83.93 1.77
OAC SAC V 1 12.74 82.19 0.19
N SAC V 1 11.78 84.06 -0.58
CA SAC V 1 10.91 85.20 -0.37
C SAC V 1 9.57 84.76 0.12
O SAC V 1 9.30 84.81 1.34
CB SAC V 1 10.79 86.01 -1.65
OG SAC V 1 10.98 87.41 -1.36
N THR V 2 8.69 84.36 -0.80
CA THR V 2 7.53 83.57 -0.40
C THR V 2 8.05 82.15 -0.17
N ALA V 3 7.70 81.57 0.97
CA ALA V 3 8.23 80.28 1.33
C ALA V 3 7.77 79.22 0.32
N LEU V 4 8.58 78.17 0.17
CA LEU V 4 8.17 77.02 -0.63
C LEU V 4 7.28 76.14 0.23
N ALA V 5 6.18 75.65 -0.36
CA ALA V 5 5.33 74.72 0.37
C ALA V 5 5.89 73.30 0.28
N LYS V 6 5.58 72.50 1.27
CA LYS V 6 6.06 71.14 1.39
C LYS V 6 5.55 70.30 0.23
N PRO V 7 6.41 69.90 -0.73
CA PRO V 7 5.97 68.94 -1.76
C PRO V 7 5.73 67.59 -1.13
N GLN V 8 5.09 66.74 -1.90
CA GLN V 8 4.90 65.39 -1.46
C GLN V 8 6.25 64.64 -1.42
N MET V 9 6.54 63.93 -0.33
CA MET V 9 7.85 63.31 -0.18
C MET V 9 7.81 61.82 0.10
N ARG V 10 6.65 61.25 0.36
CA ARG V 10 6.50 59.85 0.70
C ARG V 10 5.79 59.10 -0.42
N GLY V 11 6.20 57.85 -0.65
CA GLY V 11 5.49 57.00 -1.61
C GLY V 11 5.58 57.45 -3.06
N LEU V 12 6.67 58.12 -3.44
CA LEU V 12 6.78 58.61 -4.82
C LEU V 12 6.91 57.47 -5.83
N LEU V 13 7.61 56.39 -5.46
CA LEU V 13 7.69 55.26 -6.38
C LEU V 13 6.35 54.55 -6.50
N ALA V 14 5.65 54.35 -5.36
CA ALA V 14 4.35 53.69 -5.42
C ALA V 14 3.35 54.51 -6.24
N ARG V 15 3.43 55.83 -6.10
CA ARG V 15 2.53 56.73 -6.85
C ARG V 15 2.78 56.65 -8.35
N ARG V 16 4.06 56.68 -8.77
CA ARG V 16 4.41 56.43 -10.16
C ARG V 16 3.89 55.08 -10.62
N LEU V 17 4.01 54.06 -9.77
CA LEU V 17 3.62 52.73 -10.19
C LEU V 17 2.12 52.67 -10.46
N ARG V 18 1.31 53.16 -9.50
CA ARG V 18 -0.15 53.14 -9.63
C ARG V 18 -0.64 53.88 -10.87
N PHE V 19 -0.15 55.11 -11.06
CA PHE V 19 -0.49 55.93 -12.22
C PHE V 19 -0.23 55.20 -13.54
N HIS V 20 0.95 54.60 -13.69
CA HIS V 20 1.26 53.97 -14.96
C HIS V 20 0.61 52.60 -15.15
N ILE V 21 0.27 51.90 -14.06
CA ILE V 21 -0.40 50.62 -14.19
C ILE V 21 -1.84 50.85 -14.67
N VAL V 22 -2.49 51.91 -14.17
CA VAL V 22 -3.79 52.30 -14.70
C VAL V 22 -3.67 52.78 -16.14
N GLY V 23 -2.66 53.60 -16.41
CA GLY V 23 -2.36 53.91 -17.81
C GLY V 23 -2.32 52.66 -18.67
N ALA V 24 -1.59 51.63 -18.22
CA ALA V 24 -1.47 50.42 -19.02
C ALA V 24 -2.81 49.70 -19.15
N PHE V 25 -3.60 49.67 -18.08
CA PHE V 25 -4.96 49.13 -18.15
C PHE V 25 -5.79 49.82 -19.24
N MET V 26 -5.83 51.16 -19.23
CA MET V 26 -6.62 51.90 -20.21
C MET V 26 -6.19 51.57 -21.63
N VAL V 27 -4.89 51.68 -21.90
CA VAL V 27 -4.34 51.32 -23.21
C VAL V 27 -4.75 49.89 -23.61
N SER V 28 -4.68 48.95 -22.66
CA SER V 28 -5.02 47.55 -22.95
C SER V 28 -6.45 47.42 -23.44
N LEU V 29 -7.40 48.03 -22.71
CA LEU V 29 -8.79 48.08 -23.18
C LEU V 29 -8.88 48.71 -24.56
N GLY V 30 -8.14 49.79 -24.78
CA GLY V 30 -8.11 50.40 -26.10
C GLY V 30 -7.63 49.43 -27.17
N PHE V 31 -6.53 48.74 -26.93
CA PHE V 31 -6.04 47.84 -27.96
C PHE V 31 -7.03 46.70 -28.21
N ALA V 32 -7.67 46.24 -27.14
CA ALA V 32 -8.67 45.20 -27.28
C ALA V 32 -9.78 45.65 -28.23
N THR V 33 -10.28 46.88 -28.05
CA THR V 33 -11.34 47.43 -28.89
C THR V 33 -10.89 47.56 -30.35
N PHE V 34 -9.73 48.19 -30.55
CA PHE V 34 -9.14 48.26 -31.89
C PHE V 34 -9.02 46.88 -32.51
N TYR V 35 -8.47 45.92 -31.77
CA TYR V 35 -8.23 44.58 -32.29
C TYR V 35 -9.52 43.88 -32.65
N LYS V 36 -10.58 44.10 -31.87
CA LYS V 36 -11.85 43.42 -32.12
C LYS V 36 -12.61 44.01 -33.30
N PHE V 37 -12.30 45.24 -33.69
CA PHE V 37 -12.82 45.81 -34.91
C PHE V 37 -11.97 45.41 -36.11
N ALA V 38 -10.65 45.63 -36.02
CA ALA V 38 -9.74 45.57 -37.15
C ALA V 38 -9.26 44.17 -37.52
N VAL V 39 -9.46 43.18 -36.66
CA VAL V 39 -8.94 41.85 -36.96
C VAL V 39 -10.08 40.87 -36.83
N ALA V 40 -10.71 40.81 -35.66
CA ALA V 40 -11.64 39.74 -35.36
C ALA V 40 -12.97 39.92 -36.10
N GLU V 41 -13.57 41.11 -36.03
CA GLU V 41 -14.83 41.34 -36.73
C GLU V 41 -14.60 41.46 -38.23
N LYS V 42 -13.51 42.11 -38.65
CA LYS V 42 -13.16 42.12 -40.05
C LYS V 42 -13.07 40.69 -40.61
N ARG V 43 -12.51 39.75 -39.83
CA ARG V 43 -12.47 38.37 -40.32
C ARG V 43 -13.86 37.77 -40.36
N LYS V 44 -14.68 37.99 -39.31
CA LYS V 44 -16.02 37.39 -39.32
C LYS V 44 -16.84 37.93 -40.47
N LYS V 45 -16.78 39.24 -40.70
CA LYS V 45 -17.56 39.87 -41.75
C LYS V 45 -17.10 39.39 -43.10
N ALA V 46 -15.80 39.19 -43.27
CA ALA V 46 -15.29 38.75 -44.57
C ALA V 46 -15.85 37.38 -44.96
N TYR V 47 -15.88 36.44 -44.02
CA TYR V 47 -16.43 35.11 -44.27
C TYR V 47 -17.94 35.14 -44.45
N ALA V 48 -18.62 35.92 -43.62
CA ALA V 48 -20.07 36.05 -43.75
C ALA V 48 -20.46 36.71 -45.07
N ASP V 49 -19.71 37.74 -45.49
CA ASP V 49 -20.00 38.39 -46.76
C ASP V 49 -19.71 37.47 -47.93
N PHE V 50 -18.62 36.72 -47.86
CA PHE V 50 -18.30 35.79 -48.93
C PHE V 50 -19.44 34.80 -49.14
N TYR V 51 -19.96 34.25 -48.06
CA TYR V 51 -20.88 33.16 -48.27
C TYR V 51 -22.33 33.62 -48.42
N ARG V 52 -22.63 34.90 -48.16
CA ARG V 52 -24.03 35.30 -48.06
C ARG V 52 -24.77 34.93 -49.33
N ASN V 53 -24.16 35.21 -50.48
CA ASN V 53 -24.77 34.91 -51.78
C ASN V 53 -23.89 33.98 -52.62
N TYR V 54 -22.93 33.32 -52.00
CA TYR V 54 -22.03 32.41 -52.71
C TYR V 54 -22.79 31.28 -53.42
N ASP V 55 -22.38 31.02 -54.66
CA ASP V 55 -23.02 30.03 -55.53
C ASP V 55 -21.95 29.00 -55.86
N SER V 56 -22.01 27.85 -55.19
CA SER V 56 -20.92 26.87 -55.28
C SER V 56 -20.92 26.13 -56.62
N MET V 57 -22.09 25.90 -57.23
CA MET V 57 -22.13 25.35 -58.59
C MET V 57 -21.49 26.31 -59.59
N LYS V 58 -21.83 27.60 -59.48
CA LYS V 58 -21.22 28.60 -60.36
C LYS V 58 -19.70 28.66 -60.14
N ASP V 59 -19.25 28.62 -58.89
CA ASP V 59 -17.82 28.54 -58.62
C ASP V 59 -17.19 27.35 -59.33
N PHE V 60 -17.81 26.17 -59.21
CA PHE V 60 -17.26 24.97 -59.80
C PHE V 60 -17.25 25.05 -61.31
N GLU V 61 -18.34 25.56 -61.90
CA GLU V 61 -18.37 25.71 -63.36
C GLU V 61 -17.25 26.63 -63.83
N GLU V 62 -16.98 27.70 -63.08
CA GLU V 62 -15.87 28.57 -63.47
C GLU V 62 -14.56 27.82 -63.44
N MET V 63 -14.28 27.11 -62.34
CA MET V 63 -13.04 26.35 -62.27
C MET V 63 -12.99 25.24 -63.32
N ARG V 64 -14.13 24.60 -63.59
CA ARG V 64 -14.16 23.53 -64.59
C ARG V 64 -13.81 24.07 -65.98
N LYS V 65 -14.39 25.20 -66.36
CA LYS V 65 -14.07 25.79 -67.68
C LYS V 65 -12.60 26.17 -67.78
N ALA V 66 -11.97 26.56 -66.68
CA ALA V 66 -10.57 26.91 -66.76
C ALA V 66 -9.66 25.70 -66.84
N GLY V 67 -10.22 24.50 -66.71
CA GLY V 67 -9.42 23.29 -66.77
C GLY V 67 -8.72 22.84 -65.49
N ILE V 68 -9.20 23.21 -64.30
CA ILE V 68 -8.35 22.82 -63.16
C ILE V 68 -8.51 21.35 -62.76
N PHE V 69 -9.60 20.69 -63.16
CA PHE V 69 -9.95 19.39 -62.60
C PHE V 69 -9.43 18.22 -63.41
N GLN V 70 -9.06 17.15 -62.70
CA GLN V 70 -8.77 15.86 -63.31
C GLN V 70 -10.05 15.15 -63.71
N SER V 71 -11.09 15.21 -62.86
CA SER V 71 -12.23 14.32 -62.98
C SER V 71 -13.40 14.96 -63.73
N ALA V 72 -13.35 16.26 -63.99
CA ALA V 72 -14.43 17.00 -64.62
C ALA V 72 -13.76 17.95 -65.60
N LYS V 73 -13.51 17.45 -66.80
CA LYS V 73 -12.98 18.31 -67.84
C LYS V 73 -14.12 19.15 -68.38
N PHE W 1 37.27 -17.35 12.93
CA PHE W 1 37.79 -16.01 12.64
C PHE W 1 38.00 -15.23 13.95
N GLU W 2 39.04 -14.40 13.96
CA GLU W 2 39.26 -13.42 15.01
C GLU W 2 39.19 -12.02 14.41
N ASN W 3 38.95 -11.07 15.29
CA ASN W 3 38.68 -9.71 14.86
C ASN W 3 40.03 -9.04 14.65
N ARG W 4 40.41 -8.87 13.39
CA ARG W 4 41.66 -8.21 13.04
C ARG W 4 41.42 -6.80 12.48
N VAL W 5 40.31 -6.15 12.84
CA VAL W 5 40.04 -4.85 12.22
C VAL W 5 41.08 -3.80 12.65
N ALA W 6 41.57 -3.88 13.90
CA ALA W 6 42.51 -2.88 14.41
C ALA W 6 43.81 -2.87 13.61
N GLU W 7 44.27 -4.05 13.17
CA GLU W 7 45.50 -4.01 12.39
C GLU W 7 45.24 -3.45 11.00
N LYS W 8 44.04 -3.63 10.44
CA LYS W 8 43.74 -2.95 9.17
C LYS W 8 43.65 -1.46 9.38
N GLN W 9 43.05 -1.07 10.49
CA GLN W 9 42.97 0.33 10.82
C GLN W 9 44.38 0.94 10.89
N LYS W 10 45.31 0.25 11.54
CA LYS W 10 46.67 0.80 11.63
C LYS W 10 47.28 0.92 10.23
N LEU W 11 47.16 -0.13 9.41
CA LEU W 11 47.70 -0.10 8.04
C LEU W 11 47.13 1.07 7.24
N PHE W 12 45.78 1.20 7.20
CA PHE W 12 45.22 2.22 6.31
C PHE W 12 45.28 3.63 6.89
N GLN W 13 45.74 3.82 8.16
CA GLN W 13 45.99 5.16 8.70
C GLN W 13 47.48 5.50 8.76
N GLU W 14 48.37 4.66 8.27
CA GLU W 14 49.79 4.95 8.34
C GLU W 14 50.10 6.20 7.52
N ASP W 15 50.92 7.08 8.09
CA ASP W 15 51.26 8.37 7.50
C ASP W 15 52.29 8.16 6.38
N ASN W 16 51.83 7.70 5.22
CA ASN W 16 52.75 7.48 4.09
C ASN W 16 52.37 8.27 2.85
N GLY W 17 51.39 9.15 2.93
CA GLY W 17 50.99 9.93 1.77
C GLY W 17 50.28 9.18 0.66
N LEU W 18 50.00 7.86 0.82
CA LEU W 18 49.38 7.13 -0.30
C LEU W 18 47.87 7.38 -0.35
N PRO W 19 47.31 7.60 -1.53
CA PRO W 19 45.85 7.68 -1.64
C PRO W 19 45.21 6.33 -1.31
N VAL W 20 43.95 6.38 -0.86
CA VAL W 20 43.28 5.17 -0.35
C VAL W 20 43.32 4.03 -1.38
N HIS W 21 43.24 4.34 -2.68
CA HIS W 21 43.18 3.19 -3.63
C HIS W 21 44.52 2.49 -3.77
N LEU W 22 45.57 2.98 -3.14
CA LEU W 22 46.87 2.30 -3.23
C LEU W 22 47.44 1.98 -1.89
N LYS W 23 46.74 2.31 -0.83
CA LYS W 23 47.28 2.19 0.51
C LYS W 23 47.35 0.74 0.98
N GLY W 24 46.68 -0.20 0.31
CA GLY W 24 46.89 -1.60 0.72
C GLY W 24 48.24 -2.17 0.35
N GLY W 25 49.00 -1.51 -0.55
CA GLY W 25 50.28 -2.08 -0.96
C GLY W 25 50.45 -2.42 -2.43
N ALA W 26 51.48 -3.21 -2.72
CA ALA W 26 51.88 -3.45 -4.11
C ALA W 26 50.78 -4.12 -4.91
N THR W 27 49.96 -4.94 -4.25
CA THR W 27 48.86 -5.55 -4.99
C THR W 27 47.90 -4.49 -5.51
N ASP W 28 47.64 -3.46 -4.69
CA ASP W 28 46.84 -2.34 -5.18
C ASP W 28 47.42 -1.80 -6.48
N ASN W 29 48.75 -1.57 -6.53
CA ASN W 29 49.30 -1.02 -7.77
C ASN W 29 49.09 -1.96 -8.95
N ILE W 30 49.14 -3.28 -8.71
CA ILE W 30 49.00 -4.21 -9.82
C ILE W 30 47.58 -4.18 -10.38
N LEU W 31 46.59 -4.29 -9.47
CA LEU W 31 45.20 -4.27 -9.90
C LEU W 31 44.86 -2.96 -10.62
N TYR W 32 45.31 -1.83 -10.07
CA TYR W 32 45.15 -0.53 -10.74
C TYR W 32 45.73 -0.56 -12.16
N ARG W 33 46.98 -1.02 -12.33
CA ARG W 33 47.56 -1.03 -13.67
C ARG W 33 46.79 -1.96 -14.62
N VAL W 34 46.37 -3.12 -14.13
CA VAL W 34 45.54 -4.02 -14.93
C VAL W 34 44.30 -3.27 -15.40
N THR W 35 43.61 -2.64 -14.45
CA THR W 35 42.36 -1.95 -14.76
C THR W 35 42.57 -0.84 -15.77
N MET W 36 43.54 0.03 -15.50
CA MET W 36 43.76 1.17 -16.39
C MET W 36 44.24 0.71 -17.76
N THR W 37 45.10 -0.33 -17.82
CA THR W 37 45.54 -0.81 -19.13
C THR W 37 44.37 -1.29 -19.97
N LEU W 38 43.50 -2.16 -19.39
CA LEU W 38 42.34 -2.66 -20.12
C LEU W 38 41.42 -1.52 -20.55
N CYS W 39 41.20 -0.54 -19.68
CA CYS W 39 40.30 0.55 -20.03
C CYS W 39 40.86 1.37 -21.17
N LEU W 40 42.16 1.73 -21.09
CA LEU W 40 42.72 2.58 -22.13
C LEU W 40 42.92 1.78 -23.43
N GLY W 41 43.42 0.55 -23.33
CA GLY W 41 43.53 -0.30 -24.51
C GLY W 41 42.19 -0.62 -25.15
N GLY W 42 41.20 -1.03 -24.34
CA GLY W 42 39.85 -1.23 -24.86
C GLY W 42 39.34 0.03 -25.55
N THR W 43 39.62 1.18 -24.97
CA THR W 43 39.13 2.43 -25.56
C THR W 43 39.76 2.68 -26.92
N LEU W 44 41.07 2.46 -27.03
CA LEU W 44 41.74 2.49 -28.33
C LEU W 44 41.13 1.49 -29.30
N TYR W 45 40.92 0.25 -28.86
CA TYR W 45 40.28 -0.75 -29.73
C TYR W 45 38.89 -0.32 -30.17
N SER W 46 38.09 0.27 -29.28
CA SER W 46 36.77 0.74 -29.73
C SER W 46 36.89 1.82 -30.80
N LEU W 47 37.89 2.71 -30.66
CA LEU W 47 38.09 3.71 -31.70
C LEU W 47 38.49 3.09 -33.04
N TYR W 48 39.40 2.12 -33.01
CA TYR W 48 39.68 1.34 -34.21
C TYR W 48 38.38 0.77 -34.82
N CYS W 49 37.53 0.15 -33.98
CA CYS W 49 36.29 -0.45 -34.48
C CYS W 49 35.36 0.58 -35.06
N LEU W 50 35.33 1.81 -34.50
CA LEU W 50 34.61 2.93 -35.11
C LEU W 50 35.11 3.24 -36.51
N GLY W 51 36.42 3.44 -36.65
CA GLY W 51 36.98 3.69 -37.97
C GLY W 51 36.64 2.60 -38.96
N TRP W 52 36.82 1.34 -38.55
CA TRP W 52 36.45 0.22 -39.39
C TRP W 52 34.96 0.27 -39.76
N ALA W 53 34.09 0.50 -38.77
CA ALA W 53 32.66 0.45 -39.05
C ALA W 53 32.15 1.71 -39.75
N SER W 54 32.97 2.73 -39.96
CA SER W 54 32.53 3.99 -40.56
C SER W 54 32.50 3.94 -42.07
N PHE W 55 33.14 2.95 -42.66
CA PHE W 55 33.25 2.85 -44.09
C PHE W 55 32.66 1.55 -44.59
N PRO W 56 32.07 1.54 -45.79
CA PRO W 56 31.46 0.30 -46.29
C PRO W 56 32.50 -0.79 -46.47
N HIS W 57 32.06 -2.04 -46.25
CA HIS W 57 32.96 -3.19 -46.39
C HIS W 57 32.26 -4.34 -47.08
N LYS W 58 33.01 -5.03 -47.94
CA LYS W 58 32.52 -6.23 -48.61
C LYS W 58 32.50 -7.41 -47.66
N ALA X 6 38.85 62.88 -17.81
CA ALA X 6 39.73 62.49 -18.90
C ALA X 6 38.97 61.65 -19.94
N PRO X 7 39.09 62.03 -21.22
CA PRO X 7 38.28 61.38 -22.26
C PRO X 7 38.62 59.90 -22.42
N ASP X 8 37.57 59.08 -22.52
CA ASP X 8 37.76 57.63 -22.60
C ASP X 8 37.64 57.20 -24.07
N PHE X 9 37.75 55.89 -24.31
CA PHE X 9 37.66 55.37 -25.67
C PHE X 9 36.36 55.80 -26.37
N HIS X 10 35.23 55.85 -25.62
CA HIS X 10 33.94 56.22 -26.21
C HIS X 10 33.84 57.71 -26.52
N ASP X 11 34.42 58.55 -25.66
CA ASP X 11 34.43 59.97 -25.99
C ASP X 11 35.26 60.23 -27.23
N LYS X 12 36.41 59.56 -27.32
CA LYS X 12 37.31 59.77 -28.44
C LYS X 12 36.77 59.15 -29.72
N TYR X 13 36.30 57.90 -29.66
CA TYR X 13 35.98 57.18 -30.88
C TYR X 13 34.51 56.83 -31.07
N GLY X 14 33.66 57.19 -30.11
CA GLY X 14 32.29 56.71 -30.15
C GLY X 14 31.53 57.14 -31.40
N ASN X 15 31.55 58.44 -31.70
CA ASN X 15 30.88 59.00 -32.87
C ASN X 15 31.29 58.30 -34.15
N ALA X 16 32.60 58.12 -34.34
CA ALA X 16 33.11 57.45 -35.54
C ALA X 16 32.61 56.01 -35.62
N VAL X 17 32.81 55.21 -34.56
CA VAL X 17 32.35 53.82 -34.53
C VAL X 17 30.89 53.71 -34.95
N LEU X 18 30.03 54.56 -34.38
CA LEU X 18 28.61 54.44 -34.65
C LEU X 18 28.27 54.80 -36.09
N ALA X 19 28.90 55.86 -36.60
CA ALA X 19 28.61 56.32 -37.95
C ALA X 19 29.12 55.34 -38.99
N SER X 20 30.36 54.86 -38.79
CA SER X 20 30.96 53.88 -39.71
C SER X 20 30.22 52.56 -39.70
N GLY X 21 29.88 52.06 -38.52
CA GLY X 21 29.23 50.76 -38.44
C GLY X 21 27.86 50.78 -39.08
N ALA X 22 27.11 51.85 -38.83
CA ALA X 22 25.78 51.96 -39.41
C ALA X 22 25.85 52.04 -40.94
N THR X 23 26.87 52.73 -41.45
CA THR X 23 26.99 52.94 -42.89
C THR X 23 27.46 51.68 -43.61
N PHE X 24 28.44 50.99 -43.03
CA PHE X 24 28.86 49.70 -43.59
C PHE X 24 27.71 48.71 -43.55
N CYS X 25 27.00 48.67 -42.43
CA CYS X 25 25.96 47.67 -42.20
C CYS X 25 24.84 47.81 -43.23
N VAL X 26 24.41 49.05 -43.47
CA VAL X 26 23.35 49.31 -44.44
C VAL X 26 23.81 48.98 -45.85
N ALA X 27 25.01 49.43 -46.20
CA ALA X 27 25.49 49.21 -47.57
C ALA X 27 25.70 47.74 -47.86
N VAL X 28 26.31 47.00 -46.94
CA VAL X 28 26.61 45.62 -47.30
C VAL X 28 25.32 44.81 -47.37
N TRP X 29 24.33 45.12 -46.51
CA TRP X 29 23.06 44.38 -46.58
C TRP X 29 22.23 44.76 -47.79
N VAL X 30 22.28 46.01 -48.22
CA VAL X 30 21.53 46.40 -49.40
C VAL X 30 22.11 45.71 -50.63
N TYR X 31 23.43 45.74 -50.75
CA TYR X 31 24.10 44.96 -51.78
C TYR X 31 23.69 43.49 -51.72
N MET X 32 23.79 42.87 -50.54
CA MET X 32 23.47 41.45 -50.49
C MET X 32 22.03 41.20 -50.90
N ALA X 33 21.12 42.08 -50.48
CA ALA X 33 19.69 41.90 -50.70
C ALA X 33 19.29 42.12 -52.17
N THR X 34 20.04 42.94 -52.93
CA THR X 34 19.59 43.42 -54.22
C THR X 34 20.48 43.08 -55.40
N GLN X 35 21.74 42.72 -55.18
CA GLN X 35 22.68 42.69 -56.31
C GLN X 35 23.26 41.32 -56.64
N ILE X 36 22.93 40.26 -55.91
CA ILE X 36 23.60 38.98 -56.15
C ILE X 36 22.64 37.87 -56.54
N GLY X 37 21.40 38.20 -56.86
CA GLY X 37 20.51 37.19 -57.37
C GLY X 37 19.74 36.41 -56.34
N ILE X 38 19.69 36.86 -55.09
CA ILE X 38 18.83 36.18 -54.13
C ILE X 38 17.39 36.24 -54.60
N GLU X 39 16.70 35.11 -54.56
CA GLU X 39 15.26 35.03 -54.85
C GLU X 39 14.48 35.21 -53.56
N TRP X 40 13.86 36.38 -53.40
CA TRP X 40 13.02 36.69 -52.25
C TRP X 40 11.60 36.18 -52.38
N ASN X 41 11.09 35.99 -53.60
CA ASN X 41 9.74 35.52 -53.82
C ASN X 41 8.66 36.36 -53.12
N PRO X 42 8.54 37.63 -53.48
CA PRO X 42 7.45 38.43 -52.90
C PRO X 42 6.11 37.96 -53.45
N SER X 43 5.06 38.49 -52.84
CA SER X 43 3.72 38.23 -53.33
C SER X 43 3.58 38.64 -54.80
N PRO X 44 2.87 37.85 -55.60
CA PRO X 44 2.52 38.30 -56.97
C PRO X 44 1.40 39.32 -57.00
N VAL X 45 0.74 39.57 -55.87
CA VAL X 45 -0.38 40.51 -55.87
C VAL X 45 0.14 41.89 -56.21
N GLY X 46 -0.43 42.50 -57.25
CA GLY X 46 0.01 43.81 -57.70
C GLY X 46 1.26 43.80 -58.53
N ARG X 47 1.84 42.65 -58.82
CA ARG X 47 3.18 42.64 -59.39
C ARG X 47 3.23 41.78 -60.66
N VAL X 48 2.45 40.71 -60.71
CA VAL X 48 2.57 39.74 -61.78
C VAL X 48 1.34 39.87 -62.68
N THR X 49 1.58 39.83 -63.98
CA THR X 49 0.50 39.69 -64.92
C THR X 49 0.21 38.21 -65.14
N PRO X 50 -0.98 37.72 -64.81
CA PRO X 50 -1.25 36.29 -64.97
C PRO X 50 -1.23 35.90 -66.44
N LYS X 51 -0.65 34.74 -66.73
CA LYS X 51 -0.41 34.29 -68.10
C LYS X 51 -1.08 32.95 -68.31
N GLU X 52 -1.61 32.75 -69.53
CA GLU X 52 -2.33 31.52 -69.84
C GLU X 52 -1.43 30.30 -69.64
N TRP X 53 -1.97 29.30 -68.97
CA TRP X 53 -1.21 28.10 -68.65
C TRP X 53 -1.81 26.86 -69.23
N ARG X 54 -3.13 26.84 -69.41
CA ARG X 54 -3.84 25.72 -70.01
C ARG X 54 -3.74 25.83 -71.53
N HIS Y 2 50.13 19.47 -2.99
CA HIS Y 2 48.93 20.27 -3.23
C HIS Y 2 49.00 20.89 -4.64
N TYR Y 3 47.93 21.54 -5.03
CA TYR Y 3 47.76 22.07 -6.37
C TYR Y 3 48.00 23.56 -6.34
N GLU Y 4 48.27 24.12 -7.51
CA GLU Y 4 48.39 25.58 -7.59
C GLU Y 4 47.02 26.21 -7.41
N GLU Y 5 47.04 27.45 -6.93
CA GLU Y 5 45.87 28.22 -6.58
C GLU Y 5 45.95 29.59 -7.23
N GLY Y 6 44.79 30.18 -7.48
CA GLY Y 6 44.80 31.58 -7.88
C GLY Y 6 44.41 31.75 -9.33
N PRO Y 7 44.25 33.00 -9.77
CA PRO Y 7 43.81 33.22 -11.16
C PRO Y 7 44.79 32.62 -12.15
N GLY Y 8 44.23 31.98 -13.17
CA GLY Y 8 45.06 31.29 -14.14
C GLY Y 8 45.60 29.96 -13.71
N LYS Y 9 45.34 29.53 -12.47
CA LYS Y 9 45.95 28.31 -11.96
C LYS Y 9 44.94 27.23 -11.60
N ASN Y 10 43.64 27.52 -11.71
CA ASN Y 10 42.55 26.60 -11.37
C ASN Y 10 41.88 26.05 -12.62
N ILE Y 11 42.67 25.77 -13.67
CA ILE Y 11 42.17 25.42 -15.02
C ILE Y 11 43.10 24.41 -15.66
N PRO Y 12 42.60 23.55 -16.52
CA PRO Y 12 43.45 22.49 -17.10
C PRO Y 12 44.23 22.95 -18.33
N PHE Y 13 44.24 24.23 -18.62
CA PHE Y 13 44.99 24.80 -19.73
C PHE Y 13 45.74 26.00 -19.20
N SER Y 14 46.80 26.38 -19.87
CA SER Y 14 47.66 27.46 -19.39
C SER Y 14 47.29 28.83 -19.97
N VAL Y 15 47.43 29.88 -19.17
CA VAL Y 15 47.21 31.23 -19.69
C VAL Y 15 48.48 32.07 -19.57
N GLU Y 16 49.60 31.38 -19.35
CA GLU Y 16 50.89 32.03 -19.23
C GLU Y 16 51.25 32.86 -20.46
N ASN Y 17 51.02 32.33 -21.65
CA ASN Y 17 51.29 33.10 -22.86
C ASN Y 17 50.00 33.25 -23.62
N LYS Y 18 49.60 34.50 -23.90
CA LYS Y 18 48.32 34.75 -24.53
C LYS Y 18 48.26 34.21 -25.95
N TRP Y 19 49.38 34.15 -26.67
CA TRP Y 19 49.32 33.68 -28.05
C TRP Y 19 49.22 32.16 -28.11
N ARG Y 20 49.97 31.50 -27.24
CA ARG Y 20 49.79 30.07 -27.12
C ARG Y 20 48.37 29.78 -26.66
N LEU Y 21 47.84 30.62 -25.77
CA LEU Y 21 46.44 30.46 -25.38
C LEU Y 21 45.53 30.48 -26.61
N LEU Y 22 45.75 31.47 -27.49
CA LEU Y 22 44.89 31.64 -28.65
C LEU Y 22 44.95 30.42 -29.55
N ALA Y 23 46.14 29.84 -29.73
CA ALA Y 23 46.22 28.61 -30.51
C ALA Y 23 45.38 27.50 -29.87
N MET Y 24 45.53 27.29 -28.55
CA MET Y 24 44.75 26.24 -27.89
C MET Y 24 43.23 26.51 -27.97
N MET Y 25 42.78 27.74 -27.73
CA MET Y 25 41.34 28.00 -27.80
C MET Y 25 40.82 27.83 -29.22
N THR Y 26 41.63 28.23 -30.21
CA THR Y 26 41.27 28.07 -31.63
C THR Y 26 41.15 26.61 -32.00
N LEU Y 27 42.08 25.77 -31.52
CA LEU Y 27 41.99 24.33 -31.78
C LEU Y 27 40.81 23.71 -31.04
N PHE Y 28 40.52 24.22 -29.85
CA PHE Y 28 39.46 23.64 -29.01
C PHE Y 28 38.09 23.91 -29.62
N PHE Y 29 37.71 25.21 -29.71
CA PHE Y 29 36.43 25.60 -30.28
C PHE Y 29 36.34 25.31 -31.77
N GLY Y 30 37.41 25.52 -32.52
CA GLY Y 30 37.40 25.18 -33.95
C GLY Y 30 37.16 23.70 -34.22
N SER Y 31 37.80 22.82 -33.46
CA SER Y 31 37.54 21.41 -33.72
C SER Y 31 36.04 21.09 -33.52
N GLY Y 32 35.41 21.62 -32.48
CA GLY Y 32 34.00 21.30 -32.24
C GLY Y 32 33.09 21.86 -33.33
N PHE Y 33 33.40 23.06 -33.80
CA PHE Y 33 32.59 23.63 -34.87
C PHE Y 33 32.85 22.92 -36.21
N ALA Y 34 34.10 22.47 -36.46
CA ALA Y 34 34.40 21.84 -37.73
C ALA Y 34 33.79 20.45 -37.82
N ALA Y 35 33.74 19.69 -36.70
CA ALA Y 35 33.36 18.28 -36.77
C ALA Y 35 32.10 18.01 -37.60
N PRO Y 36 30.98 18.71 -37.41
CA PRO Y 36 29.77 18.32 -38.18
C PRO Y 36 29.95 18.51 -39.68
N PHE Y 37 30.73 19.51 -40.10
CA PHE Y 37 30.96 19.67 -41.54
C PHE Y 37 31.72 18.49 -42.12
N PHE Y 38 32.75 18.01 -41.42
CA PHE Y 38 33.48 16.84 -41.95
C PHE Y 38 32.68 15.56 -41.84
N ILE Y 39 31.75 15.47 -40.88
CA ILE Y 39 30.93 14.27 -40.82
C ILE Y 39 29.97 14.25 -42.01
N VAL Y 40 29.42 15.43 -42.36
CA VAL Y 40 28.56 15.55 -43.53
C VAL Y 40 29.34 15.17 -44.80
N ARG Y 41 30.59 15.64 -44.92
CA ARG Y 41 31.43 15.27 -46.05
C ARG Y 41 31.62 13.76 -46.13
N HIS Y 42 31.99 13.16 -45.00
CA HIS Y 42 32.11 11.71 -44.86
C HIS Y 42 30.91 10.95 -45.41
N GLN Y 43 29.71 11.35 -44.98
CA GLN Y 43 28.50 10.66 -45.38
C GLN Y 43 28.22 10.84 -46.86
N LEU Y 44 28.27 12.08 -47.34
CA LEU Y 44 28.05 12.36 -48.77
C LEU Y 44 29.05 11.62 -49.65
N LEU Y 45 30.30 11.42 -49.18
CA LEU Y 45 31.34 10.77 -49.97
C LEU Y 45 31.33 9.26 -49.86
N LYS Y 46 30.61 8.73 -48.87
CA LYS Y 46 30.41 7.28 -48.80
C LYS Y 46 29.58 6.80 -49.97
N LYS Y 47 28.36 7.33 -50.10
CA LYS Y 47 27.45 6.99 -51.19
C LYS Y 47 26.28 7.97 -51.19
N ILE Z 1 31.92 45.65 -10.11
CA ILE Z 1 33.08 44.88 -9.67
C ILE Z 1 34.32 45.78 -9.80
N THR Z 2 35.32 45.59 -8.94
CA THR Z 2 36.59 46.29 -9.07
C THR Z 2 37.70 45.30 -9.35
N ALA Z 3 38.70 45.77 -10.08
CA ALA Z 3 39.78 44.90 -10.52
C ALA Z 3 41.09 45.70 -10.63
N LYS Z 4 42.21 45.00 -10.45
CA LYS Z 4 43.53 45.54 -10.74
C LYS Z 4 43.67 45.85 -12.24
N PRO Z 5 44.58 46.76 -12.62
CA PRO Z 5 44.86 46.95 -14.04
C PRO Z 5 45.40 45.67 -14.64
N ALA Z 6 45.15 45.51 -15.93
CA ALA Z 6 45.53 44.30 -16.65
C ALA Z 6 47.02 44.04 -16.47
N LYS Z 7 47.36 42.81 -16.07
CA LYS Z 7 48.75 42.44 -15.97
C LYS Z 7 49.43 42.41 -17.31
N THR Z 8 48.71 42.01 -18.35
CA THR Z 8 49.27 41.89 -19.70
C THR Z 8 48.30 42.51 -20.67
N PRO Z 9 48.21 43.85 -20.66
CA PRO Z 9 47.19 44.54 -21.47
C PRO Z 9 47.22 44.08 -22.92
N THR Z 10 46.03 43.99 -23.52
CA THR Z 10 45.83 43.57 -24.89
C THR Z 10 45.42 44.81 -25.68
N SER Z 11 46.34 45.29 -26.54
CA SER Z 11 46.13 46.51 -27.32
C SER Z 11 45.10 46.29 -28.43
N PRO Z 12 44.56 47.37 -29.00
CA PRO Z 12 43.68 47.21 -30.17
C PRO Z 12 44.26 46.36 -31.27
N LYS Z 13 45.58 46.47 -31.55
CA LYS Z 13 46.23 45.62 -32.54
C LYS Z 13 46.17 44.15 -32.12
N GLU Z 14 46.51 43.84 -30.86
CA GLU Z 14 46.47 42.45 -30.42
C GLU Z 14 45.04 41.92 -30.47
N GLN Z 15 44.06 42.76 -30.13
CA GLN Z 15 42.66 42.32 -30.21
C GLN Z 15 42.24 42.04 -31.65
N ALA Z 16 42.71 42.85 -32.61
CA ALA Z 16 42.39 42.56 -34.01
C ALA Z 16 42.98 41.22 -34.45
N ILE Z 17 44.20 40.90 -33.99
CA ILE Z 17 44.79 39.59 -34.29
C ILE Z 17 43.95 38.46 -33.68
N GLY Z 18 43.65 38.56 -32.38
CA GLY Z 18 42.85 37.52 -31.74
C GLY Z 18 41.48 37.36 -32.39
N LEU Z 19 40.82 38.48 -32.71
CA LEU Z 19 39.48 38.42 -33.31
C LEU Z 19 39.55 37.76 -34.68
N SER Z 20 40.46 38.24 -35.52
CA SER Z 20 40.68 37.66 -36.85
C SER Z 20 41.03 36.19 -36.76
N VAL Z 21 41.97 35.84 -35.87
CA VAL Z 21 42.34 34.42 -35.79
C VAL Z 21 41.15 33.59 -35.31
N THR Z 22 40.42 34.08 -34.32
CA THR Z 22 39.25 33.33 -33.85
C THR Z 22 38.28 33.08 -34.99
N PHE Z 23 37.95 34.14 -35.76
CA PHE Z 23 36.92 34.03 -36.78
C PHE Z 23 37.34 33.06 -37.89
N LEU Z 24 38.59 33.18 -38.37
CA LEU Z 24 39.08 32.26 -39.40
C LEU Z 24 38.97 30.80 -38.96
N SER Z 25 39.25 30.52 -37.67
CA SER Z 25 39.28 29.13 -37.21
C SER Z 25 37.89 28.47 -37.33
N PHE Z 26 36.82 29.25 -37.21
CA PHE Z 26 35.46 28.78 -37.52
C PHE Z 26 35.20 28.76 -39.04
N LEU Z 27 35.65 29.79 -39.74
CA LEU Z 27 35.17 29.99 -41.11
C LEU Z 27 35.91 29.14 -42.14
N LEU Z 28 37.23 28.88 -41.95
CA LEU Z 28 37.97 28.25 -43.05
C LEU Z 28 37.66 26.77 -43.23
N PRO Z 29 37.63 25.91 -42.19
CA PRO Z 29 37.29 24.49 -42.46
C PRO Z 29 35.89 24.33 -42.99
N ALA Z 30 34.91 25.03 -42.41
CA ALA Z 30 33.54 24.92 -42.91
C ALA Z 30 33.43 25.46 -44.32
N GLY Z 31 33.97 26.66 -44.56
CA GLY Z 31 34.01 27.16 -45.92
C GLY Z 31 34.54 26.14 -46.87
N TRP Z 32 35.62 25.45 -46.47
CA TRP Z 32 36.26 24.49 -47.36
C TRP Z 32 35.32 23.32 -47.68
N VAL Z 33 34.62 22.79 -46.67
CA VAL Z 33 33.69 21.68 -46.95
C VAL Z 33 32.55 22.19 -47.81
N LEU Z 34 32.04 23.40 -47.51
CA LEU Z 34 30.87 23.87 -48.24
C LEU Z 34 31.24 24.24 -49.67
N TYR Z 35 32.45 24.78 -49.86
CA TYR Z 35 32.89 25.10 -51.21
C TYR Z 35 32.95 23.84 -52.08
N HIS Z 36 33.31 22.70 -51.49
CA HIS Z 36 33.57 21.47 -52.22
C HIS Z 36 32.37 20.52 -52.25
N LEU Z 37 31.16 21.01 -51.92
CA LEU Z 37 30.01 20.11 -51.83
C LEU Z 37 29.75 19.37 -53.13
N ASP Z 38 29.80 20.06 -54.26
CA ASP Z 38 29.50 19.39 -55.53
C ASP Z 38 30.53 18.30 -55.84
N ASN Z 39 31.79 18.52 -55.44
CA ASN Z 39 32.81 17.48 -55.53
C ASN Z 39 32.50 16.27 -54.65
N TYR Z 40 31.69 16.44 -53.61
CA TYR Z 40 31.20 15.31 -52.84
C TYR Z 40 29.92 14.71 -53.44
N LYS Z 41 28.93 15.54 -53.75
CA LYS Z 41 27.64 15.03 -54.21
C LYS Z 41 27.75 14.31 -55.55
N LYS Z 42 28.97 14.02 -56.00
CA LYS Z 42 29.20 13.01 -57.03
C LYS Z 42 30.66 12.56 -56.91
N SER Z 43 30.88 11.53 -56.08
CA SER Z 43 32.21 10.99 -55.82
C SER Z 43 32.15 9.62 -55.14
FE HEA AA . -25.61 -29.25 21.01
CHA HEA AA . -26.85 -29.10 17.73
CHB HEA AA . -27.63 -31.96 21.57
CHC HEA AA . -24.30 -29.50 24.06
CHD HEA AA . -23.58 -26.58 20.31
NA HEA AA . -26.95 -30.31 19.87
C1A HEA AA . -27.26 -30.19 18.58
C2A HEA AA . -28.11 -31.20 18.09
C3A HEA AA . -28.29 -32.05 19.15
C4A HEA AA . -27.54 -31.47 20.22
CMA HEA AA . -29.10 -33.32 19.17
OMA HEA AA . -28.78 -34.23 19.94
CAA HEA AA . -28.60 -31.38 16.61
CBA HEA AA . -29.99 -30.86 16.45
CGA HEA AA . -30.36 -31.12 14.98
O1A HEA AA . -31.56 -31.30 14.75
O2A HEA AA . -29.51 -31.13 14.05
NB HEA AA . -25.96 -30.46 22.59
C1B HEA AA . -26.82 -31.52 22.68
C2B HEA AA . -26.80 -32.12 23.95
C3B HEA AA . -25.84 -31.41 24.69
C4B HEA AA . -25.31 -30.45 23.79
CMB HEA AA . -27.65 -33.31 24.43
NC HEA AA . -24.19 -28.17 21.99
C1C HEA AA . -23.75 -28.46 23.22
C2C HEA AA . -22.74 -27.59 23.66
C3C HEA AA . -22.51 -26.76 22.60
C4C HEA AA . -23.45 -27.15 21.61
CMC HEA AA . -22.07 -27.72 25.03
CAC HEA AA . -21.55 -25.66 22.42
CBC HEA AA . -20.77 -25.17 23.35
ND HEA AA . -25.30 -28.07 19.40
C1D HEA AA . -24.48 -26.98 19.31
C2D HEA AA . -24.49 -26.37 18.06
C3D HEA AA . -25.45 -27.08 17.36
C4D HEA AA . -25.93 -28.09 18.20
CMD HEA AA . -23.65 -25.22 17.60
CAD HEA AA . -25.90 -26.81 15.90
CBD HEA AA . -27.13 -25.86 15.90
CGD HEA AA . -27.77 -25.73 14.43
O1D HEA AA . -28.08 -24.63 13.90
O2D HEA AA . -27.93 -26.76 13.77
C11 HEA AA . -25.43 -31.78 26.07
O11 HEA AA . -24.04 -32.31 26.04
C12 HEA AA . -25.49 -30.59 27.03
C13 HEA AA . -25.15 -31.08 28.46
C14 HEA AA . -24.95 -29.98 29.52
C15 HEA AA . -23.77 -29.34 29.68
C16 HEA AA . -23.66 -28.31 30.79
C17 HEA AA . -23.41 -26.98 30.17
C18 HEA AA . -23.29 -25.99 31.33
C18 HEA AA . -22.54 -25.94 30.84
C19 HEA AA . -22.17 -25.52 31.92
C19 HEA AA . -22.69 -25.38 32.05
C20 HEA AA . -22.36 -24.52 33.06
C20 HEA AA . -21.73 -24.27 32.49
C21 HEA AA . -21.33 -24.86 34.15
C21 HEA AA . -21.60 -24.30 34.02
C22 HEA AA . -21.48 -23.97 35.36
C22 HEA AA . -20.75 -23.11 34.41
C23 HEA AA . -20.41 -23.40 35.95
C23 HEA AA . -19.68 -23.09 35.19
C24 HEA AA . -19.02 -23.65 35.41
C24 HEA AA . -19.13 -24.32 35.84
C25 HEA AA . -20.56 -22.52 37.16
C25 HEA AA . -19.01 -21.76 35.40
C26 HEA AA . -22.59 -29.62 28.80
C27 HEA AA . -20.79 -25.94 31.47
C27 HEA AA . -23.79 -25.74 32.99
FE HEA BA . -14.96 -28.66 13.27
CHA HEA BA . -17.84 -28.40 11.42
CHB HEA BA . -13.22 -29.81 10.51
CHC HEA BA . -12.01 -28.42 15.02
CHD HEA BA . -16.64 -27.11 15.99
NA HEA BA . -15.44 -29.04 11.32
C1A HEA BA . -16.65 -28.81 10.73
C2A HEA BA . -16.62 -29.06 9.36
C3A HEA BA . -15.32 -29.44 9.09
C4A HEA BA . -14.61 -29.41 10.33
CMA HEA BA . -14.76 -29.76 7.76
OMA HEA BA . -13.55 -29.74 7.58
CAA HEA BA . -17.75 -28.92 8.36
CBA HEA BA . -18.35 -30.31 8.06
CGA HEA BA . -19.72 -30.18 7.36
O1A HEA BA . -20.01 -30.95 6.40
O2A HEA BA . -20.51 -29.32 7.78
NB HEA BA . -13.03 -29.13 12.86
C1B HEA BA . -12.45 -29.59 11.72
C2B HEA BA . -11.07 -29.81 11.82
C3B HEA BA . -10.72 -29.38 13.09
C4B HEA BA . -11.93 -28.92 13.68
CMB HEA BA . -10.08 -30.38 10.79
NC HEA BA . -14.43 -27.95 15.11
C1C HEA BA . -13.20 -27.88 15.65
C2C HEA BA . -13.14 -27.34 16.96
C3C HEA BA . -14.43 -27.01 17.19
C4C HEA BA . -15.20 -27.38 16.06
CMC HEA BA . -11.91 -27.11 17.87
CAC HEA BA . -15.07 -26.37 18.35
CBC HEA BA . -14.57 -26.15 19.54
ND HEA BA . -16.84 -28.05 13.65
C1D HEA BA . -17.35 -27.39 14.77
C2D HEA BA . -18.74 -27.03 14.63
C3D HEA BA . -19.05 -27.43 13.34
C4D HEA BA . -17.88 -28.02 12.80
CMD HEA BA . -19.61 -26.30 15.68
CAD HEA BA . -20.40 -27.33 12.59
CBD HEA BA . -20.83 -25.91 12.37
CGD HEA BA . -22.25 -25.95 11.83
O1D HEA BA . -22.49 -26.29 10.63
O2D HEA BA . -23.11 -25.64 12.68
C11 HEA BA . -9.30 -29.41 13.68
O11 HEA BA . -9.10 -28.18 14.43
C12 HEA BA . -9.07 -30.59 14.66
C13 HEA BA . -7.56 -30.88 14.81
C14 HEA BA . -7.30 -31.93 15.88
C15 HEA BA . -6.79 -33.15 15.69
C16 HEA BA . -6.62 -34.03 16.91
C17 HEA BA . -5.23 -33.97 17.60
C18 HEA BA . -4.08 -34.25 16.64
C19 HEA BA . -3.16 -35.29 16.71
C20 HEA BA . -2.03 -35.39 15.67
C21 HEA BA . -2.12 -36.49 14.63
C22 HEA BA . -3.47 -36.33 13.92
C23 HEA BA . -3.47 -36.59 12.58
C24 HEA BA . -2.19 -37.01 11.93
C25 HEA BA . -4.69 -36.43 11.71
C26 HEA BA . -6.52 -33.73 14.32
C27 HEA BA . -3.24 -36.18 17.93
CU CU CA . -14.74 -24.76 10.29
MG MG DA . -25.78 -27.78 4.10
NA NA EA . -39.64 -36.55 16.88
O1 PER FA . -14.87 -26.41 12.40
O2 PER FA . -15.60 -25.05 12.21
P PGV GA . -11.90 3.18 30.26
C01 PGV GA . -10.65 2.52 26.17
C02 PGV GA . -11.47 3.77 26.56
C03 PGV GA . -11.10 4.21 28.02
C04 PGV GA . -9.54 3.88 31.34
C05 PGV GA . -9.10 5.19 32.02
C06 PGV GA . -9.41 6.40 31.11
O01 PGV GA . -12.83 3.30 26.46
O02 PGV GA . -13.46 5.23 25.39
O03 PGV GA . -11.04 2.00 24.86
O04 PGV GA . -9.54 3.52 24.17
O05 PGV GA . -7.70 5.18 32.29
O06 PGV GA . -8.93 7.66 31.70
O11 PGV GA . -11.34 3.02 28.75
O12 PGV GA . -10.84 4.21 30.92
O13 PGV GA . -11.84 1.83 30.87
O14 PGV GA . -13.22 3.87 30.25
C1 PGV GA . -13.77 4.12 25.78
C2 PGV GA . -15.15 3.54 25.57
C3 PGV GA . -16.12 4.72 25.57
C4 PGV GA . -17.58 4.15 25.51
C5 PGV GA . -18.59 5.33 25.20
C6 PGV GA . -20.08 4.87 25.22
C7 PGV GA . -20.35 3.82 24.11
C8 PGV GA . -21.84 3.34 24.12
C9 PGV GA . -21.88 2.13 23.23
C10 PGV GA . -23.21 1.42 22.96
C11 PGV GA . -22.72 0.10 22.41
C12 PGV GA . -23.44 -0.66 21.61
C13 PGV GA . -24.18 -0.06 20.42
C14 PGV GA . -24.81 -1.21 19.63
C15 PGV GA . -25.74 -0.66 18.54
C16 PGV GA . -26.28 -1.79 17.68
C17 PGV GA . -27.26 -1.21 16.67
C18 PGV GA . -27.83 -2.34 15.81
C19 PGV GA . -10.30 2.62 23.79
C20 PGV GA . -10.37 2.26 22.30
C21 PGV GA . -11.76 1.68 22.00
C22 PGV GA . -12.82 2.76 21.95
C23 PGV GA . -14.19 2.12 21.71
C24 PGV GA . -15.28 3.15 21.54
C25 PGV GA . -16.74 2.63 21.61
C26 PGV GA . -17.09 1.57 20.58
C27 PGV GA . -18.62 1.50 20.49
C28 PGV GA . -19.20 0.50 19.47
C29 PGV GA . -18.28 0.14 18.30
C30 PGV GA . -18.74 -1.16 17.63
C31 PGV GA . -17.70 -1.95 16.81
C32 PGV GA . -17.49 -1.37 15.41
C33 PGV GA . -16.64 -2.28 14.52
C34 PGV GA . -17.39 -3.53 14.08
P PGV HA . -12.02 -34.82 53.12
C01 PGV HA . -16.69 -34.48 53.80
C02 PGV HA . -15.39 -34.90 53.14
C03 PGV HA . -14.42 -33.75 53.09
C04 PGV HA . -10.24 -33.53 54.53
C05 PGV HA . -10.88 -32.65 55.62
C06 PGV HA . -12.08 -31.93 54.97
O01 PGV HA . -15.67 -35.32 51.81
O02 PGV HA . -14.11 -37.01 51.19
O03 PGV HA . -16.47 -34.27 55.19
O04 PGV HA . -17.45 -34.77 57.28
O05 PGV HA . -9.93 -31.76 56.20
O06 PGV HA . -12.56 -30.81 55.78
O11 PGV HA . -13.40 -34.42 53.81
O12 PGV HA . -11.14 -33.48 53.41
O13 PGV HA . -12.35 -35.12 51.67
O14 PGV HA . -11.44 -35.89 54.03
C1 PGV HA . -15.26 -36.67 51.47
C2 PGV HA . -16.33 -37.65 51.21
C3 PGV HA . -17.64 -37.39 51.80
C4 PGV HA . -18.52 -38.31 50.99
C5 PGV HA . -19.11 -37.44 49.91
C6 PGV HA . -19.83 -38.24 48.84
C7 PGV HA . -20.99 -39.04 49.43
C8 PGV HA . -21.76 -39.83 48.36
C9 PGV HA . -22.74 -40.83 48.99
C10 PGV HA . -24.14 -40.77 48.37
C11 PGV HA . -24.24 -41.58 47.11
C12 PGV HA . -25.46 -41.94 46.71
C13 PGV HA . -26.65 -41.29 47.38
C14 PGV HA . -27.90 -42.16 47.23
C15 PGV HA . -29.09 -41.57 48.00
C16 PGV HA . -29.51 -42.42 49.20
C17 PGV HA . -30.29 -43.68 48.81
C18 PGV HA . -30.57 -44.56 50.02
C19 PGV HA . -17.22 -35.13 56.12
C20 PGV HA . -17.62 -36.54 55.69
C21 PGV HA . -19.12 -36.87 55.72
C22 PGV HA . -19.85 -36.48 54.44
C23 PGV HA . -20.92 -37.54 54.20
C24 PGV HA . -21.89 -37.24 53.07
C25 PGV HA . -22.96 -38.30 53.24
C26 PGV HA . -23.88 -38.47 52.05
C27 PGV HA . -25.18 -37.68 51.97
C28 PGV HA . -25.90 -38.18 50.72
C29 PGV HA . -27.31 -37.64 50.43
C30 PGV HA . -27.91 -38.46 49.28
C31 PGV HA . -29.33 -38.10 48.78
C32 PGV HA . -30.53 -38.71 49.53
C33 PGV HA . -31.86 -38.33 48.90
C34 PGV HA . -33.04 -38.83 49.71
C1 EDO IA . -28.51 -5.09 50.01
O1 EDO IA . -28.07 -6.38 49.60
C2 EDO IA . -29.05 -4.42 48.74
O2 EDO IA . -29.48 -5.48 47.89
C1 EDO JA . -6.84 -26.23 44.36
O1 EDO JA . -7.87 -26.56 43.41
C2 EDO JA . -5.44 -26.45 43.77
O2 EDO JA . -5.29 -27.87 43.62
C1 EDO KA . -36.50 -14.65 -0.39
O1 EDO KA . -36.09 -13.78 0.67
C2 EDO KA . -35.97 -14.16 -1.73
O2 EDO KA . -34.54 -14.25 -1.79
C1 EDO LA . -14.67 -9.98 28.98
O1 EDO LA . -14.29 -8.62 29.11
C2 EDO LA . -14.18 -10.65 27.71
O2 EDO LA . -14.70 -9.95 26.58
C1 EDO MA . 10.97 -23.82 42.40
O1 EDO MA . 9.85 -23.83 43.33
C2 EDO MA . 10.64 -24.50 41.05
O2 EDO MA . 10.51 -25.95 41.16
C1 EDO NA . 12.80 -22.81 36.69
O1 EDO NA . 13.47 -23.81 37.51
C2 EDO NA . 13.40 -22.76 35.30
O2 EDO NA . 12.79 -23.73 34.43
C1 EDO OA . 1.87 -23.25 34.04
O1 EDO OA . 2.29 -21.84 33.87
C2 EDO OA . 1.76 -23.47 35.55
O2 EDO OA . 3.09 -23.54 36.12
C1 DMU PA . -28.72 -58.88 23.18
C2 DMU PA . -29.96 -59.30 22.42
C3 DMU PA . -30.96 -59.79 23.45
C4 DMU PA . -31.27 -58.67 24.45
O5 DMU PA . -30.09 -58.11 25.00
C6 DMU PA . -29.08 -57.70 24.07
O7 DMU PA . -32.15 -60.32 22.85
O16 DMU PA . -27.93 -57.24 24.78
C18 DMU PA . -28.05 -55.88 25.20
C19 DMU PA . -26.80 -55.47 25.98
C22 DMU PA . -26.58 -53.96 25.90
C25 DMU PA . -26.16 -53.43 27.27
C28 DMU PA . -24.94 -52.53 27.18
C31 DMU PA . -24.51 -52.00 28.56
C34 DMU PA . -23.38 -50.98 28.44
C37 DMU PA . -23.03 -50.33 29.79
C40 DMU PA . -22.81 -48.83 29.66
C43 DMU PA . -21.99 -48.25 30.81
O49 DMU PA . -27.69 -58.57 22.23
O55 DMU PA . -29.53 -60.29 21.47
C57 DMU PA . -32.08 -59.19 25.64
O61 DMU PA . -33.48 -59.07 25.42
C5 DMU PA . -33.32 -62.43 22.40
C7 DMU PA . -33.19 -63.95 22.55
C8 DMU PA . -31.74 -64.39 22.40
C9 DMU PA . -30.93 -63.70 23.51
O1 DMU PA . -31.10 -62.28 23.50
C10 DMU PA . -31.97 -61.71 22.50
O2 DMU PA . -31.62 -65.81 22.56
O3 DMU PA . -34.22 -61.90 23.38
O4 DMU PA . -34.00 -64.64 21.58
C11 DMU PA . -29.45 -64.04 23.46
O6 DMU PA . -28.79 -63.19 24.40
CA1 TGL QA . -17.70 -49.91 15.10
CA2 TGL QA . -17.84 -49.56 16.55
CA3 TGL QA . -16.82 -48.49 16.92
CA4 TGL QA . -15.77 -49.01 17.89
CA5 TGL QA . -14.76 -47.92 18.20
CA6 TGL QA . -14.01 -48.21 19.49
CA7 TGL QA . -14.73 -47.58 20.69
CA8 TGL QA . -15.66 -48.57 21.40
CA9 TGL QA . -17.10 -48.40 20.97
OA1 TGL QA . -17.65 -51.08 14.81
CB1 TGL QA . -17.76 -45.79 12.66
CB2 TGL QA . -17.91 -45.08 13.97
CB3 TGL QA . -16.94 -43.93 13.82
CB4 TGL QA . -16.09 -43.77 15.07
CB5 TGL QA . -15.18 -42.57 14.89
CB6 TGL QA . -14.52 -42.33 16.23
CB7 TGL QA . -13.52 -43.44 16.52
CB8 TGL QA . -13.21 -43.50 18.01
CB9 TGL QA . -11.96 -44.36 18.21
C10 TGL QA . -11.72 -44.68 19.69
C11 TGL QA . -10.40 -45.47 19.92
C12 TGL QA . -10.14 -45.74 21.40
C13 TGL QA . -10.35 -47.21 21.83
C14 TGL QA . -11.63 -47.38 22.62
OB1 TGL QA . -16.96 -45.33 11.87
OG1 TGL QA . -17.62 -48.89 14.04
CG1 TGL QA . -17.62 -49.23 12.65
CG2 TGL QA . -17.82 -48.03 11.71
OG2 TGL QA . -18.58 -46.95 12.33
CG3 TGL QA . -18.57 -48.53 10.47
OG3 TGL QA . -17.91 -49.67 9.94
CC1 TGL QA . -18.63 -50.81 9.37
CC2 TGL QA . -18.43 -52.22 9.88
CC3 TGL QA . -19.73 -52.81 10.45
CC4 TGL QA . -19.48 -54.13 11.18
CC5 TGL QA . -20.66 -54.59 12.05
CC6 TGL QA . -20.34 -55.86 12.84
CC7 TGL QA . -20.56 -55.76 14.37
CC8 TGL QA . -19.55 -54.85 15.08
CC9 TGL QA . -19.83 -54.57 16.57
C15 TGL QA . -21.07 -53.72 16.89
C16 TGL QA . -20.76 -52.48 17.74
C17 TGL QA . -21.91 -52.14 18.71
C18 TGL QA . -22.33 -50.67 18.77
C19 TGL QA . -21.76 -49.89 19.96
OC1 TGL QA . -19.39 -50.61 8.47
C20 TGL QA . -18.04 -49.12 21.94
C21 TGL QA . -18.10 -48.33 23.24
C22 TGL QA . -18.47 -46.89 22.96
C23 TGL QA . -17.99 -45.94 24.04
C24 TGL QA . -17.34 -44.70 23.44
C25 TGL QA . -15.83 -44.77 23.52
C26 TGL QA . -15.23 -43.41 23.87
C27 TGL QA . -15.32 -42.45 22.67
C28 TGL QA . -14.48 -43.02 21.55
C29 TGL QA . -11.42 -47.51 24.13
C30 TGL QA . -12.73 -47.21 24.84
C31 TGL QA . -12.57 -46.72 26.28
C32 TGL QA . -12.53 -45.21 26.37
C33 TGL QA . -22.82 -49.11 20.74
C34 TGL QA . -22.18 -47.97 21.56
C35 TGL QA . -23.21 -47.29 22.46
C36 TGL QA . -22.64 -46.24 23.40
CU1 CUA RA . -36.26 -28.85 1.90
CU2 CUA RA . -35.09 -29.18 4.03
P PSC SA . 20.89 -37.95 31.51
N PSC SA . 22.93 -38.61 34.95
C01 PSC SA . 17.90 -35.01 28.57
C02 PSC SA . 18.38 -36.36 29.06
C03 PSC SA . 19.83 -36.43 29.51
C04 PSC SA . 20.73 -37.81 34.16
C05 PSC SA . 21.98 -37.47 34.96
C06 PSC SA . 22.54 -39.73 34.09
C07 PSC SA . 23.01 -39.21 36.28
C08 PSC SA . 24.27 -38.12 34.63
O01 PSC SA . 17.88 -37.50 28.32
O02 PSC SA . 18.79 -38.00 26.26
O03 PSC SA . 16.83 -34.92 29.47
O04 PSC SA . 15.59 -33.26 28.43
O11 PSC SA . 19.74 -37.45 30.50
O12 PSC SA . 20.70 -37.12 32.90
O13 PSC SA . 22.23 -37.53 30.94
O14 PSC SA . 20.57 -39.39 31.82
C1 PSC SA . 17.86 -37.47 26.85
C2 PSC SA . 16.65 -36.99 26.06
C3 PSC SA . 16.11 -38.20 25.29
C4 PSC SA . 14.75 -38.00 24.61
C5 PSC SA . 14.23 -39.31 24.00
C6 PSC SA . 12.75 -39.16 23.63
C7 PSC SA . 12.06 -40.39 23.03
C8 PSC SA . 10.57 -40.03 22.95
C9 PSC SA . 9.69 -40.94 22.12
C10 PSC SA . 8.48 -40.47 21.80
C11 PSC SA . 7.62 -41.08 20.71
C12 PSC SA . 6.44 -40.16 20.38
C13 PSC SA . 5.52 -40.79 19.33
C14 PSC SA . 4.57 -39.79 18.64
C15 PSC SA . 3.76 -40.50 17.53
C16 PSC SA . 2.82 -39.59 16.75
C17 PSC SA . 1.99 -40.34 15.71
C18 PSC SA . 0.80 -39.53 15.23
C19 PSC SA . 15.64 -34.19 29.23
C20 PSC SA . 14.48 -34.69 30.04
C21 PSC SA . 14.28 -36.17 29.70
C22 PSC SA . 13.13 -36.39 28.72
C23 PSC SA . 13.22 -35.51 27.47
C24 PSC SA . 12.24 -36.01 26.42
C25 PSC SA . 10.97 -36.51 27.09
C26 PSC SA . 9.92 -36.89 26.08
C27 PSC SA . 8.83 -37.67 26.79
C28 PSC SA . 7.65 -38.03 25.91
C29 PSC SA . 6.79 -39.02 26.66
C30 PSC SA . 5.79 -39.57 25.67
C31 PSC SA . 4.91 -38.42 25.28
C32 PSC SA . 4.62 -38.42 23.80
C33 PSC SA . 4.06 -39.74 23.34
C34 PSC SA . 3.50 -39.52 21.95
C1 EDO TA . -37.56 -16.90 -6.93
O1 EDO TA . -36.80 -18.11 -6.72
C2 EDO TA . -38.96 -17.04 -6.35
O2 EDO TA . -39.72 -18.03 -7.08
C1 EDO UA . -32.90 -43.10 4.43
O1 EDO UA . -32.21 -44.20 5.06
C2 EDO UA . -32.27 -42.84 3.07
O2 EDO UA . -31.04 -42.13 3.26
C1 DMU VA . -0.33 -48.20 0.11
C2 DMU VA . 0.54 -49.03 -0.84
C3 DMU VA . 0.85 -50.51 -0.51
C4 DMU VA . 0.47 -50.95 0.92
O5 DMU VA . 0.02 -49.85 1.74
C6 DMU VA . -1.03 -49.09 1.13
O7 DMU VA . 0.30 -51.49 -1.43
O16 DMU VA . -1.78 -48.31 2.11
C18 DMU VA . -1.05 -47.38 2.94
C19 DMU VA . -1.41 -47.57 4.43
C22 DMU VA . -1.28 -46.28 5.25
C25 DMU VA . -1.01 -46.52 6.73
C28 DMU VA . -1.32 -45.27 7.57
C31 DMU VA . -0.30 -45.04 8.70
C34 DMU VA . -0.93 -45.26 10.07
C37 DMU VA . -0.37 -44.32 11.14
C40 DMU VA . -0.96 -44.59 12.51
C43 DMU VA . -0.11 -44.00 13.61
O49 DMU VA . -1.26 -47.44 -0.68
O55 DMU VA . 1.81 -48.37 -1.05
C57 DMU VA . 1.66 -51.67 1.58
O61 DMU VA . 1.35 -53.05 1.78
C5 DMU VA . -0.01 -52.33 -3.75
C7 DMU VA . 0.61 -52.26 -5.14
C8 DMU VA . 1.34 -50.96 -5.56
C9 DMU VA . 1.91 -50.12 -4.43
O1 DMU VA . 1.26 -50.22 -3.18
C10 DMU VA . 0.21 -51.13 -2.82
O2 DMU VA . 2.62 -51.32 -6.08
O3 DMU VA . 0.06 -53.64 -3.15
O4 DMU VA . -0.66 -52.38 -5.81
C11 DMU VA . 2.33 -48.64 -4.61
O6 DMU VA . 2.26 -48.03 -5.91
NA NA WA . 0.63 14.20 18.74
P PEK XA . -32.17 6.50 -1.42
N PEK XA . -32.02 9.83 -4.63
C01 PEK XA . -31.23 5.22 2.00
C02 PEK XA . -30.11 6.17 1.63
C03 PEK XA . -30.07 6.27 0.11
C04 PEK XA . -31.06 8.06 -3.17
C05 PEK XA . -32.03 8.41 -4.33
O01 PEK XA . -28.93 5.44 1.98
O02 PEK XA . -28.57 7.08 3.58
O03 PEK XA . -31.44 5.20 3.42
O04 PEK XA . -32.74 3.32 3.49
O11 PEK XA . -31.28 6.96 -0.20
O12 PEK XA . -31.42 6.72 -2.79
O13 PEK XA . -32.39 5.05 -1.32
O14 PEK XA . -33.46 7.33 -1.36
C1 PEK XA . -28.20 6.00 3.08
C2 PEK XA . -26.92 5.23 3.46
C3 PEK XA . -27.33 3.77 3.62
C4 PEK XA . -28.11 3.61 4.95
C5 PEK XA . -28.48 2.14 5.06
C6 PEK XA . -28.03 1.39 6.08
C7 PEK XA . -27.41 2.10 7.26
C8 PEK XA . -25.94 2.30 6.98
C9 PEK XA . -25.42 3.48 7.35
C10 PEK XA . -26.16 4.18 8.49
C11 PEK XA . -25.86 5.65 8.35
C12 PEK XA . -26.85 6.53 8.42
C13 PEK XA . -27.45 6.90 7.09
C14 PEK XA . -28.29 8.15 7.14
C15 PEK XA . -27.89 9.05 6.26
C16 PEK XA . -26.37 9.18 6.12
C17 PEK XA . -25.99 9.92 4.84
C18 PEK XA . -24.50 10.23 4.77
C19 PEK XA . -24.35 11.40 3.80
C20 PEK XA . -25.42 12.41 4.18
C21 PEK XA . -32.34 4.30 4.12
C22 PEK XA . -32.69 4.54 5.60
C23 PEK XA . -31.69 4.10 6.65
C24 PEK XA . -32.19 4.53 8.04
C25 PEK XA . -32.09 3.40 9.04
C26 PEK XA . -30.72 2.75 9.23
C27 PEK XA . -30.93 1.26 9.54
C28 PEK XA . -30.24 0.67 10.77
C29 PEK XA . -28.72 0.60 10.69
C30 PEK XA . -28.20 -0.70 11.31
C31 PEK XA . -26.93 -0.44 12.09
C32 PEK XA . -26.11 -1.66 12.53
C33 PEK XA . -24.76 -1.05 12.94
C34 PEK XA . -23.57 -2.01 13.03
C35 PEK XA . -23.40 -2.60 14.40
C36 PEK XA . -22.12 -3.41 14.41
C37 PEK XA . -21.84 -4.03 15.78
C38 PEK XA . -20.51 -4.79 15.78
P PGV YA . -5.45 13.51 26.28
C01 PGV YA . -7.80 10.11 25.95
C02 PGV YA . -8.18 11.59 25.88
C03 PGV YA . -7.58 12.35 27.07
C04 PGV YA . -4.60 14.71 28.46
C05 PGV YA . -3.78 16.02 28.44
C06 PGV YA . -2.76 16.02 29.60
O01 PGV YA . -9.58 11.69 26.10
O02 PGV YA . -9.96 12.38 23.97
O03 PGV YA . -8.15 9.51 24.67
O04 PGV YA . -9.63 8.22 25.66
O05 PGV YA . -4.68 17.11 28.67
O06 PGV YA . -1.94 17.18 29.31
O11 PGV YA . -6.17 12.25 26.94
O12 PGV YA . -5.52 14.77 27.35
O13 PGV YA . -6.22 14.05 25.07
O14 PGV YA . -4.01 13.08 26.12
C1 PGV YA . -10.45 12.07 25.04
C2 PGV YA . -11.93 12.12 25.32
C3 PGV YA . -12.71 12.71 24.15
C4 PGV YA . -13.10 11.66 23.10
C5 PGV YA . -14.26 12.14 22.18
C6 PGV YA . -14.62 11.07 21.13
C7 PGV YA . -15.78 11.56 20.24
C8 PGV YA . -16.10 10.50 19.19
C9 PGV YA . -17.26 11.00 18.32
C10 PGV YA . -18.57 10.51 18.90
C11 PGV YA . -19.62 10.68 17.84
C12 PGV YA . -20.83 10.14 18.00
C13 PGV YA . -21.21 8.83 17.34
C14 PGV YA . -22.70 8.61 17.57
C15 PGV YA . -23.37 7.70 16.54
C16 PGV YA . -24.26 8.50 15.57
C17 PGV YA . -23.55 9.72 14.97
C18 PGV YA . -24.32 10.33 13.82
C19 PGV YA . -9.25 8.63 24.60
C20 PGV YA . -9.84 8.33 23.21
C21 PGV YA . -11.06 7.39 23.13
C22 PGV YA . -11.89 7.78 21.90
C23 PGV YA . -12.25 6.70 20.88
C24 PGV YA . -13.33 7.24 19.93
C25 PGV YA . -13.31 6.61 18.55
C26 PGV YA . -14.67 6.75 17.87
C27 PGV YA . -15.64 5.71 18.37
C28 PGV YA . -17.07 6.08 17.99
C29 PGV YA . -18.01 4.88 17.82
C30 PGV YA . -17.92 4.33 16.39
C31 PGV YA . -19.09 3.41 15.98
C32 PGV YA . -19.04 3.20 14.48
C33 PGV YA . -20.14 2.32 13.91
C34 PGV YA . -19.69 0.88 13.95
C1 CDL ZA . -14.46 18.60 32.16
O1 CDL ZA . -14.35 17.43 31.28
CA2 CDL ZA . -15.64 18.52 33.15
OA2 CDL ZA . -16.36 19.76 32.88
PA1 CDL ZA . -17.96 19.94 32.83
OA3 CDL ZA . -18.47 19.05 31.72
OA4 CDL ZA . -18.53 19.85 34.23
OA5 CDL ZA . -18.25 21.44 32.30
CA3 CDL ZA . -19.62 21.90 32.26
CA4 CDL ZA . -20.09 21.89 30.80
OA6 CDL ZA . -20.28 23.16 30.16
CA5 CDL ZA . -19.03 23.84 29.81
OA7 CDL ZA . -18.30 24.23 30.70
C11 CDL ZA . -18.71 24.09 28.36
C12 CDL ZA . -18.77 22.78 27.57
C13 CDL ZA . -20.23 22.44 27.22
C14 CDL ZA . -20.45 21.10 26.54
C15 CDL ZA . -21.94 20.96 26.24
C16 CDL ZA . -22.33 19.57 25.80
C17 CDL ZA . -22.01 19.28 24.34
C18 CDL ZA . -22.31 17.81 24.13
C19 CDL ZA . -22.62 17.39 22.91
C20 CDL ZA . -24.01 17.76 22.41
C21 CDL ZA . -23.92 18.15 20.95
C22 CDL ZA . -25.01 18.58 20.30
C23 CDL ZA . -25.11 18.36 18.81
C24 CDL ZA . -26.56 18.44 18.36
C25 CDL ZA . -27.48 17.74 19.36
C26 CDL ZA . -27.22 16.24 19.51
C27 CDL ZA . -27.90 15.74 20.77
CA6 CDL ZA . -21.41 21.10 30.64
OA8 CDL ZA . -22.59 21.64 31.22
CA7 CDL ZA . -23.88 21.14 30.72
OA9 CDL ZA . -24.90 21.38 31.33
C31 CDL ZA . -23.92 20.37 29.41
C32 CDL ZA . -24.62 19.01 29.47
C33 CDL ZA . -24.65 18.42 28.05
C34 CDL ZA . -25.17 17.00 27.87
C35 CDL ZA . -25.09 16.67 26.39
C36 CDL ZA . -25.68 15.32 25.96
C37 CDL ZA . -26.73 15.67 24.88
C38 CDL ZA . -27.55 14.47 24.48
C39 CDL ZA . -28.89 14.60 24.41
C40 CDL ZA . -29.55 15.31 25.58
C41 CDL ZA . -31.02 15.02 25.77
C42 CDL ZA . -31.65 15.55 26.83
C43 CDL ZA . -31.05 15.44 28.21
C44 CDL ZA . -31.34 16.71 29.01
C45 CDL ZA . -30.51 16.78 30.31
C46 CDL ZA . -30.64 18.15 30.96
C47 CDL ZA . -30.13 19.20 30.02
CB2 CDL ZA . -14.40 19.92 31.33
OB2 CDL ZA . -14.12 21.25 31.88
PB2 CDL ZA . -13.86 22.45 30.79
OB3 CDL ZA . -12.39 22.84 30.54
OB4 CDL ZA . -14.86 23.55 31.13
OB5 CDL ZA . -14.52 21.60 29.59
CB3 CDL ZA . -14.09 21.41 28.24
CB4 CDL ZA . -15.02 20.37 27.66
OB6 CDL ZA . -14.84 19.18 28.43
CB5 CDL ZA . -16.15 18.71 28.77
OB7 CDL ZA . -16.92 19.51 29.25
C51 CDL ZA . -16.53 17.27 28.51
C52 CDL ZA . -17.24 17.42 27.19
C53 CDL ZA . -17.54 16.12 26.48
C54 CDL ZA . -16.34 15.54 25.78
C55 CDL ZA . -16.82 14.31 25.06
C56 CDL ZA . -17.86 14.73 24.05
C57 CDL ZA . -18.23 13.48 23.29
C58 CDL ZA . -19.45 13.80 22.48
C59 CDL ZA . -20.28 12.83 22.16
C60 CDL ZA . -21.74 13.19 22.21
C61 CDL ZA . -22.36 12.19 21.30
C62 CDL ZA . -22.83 12.60 20.12
C63 CDL ZA . -22.64 14.02 19.66
C64 CDL ZA . -22.53 14.03 18.14
C65 CDL ZA . -23.46 13.01 17.49
C66 CDL ZA . -23.46 13.15 15.98
C67 CDL ZA . -24.11 14.45 15.56
CB6 CDL ZA . -14.68 19.92 26.25
OB8 CDL ZA . -15.40 20.66 25.27
CB7 CDL ZA . -16.17 19.84 24.33
OB9 CDL ZA . -16.28 18.66 24.58
C71 CDL ZA . -16.86 20.37 23.09
C72 CDL ZA . -17.78 19.29 22.56
C73 CDL ZA . -18.44 19.76 21.27
C74 CDL ZA . -19.80 19.08 21.20
C75 CDL ZA . -19.68 17.72 20.53
C76 CDL ZA . -19.61 18.03 19.06
C77 CDL ZA . -21.02 18.03 18.50
C78 CDL ZA . -20.88 18.46 17.06
C79 CDL ZA . -21.79 18.08 16.17
C80 CDL ZA . -21.48 18.28 14.72
C81 CDL ZA . -22.05 17.10 13.99
C82 CDL ZA . -21.76 16.95 12.70
C83 CDL ZA . -20.38 17.19 12.16
C84 CDL ZA . -20.27 16.83 10.67
C85 CDL ZA . -21.07 17.75 9.75
C86 CDL ZA . -22.55 17.39 9.61
C87 CDL ZA . -23.35 18.46 8.90
C1 CHD AB . -13.57 31.23 13.23
C2 CHD AB . -13.36 32.34 12.21
C3 CHD AB . -12.81 31.76 10.91
O3 CHD AB . -12.72 32.78 9.90
C4 CHD AB . -11.42 31.15 11.18
C5 CHD AB . -11.53 30.07 12.25
C6 CHD AB . -10.11 29.53 12.51
C7 CHD AB . -9.31 30.26 13.59
O7 CHD AB . -8.74 31.48 13.07
C8 CHD AB . -10.13 30.59 14.83
C9 CHD AB . -11.38 31.35 14.43
C10 CHD AB . -12.28 30.48 13.54
C11 CHD AB . -12.12 31.90 15.64
C12 CHD AB . -11.27 32.69 16.66
O12 CHD AB . -10.98 34.03 16.22
C13 CHD AB . -9.99 31.93 17.00
C14 CHD AB . -9.31 31.53 15.70
C15 CHD AB . -7.94 31.06 16.12
C16 CHD AB . -7.55 32.11 17.16
C17 CHD AB . -8.87 32.71 17.69
C18 CHD AB . -10.37 30.68 17.77
C19 CHD AB . -12.72 29.22 14.28
C20 CHD AB . -8.89 32.77 19.24
C21 CHD AB . -10.04 33.57 19.82
C22 CHD AB . -7.58 33.37 19.74
C23 CHD AB . -6.73 32.35 20.51
O25 CHD AB . -8.21 32.18 22.39
C24 CHD AB . -7.04 32.46 21.97
O26 CHD AB . -6.10 32.78 22.72
C1 CHD BB . -7.43 -22.05 -4.21
C2 CHD BB . -8.00 -22.54 -5.55
C3 CHD BB . -7.03 -22.12 -6.66
O3 CHD BB . -7.51 -22.60 -7.89
C4 CHD BB . -6.97 -20.59 -6.69
C5 CHD BB . -6.51 -20.04 -5.32
C6 CHD BB . -6.47 -18.52 -5.40
C7 CHD BB . -7.83 -17.78 -5.37
O7 CHD BB . -8.50 -17.83 -6.64
C8 CHD BB . -8.71 -18.36 -4.26
C9 CHD BB . -8.79 -19.88 -4.29
C10 CHD BB . -7.37 -20.52 -4.16
C11 CHD BB . -9.74 -20.36 -3.20
C12 CHD BB . -11.12 -19.65 -3.27
O12 CHD BB . -11.78 -19.97 -4.50
C13 CHD BB . -10.99 -18.14 -3.13
C14 CHD BB . -10.09 -17.72 -4.31
C15 CHD BB . -10.11 -16.22 -4.24
C16 CHD BB . -11.59 -15.94 -3.82
C17 CHD BB . -12.22 -17.28 -3.44
C18 CHD BB . -10.43 -17.70 -1.73
C19 CHD BB . -6.74 -20.15 -2.82
C20 CHD BB . -13.36 -17.14 -2.40
C21 CHD BB . -13.83 -18.50 -1.78
C22 CHD BB . -14.49 -16.38 -3.13
C23 CHD BB . -15.63 -16.01 -2.21
O25 CHD BB . -17.43 -16.08 -3.81
C24 CHD BB . -16.74 -15.35 -3.03
O26 CHD BB . -17.19 -14.24 -2.62
P PEK CB . 0.83 34.47 6.26
N PEK CB . -0.69 33.69 10.19
C01 PEK CB . -2.75 31.92 3.34
C02 PEK CB . -2.18 32.78 4.49
C03 PEK CB . -0.69 32.63 4.82
C04 PEK CB . 1.32 33.87 8.89
C05 PEK CB . 0.70 34.11 10.26
O01 PEK CB . -2.89 32.46 5.69
O02 PEK CB . -3.75 34.61 5.72
O03 PEK CB . -4.06 32.45 3.10
O04 PEK CB . -6.22 32.63 2.33
O11 PEK CB . -0.47 33.87 5.51
O12 PEK CB . 0.55 34.52 7.87
O13 PEK CB . 2.02 33.60 5.94
O14 PEK CB . 0.74 35.93 5.86
C1 PEK CB . -3.92 33.44 6.00
C2 PEK CB . -5.20 33.01 6.69
C3 PEK CB . -6.33 33.21 5.70
C4 PEK CB . -6.92 31.86 5.36
C5 PEK CB . -7.23 31.16 6.66
C6 PEK CB . -7.89 30.02 6.58
C7 PEK CB . -9.27 30.06 5.98
C8 PEK CB . -9.39 28.81 5.14
C9 PEK CB . -10.57 28.31 4.74
C10 PEK CB . -10.55 27.29 3.62
C11 PEK CB . -11.68 26.34 3.90
C12 PEK CB . -12.22 25.62 2.94
C13 PEK CB . -13.56 26.10 2.45
C14 PEK CB . -14.22 25.07 1.58
C15 PEK CB . -15.49 25.28 1.21
C16 PEK CB . -15.75 25.64 -0.23
C17 PEK CB . -17.25 25.76 -0.41
C18 PEK CB . -17.61 26.38 -1.75
C19 PEK CB . -19.11 26.66 -1.82
C20 PEK CB . -19.48 27.33 -3.13
C21 PEK CB . -5.21 31.93 2.35
C22 PEK CB . -5.27 30.60 1.61
C23 PEK CB . -4.80 30.69 0.17
C24 PEK CB . -5.81 30.17 -0.87
C25 PEK CB . -5.89 28.66 -0.98
C26 PEK CB . -6.73 28.28 -2.22
C27 PEK CB . -6.14 29.04 -3.40
C28 PEK CB . -6.52 28.55 -4.79
C29 PEK CB . -5.50 29.12 -5.79
C30 PEK CB . -5.49 28.32 -7.10
C31 PEK CB . -4.21 28.45 -7.93
C32 PEK CB . -4.01 27.27 -8.88
C33 PEK CB . -2.58 27.33 -9.39
C34 PEK CB . -2.00 26.04 -9.96
C35 PEK CB . -0.71 25.55 -9.25
C36 PEK CB . -1.11 24.90 -7.93
C37 PEK CB . 0.04 24.29 -7.13
C38 PEK CB . 0.66 23.01 -7.68
P PGV DB . -17.06 -17.13 -10.53
C01 PGV DB . -15.43 -14.37 -6.66
C02 PGV DB . -15.85 -14.53 -8.14
C03 PGV DB . -17.16 -15.24 -8.48
C04 PGV DB . -19.54 -17.57 -11.38
C05 PGV DB . -20.45 -18.75 -11.77
C06 PGV DB . -19.68 -19.86 -12.52
O01 PGV DB . -14.88 -15.37 -8.78
O02 PGV DB . -13.96 -13.49 -9.69
O03 PGV DB . -15.60 -13.02 -6.23
O04 PGV DB . -15.50 -11.10 -4.99
O05 PGV DB . -21.57 -18.34 -12.59
O06 PGV DB . -18.69 -20.50 -11.69
O11 PGV DB . -16.73 -16.48 -9.06
O12 PGV DB . -18.43 -17.99 -10.58
O13 PGV DB . -17.11 -16.03 -11.58
O14 PGV DB . -15.99 -18.20 -10.61
C1 PGV DB . -13.77 -14.64 -9.34
C2 PGV DB . -12.43 -15.32 -9.54
C3 PGV DB . -11.89 -15.80 -8.19
C4 PGV DB . -10.38 -15.55 -8.04
C5 PGV DB . -10.03 -14.07 -8.12
C6 PGV DB . -10.84 -13.25 -7.11
C7 PGV DB . -10.26 -11.85 -6.88
C8 PGV DB . -9.84 -11.66 -5.41
C9 PGV DB . -8.85 -12.73 -4.98
C10 PGV DB . -8.27 -12.47 -3.59
C11 PGV DB . -7.32 -13.59 -3.32
C12 PGV DB . -6.51 -13.57 -2.27
C13 PGV DB . -5.65 -14.77 -1.91
C14 PGV DB . -4.67 -14.31 -0.83
C15 PGV DB . -3.60 -13.38 -1.39
C16 PGV DB . -2.90 -12.49 -0.34
C17 PGV DB . -3.79 -11.31 0.08
C18 PGV DB . -3.32 -10.66 1.35
C19 PGV DB . -15.01 -12.21 -5.14
C20 PGV DB . -13.88 -12.48 -4.19
C21 PGV DB . -13.86 -11.29 -3.20
C22 PGV DB . -12.86 -11.42 -2.03
C23 PGV DB . -12.84 -12.86 -1.44
C24 PGV DB . -11.78 -13.13 -0.33
C25 PGV DB . -11.99 -12.16 0.82
C26 PGV DB . -10.93 -12.26 1.93
C27 PGV DB . -11.13 -11.10 2.92
C28 PGV DB . -10.29 -11.30 4.17
C29 PGV DB . -8.93 -10.64 4.05
C30 PGV DB . -8.96 -9.32 4.82
C31 PGV DB . -7.62 -8.60 4.78
C32 PGV DB . -7.49 -7.37 5.68
C33 PGV DB . -7.68 -6.11 4.86
C34 PGV DB . -7.12 -4.91 5.58
P PEK EB . 2.27 2.04 19.85
N PEK EB . 7.08 1.70 21.39
C01 PEK EB . 2.13 2.20 15.70
C02 PEK EB . 2.25 3.64 16.20
C03 PEK EB . 2.67 3.61 17.66
C04 PEK EB . 4.92 2.01 20.29
C05 PEK EB . 5.93 1.01 20.85
O01 PEK EB . 0.92 4.14 16.03
O02 PEK EB . 1.55 5.57 14.38
O03 PEK EB . 3.31 1.42 15.94
O04 PEK EB . 4.44 -0.56 15.60
O11 PEK EB . 2.08 2.48 18.31
O12 PEK EB . 3.71 1.30 20.00
O13 PEK EB . 2.29 3.24 20.77
O14 PEK EB . 1.24 0.96 20.04
C1 PEK EB . 0.73 4.74 14.72
C2 PEK EB . -0.42 4.38 13.81
C3 PEK EB . -1.82 4.47 14.38
C4 PEK EB . -2.78 3.83 13.37
C5 PEK EB . -3.04 4.73 12.18
C6 PEK EB . -3.46 4.18 11.03
C7 PEK EB . -4.44 4.77 10.03
C8 PEK EB . -4.23 3.94 8.80
C9 PEK EB . -5.02 3.74 7.76
C10 PEK EB . -6.14 2.72 7.81
C11 PEK EB . -6.21 1.96 6.51
C12 PEK EB . -7.31 1.29 6.20
C13 PEK EB . -7.39 0.27 5.08
C14 PEK EB . -8.82 0.33 4.61
C15 PEK EB . -9.38 -0.52 3.78
C16 PEK EB . -10.87 -0.71 3.88
C17 PEK EB . -11.21 -2.06 3.30
C18 PEK EB . -10.63 -2.26 1.91
C19 PEK EB . -10.72 -3.73 1.49
C20 PEK EB . -10.18 -3.96 0.08
C21 PEK EB . 3.34 -0.02 15.71
C22 PEK EB . 2.10 -0.91 15.62
C23 PEK EB . 1.55 -1.39 16.98
C24 PEK EB . 0.37 -2.36 16.79
C25 PEK EB . -0.11 -2.93 18.12
C26 PEK EB . -1.18 -4.01 17.99
C27 PEK EB . -0.81 -5.20 17.10
C28 PEK EB . -1.64 -6.44 17.46
C29 PEK EB . -1.84 -7.52 16.37
C30 PEK EB . -0.78 -8.61 16.16
C31 PEK EB . 0.43 -8.23 15.31
C32 PEK EB . 0.98 -9.40 14.46
C33 PEK EB . 1.64 -10.54 15.25
C34 PEK EB . 3.03 -10.93 14.73
C35 PEK EB . 3.12 -12.02 13.65
C36 PEK EB . 2.37 -11.77 12.33
C37 PEK EB . 2.75 -12.80 11.25
C38 PEK EB . 1.85 -12.79 10.04
C1 EDO FB . -34.42 -16.40 -8.68
O1 EDO FB . -34.45 -17.30 -9.82
C2 EDO FB . -35.14 -15.07 -8.96
O2 EDO FB . -34.44 -14.46 -10.05
C1 EDO GB . 2.83 27.13 10.34
O1 EDO GB . 2.00 26.86 11.46
C2 EDO GB . 4.02 27.93 10.80
O2 EDO GB . 3.90 29.17 10.18
C1 DMU HB . -48.53 4.78 21.19
C2 DMU HB . -48.71 4.29 19.77
C3 DMU HB . -48.00 5.29 18.86
C4 DMU HB . -46.53 5.52 19.29
O5 DMU HB . -46.11 4.90 20.54
C6 DMU HB . -47.07 4.60 21.56
O7 DMU HB . -48.06 4.83 17.50
O16 DMU HB . -46.83 5.47 22.68
C18 DMU HB . -46.60 4.75 23.87
C19 DMU HB . -46.32 5.81 24.93
C22 DMU HB . -45.55 5.18 26.08
C25 DMU HB . -44.31 6.00 26.37
C28 DMU HB . -43.36 5.30 27.33
C31 DMU HB . -42.19 6.21 27.60
C34 DMU HB . -41.16 5.61 28.54
C37 DMU HB . -40.33 6.76 29.09
C40 DMU HB . -38.93 6.36 29.54
C43 DMU HB . -38.61 7.11 30.82
O49 DMU HB . -49.38 4.06 22.08
O55 DMU HB . -50.11 4.19 19.49
C57 DMU HB . -46.25 7.03 19.36
O61 DMU HB . -45.17 7.36 20.25
C5 DMU HB . -49.28 5.81 15.63
C7 DMU HB . -49.10 6.45 14.25
C8 DMU HB . -47.82 7.28 14.14
C9 DMU HB . -46.63 6.44 14.59
O1 DMU HB . -46.76 5.89 15.90
C10 DMU HB . -48.05 5.91 16.55
O2 DMU HB . -47.59 7.63 12.77
O3 DMU HB . -49.69 4.45 15.48
O4 DMU HB . -50.23 7.29 13.99
C11 DMU HB . -45.36 7.28 14.48
O6 DMU HB . -45.21 7.59 13.10
CA1 TGL IB . -7.02 -43.57 40.94
CA2 TGL IB . -8.05 -44.00 39.93
CA3 TGL IB . -8.21 -42.95 38.84
CA4 TGL IB . -9.34 -43.27 37.86
CA5 TGL IB . -9.00 -42.81 36.46
CA6 TGL IB . -9.90 -41.70 35.95
CA7 TGL IB . -9.32 -41.13 34.66
CA8 TGL IB . -10.22 -40.06 34.06
CA9 TGL IB . -9.88 -39.73 32.59
OA1 TGL IB . -5.90 -44.04 40.94
CB1 TGL IB . -9.70 -43.59 44.88
CB2 TGL IB . -10.98 -43.16 44.16
CB3 TGL IB . -11.01 -42.42 42.81
CB4 TGL IB . -11.89 -43.19 41.80
CB5 TGL IB . -12.22 -42.45 40.50
CB6 TGL IB . -13.05 -43.23 39.48
CB7 TGL IB . -13.73 -42.29 38.45
CB8 TGL IB . -13.79 -42.92 37.05
CB9 TGL IB . -14.63 -42.14 36.05
C10 TGL IB . -14.60 -42.76 34.67
C11 TGL IB . -15.81 -42.38 33.81
C12 TGL IB . -16.86 -43.49 33.74
C13 TGL IB . -17.69 -43.63 35.02
C14 TGL IB . -17.49 -44.94 35.78
OB1 TGL IB . -9.52 -44.63 45.69
OG1 TGL IB . -7.39 -42.59 41.97
CG1 TGL IB . -6.67 -42.46 43.21
CG2 TGL IB . -7.48 -43.17 44.32
OG2 TGL IB . -8.75 -42.56 44.50
CG3 TGL IB . -6.78 -43.20 45.67
OG3 TGL IB . -5.63 -42.34 45.62
CC1 TGL IB . -4.34 -42.80 46.10
CC2 TGL IB . -3.45 -43.47 45.07
CC3 TGL IB . -3.17 -42.52 43.91
CC4 TGL IB . -3.02 -43.23 42.55
CC5 TGL IB . -1.72 -44.02 42.41
CC6 TGL IB . -1.29 -44.29 40.96
CC7 TGL IB . 0.04 -45.02 40.92
CC8 TGL IB . 0.47 -45.63 39.58
CC9 TGL IB . 0.88 -47.10 39.74
C15 TGL IB . -0.30 -48.06 39.48
C16 TGL IB . -0.24 -48.79 38.13
C17 TGL IB . 0.86 -49.85 37.99
C18 TGL IB . 0.85 -50.57 36.63
C19 TGL IB . 2.05 -51.51 36.41
OC1 TGL IB . -4.05 -42.63 47.29
C20 TGL IB . -10.58 -40.59 31.53
C21 TGL IB . -10.25 -40.10 30.11
C22 TGL IB . -9.21 -40.93 29.35
C23 TGL IB . -8.04 -41.40 30.21
C24 TGL IB . -8.14 -42.85 30.70
C25 TGL IB . -6.85 -43.36 31.36
C26 TGL IB . -7.12 -44.32 32.51
C27 TGL IB . -5.91 -44.52 33.42
C28 TGL IB . -6.04 -45.80 34.22
C29 TGL IB . -18.60 -45.12 36.82
C30 TGL IB . -19.46 -46.33 36.49
C31 TGL IB . -20.20 -46.11 35.17
C32 TGL IB . -20.82 -47.40 34.63
C33 TGL IB . 2.44 -51.70 34.95
C34 TGL IB . 3.70 -50.93 34.58
C35 TGL IB . 4.57 -51.65 33.55
C36 TGL IB . 6.03 -51.26 33.69
C1 DMU JB . -9.39 -54.62 46.34
C2 DMU JB . -8.41 -55.57 47.05
C3 DMU JB . -7.11 -54.95 47.60
C4 DMU JB . -6.95 -53.44 47.35
O5 DMU JB . -7.45 -53.15 46.04
C6 DMU JB . -8.86 -53.23 45.96
O7 DMU JB . -6.94 -55.35 48.97
O16 DMU JB . -9.24 -52.95 44.62
C18 DMU JB . -9.01 -51.59 44.22
C19 DMU JB . -9.49 -51.43 42.78
C22 DMU JB . -9.83 -50.00 42.40
C25 DMU JB . -10.90 -49.98 41.29
C28 DMU JB . -11.25 -48.54 40.92
C31 DMU JB . -11.00 -48.19 39.44
C34 DMU JB . -12.12 -47.36 38.82
C37 DMU JB . -13.33 -48.23 38.49
C40 DMU JB . -13.81 -48.10 37.05
C43 DMU JB . -14.53 -46.79 36.84
O49 DMU JB . -10.58 -54.48 47.14
O55 DMU JB . -8.06 -56.65 46.17
C57 DMU JB . -5.50 -52.96 47.41
O61 DMU JB . -4.64 -53.88 46.72
C5 DMU JB . -5.93 -54.21 50.81
C7 DMU JB . -6.22 -54.23 52.30
C8 DMU JB . -7.43 -53.35 52.58
C9 DMU JB . -8.67 -53.87 51.88
O1 DMU JB . -8.38 -54.69 50.72
C10 DMU JB . -7.20 -54.34 49.97
O2 DMU JB . -7.63 -53.34 53.99
O3 DMU JB . -5.04 -55.28 50.47
O4 DMU JB . -5.09 -53.71 53.01
C11 DMU JB . -9.64 -52.72 51.52
O6 DMU JB . -10.32 -52.93 50.27
ZN ZN KB . 15.98 -17.96 40.34
C1 EDO LB . 5.32 -20.00 35.99
O1 EDO LB . 5.47 -18.91 36.92
C2 EDO LB . 4.95 -19.33 34.69
O2 EDO LB . 6.12 -18.62 34.21
C1 EDO MB . 19.57 -4.79 42.22
O1 EDO MB . 19.84 -4.41 43.57
C2 EDO MB . 18.49 -3.84 41.69
O2 EDO MB . 17.35 -3.90 42.58
C1 EDO NB . -0.35 28.19 27.83
O1 EDO NB . -1.39 28.42 28.74
C2 EDO NB . 0.30 29.51 27.51
O2 EDO NB . 1.64 29.47 28.01
C1 EDO OB . 12.18 -17.59 49.44
O1 EDO OB . 12.23 -17.74 50.86
C2 EDO OB . 11.21 -18.63 48.89
O2 EDO OB . 10.06 -18.59 49.76
C1 CDL PB . -15.35 15.57 -19.16
O1 CDL PB . -15.93 16.07 -17.96
CA2 CDL PB . -16.28 14.50 -19.73
OA2 CDL PB . -17.37 15.32 -20.14
PA1 CDL PB . -18.41 15.09 -21.35
OA3 CDL PB . -17.77 14.30 -22.47
OA4 CDL PB . -19.79 14.74 -20.86
OA5 CDL PB . -18.21 16.69 -21.58
CA3 CDL PB . -19.06 17.74 -22.00
CA4 CDL PB . -18.18 18.99 -21.92
OA6 CDL PB . -17.32 19.01 -20.76
CA5 CDL PB . -15.94 19.35 -21.14
OA7 CDL PB . -15.84 20.25 -21.96
C11 CDL PB . -14.66 18.75 -20.57
C12 CDL PB . -14.12 19.48 -19.34
C13 CDL PB . -12.59 19.55 -19.26
C14 CDL PB . -12.20 20.05 -17.86
C15 CDL PB . -10.71 19.99 -17.48
C16 CDL PB . -10.59 20.44 -16.01
C17 CDL PB . -9.22 20.90 -15.51
C18 CDL PB . -8.27 19.76 -15.17
C19 CDL PB . -6.98 19.96 -14.88
C20 CDL PB . -6.49 19.82 -13.45
C21 CDL PB . -4.98 19.78 -13.30
C22 CDL PB . -4.52 19.86 -12.05
C23 CDL PB . -3.99 18.65 -11.32
C24 CDL PB . -3.94 18.89 -9.82
C25 CDL PB . -2.88 19.90 -9.46
C26 CDL PB . -3.46 20.87 -8.44
C27 CDL PB . -2.33 21.68 -7.90
CA6 CDL PB . -19.03 20.24 -22.04
OA8 CDL PB . -19.43 20.36 -23.40
CA7 CDL PB . -18.94 21.51 -24.13
OA9 CDL PB . -19.52 21.86 -25.14
C31 CDL PB . -17.67 22.19 -23.62
C32 CDL PB . -17.81 23.67 -23.26
C33 CDL PB . -16.56 24.26 -22.59
C34 CDL PB . -16.26 23.60 -21.23
C35 CDL PB . -15.13 24.27 -20.43
C36 CDL PB . -14.84 23.53 -19.12
C37 CDL PB . -13.77 24.16 -18.21
C38 CDL PB . -12.43 24.28 -18.90
C39 CDL PB . -11.21 24.23 -18.31
C40 CDL PB . -10.55 25.30 -17.45
C41 CDL PB . -9.05 25.09 -17.54
C42 CDL PB . -8.22 26.08 -17.19
C43 CDL PB . -7.94 26.11 -15.72
C44 CDL PB . -7.60 27.48 -15.18
C45 CDL PB . -8.03 27.39 -13.70
C46 CDL PB . -7.63 28.55 -12.83
C47 CDL PB . -8.10 28.33 -11.42
CB2 CDL PB . -13.99 14.98 -18.80
OB2 CDL PB . -13.13 16.05 -18.43
PB2 CDL PB . -12.70 16.05 -16.88
OB3 CDL PB . -12.96 14.69 -16.32
OB4 CDL PB . -13.42 17.20 -16.21
OB5 CDL PB . -11.14 16.35 -16.78
CB3 CDL PB . -10.42 15.36 -16.03
CB4 CDL PB . -10.42 15.71 -14.55
OB6 CDL PB . -9.67 16.91 -14.32
CB5 CDL PB . -10.24 17.64 -13.20
OB7 CDL PB . -11.44 17.62 -13.07
C51 CDL PB . -9.40 18.42 -12.20
C52 CDL PB . -8.56 17.40 -11.44
C53 CDL PB . -7.55 18.03 -10.49
C54 CDL PB . -6.59 16.93 -10.05
C55 CDL PB . -7.18 15.95 -9.07
C56 CDL PB . -7.28 16.55 -7.68
C57 CDL PB . -7.81 15.46 -6.77
C58 CDL PB . -6.85 14.30 -6.87
C59 CDL PB . -7.28 13.12 -6.50
C60 CDL PB . -6.57 11.90 -7.02
C61 CDL PB . -7.68 10.91 -7.23
C62 CDL PB . -7.41 9.66 -7.56
C63 CDL PB . -7.29 8.68 -6.43
C64 CDL PB . -7.05 7.34 -7.07
C65 CDL PB . -6.05 6.54 -6.24
C66 CDL PB . -6.55 6.27 -4.84
C67 CDL PB . -5.58 5.32 -4.16
CB6 CDL PB . -9.82 14.55 -13.75
OB8 CDL PB . -8.40 14.68 -13.63
CB7 CDL PB . -7.49 13.86 -12.83
OB9 CDL PB . -7.81 12.74 -12.40
C71 CDL PB . -6.12 14.46 -12.61
C72 CDL PB . -5.23 13.80 -11.56
C73 CDL PB . -4.03 14.72 -11.31
C74 CDL PB . -3.07 14.25 -10.20
C75 CDL PB . -3.60 14.32 -8.75
C76 CDL PB . -3.56 15.71 -8.09
C77 CDL PB . -3.83 15.60 -6.58
C78 CDL PB . -3.80 16.95 -5.88
C79 CDL PB . -4.12 17.02 -4.58
C80 CDL PB . -3.10 16.54 -3.60
C81 CDL PB . -3.52 16.77 -2.18
C82 CDL PB . -2.73 16.25 -1.24
C83 CDL PB . -2.10 14.88 -1.45
C84 CDL PB . -1.03 14.57 -0.40
C85 CDL PB . 0.26 15.41 -0.55
C86 CDL PB . 1.26 15.08 0.56
C87 CDL PB . 2.66 15.58 0.25
P PEK QB . 17.03 9.03 6.78
N PEK QB . 15.55 12.81 8.73
C01 PEK QB . 13.22 6.98 5.69
C02 PEK QB . 14.17 6.16 6.58
C03 PEK QB . 15.18 7.09 7.28
C04 PEK QB . 15.40 10.38 8.44
C05 PEK QB . 14.64 11.70 8.56
O01 PEK QB . 14.89 5.23 5.75
O02 PEK QB . 13.37 3.45 5.84
O03 PEK QB . 12.09 6.24 5.20
O04 PEK QB . 10.22 6.13 3.81
O11 PEK QB . 15.98 7.86 6.36
O12 PEK QB . 16.13 10.32 7.21
O13 PEK QB . 17.88 8.59 7.96
O14 PEK QB . 17.74 9.46 5.52
C1 PEK QB . 14.13 4.12 5.18
C2 PEK QB . 14.30 3.78 3.71
C3 PEK QB . 13.83 2.36 3.50
C4 PEK QB . 13.68 2.13 2.01
C5 PEK QB . 13.16 0.71 1.85
C6 PEK QB . 12.36 0.54 0.82
C7 PEK QB . 11.72 -0.77 0.42
C8 PEK QB . 10.62 -0.27 -0.46
C9 PEK QB . 10.07 -0.91 -1.47
C10 PEK QB . 9.62 -0.06 -2.64
C11 PEK QB . 9.01 -0.98 -3.65
C12 PEK QB . 8.76 -0.64 -4.91
C13 PEK QB . 7.49 -1.07 -5.59
C14 PEK QB . 7.76 -1.17 -7.07
C15 PEK QB . 6.79 -1.11 -7.96
C16 PEK QB . 7.10 -1.40 -9.41
C17 PEK QB . 6.18 -0.56 -10.30
C18 PEK QB . 4.75 -1.09 -10.34
C19 PEK QB . 3.75 -0.09 -10.89
C20 PEK QB . 2.35 -0.68 -10.93
C21 PEK QB . 11.29 6.67 4.05
C22 PEK QB . 11.82 7.73 3.11
C23 PEK QB . 10.83 8.05 1.99
C24 PEK QB . 11.51 9.00 0.99
C25 PEK QB . 12.00 10.30 1.63
C26 PEK QB . 13.36 10.77 1.07
C27 PEK QB . 13.33 10.92 -0.45
C28 PEK QB . 13.09 12.35 -0.94
C29 PEK QB . 12.77 12.33 -2.43
C30 PEK QB . 12.60 13.70 -3.07
C31 PEK QB . 11.46 14.56 -2.51
C32 PEK QB . 10.05 14.02 -2.80
C33 PEK QB . 8.95 15.08 -2.60
C34 PEK QB . 8.78 15.53 -1.14
C35 PEK QB . 7.87 16.76 -1.04
C36 PEK QB . 6.67 16.57 -1.95
C37 PEK QB . 5.50 17.49 -1.65
C38 PEK QB . 4.33 17.13 -2.54
C1 CHD RB . -2.91 31.16 -3.02
C2 CHD RB . -3.24 32.58 -2.56
C3 CHD RB . -2.91 33.51 -3.72
O3 CHD RB . -3.24 34.87 -3.42
C4 CHD RB . -1.42 33.42 -4.01
C5 CHD RB . -1.10 32.00 -4.50
C6 CHD RB . 0.36 31.82 -4.92
C7 CHD RB . 1.39 31.94 -3.77
O7 CHD RB . 1.48 33.30 -3.24
C8 CHD RB . 1.00 30.96 -2.62
C9 CHD RB . -0.46 31.19 -2.21
C10 CHD RB . -1.44 31.02 -3.41
C11 CHD RB . -0.90 30.30 -1.03
C12 CHD RB . 0.11 30.38 0.14
O12 CHD RB . 0.03 31.67 0.74
C13 CHD RB . 1.55 30.10 -0.31
C14 CHD RB . 1.91 31.12 -1.42
C15 CHD RB . 3.42 30.98 -1.64
C16 CHD RB . 3.93 30.63 -0.20
C17 CHD RB . 2.67 30.38 0.69
C18 CHD RB . 1.66 28.63 -0.79
C19 CHD RB . -1.25 29.63 -4.04
C20 CHD RB . 3.01 29.34 1.79
C21 CHD RB . 1.83 29.05 2.71
C22 CHD RB . 4.31 29.70 2.59
C23 CHD RB . 4.10 30.88 3.59
O25 CHD RB . 6.14 31.88 4.32
C24 CHD RB . 5.28 31.00 4.53
O26 CHD RB . 5.42 30.10 5.38
C1 DMU SB . -39.15 10.51 9.95
C2 DMU SB . -39.23 11.73 9.06
C3 DMU SB . -39.45 11.23 7.64
C4 DMU SB . -38.34 10.30 7.16
O5 DMU SB . -37.44 10.05 8.26
C6 DMU SB . -38.01 9.61 9.51
O7 DMU SB . -40.69 10.53 7.66
O16 DMU SB . -37.01 9.61 10.53
C18 DMU SB . -36.48 8.31 10.77
C19 DMU SB . -35.03 8.45 11.23
C22 DMU SB . -34.55 7.15 11.86
C25 DMU SB . -33.03 7.06 11.86
C28 DMU SB . -32.57 5.77 12.53
C31 DMU SB . -31.14 5.92 13.02
C34 DMU SB . -30.35 4.64 12.79
C37 DMU SB . -29.95 3.95 14.11
C40 DMU SB . -28.44 3.72 14.16
C43 DMU SB . -28.03 3.05 15.45
O49 DMU SB . -40.36 9.76 9.81
O55 DMU SB . -38.04 12.51 9.18
C57 DMU SB . -37.54 10.92 5.99
O61 DMU SB . -37.75 10.31 4.70
C5 DMU SB . -43.10 10.74 7.57
C7 DMU SB . -44.13 11.00 6.47
C8 DMU SB . -43.62 11.75 5.23
C9 DMU SB . -42.46 12.72 5.46
O1 DMU SB . -41.43 12.05 6.16
C10 DMU SB . -41.75 11.45 7.42
O2 DMU SB . -43.16 10.82 4.24
O3 DMU SB . -42.94 9.31 7.83
O4 DMU SB . -45.21 11.75 7.05
C11 DMU SB . -42.81 14.05 6.11
O6 DMU SB . -41.64 14.89 6.10
C1 EDO TB . -33.76 2.75 -15.83
O1 EDO TB . -33.55 2.16 -14.54
C2 EDO TB . -35.12 2.35 -16.44
O2 EDO TB . -36.23 2.73 -15.62
P PO4 UB . -22.97 -12.29 -23.72
O1 PO4 UB . -22.94 -12.92 -25.09
O2 PO4 UB . -23.45 -13.28 -22.67
O3 PO4 UB . -23.93 -11.11 -23.75
O4 PO4 UB . -21.59 -11.83 -23.32
C1 CHD VB . -37.12 7.95 40.41
C2 CHD VB . -38.15 9.06 40.64
C3 CHD VB . -38.47 9.77 39.33
O3 CHD VB . -39.50 10.74 39.51
C4 CHD VB . -37.21 10.47 38.83
C5 CHD VB . -35.88 9.77 39.12
C6 CHD VB . -35.18 10.62 40.18
C7 CHD VB . -33.75 10.25 40.45
O7 CHD VB . -33.45 10.68 41.79
C8 CHD VB . -33.43 8.76 40.19
C9 CHD VB . -34.63 7.80 40.12
C10 CHD VB . -35.95 8.28 39.48
C11 CHD VB . -34.11 6.50 39.47
C12 CHD VB . -32.99 5.83 40.26
O12 CHD VB . -33.51 5.13 41.39
C13 CHD VB . -31.90 6.81 40.68
C14 CHD VB . -32.50 8.10 41.22
C15 CHD VB . -31.27 8.84 41.78
C16 CHD VB . -30.49 7.74 42.45
C17 CHD VB . -31.06 6.41 41.90
C18 CHD VB . -31.08 7.21 39.47
C19 CHD VB . -36.21 7.41 38.24
C20 CHD VB . -29.98 5.30 41.87
C21 CHD VB . -28.57 5.87 42.10
C22 CHD VB . -30.05 4.29 40.71
C23 CHD VB . -29.75 2.88 41.24
O25 CHD VB . -30.90 0.93 40.52
C24 CHD VB . -30.04 1.80 40.21
O26 CHD VB . -29.20 1.62 39.31
C1 DMU WB . -46.33 -47.64 35.65
C2 DMU WB . -46.52 -48.88 34.81
C3 DMU WB . -45.98 -48.76 33.39
C4 DMU WB . -44.68 -47.96 33.24
O5 DMU WB . -44.15 -47.34 34.42
C6 DMU WB . -44.95 -47.02 35.56
O7 DMU WB . -45.64 -50.09 32.99
O16 DMU WB . -45.06 -45.59 35.65
C18 DMU WB . -44.45 -45.07 36.83
C19 DMU WB . -44.00 -43.65 36.58
C22 DMU WB . -43.07 -43.15 37.67
C25 DMU WB . -41.75 -43.90 37.66
C28 DMU WB . -40.81 -43.34 38.73
C31 DMU WB . -40.93 -41.81 38.77
C34 DMU WB . -39.76 -41.13 39.52
C37 DMU WB . -39.47 -39.76 38.89
C40 DMU WB . -38.53 -38.94 39.77
C43 DMU WB . -39.09 -37.55 40.03
O49 DMU WB . -46.55 -48.07 37.00
O55 DMU WB . -47.93 -49.17 34.79
C57 DMU WB . -44.79 -46.85 32.19
O61 DMU WB . -45.15 -47.32 30.88
C5 DMU WB . -46.47 -52.31 32.68
C7 DMU WB . -46.92 -53.29 31.59
C8 DMU WB . -46.85 -52.73 30.16
C9 DMU WB . -46.11 -51.40 30.09
O1 DMU WB . -46.71 -50.47 30.98
C10 DMU WB . -46.70 -50.82 32.37
O2 DMU WB . -46.17 -53.64 29.30
O3 DMU WB . -45.10 -52.55 33.03
O4 DMU WB . -48.26 -53.73 31.87
C11 DMU WB . -46.14 -50.88 28.67
O6 DMU WB . -45.57 -51.85 27.78
C1 DMU XB . -33.39 -59.89 31.82
C2 DMU XB . -33.45 -59.65 33.31
C3 DMU XB . -32.23 -60.30 33.99
C4 DMU XB . -30.93 -60.22 33.16
O5 DMU XB . -31.03 -59.86 31.77
C6 DMU XB . -32.17 -59.13 31.33
O7 DMU XB . -31.96 -59.72 35.28
O16 DMU XB . -32.20 -58.99 29.91
C18 DMU XB . -31.20 -58.07 29.46
C19 DMU XB . -31.79 -56.66 29.41
C22 DMU XB . -30.80 -55.63 28.85
C25 DMU XB . -30.71 -54.38 29.74
C28 DMU XB . -29.84 -53.30 29.12
C31 DMU XB . -30.29 -51.92 29.57
C34 DMU XB . -29.27 -50.87 29.18
C37 DMU XB . -29.83 -49.88 28.18
C40 DMU XB . -28.70 -49.47 27.22
C43 DMU XB . -28.63 -47.98 27.05
O49 DMU XB . -34.57 -59.39 31.18
O55 DMU XB . -34.68 -60.17 33.84
C57 DMU XB . -30.24 -61.59 33.14
O61 DMU XB . -30.58 -62.33 34.31
C5 DMU XB . -31.70 -61.05 37.31
C7 DMU XB . -32.23 -62.40 37.74
C8 DMU XB . -33.68 -62.22 38.13
C9 DMU XB . -34.44 -61.99 36.83
O1 DMU XB . -33.86 -60.96 36.01
C10 DMU XB . -32.68 -60.25 36.42
O2 DMU XB . -34.17 -63.39 38.78
O3 DMU XB . -30.45 -61.22 36.63
O4 DMU XB . -31.48 -62.94 38.83
C11 DMU XB . -35.91 -61.73 37.08
O6 DMU XB . -36.47 -62.86 37.76
C1 DMU YB . -38.06 -55.17 23.92
C2 DMU YB . -39.51 -55.53 24.17
C3 DMU YB . -40.36 -55.08 22.98
C4 DMU YB . -39.65 -55.07 21.62
O5 DMU YB . -38.28 -55.51 21.54
C6 DMU YB . -37.58 -55.94 22.71
O7 DMU YB . -41.51 -55.92 22.85
O16 DMU YB . -36.19 -55.71 22.54
C18 DMU YB . -35.64 -56.37 21.40
C19 DMU YB . -34.19 -56.77 21.69
C22 DMU YB . -33.17 -55.68 21.32
C25 DMU YB . -31.83 -56.35 20.98
C28 DMU YB . -30.69 -55.36 20.76
C31 DMU YB . -29.31 -56.04 20.83
C34 DMU YB . -28.20 -54.99 20.77
C37 DMU YB . -27.00 -55.36 21.63
C40 DMU YB . -26.03 -56.30 20.90
C43 DMU YB . -25.48 -55.68 19.64
O49 DMU YB . -37.26 -55.48 25.07
O55 DMU YB . -39.93 -54.89 25.37
C57 DMU YB . -39.63 -53.66 21.01
O61 DMU YB . -38.27 -53.24 20.91
C5 DMU YB . -43.67 -56.67 23.57
C7 DMU YB . -44.86 -56.46 24.52
C8 DMU YB . -44.97 -55.06 25.15
C9 DMU YB . -43.68 -54.25 25.26
O1 DMU YB . -42.84 -54.45 24.12
C10 DMU YB . -42.46 -55.81 23.91
O2 DMU YB . -45.95 -54.29 24.43
O3 DMU YB . -44.09 -56.46 22.21
O4 DMU YB . -44.81 -57.47 25.55
C11 DMU YB . -42.94 -54.57 26.59
O6 DMU YB . -41.98 -53.59 27.03
C1 DMU ZB . -27.08 -53.97 50.30
C2 DMU ZB . -26.77 -55.36 50.86
C3 DMU ZB . -26.05 -56.31 49.87
C4 DMU ZB . -26.13 -55.85 48.41
O5 DMU ZB . -27.36 -55.20 48.15
C6 DMU ZB . -27.55 -53.96 48.84
O7 DMU ZB . -24.68 -56.53 50.19
O16 DMU ZB . -28.94 -53.67 48.74
C18 DMU ZB . -29.20 -52.41 48.12
C19 DMU ZB . -29.73 -52.54 46.70
C22 DMU ZB . -30.13 -51.15 46.19
C25 DMU ZB . -31.43 -50.68 46.87
C28 DMU ZB . -31.54 -49.17 47.11
C31 DMU ZB . -32.16 -48.45 45.91
C34 DMU ZB . -33.38 -47.60 46.27
C37 DMU ZB . -33.08 -46.11 46.33
C40 DMU ZB . -33.51 -45.32 45.09
C43 DMU ZB . -33.84 -43.88 45.42
O49 DMU ZB . -25.92 -53.12 50.49
O55 DMU ZB . -27.98 -55.98 51.33
C57 DMU ZB . -25.99 -57.03 47.44
O61 DMU ZB . -24.66 -57.54 47.45
C5 DMU ZB . -22.82 -55.42 51.15
C7 DMU ZB . -22.25 -54.79 52.41
C8 DMU ZB . -22.99 -55.18 53.69
C9 DMU ZB . -23.59 -56.59 53.68
O1 DMU ZB . -24.22 -56.96 52.45
C10 DMU ZB . -24.21 -55.98 51.41
O2 DMU ZB . -22.05 -55.09 54.77
O3 DMU ZB . -21.92 -56.41 50.66
O4 DMU ZB . -22.37 -53.38 52.23
C11 DMU ZB . -24.59 -56.76 54.82
O6 DMU ZB . -24.08 -56.15 56.02
C1 DMU AC . -37.89 -56.82 38.24
C2 DMU AC . -37.49 -58.19 38.80
C3 DMU AC . -36.05 -58.21 39.36
C4 DMU AC . -35.26 -56.91 39.17
O5 DMU AC . -36.01 -55.72 39.42
C6 DMU AC . -37.44 -55.72 39.20
O7 DMU AC . -36.15 -58.47 40.76
O16 DMU AC . -37.76 -54.45 38.64
C18 DMU AC . -37.63 -53.45 39.64
C19 DMU AC . -37.26 -52.12 39.00
C22 DMU AC . -37.01 -51.08 40.06
C25 DMU AC . -37.45 -49.71 39.58
C28 DMU AC . -38.88 -49.79 39.09
C31 DMU AC . -39.34 -48.45 38.52
C34 DMU AC . -40.52 -47.96 39.32
C37 DMU AC . -41.59 -47.32 38.43
C40 DMU AC . -42.71 -48.32 38.13
C43 DMU AC . -43.29 -48.91 39.39
O49 DMU AC . -39.32 -56.74 38.04
O55 DMU AC . -37.64 -59.18 37.77
C57 DMU AC . -34.56 -56.77 37.81
O61 DMU AC . -33.21 -57.25 37.85
C5 DMU AC . -35.56 -59.77 42.72
C7 DMU AC . -35.89 -58.48 43.44
C8 DMU AC . -34.65 -57.59 43.50
C9 DMU AC . -33.72 -57.65 42.27
O1 DMU AC . -33.89 -58.76 41.38
C10 DMU AC . -35.18 -59.38 41.31
O2 DMU AC . -35.10 -56.22 43.59
O3 DMU AC . -36.69 -60.66 42.70
O4 DMU AC . -36.42 -58.73 44.76
C11 DMU AC . -32.23 -57.59 42.66
O6 DMU AC . -32.06 -57.21 44.03
C1 DMU BC . -28.02 -58.91 35.85
C2 DMU BC . -27.01 -59.20 36.96
C3 DMU BC . -25.61 -58.55 36.85
C4 DMU BC . -25.20 -58.13 35.43
O5 DMU BC . -26.13 -58.59 34.46
C6 DMU BC . -27.43 -58.07 34.72
O7 DMU BC . -25.47 -57.43 37.74
O16 DMU BC . -28.28 -58.14 33.57
C18 DMU BC . -27.79 -57.35 32.48
C19 DMU BC . -27.24 -56.02 32.98
C22 DMU BC . -27.21 -54.96 31.90
C25 DMU BC . -26.44 -53.74 32.38
C28 DMU BC . -27.35 -52.56 32.62
C31 DMU BC . -26.54 -51.30 32.89
C34 DMU BC . -27.22 -50.01 32.41
C37 DMU BC . -26.31 -48.83 32.75
C40 DMU BC . -26.96 -47.52 32.39
C43 DMU BC . -26.29 -46.86 31.21
O49 DMU BC . -29.19 -58.26 36.37
O55 DMU BC . -26.83 -60.62 37.00
C57 DMU BC . -23.80 -58.63 35.07
O61 DMU BC . -23.22 -59.37 36.17
C5 DMU BC . -24.74 -56.74 40.02
C7 DMU BC . -23.68 -55.64 40.02
C8 DMU BC . -22.46 -55.83 39.10
C9 DMU BC . -22.59 -56.94 38.05
O1 DMU BC . -23.33 -58.06 38.52
C10 DMU BC . -24.68 -57.76 38.89
O2 DMU BC . -22.26 -54.62 38.36
O3 DMU BC . -26.03 -56.13 40.05
O4 DMU BC . -23.22 -55.48 41.38
C11 DMU BC . -21.21 -57.43 37.58
O6 DMU BC . -20.15 -56.66 38.17
CA1 TGL CC . -28.29 -14.20 42.75
CA2 TGL CC . -28.16 -15.66 43.11
CA3 TGL CC . -26.77 -16.14 42.72
CA4 TGL CC . -26.78 -17.65 42.92
CA5 TGL CC . -25.42 -18.12 43.39
CA6 TGL CC . -24.79 -18.95 42.30
CA7 TGL CC . -23.58 -19.71 42.81
CA8 TGL CC . -22.89 -20.38 41.65
CA9 TGL CC . -21.61 -19.64 41.41
OA1 TGL CC . -29.38 -13.67 42.77
CB1 TGL CC . -26.11 -9.71 40.87
CB2 TGL CC . -25.43 -10.86 40.15
CB3 TGL CC . -26.12 -11.36 38.87
CB4 TGL CC . -25.34 -10.88 37.65
CB5 TGL CC . -25.20 -11.98 36.60
CB6 TGL CC . -26.43 -12.01 35.71
CB7 TGL CC . -26.88 -13.42 35.37
CB8 TGL CC . -27.82 -13.26 34.19
CB9 TGL CC . -29.07 -14.08 34.35
C10 TGL CC . -30.08 -13.66 33.29
C11 TGL CC . -29.36 -13.03 32.12
C12 TGL CC . -30.34 -12.09 31.44
C13 TGL CC . -31.49 -12.97 30.94
C14 TGL CC . -32.33 -12.18 30.00
OB1 TGL CC . -26.06 -8.58 40.38
OG1 TGL CC . -27.13 -13.40 42.37
CG1 TGL CC . -26.82 -12.20 43.09
CG2 TGL CC . -27.61 -10.98 42.57
OG2 TGL CC . -26.72 -9.89 42.22
CG3 TGL CC . -28.55 -10.57 43.73
OG3 TGL CC . -28.91 -11.70 44.56
CC1 TGL CC . -28.73 -11.61 46.01
CC2 TGL CC . -29.03 -12.73 47.05
CC3 TGL CC . -28.42 -12.24 48.40
CC4 TGL CC . -29.03 -10.91 48.85
CC5 TGL CC . -30.56 -11.04 48.85
CC6 TGL CC . -31.33 -10.28 47.76
CC7 TGL CC . -32.83 -10.59 47.79
CC8 TGL CC . -33.26 -11.83 46.97
CC9 TGL CC . -32.81 -11.77 45.50
C15 TGL CC . -33.40 -12.89 44.64
C16 TGL CC . -32.47 -13.41 43.54
C17 TGL CC . -33.26 -14.09 42.42
C18 TGL CC . -32.40 -14.73 41.33
C19 TGL CC . -33.25 -15.54 40.33
OC1 TGL CC . -28.27 -10.51 46.30
C20 TGL CC . -20.74 -20.37 40.41
C21 TGL CC . -19.97 -19.33 39.61
C22 TGL CC . -19.23 -18.39 40.56
C23 TGL CC . -18.29 -19.17 41.44
C24 TGL CC . -16.87 -18.71 41.19
C25 TGL CC . -16.80 -17.32 41.81
C26 TGL CC . -17.33 -17.45 43.20
C27 TGL CC . -16.33 -16.78 44.08
C28 TGL CC . -16.03 -15.40 43.53
C29 TGL CC . -33.31 -11.36 30.80
C30 TGL CC . -34.69 -12.03 30.81
C31 TGL CC . -35.79 -11.09 31.32
C32 TGL CC . -37.19 -11.61 31.08
C33 TGL CC . -33.36 -14.90 38.92
C34 TGL CC . -32.14 -15.10 38.02
C35 TGL CC . -32.07 -14.22 36.77
C36 TGL CC . -33.25 -14.44 35.82
C1 DMU DC . -48.59 -17.58 29.74
C2 DMU DC . -49.88 -18.34 29.47
C3 DMU DC . -50.45 -17.87 28.12
C4 DMU DC . -49.39 -18.16 27.05
O5 DMU DC . -48.19 -17.42 27.33
C6 DMU DC . -47.58 -17.73 28.59
O7 DMU DC . -51.72 -18.41 27.68
O16 DMU DC . -46.50 -16.81 28.80
C18 DMU DC . -45.41 -17.31 29.57
C19 DMU DC . -44.10 -16.63 29.18
C22 DMU DC . -42.98 -17.11 30.10
C25 DMU DC . -41.60 -17.12 29.46
C28 DMU DC . -40.72 -16.10 30.17
C31 DMU DC . -39.24 -16.48 30.26
C34 DMU DC . -38.60 -15.63 31.35
C37 DMU DC . -37.10 -15.90 31.54
C40 DMU DC . -36.47 -15.05 32.64
C43 DMU DC . -36.67 -15.67 34.00
O49 DMU DC . -48.04 -18.03 30.97
O55 DMU DC . -50.74 -18.03 30.57
C57 DMU DC . -49.95 -17.90 25.65
O61 DMU DC . -49.07 -18.38 24.62
C5 DMU DC . -53.45 -20.09 27.65
C7 DMU DC . -54.44 -20.86 28.53
C8 DMU DC . -53.81 -21.08 29.90
C9 DMU DC . -53.64 -19.71 30.56
O1 DMU DC . -52.99 -18.78 29.67
C10 DMU DC . -52.39 -19.37 28.50
O2 DMU DC . -54.63 -21.95 30.71
O3 DMU DC . -54.14 -19.13 26.84
O4 DMU DC . -54.75 -22.11 27.91
C11 DMU DC . -52.92 -19.77 31.92
O6 DMU DC . -53.08 -21.05 32.54
C1 CHD EC . -32.44 -28.01 60.29
C2 CHD EC . -31.12 -27.46 60.78
C3 CHD EC . -31.31 -27.12 62.24
O3 CHD EC . -30.06 -26.73 62.81
C4 CHD EC . -32.30 -25.97 62.38
C5 CHD EC . -33.46 -25.87 61.37
C6 CHD EC . -33.40 -24.44 60.82
C7 CHD EC . -34.46 -24.10 59.78
O7 CHD EC . -34.07 -22.86 59.15
C8 CHD EC . -34.66 -25.24 58.76
C9 CHD EC . -33.53 -26.29 58.86
C10 CHD EC . -33.54 -26.94 60.24
C11 CHD EC . -33.55 -27.39 57.78
C12 CHD EC . -34.37 -27.18 56.50
O12 CHD EC . -33.51 -27.16 55.35
C13 CHD EC . -35.30 -25.97 56.47
C14 CHD EC . -34.79 -24.81 57.30
C15 CHD EC . -35.72 -23.65 56.89
C16 CHD EC . -35.98 -23.90 55.40
C17 CHD EC . -35.40 -25.30 55.09
C18 CHD EC . -36.68 -26.32 57.07
C19 CHD EC . -34.87 -27.67 60.40
C20 CHD EC . -36.03 -25.97 53.84
C21 CHD EC . -36.61 -27.39 53.91
C22 CHD EC . -34.98 -25.96 52.74
C23 CHD EC . -35.60 -25.78 51.35
O25 CHD EC . -34.94 -23.59 51.84
C24 CHD EC . -35.40 -24.35 50.96
O26 CHD EC . -35.76 -23.95 49.82
C1 EDO FC . -39.59 -19.03 33.79
O1 EDO FC . -38.53 -18.40 34.55
C2 EDO FC . -40.86 -19.18 34.61
O2 EDO FC . -41.84 -18.29 34.07
C1 EDO GC . -47.71 -13.39 16.98
O1 EDO GC . -47.87 -14.61 17.72
C2 EDO GC . -47.15 -12.30 17.90
O2 EDO GC . -46.00 -12.76 18.62
C1 DMU HC . -45.05 -32.33 37.56
C2 DMU HC . -46.52 -32.45 37.98
C3 DMU HC . -47.12 -33.80 37.58
C4 DMU HC . -46.29 -34.99 38.09
O5 DMU HC . -44.96 -34.78 37.63
C6 DMU HC . -44.35 -33.58 38.08
O7 DMU HC . -48.38 -33.81 38.20
O16 DMU HC . -43.02 -33.64 37.66
C18 DMU HC . -42.37 -34.73 38.33
C19 DMU HC . -40.95 -34.77 37.81
C22 DMU HC . -40.97 -35.36 36.43
C25 DMU HC . -39.59 -35.83 35.99
C28 DMU HC . -39.19 -34.85 34.94
C31 DMU HC . -38.60 -35.50 33.68
C34 DMU HC . -37.42 -34.70 33.16
C37 DMU HC . -37.81 -33.30 32.71
C40 DMU HC . -36.67 -32.59 31.98
C43 DMU HC . -36.54 -32.95 30.50
O49 DMU HC . -44.46 -31.18 38.19
O55 DMU HC . -47.32 -31.37 37.46
C57 DMU HC . -46.73 -36.36 37.54
O61 DMU HC . -45.93 -37.42 38.11
C5 DMU HC . -50.56 -33.11 37.62
C7 DMU HC . -51.05 -33.40 39.04
C8 DMU HC . -51.48 -34.85 39.09
C9 DMU HC . -50.31 -35.75 38.71
O1 DMU HC . -49.78 -35.42 37.42
C10 DMU HC . -49.43 -34.05 37.27
O2 DMU HC . -51.78 -35.15 40.45
O3 DMU HC . -49.99 -31.81 37.59
O4 DMU HC . -52.11 -32.51 39.41
C11 DMU HC . -50.72 -37.22 38.72
O6 DMU HC . -51.51 -37.50 37.55
C1 EDO IC . -46.91 -35.56 22.42
O1 EDO IC . -46.85 -36.71 21.56
C2 EDO IC . -48.26 -35.50 23.08
O2 EDO IC . -48.87 -34.24 22.78
FE HEA JC . 17.31 24.13 -32.89
CHA HEA JC . 15.09 21.98 -34.34
CHB HEA JC . 17.61 25.89 -35.82
CHC HEA JC . 19.26 26.47 -31.25
CHD HEA JC . 17.04 22.40 -29.91
NA HEA JC . 16.51 23.98 -34.75
C1A HEA JC . 15.55 23.11 -35.13
C2A HEA JC . 15.06 23.36 -36.42
C3A HEA JC . 15.78 24.47 -36.84
C4A HEA JC . 16.65 24.82 -35.78
CMA HEA JC . 15.65 25.12 -38.15
OMA HEA JC . 15.98 26.29 -38.35
CAA HEA JC . 13.99 22.55 -37.14
CBA HEA JC . 14.48 21.43 -38.07
CGA HEA JC . 13.30 20.84 -38.88
O1A HEA JC . 13.60 20.49 -40.08
O2A HEA JC . 12.14 20.70 -38.39
NB HEA JC . 18.30 25.79 -33.45
C1B HEA JC . 18.33 26.33 -34.67
C2B HEA JC . 19.17 27.47 -34.75
C3B HEA JC . 19.66 27.68 -33.46
C4B HEA JC . 19.06 26.65 -32.67
CMB HEA JC . 19.33 28.23 -36.05
NC HEA JC . 17.97 24.42 -30.98
C1C HEA JC . 18.75 25.41 -30.47
C2C HEA JC . 19.00 25.30 -29.08
C3C HEA JC . 18.37 24.11 -28.71
C4C HEA JC . 17.77 23.64 -29.90
CMC HEA JC . 19.80 26.28 -28.24
CAC HEA JC . 18.25 23.43 -27.38
CBC HEA JC . 18.93 23.89 -26.32
ND HEA JC . 16.31 22.48 -32.25
C1D HEA JC . 16.31 21.89 -31.04
C2D HEA JC . 15.48 20.76 -30.97
C3D HEA JC . 14.93 20.60 -32.25
C4D HEA JC . 15.48 21.68 -32.97
CMD HEA JC . 15.17 19.86 -29.81
CAD HEA JC . 13.97 19.55 -32.78
CBD HEA JC . 14.75 18.32 -33.40
CGD HEA JC . 13.80 17.29 -34.08
O1D HEA JC . 13.99 16.08 -33.90
O2D HEA JC . 12.81 17.69 -34.77
C11 HEA JC . 20.55 28.82 -33.07
O11 HEA JC . 19.75 29.67 -32.19
C12 HEA JC . 21.87 28.39 -32.41
C13 HEA JC . 22.76 29.63 -32.01
C14 HEA JC . 23.91 29.33 -31.04
C15 HEA JC . 23.70 29.31 -29.72
C16 HEA JC . 24.90 29.03 -28.85
C17 HEA JC . 24.92 27.70 -28.16
C18 HEA JC . 26.17 27.59 -27.28
C18 HEA JC . 25.41 27.77 -26.74
C19 HEA JC . 26.38 27.93 -25.99
C19 HEA JC . 26.72 27.89 -26.42
C20 HEA JC . 27.74 27.68 -25.34
C20 HEA JC . 27.15 27.94 -24.97
C21 HEA JC . 28.38 29.00 -24.89
C21 HEA JC . 28.63 28.24 -24.79
C22 HEA JC . 29.63 28.79 -24.07
C22 HEA JC . 28.98 27.79 -23.39
C23 HEA JC . 29.85 29.10 -22.77
C23 HEA JC . 29.22 28.60 -22.34
C24 HEA JC . 28.86 29.73 -21.81
C24 HEA JC . 29.20 30.09 -22.49
C25 HEA JC . 31.19 28.82 -22.18
C25 HEA JC . 29.54 28.03 -21.00
C26 HEA JC . 22.37 29.61 -29.16
C27 HEA JC . 25.29 28.56 -25.17
C27 HEA JC . 27.81 27.95 -27.45
FE HEA KC . 6.77 23.64 -24.93
CHA HEA KC . 6.33 21.50 -27.65
CHB HEA KC . 3.34 23.80 -24.47
CHC HEA KC . 7.22 25.40 -21.93
CHD HEA KC . 10.27 23.21 -25.13
NA HEA KC . 5.16 22.84 -25.86
C1A HEA KC . 5.18 21.97 -26.89
C2A HEA KC . 3.92 21.50 -27.20
C3A HEA KC . 3.08 22.11 -26.29
C4A HEA KC . 3.87 22.93 -25.49
CMA HEA KC . 1.62 21.89 -26.25
OMA HEA KC . 1.02 22.06 -25.21
CAA HEA KC . 3.58 20.49 -28.30
CBA HEA KC . 3.18 21.16 -29.63
CGA HEA KC . 3.23 20.15 -30.79
O1A HEA KC . 2.23 20.13 -31.54
O2A HEA KC . 4.22 19.34 -30.95
NB HEA KC . 5.57 24.47 -23.52
C1B HEA KC . 4.23 24.47 -23.55
C2B HEA KC . 3.68 25.19 -22.48
C3B HEA KC . 4.77 25.62 -21.74
C4B HEA KC . 5.89 25.18 -22.39
CMB HEA KC . 2.22 25.45 -22.22
NC HEA KC . 8.38 24.23 -23.81
C1C HEA KC . 8.37 24.85 -22.60
C2C HEA KC . 9.66 25.11 -22.08
C3C HEA KC . 10.53 24.52 -22.98
C4C HEA KC . 9.70 23.95 -24.01
CMC HEA KC . 10.02 25.79 -20.76
CAC HEA KC . 12.03 24.42 -22.95
CBC HEA KC . 12.83 25.04 -22.06
ND HEA KC . 8.01 22.64 -26.15
C1D HEA KC . 9.35 22.55 -26.04
C2D HEA KC . 9.85 21.68 -27.00
C3D HEA KC . 8.78 21.20 -27.75
C4D HEA KC . 7.64 21.83 -27.17
CMD HEA KC . 11.34 21.38 -27.21
CAD HEA KC . 8.89 20.27 -28.95
CBD HEA KC . 9.34 18.85 -28.64
CGD HEA KC . 9.32 18.12 -30.01
O1D HEA KC . 8.30 17.77 -30.65
O2D HEA KC . 10.44 17.86 -30.50
C11 HEA KC . 4.62 26.46 -20.49
O11 HEA KC . 5.58 25.90 -19.52
C12 HEA KC . 4.95 27.95 -20.69
C13 HEA KC . 4.30 28.79 -19.52
C14 HEA KC . 4.80 30.25 -19.63
C15 HEA KC . 3.99 31.31 -19.87
C16 HEA KC . 4.59 32.70 -19.98
C17 HEA KC . 4.72 33.39 -18.59
C18 HEA KC . 3.34 33.63 -17.97
C19 HEA KC . 2.67 34.81 -17.75
C20 HEA KC . 1.28 34.78 -17.09
C21 HEA KC . 0.06 35.24 -17.86
C22 HEA KC . -0.17 34.22 -18.99
C23 HEA KC . -1.38 33.72 -19.29
C24 HEA KC . -2.62 34.04 -18.52
C25 HEA KC . -1.51 32.72 -20.40
C26 HEA KC . 2.52 31.11 -20.11
C27 HEA KC . 3.24 36.18 -18.05
CU CU LC . 5.57 19.18 -23.31
MG MG MC . 3.57 14.38 -35.13
NA NA NC . 16.64 22.68 -49.06
O1 PER OC . 6.80 21.47 -23.88
O2 PER OC . 7.41 20.05 -23.84
P PGV PC . 36.30 50.19 -18.96
C01 PGV PC . 39.90 49.17 -22.55
C02 PGV PC . 38.68 49.77 -21.84
C03 PGV PC . 38.04 49.02 -20.69
C04 PGV PC . 38.52 49.76 -17.41
C05 PGV PC . 39.10 50.22 -16.08
C06 PGV PC . 40.62 50.42 -16.15
O01 PGV PC . 37.71 50.16 -22.84
O02 PGV PC . 35.51 49.61 -22.10
O03 PGV PC . 40.65 50.37 -22.72
O04 PGV PC . 40.71 52.46 -23.72
O05 PGV PC . 38.82 49.22 -15.08
O06 PGV PC . 40.96 51.52 -17.01
O11 PGV PC . 37.36 50.16 -20.16
O12 PGV PC . 37.21 50.31 -17.61
O13 PGV PC . 35.51 48.91 -19.09
O14 PGV PC . 35.55 51.50 -19.03
C1 PGV PC . 36.40 49.53 -22.94
C2 PGV PC . 36.15 48.85 -24.23
C3 PGV PC . 36.60 49.83 -25.27
C4 PGV PC . 36.64 49.08 -26.56
C5 PGV PC . 35.30 48.41 -26.71
C6 PGV PC . 35.34 47.27 -27.69
C7 PGV PC . 34.82 47.67 -29.06
C8 PGV PC . 35.76 48.60 -29.80
C9 PGV PC . 35.11 48.93 -31.14
C10 PGV PC . 35.09 47.71 -32.05
C11 PGV PC . 34.38 48.02 -33.33
C12 PGV PC . 34.50 47.23 -34.41
C13 PGV PC . 35.71 47.45 -35.29
C14 PGV PC . 35.64 46.68 -36.60
C15 PGV PC . 36.82 47.00 -37.54
C16 PGV PC . 36.77 48.46 -38.00
C17 PGV PC . 37.03 48.61 -39.50
C18 PGV PC . 38.48 48.38 -39.86
C19 PGV PC . 40.44 51.27 -23.87
C20 PGV PC . 39.87 50.77 -25.18
C21 PGV PC . 40.88 49.89 -25.91
C22 PGV PC . 40.17 48.82 -26.72
C23 PGV PC . 39.97 49.14 -28.20
C24 PGV PC . 39.43 47.89 -28.87
C25 PGV PC . 39.64 47.78 -30.37
C26 PGV PC . 39.71 46.28 -30.61
C27 PGV PC . 39.97 45.82 -32.04
C28 PGV PC . 38.72 45.70 -32.88
C29 PGV PC . 39.21 44.97 -34.12
C30 PGV PC . 38.20 44.70 -35.23
C31 PGV PC . 38.96 43.97 -36.35
C32 PGV PC . 38.13 43.39 -37.50
C33 PGV PC . 39.04 42.58 -38.43
C34 PGV PC . 40.21 43.42 -38.89
P PSC QC . 5.26 52.23 3.87
N PSC QC . 5.73 55.45 6.52
C01 PSC QC . 4.78 49.46 1.43
C02 PSC QC . 5.11 50.55 0.43
C03 PSC QC . 6.00 51.40 1.33
C04 PSC QC . 6.60 54.30 4.56
C05 PSC QC . 6.44 54.24 6.07
C06 PSC QC . 4.73 55.91 5.54
C07 PSC QC . 6.72 56.52 6.69
C08 PSC QC . 5.06 55.18 7.80
O01 PSC QC . 3.94 51.29 0.10
O02 PSC QC . 2.58 51.77 -1.71
O03 PSC QC . 5.70 48.50 0.98
O04 PSC QC . 5.66 46.49 2.17
O11 PSC QC . 5.05 51.79 2.33
O12 PSC QC . 6.67 52.99 4.02
O13 PSC QC . 5.37 50.98 4.71
O14 PSC QC . 4.11 53.16 4.19
C1 PSC QC . 3.20 50.91 -1.11
C2 PSC QC . 3.14 49.47 -1.61
C3 PSC QC . 1.73 49.03 -2.02
C4 PSC QC . 1.66 47.55 -2.43
C5 PSC QC . 0.55 47.17 -3.41
C6 PSC QC . 0.91 47.51 -4.88
C7 PSC QC . -0.04 46.93 -5.92
C8 PSC QC . 0.60 47.01 -7.31
C9 PSC QC . -0.08 46.06 -8.28
C10 PSC QC . 0.49 45.75 -9.45
C11 PSC QC . -0.04 44.60 -10.30
C12 PSC QC . 0.83 44.38 -11.53
C13 PSC QC . 0.15 43.73 -12.76
C14 PSC QC . -0.19 42.24 -12.76
C15 PSC QC . -0.83 41.86 -14.10
C16 PSC QC . -1.05 40.36 -14.42
C17 PSC QC . -1.70 40.25 -15.79
C18 PSC QC . -1.79 38.86 -16.42
C19 PSC QC . 5.50 47.10 1.14
C20 PSC QC . 5.17 46.47 -0.17
C21 PSC QC . 5.93 47.36 -1.12
C22 PSC QC . 5.51 47.16 -2.56
C23 PSC QC . 4.82 45.82 -2.61
C24 PSC QC . 4.20 45.68 -3.97
C25 PSC QC . 5.22 46.03 -5.03
C26 PSC QC . 4.57 45.50 -6.34
C27 PSC QC . 5.53 45.78 -7.45
C28 PSC QC . 4.96 45.37 -8.78
C29 PSC QC . 5.90 45.96 -9.82
C30 PSC QC . 5.28 45.70 -11.16
C31 PSC QC . 5.40 44.25 -11.50
C32 PSC QC . 4.02 43.65 -11.45
C33 PSC QC . 3.88 42.47 -12.38
C34 PSC QC . 3.44 42.95 -13.73
C1 EDO RC . 30.82 40.31 -11.42
O1 EDO RC . 30.15 39.89 -12.66
C2 EDO RC . 29.86 40.72 -10.30
O2 EDO RC . 29.02 41.73 -10.89
C1 EDO SC . 19.87 35.77 -4.23
O1 EDO SC . 19.99 35.00 -3.00
C2 EDO SC . 20.99 36.81 -4.29
O2 EDO SC . 20.88 37.72 -3.17
C1 EDO TC . 34.61 39.13 -3.09
O1 EDO TC . 34.57 40.56 -2.96
C2 EDO TC . 35.44 38.76 -4.33
O2 EDO TC . 36.82 39.10 -4.21
C1 EDO UC . 23.60 16.89 -15.26
O1 EDO UC . 22.25 16.52 -15.53
C2 EDO UC . 24.31 17.50 -16.46
O2 EDO UC . 24.68 16.51 -17.44
C1 EDO VC . 27.70 27.24 13.09
O1 EDO VC . 27.06 26.84 11.87
C2 EDO VC . 27.64 26.25 14.24
O2 EDO VC . 27.49 24.91 13.83
C1 EDO WC . 12.51 0.51 -45.36
O1 EDO WC . 11.62 1.30 -44.56
C2 EDO WC . 13.84 1.23 -45.62
O2 EDO WC . 13.67 2.61 -46.04
C1 EDO XC . 35.73 26.16 15.13
O1 EDO XC . 35.50 25.69 13.80
C2 EDO XC . 34.65 25.55 15.99
O2 EDO XC . 35.15 24.27 16.41
C1 EDO YC . 7.54 -2.86 -37.17
O1 EDO YC . 6.57 -1.87 -36.80
C2 EDO YC . 8.51 -2.22 -38.13
O2 EDO YC . 9.81 -2.10 -37.51
C1 EDO ZC . -3.29 0.22 -31.64
O1 EDO ZC . -2.61 -0.49 -30.61
C2 EDO ZC . -4.80 0.19 -31.60
O2 EDO ZC . -5.11 -0.53 -32.79
C1 EDO AD . 44.03 23.11 3.60
O1 EDO AD . 44.20 24.22 4.48
C2 EDO AD . 44.78 23.32 2.31
O2 EDO AD . 43.93 22.91 1.25
C1 EDO BD . 39.03 16.93 -2.50
O1 EDO BD . 39.79 17.18 -1.30
C2 EDO BD . 38.10 18.08 -2.87
O2 EDO BD . 38.75 19.33 -2.85
C1 EDO CD . 4.39 34.29 -0.33
O1 EDO CD . 4.07 34.85 0.96
C2 EDO CD . 4.98 35.38 -1.22
O2 EDO CD . 6.30 35.04 -1.55
CA1 TGL DD . 1.40 40.37 -37.78
CA2 TGL DD . 2.86 40.73 -37.70
CA3 TGL DD . 3.36 40.52 -36.28
CA4 TGL DD . 2.58 41.37 -35.30
CA5 TGL DD . 3.22 41.36 -33.92
CA6 TGL DD . 4.29 42.43 -33.79
CA7 TGL DD . 5.62 41.85 -33.34
CA8 TGL DD . 6.63 42.00 -34.47
CA9 TGL DD . 8.04 41.56 -34.10
OA1 TGL DD . 0.61 41.16 -38.24
CB1 TGL DD . 1.32 35.80 -36.11
CB2 TGL DD . 2.79 35.68 -35.79
CB3 TGL DD . 3.11 35.87 -34.30
CB4 TGL DD . 2.70 34.71 -33.41
CB5 TGL DD . 2.51 35.19 -31.98
CB6 TGL DD . 3.80 35.75 -31.42
CB7 TGL DD . 3.68 37.26 -31.23
CB8 TGL DD . 4.12 37.70 -29.84
CB9 TGL DD . 5.26 38.69 -29.86
C10 TGL DD . 4.80 40.13 -29.98
C11 TGL DD . 4.99 40.89 -28.67
C12 TGL DD . 4.63 42.37 -28.79
C13 TGL DD . 5.88 43.27 -28.66
C14 TGL DD . 5.51 44.74 -28.84
OB1 TGL DD . 0.48 35.46 -35.29
OG1 TGL DD . 0.91 39.07 -37.32
CG1 TGL DD . -0.20 38.43 -37.95
CG2 TGL DD . -0.42 37.00 -37.44
OG2 TGL DD . 0.83 36.26 -37.42
CG3 TGL DD . -1.43 36.40 -38.41
OG3 TGL DD . -2.45 37.36 -38.75
CC1 TGL DD . -2.95 37.61 -40.11
CC2 TGL DD . -2.53 38.89 -40.80
CC3 TGL DD . -3.03 39.04 -42.23
CC4 TGL DD . -2.44 40.29 -42.89
CC5 TGL DD . -1.60 39.98 -44.14
CC6 TGL DD . -1.13 41.24 -44.90
CC7 TGL DD . 0.39 41.33 -45.06
CC8 TGL DD . 0.93 42.71 -44.63
CC9 TGL DD . 2.45 42.90 -44.78
C15 TGL DD . 3.33 42.02 -43.87
C16 TGL DD . 4.17 42.79 -42.85
C17 TGL DD . 5.49 42.07 -42.45
C18 TGL DD . 5.53 41.59 -40.99
C19 TGL DD . 6.92 41.67 -40.37
OC1 TGL DD . -3.68 36.79 -40.66
C20 TGL DD . 9.04 42.19 -35.06
C21 TGL DD . 10.22 41.27 -35.32
C22 TGL DD . 10.89 40.89 -34.01
C23 TGL DD . 11.42 42.11 -33.25
C24 TGL DD . 11.60 41.82 -31.76
C25 TGL DD . 10.36 41.12 -31.19
C26 TGL DD . 10.70 39.72 -30.71
C27 TGL DD . 9.48 38.84 -30.74
C28 TGL DD . 8.59 39.31 -29.63
C29 TGL DD . 6.39 45.41 -29.89
C30 TGL DD . 7.83 45.59 -29.39
C31 TGL DD . 8.86 45.19 -30.45
C32 TGL DD . 10.13 44.66 -29.83
C33 TGL DD . 7.91 40.57 -40.80
C34 TGL DD . 9.03 40.39 -39.77
C35 TGL DD . 10.22 39.53 -40.23
C36 TGL DD . 11.37 39.57 -39.23
CU1 CUA ED . 5.41 10.28 -44.94
CU2 CUA ED . 6.63 12.08 -43.73
C1 EDO FD . -0.31 23.31 -48.53
O1 EDO FD . -0.28 23.30 -47.08
C2 EDO FD . 1.08 23.78 -49.02
O2 EDO FD . 1.12 25.23 -48.93
C1 EDO GD . 13.57 15.83 -55.47
O1 EDO GD . 13.39 14.95 -54.35
C2 EDO GD . 12.60 17.01 -55.36
O2 EDO GD . 13.14 18.24 -55.91
C1 DMU HD . -14.24 37.71 -25.86
C2 DMU HD . -15.54 36.99 -26.23
C3 DMU HD . -16.14 36.03 -25.18
C4 DMU HD . -15.20 35.58 -24.05
O5 DMU HD . -13.84 35.93 -24.30
C6 DMU HD . -13.76 37.35 -24.46
O7 DMU HD . -17.34 36.55 -24.56
O16 DMU HD . -12.44 37.84 -24.30
C18 DMU HD . -12.45 38.85 -23.30
C19 DMU HD . -11.08 39.49 -23.23
C22 DMU HD . -10.12 38.59 -22.49
C25 DMU HD . -8.72 39.06 -22.81
C28 DMU HD . -8.04 39.77 -21.64
C31 DMU HD . -6.55 39.93 -21.92
C34 DMU HD . -5.88 40.77 -20.85
C37 DMU HD . -4.39 40.82 -21.11
C40 DMU HD . -3.71 41.14 -19.80
C43 DMU HD . -4.31 42.39 -19.18
O49 DMU HD . -14.36 39.14 -25.96
O55 DMU HD . -15.26 36.21 -27.39
C57 DMU HD . -15.37 34.07 -23.82
O61 DMU HD . -14.14 33.35 -23.72
C5 DMU HD . -19.17 34.96 -25.24
C7 DMU HD . -19.30 34.22 -26.58
C8 DMU HD . -18.71 34.96 -27.77
C9 DMU HD . -18.98 36.46 -27.76
O1 DMU HD . -18.62 37.11 -26.53
C10 DMU HD . -18.60 36.40 -25.26
O2 DMU HD . -17.29 34.74 -27.84
O3 DMU HD . -18.48 34.13 -24.29
O4 DMU HD . -20.69 33.98 -26.85
C11 DMU HD . -20.42 36.81 -28.18
O6 DMU HD . -20.68 36.25 -29.46
P PGV ID . 31.55 8.36 -3.38
C01 PGV ID . 27.32 7.17 -3.21
C02 PGV ID . 28.43 6.12 -3.30
C03 PGV ID . 29.63 6.69 -2.51
C04 PGV ID . 31.68 9.14 -0.79
C05 PGV ID . 32.56 8.70 0.38
C06 PGV ID . 32.40 7.16 0.64
O01 PGV ID . 28.69 6.10 -4.70
O02 PGV ID . 28.77 3.83 -4.47
O03 PGV ID . 26.21 6.85 -4.09
O04 PGV ID . 25.58 6.01 -2.13
O05 PGV ID . 32.25 9.46 1.58
O06 PGV ID . 33.22 6.67 1.78
O11 PGV ID . 30.01 7.91 -3.20
O12 PGV ID . 32.13 8.37 -1.89
O13 PGV ID . 31.49 9.77 -3.97
O14 PGV ID . 32.33 7.32 -4.13
C1 PGV ID . 28.87 4.79 -5.22
C2 PGV ID . 29.31 4.74 -6.65
C3 PGV ID . 29.69 3.30 -7.10
C4 PGV ID . 30.01 3.26 -8.60
C5 PGV ID . 30.60 1.87 -8.98
C6 PGV ID . 30.93 1.69 -10.48
C7 PGV ID . 29.66 1.73 -11.35
C8 PGV ID . 30.10 1.91 -12.81
C9 PGV ID . 29.00 1.41 -13.74
C10 PGV ID . 29.17 1.74 -15.22
C11 PGV ID . 28.33 2.99 -15.39
C12 PGV ID . 27.45 3.12 -16.40
C13 PGV ID . 26.64 1.94 -16.90
C14 PGV ID . 25.58 2.50 -17.86
C15 PGV ID . 24.74 1.43 -18.56
C16 PGV ID . 25.51 0.78 -19.70
C17 PGV ID . 24.76 -0.34 -20.40
C18 PGV ID . 23.50 0.20 -21.07
C19 PGV ID . 25.23 6.13 -3.31
C20 PGV ID . 23.91 5.55 -3.87
C21 PGV ID . 24.00 5.15 -5.36
C22 PGV ID . 24.81 3.90 -5.77
C23 PGV ID . 24.97 3.83 -7.29
C24 PGV ID . 25.71 2.60 -7.86
C25 PGV ID . 25.99 2.57 -9.38
C26 PGV ID . 24.91 2.08 -10.40
C27 PGV ID . 25.09 2.71 -11.79
C28 PGV ID . 24.09 2.27 -12.88
C29 PGV ID . 22.62 2.49 -12.56
C30 PGV ID . 22.11 3.91 -12.83
C31 PGV ID . 20.64 4.10 -12.45
C32 PGV ID . 19.76 3.08 -13.16
C33 PGV ID . 18.26 3.34 -12.99
C34 PGV ID . 17.59 3.09 -14.34
P PGV JD . -8.00 2.42 -25.05
C01 PGV JD . -4.40 1.68 -21.96
C02 PGV JD . -5.89 1.45 -22.31
C03 PGV JD . -6.13 1.00 -23.76
C04 PGV JD . -9.22 0.79 -26.87
C05 PGV JD . -9.90 1.01 -28.24
C06 PGV JD . -11.17 0.16 -28.46
O01 PGV JD . -6.63 2.66 -22.20
O02 PGV JD . -7.78 1.75 -20.44
O03 PGV JD . -4.27 1.86 -20.53
O04 PGV JD . -2.13 1.06 -20.14
O05 PGV JD . -9.00 0.73 -29.32
O06 PGV JD . -11.96 0.55 -29.62
O11 PGV JD . -6.49 2.16 -24.51
O12 PGV JD . -8.30 1.86 -26.56
O13 PGV JD . -8.94 1.75 -24.07
O14 PGV JD . -7.99 3.93 -25.20
C1 PGV JD . -7.39 2.78 -20.98
C2 PGV JD . -7.75 4.16 -20.42
C3 PGV JD . -8.73 4.09 -19.25
C4 PGV JD . -8.12 3.97 -17.85
C5 PGV JD . -7.28 2.73 -17.58
C6 PGV JD . -6.86 2.68 -16.11
C7 PGV JD . -5.46 2.13 -15.93
C8 PGV JD . -4.49 3.24 -15.53
C9 PGV JD . -4.89 3.86 -14.21
C10 PGV JD . -3.89 4.89 -13.65
C11 PGV JD . -3.85 6.13 -14.51
C12 PGV JD . -3.26 7.22 -14.03
C13 PGV JD . -4.04 8.16 -13.14
C14 PGV JD . -3.13 9.14 -12.37
C15 PGV JD . -2.53 8.58 -11.08
C16 PGV JD . -1.53 7.44 -11.31
C17 PGV JD . -0.99 6.82 -10.02
C18 PGV JD . -0.15 5.61 -10.36
C19 PGV JD . -2.96 1.90 -19.86
C20 PGV JD . -2.60 2.86 -18.74
C21 PGV JD . -1.23 2.38 -18.25
C22 PGV JD . -0.69 3.18 -17.08
C23 PGV JD . -0.58 4.67 -17.37
C24 PGV JD . 0.02 5.37 -16.15
C25 PGV JD . 0.43 6.80 -16.44
C26 PGV JD . 1.18 7.38 -15.26
C27 PGV JD . 2.32 6.47 -14.84
C28 PGV JD . 3.25 7.16 -13.84
C29 PGV JD . 3.56 6.18 -12.72
C30 PGV JD . 4.46 6.75 -11.62
C31 PGV JD . 4.24 5.80 -10.44
C32 PGV JD . 5.22 5.96 -9.29
C33 PGV JD . 4.95 4.86 -8.27
C34 PGV JD . 5.95 4.94 -7.15
NA NA KD . 20.47 -0.73 11.87
P PEK LD . 13.88 -17.55 -24.21
N PEK LD . 12.37 -21.67 -22.88
C01 PEK LD . 15.92 -14.47 -23.46
C02 PEK LD . 15.55 -14.97 -22.06
C03 PEK LD . 14.35 -15.88 -22.29
C04 PEK LD . 12.53 -19.18 -22.78
C05 PEK LD . 12.00 -20.44 -23.56
O01 PEK LD . 15.10 -13.83 -21.31
O02 PEK LD . 16.88 -14.09 -20.02
O03 PEK LD . 17.18 -13.81 -23.40
O04 PEK LD . 17.00 -12.86 -25.48
O11 PEK LD . 14.80 -17.07 -22.99
O12 PEK LD . 12.43 -18.08 -23.71
O13 PEK LD . 13.51 -16.39 -25.13
O14 PEK LD . 14.69 -18.66 -24.91
C1 PEK LD . 15.99 -13.32 -20.35
C2 PEK LD . 15.74 -11.86 -19.95
C3 PEK LD . 16.33 -11.01 -21.11
C4 PEK LD . 15.72 -9.65 -21.33
C5 PEK LD . 16.72 -8.82 -22.11
C6 PEK LD . 17.25 -7.78 -21.40
C7 PEK LD . 16.99 -7.85 -19.92
C8 PEK LD . 18.24 -7.61 -19.17
C9 PEK LD . 18.47 -8.48 -18.21
C10 PEK LD . 19.85 -9.09 -18.22
C11 PEK LD . 19.62 -10.55 -18.00
C12 PEK LD . 20.59 -11.44 -17.91
C13 PEK LD . 20.08 -12.85 -17.89
C14 PEK LD . 20.60 -13.48 -16.63
C15 PEK LD . 19.63 -14.01 -15.90
C16 PEK LD . 18.40 -13.15 -15.69
C17 PEK LD . 17.13 -13.93 -15.36
C18 PEK LD . 17.18 -14.75 -14.07
C19 PEK LD . 17.05 -16.24 -14.34
C20 PEK LD . 18.18 -16.80 -15.17
C21 PEK LD . 17.73 -13.12 -24.55
C22 PEK LD . 19.20 -12.66 -24.55
C23 PEK LD . 19.65 -12.02 -23.26
C24 PEK LD . 21.12 -11.52 -23.30
C25 PEK LD . 21.35 -10.23 -24.09
C26 PEK LD . 20.68 -8.97 -23.55
C27 PEK LD . 21.19 -7.77 -24.33
C28 PEK LD . 20.56 -6.42 -24.01
C29 PEK LD . 20.90 -5.82 -22.65
C30 PEK LD . 20.52 -4.33 -22.71
C31 PEK LD . 20.67 -3.71 -21.33
C32 PEK LD . 20.27 -2.24 -21.21
C33 PEK LD . 20.57 -1.75 -19.79
C34 PEK LD . 19.95 -0.37 -19.56
C35 PEK LD . 20.27 0.27 -18.20
C36 PEK LD . 19.76 1.71 -18.22
C37 PEK LD . 20.09 2.55 -17.00
C38 PEK LD . 19.61 3.99 -17.14
P PGV MD . 29.44 0.65 6.60
C01 PGV MD . 28.85 2.29 2.91
C02 PGV MD . 29.42 0.94 3.33
C03 PGV MD . 30.52 1.16 4.36
C04 PGV MD . 31.38 1.07 8.32
C05 PGV MD . 31.48 0.28 9.61
C06 PGV MD . 31.93 1.28 10.67
O01 PGV MD . 30.13 0.50 2.19
O02 PGV MD . 28.79 -1.33 2.03
O03 PGV MD . 27.73 1.97 2.04
O04 PGV MD . 28.62 3.14 0.32
O05 PGV MD . 32.40 -0.81 9.43
O06 PGV MD . 32.07 0.66 11.95
O11 PGV MD . 29.83 1.65 5.44
O12 PGV MD . 30.80 0.22 7.34
O13 PGV MD . 28.82 -0.63 5.93
O14 PGV MD . 28.63 1.44 7.58
C1 PGV MD . 29.73 -0.72 1.56
C2 PGV MD . 30.52 -1.15 0.34
C3 PGV MD . 30.00 -2.46 -0.28
C4 PGV MD . 29.16 -2.20 -1.55
C5 PGV MD . 28.80 -3.55 -2.15
C6 PGV MD . 27.69 -3.40 -3.21
C7 PGV MD . 27.62 -4.61 -4.14
C8 PGV MD . 26.41 -4.42 -5.08
C9 PGV MD . 26.37 -5.66 -5.98
C10 PGV MD . 26.85 -5.22 -7.36
C11 PGV MD . 26.67 -6.40 -8.28
C12 PGV MD . 26.13 -6.29 -9.49
C13 PGV MD . 26.92 -6.22 -10.76
C14 PGV MD . 26.65 -7.55 -11.48
C15 PGV MD . 27.34 -8.63 -10.63
C16 PGV MD . 27.12 -10.07 -11.05
C17 PGV MD . 27.96 -11.00 -10.17
C18 PGV MD . 27.74 -12.45 -10.56
C19 PGV MD . 27.68 2.46 0.71
C20 PGV MD . 26.42 2.11 -0.08
C21 PGV MD . 26.75 1.71 -1.52
C22 PGV MD . 25.46 1.20 -2.16
C23 PGV MD . 25.71 0.39 -3.41
C24 PGV MD . 24.39 -0.14 -3.96
C25 PGV MD . 24.72 -0.88 -5.23
C26 PGV MD . 23.55 -1.37 -6.07
C27 PGV MD . 24.11 -1.19 -7.46
C28 PGV MD . 23.29 -1.73 -8.63
C29 PGV MD . 24.08 -1.55 -9.92
C30 PGV MD . 23.36 -2.14 -11.15
C31 PGV MD . 21.98 -1.51 -11.28
C32 PGV MD . 21.04 -2.11 -12.34
C33 PGV MD . 21.38 -1.88 -13.80
C34 PGV MD . 20.25 -2.40 -14.69
C1 CDL ND . 39.91 -3.63 2.55
O1 CDL ND . 38.59 -3.28 1.99
CA2 CDL ND . 41.04 -3.52 1.53
OA2 CDL ND . 41.53 -4.85 1.37
PA1 CDL ND . 42.67 -5.37 0.36
OA3 CDL ND . 42.18 -5.07 -1.04
OA4 CDL ND . 44.08 -5.03 0.81
OA5 CDL ND . 42.50 -6.95 0.60
CA3 CDL ND . 43.25 -7.92 -0.12
CA4 CDL ND . 42.15 -8.88 -0.57
OA6 CDL ND . 42.18 -10.18 0.04
CA5 CDL ND . 41.54 -10.20 1.36
OA7 CDL ND . 41.99 -9.57 2.31
C11 CDL ND . 40.33 -11.07 1.54
C12 CDL ND . 39.16 -10.50 0.70
C13 CDL ND . 39.32 -10.71 -0.79
C14 CDL ND . 38.13 -10.16 -1.58
C15 CDL ND . 38.21 -10.61 -3.04
C16 CDL ND . 36.84 -10.42 -3.68
C17 CDL ND . 36.87 -10.81 -5.14
C18 CDL ND . 35.48 -10.79 -5.71
C19 CDL ND . 35.41 -11.28 -6.95
C20 CDL ND . 34.76 -12.61 -7.27
C21 CDL ND . 35.72 -13.20 -8.27
C22 CDL ND . 35.35 -13.84 -9.37
C23 CDL ND . 36.23 -13.55 -10.58
C24 CDL ND . 35.49 -13.78 -11.89
C25 CDL ND . 36.11 -12.86 -12.93
C26 CDL ND . 35.44 -12.97 -14.30
C27 CDL ND . 35.95 -11.90 -15.23
CA6 CDL ND . 42.06 -8.98 -2.10
OA8 CDL ND . 43.07 -9.71 -2.79
CA7 CDL ND . 42.84 -10.12 -4.19
OA9 CDL ND . 43.78 -10.55 -4.83
C31 CDL ND . 41.44 -10.09 -4.80
C32 CDL ND . 41.29 -9.28 -6.11
C33 CDL ND . 39.96 -9.66 -6.78
C34 CDL ND . 39.48 -8.82 -7.97
C35 CDL ND . 38.07 -9.21 -8.41
C36 CDL ND . 37.52 -8.50 -9.65
C37 CDL ND . 37.50 -9.48 -10.81
C38 CDL ND . 37.02 -8.86 -12.09
C39 CDL ND . 37.55 -9.31 -13.22
C40 CDL ND . 38.99 -9.77 -13.10
C41 CDL ND . 39.76 -9.93 -14.39
C42 CDL ND . 41.07 -10.16 -14.25
C43 CDL ND . 41.84 -9.32 -13.24
C44 CDL ND . 42.85 -10.21 -12.50
C45 CDL ND . 43.38 -9.54 -11.23
C46 CDL ND . 44.00 -10.57 -10.28
C47 CDL ND . 42.96 -11.54 -9.74
CB2 CDL ND . 40.12 -5.02 3.25
OB2 CDL ND . 39.35 -5.36 4.43
PB2 CDL ND . 39.37 -6.87 5.07
OB3 CDL ND . 38.98 -7.02 6.58
OB4 CDL ND . 40.54 -7.61 4.48
OB5 CDL ND . 38.05 -7.08 4.18
CB3 CDL ND . 37.93 -8.15 3.27
CB4 CDL ND . 37.17 -7.57 2.10
OB6 CDL ND . 37.51 -6.20 1.93
CB5 CDL ND . 37.39 -6.02 0.50
OB7 CDL ND . 37.96 -6.81 -0.23
C51 CDL ND . 36.62 -4.88 -0.09
C52 CDL ND . 36.46 -5.35 -1.55
C53 CDL ND . 35.19 -6.13 -1.79
C54 CDL ND . 34.03 -5.26 -1.37
C55 CDL ND . 33.20 -4.95 -2.59
C56 CDL ND . 32.91 -6.18 -3.40
C57 CDL ND . 32.12 -5.67 -4.58
C58 CDL ND . 31.65 -6.84 -5.37
C59 CDL ND . 31.07 -6.58 -6.54
C60 CDL ND . 31.99 -6.68 -7.72
C61 CDL ND . 31.17 -7.10 -8.89
C62 CDL ND . 31.48 -8.27 -9.44
C63 CDL ND . 32.13 -9.30 -8.54
C64 CDL ND . 31.64 -10.70 -8.88
C65 CDL ND . 31.79 -11.02 -10.36
C66 CDL ND . 31.59 -12.50 -10.65
C67 CDL ND . 31.70 -12.79 -12.14
CB6 CDL ND . 35.66 -7.63 2.25
OB8 CDL ND . 35.31 -8.93 1.76
CB7 CDL ND . 34.33 -9.08 0.68
OB9 CDL ND . 33.69 -8.10 0.36
C71 CDL ND . 34.10 -10.39 -0.05
C72 CDL ND . 33.28 -10.11 -1.29
C73 CDL ND . 32.86 -11.35 -2.09
C74 CDL ND . 32.51 -10.90 -3.50
C75 CDL ND . 31.04 -11.04 -3.89
C76 CDL ND . 30.70 -12.48 -4.22
C77 CDL ND . 29.84 -12.60 -5.48
C78 CDL ND . 29.63 -14.06 -5.77
C79 CDL ND . 28.75 -14.47 -6.68
C80 CDL ND . 27.29 -14.63 -6.31
C81 CDL ND . 26.51 -14.74 -7.59
C82 CDL ND . 25.18 -14.65 -7.62
C83 CDL ND . 24.31 -15.20 -6.54
C84 CDL ND . 22.86 -15.16 -7.00
C85 CDL ND . 22.74 -15.91 -8.32
C86 CDL ND . 23.23 -17.36 -8.23
C87 CDL ND . 23.25 -18.02 -9.60
C1 CHD OD . 27.87 -22.65 6.57
C2 CHD OD . 26.77 -23.70 6.34
C3 CHD OD . 26.17 -24.11 7.68
O3 CHD OD . 27.21 -24.55 8.54
C4 CHD OD . 25.49 -22.91 8.35
C5 CHD OD . 25.91 -21.57 7.74
C6 CHD OD . 25.38 -20.43 8.63
C7 CHD OD . 26.27 -20.09 9.83
O7 CHD OD . 25.99 -21.09 10.80
C8 CHD OD . 27.76 -20.07 9.51
C9 CHD OD . 28.20 -21.34 8.74
C10 CHD OD . 27.42 -21.47 7.43
C11 CHD OD . 29.74 -21.39 8.55
C12 CHD OD . 30.54 -21.14 9.86
O12 CHD OD . 30.50 -22.30 10.72
C13 CHD OD . 30.05 -19.92 10.62
C14 CHD OD . 28.54 -20.05 10.82
C15 CHD OD . 28.16 -19.04 11.89
C16 CHD OD . 29.38 -18.95 12.79
C17 CHD OD . 30.53 -19.66 12.06
C18 CHD OD . 30.36 -18.73 9.72
C19 CHD OD . 27.76 -20.20 6.64
C20 CHD OD . 31.84 -18.92 12.29
C21 CHD OD . 33.03 -19.74 11.83
C22 CHD OD . 31.99 -18.60 13.79
C23 CHD OD . 32.15 -17.12 14.18
O25 CHD OD . 34.29 -16.79 13.31
C24 CHD OD . 33.62 -16.86 14.37
O26 CHD OD . 34.13 -17.23 15.46
C1 CHD PD . -8.48 12.30 -18.20
C2 CHD PD . -9.63 11.89 -19.15
C3 CHD PD . -10.77 11.33 -18.33
O3 CHD PD . -11.76 10.90 -19.24
C4 CHD PD . -10.25 10.12 -17.56
C5 CHD PD . -9.12 10.48 -16.57
C6 CHD PD . -8.69 9.25 -15.76
C7 CHD PD . -7.87 8.22 -16.57
O7 CHD PD . -8.75 7.56 -17.49
C8 CHD PD . -6.71 8.90 -17.34
C9 CHD PD . -7.25 10.06 -18.19
C10 CHD PD . -7.95 11.14 -17.35
C11 CHD PD . -6.17 10.68 -19.10
C12 CHD PD . -5.44 9.64 -19.97
O12 CHD PD . -6.35 9.01 -20.92
C13 CHD PD . -4.81 8.52 -19.11
C14 CHD PD . -5.94 7.91 -18.25
C15 CHD PD . -5.29 6.68 -17.61
C16 CHD PD . -4.24 6.20 -18.64
C17 CHD PD . -4.24 7.27 -19.80
C18 CHD PD . -3.68 9.11 -18.23
C19 CHD PD . -6.94 11.78 -16.38
C20 CHD PD . -2.89 7.30 -20.56
C21 CHD PD . -2.71 8.52 -21.48
C22 CHD PD . -2.86 6.06 -21.48
C23 CHD PD . -1.45 5.67 -21.82
O25 CHD PD . -2.13 4.28 -23.51
C24 CHD PD . -1.48 4.30 -22.46
O26 CHD PD . -0.50 3.53 -22.33
P PEK QD . 17.95 -22.90 20.09
N PEK QD . 21.39 -21.49 18.07
C01 PEK QD . 16.80 -23.58 14.95
C02 PEK QD . 17.60 -23.70 16.26
C03 PEK QD . 17.09 -22.83 17.42
C04 PEK QD . 20.00 -21.10 19.97
C05 PEK QD . 21.44 -21.19 19.49
O01 PEK QD . 18.99 -23.44 16.01
O02 PEK QD . 19.43 -25.73 15.93
O03 PEK QD . 15.89 -24.68 14.94
O04 PEK QD . 14.30 -26.10 14.25
O11 PEK QD . 17.54 -23.49 18.62
O12 PEK QD . 19.51 -22.45 19.94
O13 PEK QD . 17.10 -21.72 20.52
O14 PEK QD . 17.96 -24.15 20.94
C1 PEK QD . 19.78 -24.61 15.62
C2 PEK QD . 21.05 -24.43 14.82
C3 PEK QD . 20.78 -24.91 13.39
C4 PEK QD . 19.45 -24.39 12.84
C5 PEK QD . 19.39 -24.70 11.36
C6 PEK QD . 18.28 -24.52 10.64
C7 PEK QD . 18.45 -24.18 9.17
C8 PEK QD . 17.20 -24.48 8.38
C9 PEK QD . 17.31 -24.47 7.05
C10 PEK QD . 17.12 -23.22 6.22
C11 PEK QD . 17.73 -23.41 4.84
C12 PEK QD . 17.33 -22.71 3.77
C13 PEK QD . 16.67 -23.51 2.66
C14 PEK QD . 16.55 -22.78 1.35
C15 PEK QD . 16.40 -23.45 0.20
C16 PEK QD . 15.99 -24.90 0.16
C17 PEK QD . 16.00 -25.42 -1.27
C18 PEK QD . 15.55 -26.88 -1.37
C19 PEK QD . 15.53 -27.34 -2.84
C20 PEK QD . 15.16 -28.79 -3.02
C21 PEK QD . 15.04 -25.22 13.86
C22 PEK QD . 14.98 -24.85 12.39
C23 PEK QD . 13.95 -25.77 11.68
C24 PEK QD . 13.29 -25.27 10.40
C25 PEK QD . 12.33 -26.29 9.77
C26 PEK QD . 11.45 -25.79 8.62
C27 PEK QD . 10.53 -26.85 8.00
C28 PEK QD . 9.39 -27.33 8.92
C29 PEK QD . 8.40 -28.31 8.25
C30 PEK QD . 7.18 -28.75 9.08
C31 PEK QD . 6.18 -27.61 9.35
C32 PEK QD . 4.68 -27.91 9.23
C33 PEK QD . 3.94 -26.59 9.42
C34 PEK QD . 2.41 -26.55 9.46
C35 PEK QD . 2.00 -25.33 10.33
C36 PEK QD . 2.94 -24.17 9.92
C37 PEK QD . 2.64 -22.82 10.54
C38 PEK QD . 1.83 -21.99 9.56
C1 EDO RD . -3.71 -6.13 -39.74
O1 EDO RD . -2.72 -7.17 -39.54
C2 EDO RD . -4.10 -5.41 -38.44
O2 EDO RD . -3.09 -4.49 -38.02
C1 EDO SD . 0.72 -5.81 -38.91
O1 EDO SD . -0.44 -6.46 -38.37
C2 EDO SD . 0.49 -4.31 -39.17
O2 EDO SD . -0.84 -4.02 -39.65
C1 EDO TD . 40.64 15.19 8.60
O1 EDO TD . 40.05 15.18 9.90
C2 EDO TD . 40.29 13.84 8.00
O2 EDO TD . 39.17 13.42 8.80
C1 EDO UD . 46.71 11.59 -0.18
O1 EDO UD . 46.38 11.11 1.12
C2 EDO UD . 45.50 11.29 -1.08
O2 EDO UD . 45.64 11.98 -2.33
C1 DMU VD . 40.32 -9.88 -35.43
C2 DMU VD . 39.12 -10.41 -36.25
C3 DMU VD . 38.01 -11.04 -35.40
C4 DMU VD . 37.79 -10.10 -34.21
O5 DMU VD . 38.98 -10.04 -33.44
C6 DMU VD . 39.93 -9.25 -34.10
O7 DMU VD . 36.84 -11.19 -36.22
O16 DMU VD . 41.10 -9.15 -33.28
C18 DMU VD . 40.84 -9.17 -31.88
C19 DMU VD . 42.16 -8.87 -31.20
C22 DMU VD . 42.25 -7.40 -30.83
C25 DMU VD . 41.56 -7.20 -29.50
C28 DMU VD . 42.04 -5.93 -28.84
C31 DMU VD . 42.23 -6.11 -27.33
C34 DMU VD . 42.37 -4.77 -26.60
C37 DMU VD . 43.48 -4.87 -25.57
C40 DMU VD . 43.14 -4.22 -24.24
C43 DMU VD . 44.45 -4.00 -23.50
O49 DMU VD . 41.07 -8.88 -36.13
O55 DMU VD . 39.53 -11.36 -37.26
C57 DMU VD . 36.69 -10.55 -33.26
O61 DMU VD . 35.47 -10.44 -33.98
C5 DMU VD . 36.03 -13.10 -37.61
C7 DMU VD . 34.68 -12.76 -38.21
C8 DMU VD . 33.62 -13.44 -37.38
C9 DMU VD . 33.73 -13.09 -35.89
O1 DMU VD . 34.91 -12.34 -35.51
C10 DMU VD . 36.17 -12.47 -36.21
O2 DMU VD . 32.33 -13.04 -37.88
O3 DMU VD . 37.10 -12.69 -38.48
O4 DMU VD . 34.61 -13.29 -39.54
C11 DMU VD . 33.52 -14.35 -35.04
O6 DMU VD . 33.47 -14.07 -33.64
C1 EDO WD . 18.39 -16.07 18.95
O1 EDO WD . 17.51 -15.79 20.02
C2 EDO WD . 17.81 -15.20 17.85
O2 EDO WD . 18.85 -14.52 17.21
C1 DMU XD . 33.78 -6.97 -37.18
C2 DMU XD . 34.43 -8.08 -37.95
C3 DMU XD . 35.68 -7.60 -38.69
C4 DMU XD . 36.57 -7.09 -37.51
O5 DMU XD . 36.01 -5.86 -37.00
C6 DMU XD . 34.70 -5.98 -36.44
O7 DMU XD . 36.18 -8.69 -39.54
O16 DMU XD . 34.07 -4.69 -36.46
C18 DMU XD . 34.13 -4.01 -35.20
C19 DMU XD . 32.75 -4.02 -34.54
C22 DMU XD . 32.71 -3.03 -33.40
C25 DMU XD . 31.42 -2.23 -33.35
C28 DMU XD . 31.60 -0.89 -34.06
C31 DMU XD . 30.88 0.25 -33.33
C34 DMU XD . 31.70 0.75 -32.14
C37 DMU XD . 31.72 2.26 -31.92
C40 DMU XD . 32.76 2.54 -30.85
C43 DMU XD . 32.62 3.94 -30.31
O49 DMU XD . 33.00 -7.76 -36.28
O55 DMU XD . 33.34 -8.63 -38.70
C57 DMU XD . 38.01 -6.70 -37.71
O61 DMU XD . 38.36 -5.96 -36.52
C5 DMU XD . 36.42 -7.99 -42.03
C7 DMU XD . 37.45 -8.15 -43.16
C8 DMU XD . 38.73 -7.51 -42.66
C9 DMU XD . 39.17 -8.59 -41.67
O1 DMU XD . 38.39 -8.57 -40.45
C10 DMU XD . 37.00 -8.16 -40.59
O2 DMU XD . 39.68 -7.33 -43.73
O3 DMU XD . 35.15 -8.61 -42.38
O4 DMU XD . 36.93 -7.50 -44.32
C11 DMU XD . 40.68 -8.69 -41.44
O6 DMU XD . 41.44 -8.15 -42.54
CA1 TGL YD . 20.73 52.22 -21.17
CA2 TGL YD . 20.03 51.64 -22.37
CA3 TGL YD . 20.30 50.14 -22.45
CA4 TGL YD . 19.19 49.32 -23.10
CA5 TGL YD . 19.48 47.82 -22.99
CA6 TGL YD . 18.22 46.96 -23.09
CA7 TGL YD . 18.48 45.45 -22.98
CA8 TGL YD . 17.36 44.70 -23.70
CA9 TGL YD . 16.51 43.91 -22.73
OA1 TGL YD . 20.17 53.09 -20.49
CB1 TGL YD . 25.51 52.62 -22.44
CB2 TGL YD . 25.73 51.53 -23.45
CB3 TGL YD . 24.70 50.40 -23.43
CB4 TGL YD . 24.20 50.14 -24.85
CB5 TGL YD . 23.12 49.05 -24.90
CB6 TGL YD . 22.80 48.71 -26.35
CB7 TGL YD . 22.61 47.22 -26.56
CB8 TGL YD . 21.13 46.93 -26.74
CB9 TGL YD . 20.87 45.74 -27.66
C10 TGL YD . 19.59 45.97 -28.43
C11 TGL YD . 19.49 45.12 -29.69
C12 TGL YD . 19.67 45.95 -30.97
C13 TGL YD . 21.11 45.96 -31.51
C14 TGL YD . 21.42 47.21 -32.34
OB1 TGL YD . 25.79 53.82 -22.69
OG1 TGL YD . 22.08 51.78 -20.81
CG1 TGL YD . 22.90 52.50 -19.90
CG2 TGL YD . 24.00 53.19 -20.74
OG2 TGL YD . 24.98 52.24 -21.14
CG3 TGL YD . 24.55 54.47 -20.08
OG3 TGL YD . 25.15 54.28 -18.80
CC1 TGL YD . 24.58 55.03 -17.68
CC2 TGL YD . 23.09 55.25 -17.64
CC3 TGL YD . 22.39 54.18 -16.81
CC4 TGL YD . 20.88 54.22 -17.07
CC5 TGL YD . 20.11 55.07 -16.05
CC6 TGL YD . 18.60 54.79 -16.06
CC7 TGL YD . 17.84 55.66 -15.04
CC8 TGL YD . 16.39 55.92 -15.46
CC9 TGL YD . 16.05 57.41 -15.60
C15 TGL YD . 16.10 57.96 -17.03
C16 TGL YD . 14.94 57.45 -17.90
C17 TGL YD . 14.02 58.60 -18.32
C18 TGL YD . 12.68 58.10 -18.90
C19 TGL YD . 11.48 58.80 -18.25
OC1 TGL YD . 25.30 55.46 -16.80
C20 TGL YD . 15.49 42.97 -23.40
C21 TGL YD . 14.15 43.57 -23.85
C22 TGL YD . 13.32 44.21 -22.72
C23 TGL YD . 13.78 45.59 -22.18
C24 TGL YD . 13.07 46.82 -22.74
C25 TGL YD . 13.20 48.07 -21.84
C26 TGL YD . 14.38 48.95 -22.25
C27 TGL YD . 14.62 50.13 -21.31
C28 TGL YD . 14.04 51.42 -21.87
C29 TGL YD . 21.82 46.89 -33.77
C30 TGL YD . 20.64 46.73 -34.72
C31 TGL YD . 21.07 46.83 -36.20
C32 TGL YD . 20.19 46.10 -37.21
C33 TGL YD . 10.15 58.10 -18.50
C34 TGL YD . 9.00 58.78 -17.72
C35 TGL YD . 8.53 57.98 -16.50
C36 TGL YD . 7.86 58.88 -15.44
C1 EDO ZD . 33.47 40.59 3.94
O1 EDO ZD . 32.55 40.20 4.97
C2 EDO ZD . 34.22 41.82 4.41
O2 EDO ZD . 33.28 42.67 5.05
C1 DMU AE . 29.98 38.52 -57.49
C2 DMU AE . 28.81 39.06 -58.31
C3 DMU AE . 27.75 37.97 -58.46
C4 DMU AE . 27.40 37.26 -57.12
O5 DMU AE . 28.19 37.60 -55.96
C6 DMU AE . 29.51 38.18 -56.06
O7 DMU AE . 26.63 38.57 -59.16
O16 DMU AE . 30.42 37.29 -55.41
C18 DMU AE . 31.33 37.92 -54.51
C19 DMU AE . 32.36 36.88 -54.08
C22 DMU AE . 32.22 36.62 -52.59
C25 DMU AE . 33.03 37.63 -51.80
C28 DMU AE . 32.37 37.93 -50.47
C31 DMU AE . 33.37 38.43 -49.43
C34 DMU AE . 33.89 37.27 -48.57
C37 DMU AE . 34.21 37.74 -47.15
C40 DMU AE . 34.10 36.61 -46.13
C43 DMU AE . 35.39 36.45 -45.35
O49 DMU AE . 31.07 39.46 -57.46
O55 DMU AE . 29.25 39.48 -59.62
C57 DMU AE . 27.56 35.73 -57.24
O61 DMU AE . 26.31 35.05 -57.25
C5 DMU AE . 25.61 36.32 -60.02
C7 DMU AE . 24.73 35.90 -61.18
C8 DMU AE . 23.87 36.99 -61.82
C9 DMU AE . 23.59 38.29 -61.05
O1 DMU AE . 24.34 38.54 -59.84
C10 DMU AE . 25.47 37.75 -59.40
O2 DMU AE . 24.69 37.57 -62.85
O3 DMU AE . 26.92 35.69 -60.15
O4 DMU AE . 23.92 35.00 -60.43
C11 DMU AE . 22.16 38.89 -61.01
O6 DMU AE . 21.01 38.06 -60.83
C1 EDO BE . 21.47 53.70 18.36
O1 EDO BE . 20.95 53.23 19.59
C2 EDO BE . 20.57 54.76 17.75
O2 EDO BE . 20.54 56.02 18.42
ZN ZN CE . 21.38 40.22 11.37
C1 EDO DE . 21.25 35.68 0.72
O1 EDO DE . 22.53 35.34 1.31
C2 EDO DE . 20.42 34.41 0.50
O2 EDO DE . 19.91 33.93 1.79
C1 EDO EE . 26.75 30.69 21.03
O1 EDO EE . 27.68 30.80 19.92
C2 EDO EE . 26.31 32.06 21.55
O2 EDO EE . 27.43 32.86 21.95
C1 EDO FE . 27.22 23.81 19.54
O1 EDO FE . 26.01 24.26 20.19
C2 EDO FE . 27.47 24.78 18.39
O2 EDO FE . 27.90 24.13 17.18
C1 EDO GE . 27.11 26.92 21.45
O1 EDO GE . 27.61 26.47 22.71
C2 EDO GE . 25.72 27.56 21.63
O2 EDO GE . 24.82 26.67 22.30
C1 EDO HE . 30.73 43.25 10.06
O1 EDO HE . 31.80 44.21 10.22
C2 EDO HE . 30.30 43.25 8.59
O2 EDO HE . 29.75 44.55 8.32
C1 EDO IE . 39.95 1.79 16.90
O1 EDO IE . 39.71 2.41 18.16
C2 EDO IE . 41.15 2.47 16.24
O2 EDO IE . 41.17 3.86 16.59
C1 CHD JE . 10.02 -27.06 12.62
C2 CHD JE . 10.99 -28.13 13.15
C3 CHD JE . 10.23 -29.31 13.80
O3 CHD JE . 11.18 -30.21 14.39
C4 CHD JE . 9.23 -28.89 14.90
C5 CHD JE . 8.31 -27.76 14.39
C6 CHD JE . 7.35 -27.36 15.53
C7 CHD JE . 8.01 -26.42 16.56
O7 CHD JE . 8.87 -27.17 17.47
C8 CHD JE . 8.84 -25.29 15.92
C9 CHD JE . 9.83 -25.83 14.89
C10 CHD JE . 9.07 -26.58 13.77
C11 CHD JE . 10.65 -24.64 14.36
C12 CHD JE . 11.31 -23.73 15.44
O12 CHD JE . 12.32 -24.47 16.11
C13 CHD JE . 10.29 -23.20 16.45
C14 CHD JE . 9.56 -24.45 16.99
C15 CHD JE . 8.72 -23.88 18.14
C16 CHD JE . 9.60 -22.74 18.73
C17 CHD JE . 10.76 -22.53 17.76
C18 CHD JE . 9.37 -22.23 15.68
C19 CHD JE . 8.05 -25.70 13.05
C20 CHD JE . 11.14 -21.04 17.69
C21 CHD JE . 12.36 -20.79 16.80
C22 CHD JE . 11.48 -20.45 19.05
C23 CHD JE . 12.77 -21.03 19.62
O25 CHD JE . 13.00 -20.63 21.98
C24 CHD JE . 13.19 -20.17 20.81
O26 CHD JE . 13.43 -18.93 20.59
C1 CDL KE . -4.50 -27.04 -8.48
O1 CDL KE . -3.10 -26.83 -8.70
CA2 CDL KE . -5.12 -27.12 -9.87
OA2 CDL KE . -4.69 -28.41 -10.28
PA1 CDL KE . -5.23 -29.29 -11.52
OA3 CDL KE . -6.74 -29.17 -11.61
OA4 CDL KE . -4.36 -29.07 -12.74
OA5 CDL KE . -4.83 -30.68 -10.79
CA3 CDL KE . -5.08 -32.06 -11.10
CA4 CDL KE . -4.63 -32.69 -9.78
OA6 CDL KE . -3.87 -31.68 -9.13
CA5 CDL KE . -3.92 -31.75 -7.67
OA7 CDL KE . -3.21 -32.57 -7.14
C11 CDL KE . -4.68 -30.79 -6.78
C12 CDL KE . -3.72 -29.68 -6.40
C13 CDL KE . -4.12 -28.91 -5.16
C14 CDL KE . -4.12 -29.80 -3.92
C15 CDL KE . -3.83 -28.98 -2.67
C16 CDL KE . -2.34 -28.68 -2.62
C17 CDL KE . -2.02 -28.02 -1.27
C18 CDL KE . -2.91 -26.82 -1.06
C19 CDL KE . -3.13 -26.31 0.14
C20 CDL KE . -1.99 -25.92 1.04
C21 CDL KE . -2.50 -25.16 2.25
C22 CDL KE . -1.62 -24.63 3.09
C23 CDL KE . -1.64 -23.17 3.48
C24 CDL KE . -0.33 -22.85 4.21
C25 CDL KE . -0.25 -21.42 4.75
C26 CDL KE . 1.10 -21.16 5.39
C27 CDL KE . 1.50 -22.34 6.26
CA6 CDL KE . -3.85 -33.98 -9.97
OA8 CDL KE . -4.78 -35.04 -9.78
CA7 CDL KE . -4.65 -35.89 -8.59
OA9 CDL KE . -5.13 -37.02 -8.57
C31 CDL KE . -3.95 -35.36 -7.37
C32 CDL KE . -2.55 -35.93 -7.20
C33 CDL KE . -2.04 -35.82 -5.78
C34 CDL KE . -1.82 -34.40 -5.26
C35 CDL KE . -1.60 -34.47 -3.76
C36 CDL KE . -1.55 -33.11 -3.07
C37 CDL KE . -1.57 -33.30 -1.56
C38 CDL KE . -1.75 -31.97 -0.85
C39 CDL KE . -2.31 -31.96 0.36
C40 CDL KE . -1.48 -32.00 1.62
C41 CDL KE . -2.30 -31.99 2.88
C42 CDL KE . -1.63 -32.01 4.03
C43 CDL KE . -0.15 -31.92 3.80
C44 CDL KE . 0.76 -31.71 5.00
C45 CDL KE . 2.13 -31.80 4.35
C46 CDL KE . 3.32 -31.59 5.26
C47 CDL KE . 3.33 -30.24 5.94
CB2 CDL KE . -5.01 -25.87 -7.64
OB2 CDL KE . -4.74 -26.16 -6.26
PB2 CDL KE . -3.53 -25.33 -5.55
OB3 CDL KE . -3.34 -24.00 -6.19
OB4 CDL KE . -2.34 -26.28 -5.51
OB5 CDL KE . -3.90 -25.07 -4.01
CB3 CDL KE . -3.78 -23.70 -3.61
CB4 CDL KE . -2.33 -23.36 -3.28
OB6 CDL KE . -1.88 -24.02 -2.10
CB5 CDL KE . -0.43 -24.15 -2.07
OB7 CDL KE . 0.18 -24.29 -3.12
C51 CDL KE . 0.33 -24.15 -0.77
C52 CDL KE . 0.26 -22.76 -0.12
C53 CDL KE . 1.37 -22.59 0.91
C54 CDL KE . 1.54 -21.17 1.45
C55 CDL KE . 1.86 -20.11 0.39
C56 CDL KE . 2.55 -18.96 1.11
C57 CDL KE . 3.11 -17.81 0.27
C58 CDL KE . 1.97 -17.19 -0.47
C59 CDL KE . 1.91 -15.86 -0.60
C60 CDL KE . 1.15 -15.25 -1.76
C61 CDL KE . 0.62 -13.93 -1.26
C62 CDL KE . 0.03 -13.01 -2.03
C63 CDL KE . 0.67 -12.52 -3.29
C64 CDL KE . 0.19 -11.10 -3.54
C65 CDL KE . 0.72 -10.13 -2.49
C66 CDL KE . 0.48 -8.68 -2.90
C67 CDL KE . 1.12 -7.68 -1.97
CB6 CDL KE . -2.27 -21.84 -3.04
OB8 CDL KE . -2.61 -21.61 -1.67
CB7 CDL KE . -2.44 -20.33 -1.04
OB9 CDL KE . -2.36 -19.32 -1.73
C71 CDL KE . -2.39 -20.33 0.48
C72 CDL KE . -1.93 -19.00 1.07
C73 CDL KE . -1.81 -19.10 2.59
C74 CDL KE . -1.48 -17.75 3.23
C75 CDL KE . -0.02 -17.29 3.08
C76 CDL KE . 0.74 -17.39 4.40
C77 CDL KE . 2.02 -16.56 4.46
C78 CDL KE . 3.20 -17.27 3.83
C79 CDL KE . 4.45 -16.82 3.93
C80 CDL KE . 4.69 -15.57 4.73
C81 CDL KE . 6.15 -15.28 5.03
C82 CDL KE . 6.30 -14.14 5.73
C83 CDL KE . 5.25 -13.04 5.67
C84 CDL KE . 5.43 -11.99 6.79
C85 CDL KE . 5.04 -12.54 8.16
C86 CDL KE . 5.56 -11.75 9.37
C87 CDL KE . 4.85 -10.43 9.63
C1 DMU LE . 27.34 -17.72 -25.64
C2 DMU LE . 27.65 -18.49 -26.92
C3 DMU LE . 27.31 -17.74 -28.23
C4 DMU LE . 27.62 -16.23 -28.13
O5 DMU LE . 27.01 -15.70 -26.96
C6 DMU LE . 27.53 -16.20 -25.74
O7 DMU LE . 28.01 -18.28 -29.36
O16 DMU LE . 26.80 -15.60 -24.66
C18 DMU LE . 27.09 -14.21 -24.47
C19 DMU LE . 25.79 -13.46 -24.30
C22 DMU LE . 26.01 -12.01 -23.85
C25 DMU LE . 25.94 -11.94 -22.34
C28 DMU LE . 26.36 -10.59 -21.80
C31 DMU LE . 25.29 -9.52 -22.01
C34 DMU LE . 25.58 -8.26 -21.18
C37 DMU LE . 24.33 -7.41 -21.03
C40 DMU LE . 24.47 -6.41 -19.88
C43 DMU LE . 25.47 -5.33 -20.24
O49 DMU LE . 28.18 -18.19 -24.59
O55 DMU LE . 26.93 -19.74 -26.83
C57 DMU LE . 27.14 -15.40 -29.34
O61 DMU LE . 28.12 -15.15 -30.37
C5 DMU LE . 29.14 -20.13 -30.40
C7 DMU LE . 28.83 -21.11 -31.53
C8 DMU LE . 27.72 -22.05 -31.10
C9 DMU LE . 26.44 -21.26 -30.88
O1 DMU LE . 26.61 -20.05 -30.10
C10 DMU LE . 27.92 -19.69 -29.58
O2 DMU LE . 27.46 -23.02 -32.12
O3 DMU LE . 29.84 -18.99 -30.91
O4 DMU LE . 30.01 -21.86 -31.85
C11 DMU LE . 25.35 -22.17 -30.32
O6 DMU LE . 24.55 -21.50 -29.34
P PO4 ME . -15.30 -10.66 -29.62
O1 PO4 ME . -16.71 -10.83 -30.15
O2 PO4 ME . -14.77 -9.32 -30.07
O3 PO4 ME . -14.44 -11.74 -30.20
O4 PO4 ME . -15.28 -10.77 -28.11
C1 CHD NE . 52.08 0.74 -21.41
C2 CHD NE . 53.56 0.80 -21.02
C3 CHD NE . 54.06 -0.54 -20.48
O3 CHD NE . 55.39 -0.36 -19.97
C4 CHD NE . 53.19 -1.02 -19.33
C5 CHD NE . 51.71 -1.08 -19.71
C6 CHD NE . 50.90 -1.57 -18.49
C7 CHD NE . 50.66 -0.49 -17.44
O7 CHD NE . 51.84 -0.23 -16.66
C8 CHD NE . 50.14 0.81 -18.08
C9 CHD NE . 51.11 1.28 -19.16
C10 CHD NE . 51.19 0.25 -20.28
C11 CHD NE . 50.83 2.70 -19.69
C12 CHD NE . 49.66 3.49 -19.10
O12 CHD NE . 49.94 4.89 -19.16
C13 CHD NE . 49.17 3.08 -17.70
C14 CHD NE . 50.00 1.96 -17.11
C15 CHD NE . 49.38 1.72 -15.74
C16 CHD NE . 48.97 3.13 -15.28
C17 CHD NE . 49.33 4.02 -16.47
C18 CHD NE . 47.77 2.53 -17.92
C19 CHD NE . 49.79 0.05 -20.86
C20 CHD NE . 48.86 5.51 -16.35
C21 CHD NE . 48.82 6.00 -14.88
C22 CHD NE . 47.62 5.96 -17.10
C23 CHD NE . 47.51 7.47 -16.96
O25 CHD NE . 46.27 8.69 -18.57
C24 CHD NE . 46.21 8.03 -17.52
O26 CHD NE . 45.16 7.94 -16.84
C1 EDO OE . 44.28 3.66 16.24
O1 EDO OE . 44.56 4.85 16.98
C2 EDO OE . 44.78 3.76 14.81
O2 EDO OE . 45.08 2.43 14.33
C1 EDO PE . 29.64 2.62 -43.37
O1 EDO PE . 29.21 2.04 -42.14
C2 EDO PE . 28.78 2.17 -44.57
O2 EDO PE . 28.44 0.79 -44.30
C1 DMU QE . 14.11 53.38 -47.66
C2 DMU QE . 14.15 54.75 -48.36
C3 DMU QE . 15.36 55.62 -48.01
C4 DMU QE . 16.24 55.17 -46.83
O5 DMU QE . 15.97 53.84 -46.33
C6 DMU QE . 15.51 52.92 -47.31
O7 DMU QE . 16.19 55.80 -49.17
O16 DMU QE . 15.47 51.59 -46.77
C18 DMU QE . 16.76 51.02 -46.52
C19 DMU QE . 16.57 49.68 -45.81
C22 DMU QE . 17.59 49.48 -44.70
C25 DMU QE . 18.76 48.64 -45.16
C28 DMU QE . 18.95 47.35 -44.37
C31 DMU QE . 19.31 47.54 -42.90
C34 DMU QE . 20.29 46.47 -42.36
C37 DMU QE . 19.62 45.14 -41.98
C40 DMU QE . 20.41 44.39 -40.90
C43 DMU QE . 19.71 43.11 -40.46
O49 DMU QE . 13.46 52.41 -48.49
O55 DMU QE . 12.96 55.48 -48.03
C57 DMU QE . 16.11 56.16 -45.68
O61 DMU QE . 16.15 57.50 -46.17
C5 DMU QE . 17.16 58.00 -49.65
C7 DMU QE . 16.80 59.33 -49.00
C8 DMU QE . 15.32 59.68 -48.81
C9 DMU QE . 14.29 58.60 -49.16
O1 DMU QE . 14.71 57.54 -50.02
C10 DMU QE . 16.04 57.00 -49.96
O2 DMU QE . 15.15 60.01 -47.43
O3 DMU QE . 18.16 57.35 -48.84
O4 DMU QE . 17.40 60.39 -49.76
C11 DMU QE . 13.01 59.23 -49.73
O6 DMU QE . 13.10 59.42 -51.15
C1 DMU RE . 14.20 40.59 -56.14
C2 DMU RE . 14.20 40.52 -57.67
C3 DMU RE . 15.57 40.29 -58.30
C4 DMU RE . 16.68 41.13 -57.68
O5 DMU RE . 16.73 40.98 -56.25
C6 DMU RE . 15.51 41.12 -55.51
O7 DMU RE . 15.92 38.91 -58.22
O16 DMU RE . 15.45 42.50 -55.09
C18 DMU RE . 14.40 42.70 -54.15
C19 DMU RE . 14.95 43.35 -52.90
C22 DMU RE . 13.93 43.13 -51.79
C25 DMU RE . 14.58 42.62 -50.51
C28 DMU RE . 13.52 42.07 -49.56
C31 DMU RE . 13.83 42.52 -48.14
C34 DMU RE . 13.02 41.75 -47.11
C37 DMU RE . 11.60 42.30 -46.93
C40 DMU RE . 10.91 41.66 -45.73
C43 DMU RE . 9.40 41.84 -45.77
O49 DMU RE . 13.82 39.29 -55.62
O55 DMU RE . 13.61 41.72 -58.19
C57 DMU RE . 16.56 42.61 -58.09
O61 DMU RE . 16.73 43.52 -56.99
C1 DMU SE . 20.10 51.64 -52.93
C2 DMU SE . 21.59 51.42 -52.67
C3 DMU SE . 22.08 52.28 -51.51
C4 DMU SE . 21.16 52.18 -50.29
O5 DMU SE . 19.80 52.44 -50.66
C6 DMU SE . 19.32 51.50 -51.63
O7 DMU SE . 23.41 51.89 -51.15
O16 DMU SE . 17.92 51.66 -51.87
C18 DMU SE . 17.16 50.79 -51.03
C19 DMU SE . 16.34 49.83 -51.90
C22 DMU SE . 16.76 48.37 -51.68
C25 DMU SE . 16.10 47.75 -50.45
C28 DMU SE . 17.09 46.95 -49.61
C31 DMU SE . 16.38 45.98 -48.66
C34 DMU SE . 17.33 45.46 -47.58
C37 DMU SE . 16.62 44.48 -46.64
C40 DMU SE . 17.57 43.79 -45.66
C43 DMU SE . 17.14 42.39 -45.30
O49 DMU SE . 19.64 50.68 -53.88
O55 DMU SE . 22.33 51.71 -53.87
C57 DMU SE . 21.60 53.13 -49.17
O61 DMU SE . 20.53 53.37 -48.26
C1 DMU TE . 30.70 54.79 -48.50
C2 DMU TE . 29.65 55.89 -48.67
C3 DMU TE . 28.49 55.39 -49.51
C4 DMU TE . 27.95 54.07 -48.93
O5 DMU TE . 29.01 53.12 -48.87
C6 DMU TE . 30.07 53.49 -48.00
O7 DMU TE . 27.49 56.39 -49.54
O16 DMU TE . 31.06 52.46 -48.00
C18 DMU TE . 30.57 51.15 -47.70
C19 DMU TE . 31.78 50.24 -47.61
C22 DMU TE . 31.53 48.76 -47.92
C25 DMU TE . 32.89 48.08 -48.02
C28 DMU TE . 32.87 46.55 -47.99
C31 DMU TE . 34.09 46.01 -47.25
C34 DMU TE . 34.45 44.57 -47.66
C37 DMU TE . 35.60 44.00 -46.84
C40 DMU TE . 36.80 43.59 -47.70
C43 DMU TE . 36.84 42.10 -48.04
O49 DMU TE . 31.73 55.25 -47.61
O55 DMU TE . 30.23 57.04 -49.29
C57 DMU TE . 26.78 53.52 -49.76
O61 DMU TE . 27.24 52.85 -50.96
C1 CHD UE . 34.97 59.56 -40.11
C2 CHD UE . 35.09 60.35 -38.80
C3 CHD UE . 33.75 60.88 -38.29
O3 CHD UE . 33.94 62.18 -37.71
C4 CHD UE . 32.77 60.94 -39.45
C5 CHD UE . 32.46 59.50 -39.88
C6 CHD UE . 31.47 59.54 -41.05
C7 CHD UE . 31.09 58.12 -41.51
O7 CHD UE . 30.25 58.24 -42.67
C8 CHD UE . 32.33 57.22 -41.72
C9 CHD UE . 33.62 58.05 -41.59
C10 CHD UE . 33.72 58.69 -40.19
C11 CHD UE . 34.88 57.26 -41.98
C12 CHD UE . 34.80 56.46 -43.29
O12 CHD UE . 34.81 57.30 -44.46
C13 CHD UE . 33.57 55.57 -43.25
C14 CHD UE . 32.32 56.42 -43.03
C15 CHD UE . 31.20 55.43 -43.25
C16 CHD UE . 31.71 54.46 -44.31
C17 CHD UE . 33.22 54.72 -44.47
C18 CHD UE . 33.82 54.58 -42.13
C19 CHD UE . 33.85 57.61 -39.13
C20 CHD UE . 34.02 53.41 -44.62
C21 CHD UE . 34.66 53.33 -46.00
C22 CHD UE . 33.22 52.13 -44.35
C23 CHD UE . 34.06 51.12 -43.56
O25 CHD UE . 34.35 50.12 -45.70
C24 CHD UE . 34.60 50.04 -44.49
O26 CHD UE . 35.22 49.08 -43.98
CA1 TGL VE . 42.12 22.01 -22.82
CA2 TGL VE . 41.15 22.81 -23.65
CA3 TGL VE . 41.66 24.24 -23.75
CA4 TGL VE . 40.51 25.15 -23.35
CA5 TGL VE . 40.50 26.34 -24.27
CA6 TGL VE . 39.18 27.08 -24.08
CA7 TGL VE . 39.21 27.77 -22.73
CA8 TGL VE . 38.14 28.84 -22.65
CA9 TGL VE . 36.78 28.23 -22.39
OA1 TGL VE . 43.32 22.13 -22.97
CB1 TGL VE . 41.05 18.01 -19.77
CB2 TGL VE . 39.80 18.88 -19.93
CB3 TGL VE . 38.86 18.31 -21.00
CB4 TGL VE . 37.40 18.70 -20.83
CB5 TGL VE . 36.82 19.24 -22.13
CB6 TGL VE . 35.70 18.35 -22.69
CB7 TGL VE . 35.50 18.50 -24.20
CB8 TGL VE . 34.71 17.25 -24.62
CB9 TGL VE . 34.84 16.88 -26.09
C10 TGL VE . 35.15 15.39 -26.23
C11 TGL VE . 33.91 14.56 -26.50
C12 TGL VE . 34.28 13.34 -27.35
C13 TGL VE . 33.60 13.35 -28.72
C14 TGL VE . 34.61 12.97 -29.81
OB1 TGL VE . 40.87 16.84 -19.53
OG1 TGL VE . 41.65 21.07 -21.82
CG1 TGL VE . 42.63 20.66 -20.88
CG2 TGL VE . 42.90 19.17 -21.03
OG2 TGL VE . 42.45 18.52 -19.83
CG3 TGL VE . 44.42 19.11 -21.28
OG3 TGL VE . 44.87 20.23 -22.11
CC1 TGL VE . 46.09 21.00 -21.79
CC2 TGL VE . 46.51 22.25 -22.59
CC3 TGL VE . 47.68 23.08 -22.01
CC4 TGL VE . 49.01 22.35 -22.16
CC5 TGL VE . 49.35 22.07 -23.63
CC6 TGL VE . 49.48 20.57 -23.95
CC7 TGL VE . 49.90 20.29 -25.41
CC8 TGL VE . 48.95 20.87 -26.46
CC9 TGL VE . 47.57 20.23 -26.47
C15 TGL VE . 46.63 20.89 -27.48
C16 TGL VE . 45.16 20.55 -27.22
C17 TGL VE . 44.18 21.67 -27.59
C18 TGL VE . 42.78 21.14 -27.87
C19 TGL VE . 42.83 20.14 -29.03
OC1 TGL VE . 46.76 20.64 -20.84
C20 TGL VE . 36.14 29.03 -21.28
C21 TGL VE . 34.72 28.60 -20.97
C22 TGL VE . 34.55 27.60 -19.81
C23 TGL VE . 35.38 27.87 -18.56
C24 TGL VE . 35.31 29.32 -18.07
C25 TGL VE . 35.26 29.28 -16.55
C26 TGL VE . 36.55 28.63 -16.10
C27 TGL VE . 37.11 29.41 -14.91
C28 TGL VE . 37.66 28.40 -13.93
C29 TGL VE . 35.43 14.17 -30.30
C30 TGL VE . 35.60 14.19 -31.82
C31 TGL VE . 36.81 15.01 -32.25
C32 TGL VE . 36.60 15.75 -33.56
C33 TGL VE . 41.46 19.80 -29.66
C34 TGL VE . 40.83 18.53 -29.08
C35 TGL VE . 39.32 18.45 -29.33
C36 TGL VE . 38.57 17.86 -28.16
C1 CHD WE . 53.43 41.45 -32.49
C2 CHD WE . 52.38 41.89 -31.49
C3 CHD WE . 53.11 42.32 -30.24
O3 CHD WE . 52.16 42.90 -29.32
C4 CHD WE . 53.78 41.09 -29.63
C5 CHD WE . 54.81 40.45 -30.56
C6 CHD WE . 55.15 39.12 -29.87
C7 CHD WE . 55.41 37.88 -30.76
O7 CHD WE . 55.53 36.73 -29.91
C8 CHD WE . 54.38 37.74 -31.90
C9 CHD WE . 53.50 39.01 -32.05
C10 CHD WE . 54.31 40.30 -32.00
C11 CHD WE . 52.62 38.94 -33.30
C12 CHD WE . 51.64 37.80 -33.13
O12 CHD WE . 50.81 38.04 -32.01
C13 CHD WE . 52.41 36.48 -32.98
C14 CHD WE . 53.41 36.54 -31.83
C15 CHD WE . 53.97 35.11 -31.83
C16 CHD WE . 52.71 34.27 -32.15
C17 CHD WE . 51.60 35.26 -32.57
C18 CHD WE . 53.12 36.18 -34.30
C19 CHD WE . 55.47 40.32 -33.01
C20 CHD WE . 50.62 34.64 -33.58
C21 CHD WE . 49.48 35.52 -34.06
C22 CHD WE . 50.00 33.37 -33.02
C23 CHD WE . 48.99 32.77 -34.00
O25 CHD WE . 47.64 32.50 -32.13
C24 CHD WE . 48.03 31.95 -33.18
O26 CHD WE . 47.44 30.99 -33.71
C1 EDO XE . 25.93 14.62 -36.87
O1 EDO XE . 27.19 14.91 -36.27
C2 EDO XE . 26.08 14.26 -38.34
O2 EDO XE . 26.70 15.32 -39.06
C1 DMU YE . 37.76 28.13 -47.74
C2 DMU YE . 38.58 27.84 -49.00
C3 DMU YE . 38.05 28.49 -50.27
C4 DMU YE . 37.60 29.93 -50.06
O5 DMU YE . 36.71 30.00 -48.91
C6 DMU YE . 37.40 29.62 -47.70
O7 DMU YE . 39.05 28.37 -51.29
O16 DMU YE . 36.59 29.86 -46.55
C18 DMU YE . 36.17 31.23 -46.51
C19 DMU YE . 35.17 31.45 -45.38
C22 DMU YE . 33.80 31.85 -45.92
C25 DMU YE . 32.83 32.08 -44.77
C28 DMU YE . 32.17 30.80 -44.27
C31 DMU YE . 30.73 30.71 -44.78
C34 DMU YE . 29.74 30.16 -43.75
C37 DMU YE . 30.28 28.97 -42.99
C40 DMU YE . 29.41 28.61 -41.79
C43 DMU YE . 28.10 27.97 -42.20
O49 DMU YE . 38.61 27.79 -46.64
O55 DMU YE . 38.64 26.42 -49.18
C57 DMU YE . 36.93 30.48 -51.34
O61 DMU YE . 36.65 31.89 -51.19
C5 DMU YE . 39.71 26.70 -52.93
C7 DMU YE . 40.98 27.50 -53.26
C8 DMU YE . 40.65 28.47 -54.39
C9 DMU YE . 39.49 29.35 -53.93
O1 DMU YE . 38.34 28.60 -53.51
C10 DMU YE . 38.64 27.66 -52.47
O2 DMU YE . 41.79 29.31 -54.64
O3 DMU YE . 39.95 25.76 -51.88
O4 DMU YE . 42.09 26.65 -53.62
C11 DMU YE . 39.10 30.38 -55.00
O6 DMU YE . 38.42 29.72 -56.06
#